data_9J0H
#
_entry.id   9J0H
#
_cell.length_a   88.506
_cell.length_b   112.147
_cell.length_c   345.324
_cell.angle_alpha   90.000
_cell.angle_beta   90.000
_cell.angle_gamma   90.000
#
_symmetry.space_group_name_H-M   'P 21 21 21'
#
loop_
_entity.id
_entity.type
_entity.pdbx_description
1 polymer 'styrene monooxygenase/indole monooxygenase family protein'
2 water water
#
_entity_poly.entity_id   1
_entity_poly.type   'polypeptide(L)'
_entity_poly.pdbx_seq_one_letter_code
;MGSSHHHHHHSSGLVPRGSMTDTGTGTGNTETDIGIIGSGISGLQLALRLQQLGVPVTLYSAQTAEELGSGRPRNFPARF
APTQAREDSLGVHAWQFDDARVHSCAITIHGEGAPLEFAGALAPPSSVVDFRLYLPHLLTEFARRGGNVRIGPVVVDEVA
RRHDLVVVANGDRSMRELFPRDPERSPHTTPQRILCSGFYHGIREDVPHELDIHFLPGIGEILRIPFLSRLGPAHVLAFE
AVPGGPLEAPAHLDAAADPAGFHREVLRLLAAYAPSLRERVDTARFGLVAPGELAQGGVTPTVRRGWARLADGTCALAIG
DAWITNDPLTAQGANLGSHTAFALADLIASATGPLDEAFCRDASARLWDHARHVVEWSNAFLAPPPPHVMELFGRAAGDK
QIADAFVGRFHDPVAMWAVLSSPEGVDSFVRSCTEGGRHVTDVAHG
;
_entity_poly.pdbx_strand_id   A,B,C,D,E,F,G
#
# COMPACT_ATOMS: atom_id res chain seq x y z
N THR A 30 -12.65 -42.16 -4.81
CA THR A 30 -13.64 -41.13 -5.13
C THR A 30 -12.99 -39.75 -5.26
N GLU A 31 -13.80 -38.69 -5.15
CA GLU A 31 -13.28 -37.36 -5.42
C GLU A 31 -12.78 -36.66 -4.17
N THR A 32 -13.35 -36.95 -3.01
CA THR A 32 -12.90 -36.29 -1.78
C THR A 32 -11.78 -37.13 -1.20
N ASP A 33 -10.55 -36.65 -1.39
CA ASP A 33 -9.36 -37.32 -0.91
C ASP A 33 -8.69 -36.44 0.13
N ILE A 34 -8.60 -36.94 1.35
CA ILE A 34 -8.14 -36.15 2.49
C ILE A 34 -6.72 -36.60 2.85
N GLY A 35 -5.85 -35.64 3.09
CA GLY A 35 -4.52 -35.94 3.57
C GLY A 35 -4.29 -35.38 4.96
N ILE A 36 -3.95 -36.27 5.90
CA ILE A 36 -3.82 -35.91 7.32
C ILE A 36 -2.34 -35.94 7.68
N ILE A 37 -1.86 -34.89 8.33
CA ILE A 37 -0.47 -34.77 8.75
C ILE A 37 -0.42 -34.82 10.26
N GLY A 38 0.26 -35.83 10.79
CA GLY A 38 0.42 -35.96 12.23
C GLY A 38 -0.27 -37.22 12.73
N SER A 39 0.37 -37.89 13.70
CA SER A 39 -0.14 -39.12 14.25
C SER A 39 -0.62 -38.96 15.70
N GLY A 40 -1.17 -37.79 16.02
CA GLY A 40 -1.81 -37.58 17.31
C GLY A 40 -3.12 -38.34 17.39
N ILE A 41 -3.84 -38.11 18.49
CA ILE A 41 -5.15 -38.72 18.65
C ILE A 41 -6.13 -38.16 17.62
N SER A 42 -6.06 -36.86 17.35
CA SER A 42 -7.00 -36.26 16.40
C SER A 42 -6.73 -36.75 14.98
N GLY A 43 -5.45 -36.76 14.57
CA GLY A 43 -5.12 -37.24 13.25
C GLY A 43 -5.48 -38.70 13.04
N LEU A 44 -5.18 -39.54 14.04
CA LEU A 44 -5.42 -40.97 13.89
C LEU A 44 -6.91 -41.28 13.93
N GLN A 45 -7.66 -40.60 14.81
CA GLN A 45 -9.10 -40.84 14.85
C GLN A 45 -9.79 -40.30 13.60
N LEU A 46 -9.34 -39.16 13.09
CA LEU A 46 -9.88 -38.65 11.83
C LEU A 46 -9.66 -39.66 10.71
N ALA A 47 -8.45 -40.22 10.63
CA ALA A 47 -8.15 -41.22 9.61
C ALA A 47 -9.08 -42.42 9.76
N LEU A 48 -9.24 -42.92 10.99
CA LEU A 48 -10.13 -44.06 11.21
C LEU A 48 -11.57 -43.72 10.88
N ARG A 49 -12.02 -42.51 11.22
CA ARG A 49 -13.42 -42.17 11.02
C ARG A 49 -13.73 -41.91 9.55
N LEU A 50 -12.86 -41.18 8.85
CA LEU A 50 -13.00 -41.02 7.41
C LEU A 50 -13.03 -42.37 6.71
N GLN A 51 -12.13 -43.27 7.13
CA GLN A 51 -12.10 -44.63 6.60
C GLN A 51 -13.42 -45.35 6.82
N GLN A 52 -14.04 -45.15 7.98
CA GLN A 52 -15.34 -45.76 8.26
C GLN A 52 -16.43 -45.14 7.40
N LEU A 53 -16.31 -43.86 7.07
CA LEU A 53 -17.32 -43.17 6.29
C LEU A 53 -17.18 -43.42 4.79
N GLY A 54 -16.08 -44.02 4.34
CA GLY A 54 -15.85 -44.25 2.93
C GLY A 54 -14.94 -43.25 2.25
N VAL A 55 -14.42 -42.28 2.98
CA VAL A 55 -13.61 -41.21 2.39
C VAL A 55 -12.18 -41.71 2.22
N PRO A 56 -11.59 -41.59 1.01
CA PRO A 56 -10.17 -41.92 0.85
C PRO A 56 -9.30 -40.99 1.68
N VAL A 57 -8.31 -41.56 2.36
CA VAL A 57 -7.50 -40.80 3.30
C VAL A 57 -6.10 -41.37 3.35
N THR A 58 -5.10 -40.48 3.40
CA THR A 58 -3.71 -40.85 3.60
C THR A 58 -3.20 -40.15 4.84
N LEU A 59 -2.48 -40.88 5.68
CA LEU A 59 -1.92 -40.34 6.91
C LEU A 59 -0.42 -40.18 6.76
N TYR A 60 0.07 -38.96 6.94
CA TYR A 60 1.50 -38.66 6.91
C TYR A 60 1.96 -38.53 8.35
N SER A 61 2.61 -39.58 8.85
CA SER A 61 3.10 -39.64 10.21
C SER A 61 4.63 -39.59 10.19
N ALA A 62 5.20 -38.77 11.08
CA ALA A 62 6.65 -38.70 11.21
C ALA A 62 7.24 -39.97 11.79
N GLN A 63 6.44 -40.75 12.52
CA GLN A 63 6.94 -41.92 13.22
C GLN A 63 6.20 -43.16 12.75
N THR A 64 6.88 -44.30 12.87
CA THR A 64 6.21 -45.58 12.65
C THR A 64 5.43 -45.96 13.89
N ALA A 65 4.71 -47.08 13.82
CA ALA A 65 3.99 -47.56 14.98
C ALA A 65 4.96 -47.92 16.10
N GLU A 66 6.06 -48.60 15.76
CA GLU A 66 7.05 -48.97 16.75
C GLU A 66 7.67 -47.74 17.39
N GLU A 67 7.91 -46.69 16.60
CA GLU A 67 8.46 -45.45 17.15
C GLU A 67 7.46 -44.73 18.04
N LEU A 68 6.16 -44.85 17.72
CA LEU A 68 5.14 -44.24 18.56
C LEU A 68 5.07 -44.88 19.94
N GLY A 69 5.48 -46.13 20.05
CA GLY A 69 5.44 -46.85 21.31
C GLY A 69 6.71 -46.79 22.11
N SER A 70 7.64 -45.91 21.76
CA SER A 70 8.89 -45.74 22.49
C SER A 70 9.13 -44.25 22.72
N GLY A 71 10.27 -43.95 23.34
CA GLY A 71 10.61 -42.58 23.65
C GLY A 71 10.04 -42.12 24.98
N ARG A 72 10.44 -40.91 25.37
CA ARG A 72 9.98 -40.34 26.63
C ARG A 72 8.52 -39.91 26.52
N PRO A 73 7.73 -40.05 27.57
CA PRO A 73 6.32 -39.67 27.48
C PRO A 73 6.18 -38.16 27.38
N ARG A 74 5.17 -37.73 26.60
CA ARG A 74 4.92 -36.31 26.40
C ARG A 74 3.76 -35.77 27.21
N ASN A 75 2.75 -36.59 27.49
CA ASN A 75 1.58 -36.12 28.21
C ASN A 75 0.89 -37.33 28.81
N PHE A 76 -0.14 -37.06 29.62
CA PHE A 76 -0.81 -38.08 30.41
C PHE A 76 -2.31 -37.84 30.31
N PRO A 77 -2.89 -38.10 29.15
CA PRO A 77 -4.29 -37.72 28.92
C PRO A 77 -5.27 -38.77 29.43
N ALA A 78 -6.26 -38.32 30.20
CA ALA A 78 -7.40 -39.13 30.57
C ALA A 78 -8.52 -38.92 29.54
N ARG A 79 -9.07 -40.02 29.04
CA ARG A 79 -10.12 -39.98 28.02
C ARG A 79 -11.48 -40.29 28.66
N PHE A 80 -12.39 -39.32 28.56
CA PHE A 80 -13.68 -39.44 29.21
C PHE A 80 -14.66 -40.22 28.32
N ALA A 81 -15.89 -40.37 28.81
CA ALA A 81 -16.87 -41.25 28.15
C ALA A 81 -17.12 -40.89 26.69
N PRO A 82 -17.35 -39.62 26.30
CA PRO A 82 -17.56 -39.34 24.87
C PRO A 82 -16.43 -39.82 23.97
N THR A 83 -15.17 -39.74 24.43
CA THR A 83 -14.07 -40.22 23.59
C THR A 83 -14.11 -41.73 23.46
N GLN A 84 -14.44 -42.43 24.55
CA GLN A 84 -14.59 -43.88 24.46
C GLN A 84 -15.74 -44.28 23.54
N ALA A 85 -16.80 -43.47 23.50
CA ALA A 85 -17.93 -43.78 22.60
C ALA A 85 -17.51 -43.63 21.15
N ARG A 86 -16.72 -42.59 20.85
CA ARG A 86 -16.13 -42.49 19.52
C ARG A 86 -15.23 -43.69 19.24
N GLU A 87 -14.44 -44.11 20.24
CA GLU A 87 -13.60 -45.28 20.07
C GLU A 87 -14.44 -46.52 19.82
N ASP A 88 -15.61 -46.62 20.48
CA ASP A 88 -16.52 -47.72 20.22
C ASP A 88 -16.93 -47.75 18.75
N SER A 89 -17.40 -46.62 18.23
CA SER A 89 -17.83 -46.56 16.85
C SER A 89 -16.68 -46.70 15.87
N LEU A 90 -15.44 -46.46 16.30
CA LEU A 90 -14.28 -46.80 15.49
C LEU A 90 -13.86 -48.26 15.62
N GLY A 91 -14.50 -49.02 16.50
CA GLY A 91 -14.11 -50.41 16.72
C GLY A 91 -12.73 -50.59 17.29
N VAL A 92 -12.29 -49.66 18.15
CA VAL A 92 -10.95 -49.68 18.69
C VAL A 92 -10.96 -49.67 20.22
N HIS A 93 -12.08 -50.02 20.84
CA HIS A 93 -12.18 -49.93 22.29
C HIS A 93 -11.36 -51.05 22.93
N ALA A 94 -10.52 -50.70 23.90
CA ALA A 94 -9.65 -51.66 24.56
C ALA A 94 -9.42 -51.17 25.99
N TRP A 95 -8.46 -51.81 26.67
CA TRP A 95 -8.07 -51.44 28.03
C TRP A 95 -9.26 -51.36 28.97
N GLN A 96 -10.13 -52.38 28.89
CA GLN A 96 -11.37 -52.43 29.65
C GLN A 96 -11.19 -53.11 31.02
N PHE A 97 -10.34 -52.52 31.85
CA PHE A 97 -10.10 -53.06 33.18
C PHE A 97 -9.67 -51.91 34.10
N ASP A 98 -9.87 -52.12 35.42
CA ASP A 98 -9.80 -51.02 36.38
C ASP A 98 -8.40 -50.42 36.52
N ASP A 99 -7.35 -51.15 36.19
CA ASP A 99 -6.01 -50.57 36.27
C ASP A 99 -5.78 -49.44 35.28
N ALA A 100 -6.67 -49.26 34.30
CA ALA A 100 -6.56 -48.21 33.30
C ALA A 100 -7.75 -47.26 33.35
N ARG A 101 -8.37 -47.15 34.52
CA ARG A 101 -9.56 -46.34 34.72
C ARG A 101 -9.41 -45.47 35.96
N VAL A 102 -10.06 -44.31 35.94
CA VAL A 102 -10.25 -43.48 37.12
C VAL A 102 -11.75 -43.43 37.41
N HIS A 103 -12.13 -43.88 38.60
CA HIS A 103 -13.53 -44.01 38.98
C HIS A 103 -14.00 -42.92 39.93
N SER A 104 -13.08 -42.16 40.52
CA SER A 104 -13.45 -41.15 41.50
C SER A 104 -12.36 -40.11 41.55
N CYS A 105 -12.74 -38.88 41.91
CA CYS A 105 -11.81 -37.77 41.99
C CYS A 105 -11.92 -37.12 43.36
N ALA A 106 -10.78 -36.94 44.01
CA ALA A 106 -10.71 -36.36 45.35
C ALA A 106 -9.97 -35.03 45.26
N ILE A 107 -10.65 -33.95 45.63
CA ILE A 107 -10.15 -32.59 45.47
C ILE A 107 -9.87 -32.00 46.85
N THR A 108 -8.68 -31.42 47.01
CA THR A 108 -8.28 -30.73 48.23
C THR A 108 -7.87 -29.31 47.87
N ILE A 109 -8.51 -28.33 48.49
CA ILE A 109 -8.22 -26.93 48.25
C ILE A 109 -7.57 -26.38 49.52
N HIS A 110 -6.29 -26.06 49.44
CA HIS A 110 -5.56 -25.58 50.60
C HIS A 110 -5.74 -24.07 50.74
N GLY A 111 -6.30 -23.65 51.87
CA GLY A 111 -6.40 -22.23 52.14
C GLY A 111 -5.45 -21.84 53.26
N GLU A 112 -5.85 -20.84 54.04
CA GLU A 112 -5.14 -20.51 55.26
C GLU A 112 -5.74 -21.22 56.46
N GLY A 113 -7.05 -21.46 56.40
CA GLY A 113 -7.72 -22.31 57.35
C GLY A 113 -7.49 -23.77 57.03
N ALA A 114 -8.39 -24.61 57.51
CA ALA A 114 -8.33 -26.01 57.18
C ALA A 114 -8.58 -26.21 55.68
N PRO A 115 -7.90 -27.17 55.07
CA PRO A 115 -8.12 -27.40 53.63
C PRO A 115 -9.52 -27.92 53.36
N LEU A 116 -10.14 -27.37 52.31
CA LEU A 116 -11.43 -27.86 51.84
C LEU A 116 -11.25 -29.18 51.11
N GLU A 117 -11.98 -30.21 51.54
CA GLU A 117 -11.82 -31.54 50.98
C GLU A 117 -13.18 -32.11 50.57
N PHE A 118 -13.26 -32.60 49.35
CA PHE A 118 -14.42 -33.34 48.88
C PHE A 118 -13.99 -34.31 47.80
N ALA A 119 -14.79 -35.36 47.62
CA ALA A 119 -14.51 -36.35 46.59
C ALA A 119 -15.82 -36.74 45.92
N GLY A 120 -15.79 -36.86 44.59
CA GLY A 120 -16.95 -37.26 43.85
C GLY A 120 -16.62 -38.41 42.90
N ALA A 121 -17.65 -39.16 42.56
CA ALA A 121 -17.46 -40.31 41.68
C ALA A 121 -17.42 -39.88 40.23
N LEU A 122 -16.57 -40.53 39.45
CA LEU A 122 -16.54 -40.38 37.99
C LEU A 122 -17.22 -41.61 37.40
N ALA A 123 -18.47 -41.45 36.98
CA ALA A 123 -19.25 -42.55 36.43
C ALA A 123 -19.84 -42.09 35.09
N PRO A 124 -19.51 -42.75 33.97
CA PRO A 124 -18.56 -43.86 33.82
C PRO A 124 -17.12 -43.42 34.11
N PRO A 125 -16.19 -44.36 34.27
CA PRO A 125 -14.80 -43.97 34.49
C PRO A 125 -14.20 -43.37 33.23
N SER A 126 -13.13 -42.61 33.42
CA SER A 126 -12.33 -42.14 32.31
C SER A 126 -11.18 -43.11 32.11
N SER A 127 -10.69 -43.20 30.88
CA SER A 127 -9.64 -44.15 30.55
C SER A 127 -8.29 -43.43 30.65
N VAL A 128 -7.39 -44.00 31.45
CA VAL A 128 -6.06 -43.44 31.62
C VAL A 128 -5.04 -44.42 31.05
N VAL A 129 -4.84 -44.34 29.73
CA VAL A 129 -3.96 -45.26 29.02
C VAL A 129 -2.81 -44.48 28.43
N ASP A 130 -1.59 -44.94 28.70
CA ASP A 130 -0.38 -44.34 28.15
C ASP A 130 -0.49 -44.24 26.64
N PHE A 131 -0.21 -43.05 26.11
CA PHE A 131 -0.34 -42.83 24.67
C PHE A 131 0.72 -43.58 23.87
N ARG A 132 1.75 -44.12 24.53
CA ARG A 132 2.64 -45.06 23.87
C ARG A 132 2.00 -46.44 23.73
N LEU A 133 0.89 -46.68 24.42
CA LEU A 133 0.03 -47.83 24.17
C LEU A 133 -1.12 -47.48 23.24
N TYR A 134 -1.64 -46.26 23.35
CA TYR A 134 -2.86 -45.85 22.68
C TYR A 134 -2.62 -45.51 21.20
N LEU A 135 -1.71 -44.58 20.93
CA LEU A 135 -1.50 -44.15 19.54
C LEU A 135 -1.06 -45.27 18.60
N PRO A 136 -0.11 -46.15 18.96
CA PRO A 136 0.15 -47.30 18.08
C PRO A 136 -1.08 -48.16 17.85
N HIS A 137 -1.92 -48.34 18.88
CA HIS A 137 -3.17 -49.09 18.71
C HIS A 137 -4.01 -48.55 17.57
N LEU A 138 -4.18 -47.23 17.51
CA LEU A 138 -4.99 -46.63 16.45
C LEU A 138 -4.30 -46.74 15.10
N LEU A 139 -3.04 -46.29 15.02
CA LEU A 139 -2.32 -46.30 13.76
C LEU A 139 -2.26 -47.69 13.17
N THR A 140 -1.96 -48.69 14.00
CA THR A 140 -1.91 -50.07 13.54
C THR A 140 -3.25 -50.50 12.94
N GLU A 141 -4.36 -50.13 13.58
CA GLU A 141 -5.65 -50.56 13.09
C GLU A 141 -6.04 -49.85 11.80
N PHE A 142 -5.68 -48.57 11.67
CA PHE A 142 -5.89 -47.86 10.41
C PHE A 142 -5.15 -48.54 9.27
N ALA A 143 -3.86 -48.82 9.46
CA ALA A 143 -3.08 -49.47 8.41
C ALA A 143 -3.67 -50.84 8.04
N ARG A 144 -4.06 -51.62 9.05
CA ARG A 144 -4.58 -52.96 8.77
C ARG A 144 -5.92 -52.93 8.03
N ARG A 145 -6.71 -51.88 8.21
CA ARG A 145 -7.98 -51.76 7.50
C ARG A 145 -7.80 -51.25 6.07
N GLY A 146 -6.56 -51.16 5.59
CA GLY A 146 -6.28 -50.69 4.26
C GLY A 146 -5.87 -49.25 4.15
N GLY A 147 -5.79 -48.53 5.27
CA GLY A 147 -5.43 -47.13 5.21
C GLY A 147 -4.02 -46.95 4.66
N ASN A 148 -3.83 -45.91 3.87
CA ASN A 148 -2.55 -45.62 3.26
C ASN A 148 -1.75 -44.76 4.23
N VAL A 149 -0.59 -45.26 4.66
CA VAL A 149 0.23 -44.59 5.67
C VAL A 149 1.58 -44.29 5.06
N ARG A 150 2.02 -43.04 5.17
CA ARG A 150 3.28 -42.58 4.61
C ARG A 150 4.17 -42.09 5.74
N ILE A 151 5.28 -42.78 5.96
CA ILE A 151 6.18 -42.51 7.09
C ILE A 151 7.34 -41.65 6.61
N GLY A 152 7.63 -40.58 7.35
CA GLY A 152 8.77 -39.75 7.06
C GLY A 152 8.46 -38.26 7.12
N PRO A 153 9.49 -37.43 6.92
CA PRO A 153 9.27 -35.97 6.93
C PRO A 153 8.30 -35.54 5.84
N VAL A 154 7.61 -34.43 6.09
CA VAL A 154 6.47 -34.00 5.30
C VAL A 154 6.74 -32.60 4.75
N VAL A 155 6.42 -32.40 3.48
CA VAL A 155 6.40 -31.07 2.86
C VAL A 155 4.96 -30.73 2.52
N VAL A 156 4.43 -29.65 3.11
CA VAL A 156 3.01 -29.32 3.01
C VAL A 156 2.56 -29.27 1.56
N ASP A 157 3.34 -28.61 0.70
CA ASP A 157 2.93 -28.46 -0.70
C ASP A 157 2.91 -29.81 -1.41
N GLU A 158 3.72 -30.76 -0.95
CA GLU A 158 3.69 -32.08 -1.56
C GLU A 158 2.40 -32.81 -1.19
N VAL A 159 1.94 -32.66 0.06
CA VAL A 159 0.66 -33.22 0.44
C VAL A 159 -0.46 -32.52 -0.32
N ALA A 160 -0.34 -31.20 -0.50
CA ALA A 160 -1.37 -30.43 -1.18
C ALA A 160 -1.49 -30.82 -2.65
N ARG A 161 -0.39 -31.22 -3.29
CA ARG A 161 -0.45 -31.68 -4.67
C ARG A 161 -1.24 -32.97 -4.80
N ARG A 162 -1.38 -33.74 -3.72
CA ARG A 162 -1.90 -35.10 -3.79
C ARG A 162 -3.31 -35.24 -3.22
N HIS A 163 -3.91 -34.18 -2.69
CA HIS A 163 -5.21 -34.30 -2.03
C HIS A 163 -6.02 -33.03 -2.26
N ASP A 164 -7.34 -33.15 -2.08
CA ASP A 164 -8.23 -32.00 -2.21
C ASP A 164 -8.27 -31.15 -0.95
N LEU A 165 -7.83 -31.69 0.18
CA LEU A 165 -7.85 -30.97 1.44
C LEU A 165 -6.75 -31.53 2.31
N VAL A 166 -6.04 -30.64 2.98
CA VAL A 166 -4.98 -31.01 3.92
C VAL A 166 -5.50 -30.71 5.32
N VAL A 167 -5.41 -31.69 6.20
CA VAL A 167 -5.73 -31.51 7.61
C VAL A 167 -4.43 -31.67 8.38
N VAL A 168 -4.01 -30.59 9.03
CA VAL A 168 -2.79 -30.61 9.82
C VAL A 168 -3.18 -30.94 11.25
N ALA A 169 -2.54 -31.96 11.81
CA ALA A 169 -2.85 -32.40 13.17
C ALA A 169 -1.60 -32.85 13.89
N ASN A 170 -0.51 -32.10 13.72
CA ASN A 170 0.71 -32.41 14.46
C ASN A 170 0.56 -31.86 15.88
N GLY A 171 1.68 -31.66 16.56
CA GLY A 171 1.66 -31.22 17.94
C GLY A 171 1.45 -29.73 18.08
N ASP A 172 1.77 -29.24 19.28
CA ASP A 172 1.63 -27.82 19.58
C ASP A 172 2.54 -26.96 18.72
N ARG A 173 3.62 -27.54 18.18
CA ARG A 173 4.44 -26.81 17.21
C ARG A 173 3.60 -26.35 16.02
N SER A 174 2.55 -27.09 15.70
CA SER A 174 1.58 -26.74 14.64
C SER A 174 2.35 -26.51 13.35
N MET A 175 1.84 -25.63 12.49
CA MET A 175 2.61 -25.10 11.36
C MET A 175 3.12 -23.69 11.62
N ARG A 176 2.31 -22.85 12.27
CA ARG A 176 2.63 -21.47 12.64
C ARG A 176 2.78 -20.51 11.46
N GLU A 177 3.27 -21.03 10.34
CA GLU A 177 3.22 -20.31 9.08
C GLU A 177 1.83 -20.30 8.45
N LEU A 178 1.16 -21.45 8.46
CA LEU A 178 -0.15 -21.64 7.89
C LEU A 178 -1.26 -21.13 8.80
N PHE A 179 -1.13 -21.35 10.11
CA PHE A 179 -2.18 -21.05 11.09
C PHE A 179 -1.63 -20.09 12.12
N PRO A 180 -1.74 -18.78 11.90
CA PRO A 180 -1.23 -17.82 12.87
C PRO A 180 -2.10 -17.77 14.13
N ARG A 181 -1.48 -17.28 15.20
CA ARG A 181 -2.14 -17.19 16.50
C ARG A 181 -3.26 -16.15 16.47
N ASP A 182 -4.47 -16.55 16.84
CA ASP A 182 -5.61 -15.64 16.90
C ASP A 182 -5.61 -14.95 18.26
N PRO A 183 -5.30 -13.65 18.32
CA PRO A 183 -5.13 -13.02 19.64
C PRO A 183 -6.43 -12.81 20.41
N GLU A 184 -7.57 -12.76 19.73
CA GLU A 184 -8.83 -12.59 20.44
C GLU A 184 -9.33 -13.87 21.10
N ARG A 185 -8.67 -15.00 20.87
CA ARG A 185 -8.98 -16.24 21.55
C ARG A 185 -7.76 -16.80 22.29
N SER A 186 -6.65 -16.08 22.27
CA SER A 186 -5.40 -16.48 22.92
C SER A 186 -5.03 -15.40 23.94
N PRO A 187 -5.67 -15.38 25.10
CA PRO A 187 -5.37 -14.32 26.08
C PRO A 187 -3.99 -14.41 26.71
N HIS A 188 -3.29 -15.53 26.57
CA HIS A 188 -1.97 -15.72 27.15
C HIS A 188 -0.90 -15.82 26.07
N THR A 189 0.33 -15.42 26.43
CA THR A 189 1.48 -15.50 25.52
C THR A 189 2.67 -16.23 26.11
N THR A 190 2.67 -16.54 27.40
CA THR A 190 3.68 -17.35 28.06
C THR A 190 2.96 -18.40 28.88
N PRO A 191 3.63 -19.51 29.21
CA PRO A 191 2.97 -20.56 29.99
C PRO A 191 2.41 -20.02 31.31
N GLN A 192 1.19 -20.43 31.63
CA GLN A 192 0.57 -20.10 32.90
C GLN A 192 0.87 -21.13 33.97
N ARG A 193 1.43 -22.28 33.58
CA ARG A 193 1.93 -23.27 34.52
C ARG A 193 3.21 -23.85 33.95
N ILE A 194 4.14 -24.18 34.85
CA ILE A 194 5.35 -24.92 34.51
C ILE A 194 5.18 -26.34 35.03
N LEU A 195 5.36 -27.31 34.15
CA LEU A 195 4.97 -28.69 34.43
C LEU A 195 6.17 -29.55 34.80
N CYS A 196 5.94 -30.44 35.76
CA CYS A 196 6.85 -31.55 36.05
C CYS A 196 5.96 -32.76 36.29
N SER A 197 5.94 -33.69 35.34
CA SER A 197 5.01 -34.81 35.41
C SER A 197 5.70 -36.09 34.97
N GLY A 198 5.47 -37.17 35.72
CA GLY A 198 6.09 -38.44 35.40
C GLY A 198 5.39 -39.61 36.06
N PHE A 199 5.82 -40.81 35.66
CA PHE A 199 5.31 -42.05 36.21
C PHE A 199 6.19 -42.47 37.39
N TYR A 200 5.56 -42.78 38.52
CA TYR A 200 6.28 -43.14 39.73
C TYR A 200 5.76 -44.46 40.29
N HIS A 201 6.65 -45.19 40.96
CA HIS A 201 6.27 -46.30 41.81
C HIS A 201 6.35 -45.87 43.27
N GLY A 202 5.72 -46.65 44.15
CA GLY A 202 5.91 -46.43 45.57
C GLY A 202 5.03 -45.39 46.23
N ILE A 203 3.73 -45.40 45.92
CA ILE A 203 2.75 -44.60 46.66
C ILE A 203 1.61 -45.53 47.04
N ARG A 204 1.33 -45.64 48.34
CA ARG A 204 0.19 -46.44 48.76
C ARG A 204 -1.08 -45.68 48.43
N GLU A 205 -2.16 -46.44 48.25
CA GLU A 205 -3.38 -45.88 47.71
C GLU A 205 -4.52 -46.12 48.69
N ASP A 206 -5.20 -45.05 49.10
CA ASP A 206 -6.38 -45.20 49.94
C ASP A 206 -7.53 -45.80 49.15
N VAL A 207 -8.08 -45.03 48.21
CA VAL A 207 -9.19 -45.48 47.38
C VAL A 207 -8.60 -45.88 46.03
N PRO A 208 -8.82 -47.11 45.57
CA PRO A 208 -8.22 -47.51 44.29
C PRO A 208 -8.86 -46.75 43.15
N HIS A 209 -8.03 -46.43 42.16
CA HIS A 209 -8.49 -45.76 40.93
C HIS A 209 -9.09 -44.40 41.24
N GLU A 210 -8.53 -43.70 42.21
CA GLU A 210 -9.00 -42.38 42.62
C GLU A 210 -7.95 -41.32 42.32
N LEU A 211 -8.39 -40.24 41.68
CA LEU A 211 -7.53 -39.13 41.32
C LEU A 211 -7.47 -38.10 42.46
N ASP A 212 -6.29 -37.58 42.71
CA ASP A 212 -6.07 -36.58 43.77
C ASP A 212 -5.65 -35.27 43.14
N ILE A 213 -6.38 -34.19 43.46
CA ILE A 213 -6.03 -32.84 43.03
C ILE A 213 -5.90 -31.95 44.26
N HIS A 214 -4.75 -31.28 44.37
CA HIS A 214 -4.51 -30.30 45.43
C HIS A 214 -4.35 -28.92 44.79
N PHE A 215 -5.27 -28.02 45.10
CA PHE A 215 -5.18 -26.64 44.62
C PHE A 215 -4.44 -25.80 45.67
N LEU A 216 -3.29 -25.23 45.27
CA LEU A 216 -2.47 -24.40 46.13
C LEU A 216 -2.52 -22.97 45.61
N PRO A 217 -3.42 -22.13 46.14
CA PRO A 217 -3.64 -20.80 45.56
C PRO A 217 -2.36 -19.98 45.44
N GLY A 218 -2.22 -19.31 44.29
CA GLY A 218 -1.07 -18.52 43.97
C GLY A 218 0.22 -19.30 43.81
N ILE A 219 0.19 -20.62 44.01
CA ILE A 219 1.37 -21.46 43.90
C ILE A 219 1.23 -22.47 42.77
N GLY A 220 0.08 -23.09 42.63
CA GLY A 220 -0.14 -24.02 41.55
C GLY A 220 -1.04 -25.17 41.98
N GLU A 221 -0.83 -26.32 41.33
CA GLU A 221 -1.63 -27.51 41.58
C GLU A 221 -0.73 -28.73 41.62
N ILE A 222 -1.07 -29.68 42.48
CA ILE A 222 -0.40 -30.97 42.59
C ILE A 222 -1.43 -32.06 42.30
N LEU A 223 -1.07 -32.98 41.41
CA LEU A 223 -1.99 -34.04 41.01
C LEU A 223 -1.33 -35.41 41.12
N ARG A 224 -2.12 -36.38 41.56
CA ARG A 224 -1.71 -37.79 41.57
C ARG A 224 -2.81 -38.58 40.86
N ILE A 225 -2.49 -39.11 39.68
CA ILE A 225 -3.45 -39.79 38.82
C ILE A 225 -2.99 -41.23 38.65
N PRO A 226 -3.80 -42.22 39.04
CA PRO A 226 -3.50 -43.60 38.66
C PRO A 226 -3.55 -43.74 37.14
N PHE A 227 -2.64 -44.55 36.61
CA PHE A 227 -2.43 -44.58 35.18
C PHE A 227 -1.85 -45.93 34.77
N LEU A 228 -2.26 -46.41 33.61
CA LEU A 228 -1.66 -47.59 32.97
C LEU A 228 -0.61 -47.10 31.99
N SER A 229 0.66 -47.27 32.36
CA SER A 229 1.77 -46.89 31.50
C SER A 229 2.28 -48.11 30.76
N ARG A 230 3.15 -47.87 29.76
CA ARG A 230 3.77 -48.98 29.06
C ARG A 230 4.58 -49.84 30.03
N LEU A 231 5.05 -49.24 31.12
CA LEU A 231 5.79 -49.94 32.17
C LEU A 231 4.88 -50.40 33.32
N GLY A 232 3.60 -50.58 33.05
CA GLY A 232 2.67 -51.11 34.02
C GLY A 232 1.87 -50.03 34.73
N PRO A 233 1.04 -50.43 35.68
CA PRO A 233 0.31 -49.44 36.49
C PRO A 233 1.29 -48.56 37.25
N ALA A 234 0.94 -47.29 37.36
CA ALA A 234 1.86 -46.33 37.96
C ALA A 234 1.06 -45.14 38.47
N HIS A 235 1.78 -44.20 39.09
CA HIS A 235 1.20 -42.97 39.61
C HIS A 235 1.75 -41.82 38.78
N VAL A 236 0.85 -40.99 38.26
CA VAL A 236 1.27 -39.75 37.62
C VAL A 236 1.31 -38.70 38.73
N LEU A 237 2.51 -38.22 39.04
CA LEU A 237 2.68 -37.13 39.99
C LEU A 237 3.01 -35.90 39.17
N ALA A 238 2.09 -34.95 39.16
CA ALA A 238 2.17 -33.78 38.28
C ALA A 238 2.18 -32.51 39.12
N PHE A 239 3.23 -31.72 38.95
CA PHE A 239 3.32 -30.40 39.55
C PHE A 239 2.97 -29.36 38.48
N GLU A 240 1.85 -28.69 38.65
CA GLU A 240 1.47 -27.57 37.79
C GLU A 240 1.80 -26.30 38.57
N ALA A 241 2.97 -25.73 38.28
CA ALA A 241 3.56 -24.66 39.07
C ALA A 241 3.23 -23.30 38.47
N VAL A 242 2.68 -22.42 39.30
CA VAL A 242 2.64 -21.01 38.89
C VAL A 242 4.07 -20.52 38.68
N PRO A 243 4.39 -19.91 37.54
CA PRO A 243 5.79 -19.54 37.27
C PRO A 243 6.35 -18.62 38.34
N GLY A 244 7.63 -18.83 38.67
CA GLY A 244 8.28 -18.10 39.74
C GLY A 244 7.97 -18.59 41.13
N GLY A 245 6.93 -19.41 41.30
CA GLY A 245 6.57 -19.92 42.59
C GLY A 245 7.46 -21.06 43.03
N PRO A 246 7.17 -21.63 44.20
CA PRO A 246 8.02 -22.68 44.75
C PRO A 246 7.85 -24.05 44.09
N LEU A 247 6.72 -24.32 43.43
CA LEU A 247 6.53 -25.61 42.78
C LEU A 247 7.30 -25.75 41.48
N GLU A 248 7.93 -24.68 41.01
CA GLU A 248 8.65 -24.76 39.74
C GLU A 248 9.89 -25.64 39.82
N ALA A 249 10.43 -25.86 41.03
CA ALA A 249 11.71 -26.51 41.27
C ALA A 249 11.93 -27.81 40.48
N PRO A 250 11.07 -28.82 40.61
CA PRO A 250 11.37 -30.10 39.93
C PRO A 250 11.35 -30.00 38.42
N ALA A 251 10.63 -29.04 37.84
CA ALA A 251 10.59 -28.90 36.39
C ALA A 251 11.94 -28.53 35.82
N HIS A 252 12.88 -28.09 36.66
CA HIS A 252 14.19 -27.66 36.21
C HIS A 252 15.32 -28.56 36.69
N LEU A 253 15.03 -29.64 37.41
CA LEU A 253 16.06 -30.59 37.78
C LEU A 253 16.21 -31.65 36.70
N ASP A 254 17.46 -31.96 36.34
CA ASP A 254 17.71 -33.07 35.40
C ASP A 254 17.66 -34.35 36.22
N ALA A 255 16.48 -34.98 36.23
CA ALA A 255 16.26 -36.18 37.06
C ALA A 255 17.11 -37.36 36.61
N ALA A 256 17.62 -37.35 35.38
CA ALA A 256 18.55 -38.39 34.97
C ALA A 256 19.94 -38.13 35.53
N ALA A 257 20.38 -36.87 35.47
CA ALA A 257 21.72 -36.54 35.95
C ALA A 257 21.83 -36.77 37.46
N ASP A 258 20.79 -36.41 38.21
CA ASP A 258 20.79 -36.57 39.67
C ASP A 258 19.45 -37.11 40.12
N PRO A 259 19.23 -38.43 39.99
CA PRO A 259 17.98 -39.01 40.51
C PRO A 259 17.74 -38.70 41.98
N ALA A 260 18.76 -38.86 42.82
CA ALA A 260 18.59 -38.64 44.24
C ALA A 260 18.16 -37.22 44.55
N GLY A 261 18.74 -36.24 43.87
CA GLY A 261 18.38 -34.86 44.11
C GLY A 261 16.96 -34.55 43.67
N PHE A 262 16.56 -35.07 42.51
CA PHE A 262 15.19 -34.88 42.02
C PHE A 262 14.16 -35.44 42.98
N HIS A 263 14.29 -36.72 43.34
CA HIS A 263 13.26 -37.34 44.20
C HIS A 263 13.20 -36.64 45.55
N ARG A 264 14.34 -36.21 46.09
CA ARG A 264 14.34 -35.50 47.35
C ARG A 264 13.54 -34.20 47.26
N GLU A 265 13.69 -33.48 46.14
CA GLU A 265 12.96 -32.23 45.96
C GLU A 265 11.47 -32.48 45.79
N VAL A 266 11.10 -33.55 45.06
CA VAL A 266 9.68 -33.88 44.90
C VAL A 266 9.05 -34.19 46.25
N LEU A 267 9.73 -35.02 47.05
CA LEU A 267 9.20 -35.39 48.35
C LEU A 267 9.11 -34.18 49.28
N ARG A 268 10.08 -33.27 49.19
CA ARG A 268 10.05 -32.06 50.00
C ARG A 268 8.82 -31.22 49.68
N LEU A 269 8.54 -31.03 48.39
CA LEU A 269 7.39 -30.22 48.00
C LEU A 269 6.08 -30.92 48.36
N LEU A 270 6.03 -32.24 48.20
CA LEU A 270 4.86 -32.98 48.64
C LEU A 270 4.65 -32.81 50.15
N ALA A 271 5.72 -32.88 50.92
CA ALA A 271 5.62 -32.68 52.36
C ALA A 271 5.14 -31.27 52.70
N ALA A 272 5.66 -30.27 51.99
CA ALA A 272 5.29 -28.90 52.29
C ALA A 272 3.84 -28.59 51.92
N TYR A 273 3.36 -29.08 50.77
CA TYR A 273 2.11 -28.60 50.21
C TYR A 273 1.00 -29.64 50.09
N ALA A 274 1.32 -30.93 50.03
CA ALA A 274 0.31 -31.99 49.94
C ALA A 274 0.66 -33.10 50.91
N PRO A 275 0.58 -32.83 52.21
CA PRO A 275 1.03 -33.83 53.19
C PRO A 275 0.22 -35.12 53.16
N SER A 276 -1.08 -35.05 52.88
CA SER A 276 -1.87 -36.27 52.77
C SER A 276 -1.31 -37.20 51.71
N LEU A 277 -0.64 -36.64 50.70
CA LEU A 277 0.06 -37.45 49.70
C LEU A 277 1.41 -37.90 50.21
N ARG A 278 2.14 -37.01 50.88
CA ARG A 278 3.47 -37.35 51.38
C ARG A 278 3.44 -38.51 52.36
N GLU A 279 2.38 -38.64 53.15
CA GLU A 279 2.27 -39.71 54.12
C GLU A 279 2.10 -41.08 53.47
N ARG A 280 1.72 -41.13 52.20
CA ARG A 280 1.49 -42.38 51.49
C ARG A 280 2.71 -42.85 50.70
N VAL A 281 3.83 -42.16 50.85
CA VAL A 281 5.03 -42.43 50.06
C VAL A 281 5.87 -43.49 50.78
N ASP A 282 5.87 -44.70 50.26
CA ASP A 282 6.83 -45.70 50.71
C ASP A 282 8.19 -45.32 50.14
N THR A 283 9.03 -44.70 50.97
CA THR A 283 10.28 -44.14 50.48
C THR A 283 11.25 -45.23 50.04
N ALA A 284 11.01 -46.48 50.44
CA ALA A 284 11.83 -47.59 49.95
C ALA A 284 11.66 -47.77 48.46
N ARG A 285 10.43 -47.61 47.96
CA ARG A 285 10.12 -47.84 46.55
C ARG A 285 9.92 -46.57 45.74
N PHE A 286 9.97 -45.39 46.34
CA PHE A 286 9.53 -44.20 45.62
C PHE A 286 10.55 -43.80 44.57
N GLY A 287 10.05 -43.36 43.43
CA GLY A 287 10.89 -42.90 42.34
C GLY A 287 10.22 -43.10 41.01
N LEU A 288 10.78 -42.44 39.99
CA LEU A 288 10.32 -42.64 38.63
C LEU A 288 10.45 -44.11 38.23
N VAL A 289 9.44 -44.62 37.51
CA VAL A 289 9.39 -46.04 37.19
C VAL A 289 10.58 -46.45 36.33
N ALA A 290 11.24 -45.49 35.69
CA ALA A 290 12.41 -45.73 34.87
C ALA A 290 13.01 -44.37 34.51
N PRO A 291 14.29 -44.33 34.14
CA PRO A 291 14.87 -43.05 33.72
C PRO A 291 14.21 -42.55 32.45
N GLY A 292 13.86 -41.27 32.44
CA GLY A 292 13.23 -40.65 31.30
C GLY A 292 11.72 -40.61 31.35
N GLU A 293 11.07 -41.39 32.22
CA GLU A 293 9.61 -41.44 32.29
C GLU A 293 9.11 -40.19 32.98
N LEU A 294 9.27 -39.06 32.29
CA LEU A 294 9.08 -37.76 32.91
C LEU A 294 8.96 -36.70 31.82
N ALA A 295 8.10 -35.72 32.04
CA ALA A 295 7.92 -34.61 31.11
C ALA A 295 8.01 -33.30 31.90
N GLN A 296 8.85 -32.39 31.43
CA GLN A 296 9.09 -31.12 32.10
C GLN A 296 9.03 -29.99 31.08
N GLY A 297 8.36 -28.92 31.44
CA GLY A 297 8.25 -27.77 30.57
C GLY A 297 6.99 -26.97 30.88
N GLY A 298 6.74 -25.98 30.04
CA GLY A 298 5.54 -25.18 30.16
C GLY A 298 4.72 -25.23 28.89
N VAL A 299 3.44 -24.90 29.00
CA VAL A 299 2.50 -24.94 27.89
C VAL A 299 1.87 -23.57 27.75
N THR A 300 1.95 -22.99 26.55
CA THR A 300 1.35 -21.67 26.30
C THR A 300 0.00 -21.85 25.64
N PRO A 301 -1.10 -21.61 26.35
CA PRO A 301 -2.43 -21.76 25.73
C PRO A 301 -2.59 -20.87 24.52
N THR A 302 -2.91 -21.48 23.39
CA THR A 302 -3.00 -20.78 22.11
C THR A 302 -4.20 -21.30 21.32
N VAL A 303 -5.00 -20.38 20.79
CA VAL A 303 -6.02 -20.70 19.80
C VAL A 303 -5.59 -20.08 18.49
N ARG A 304 -5.42 -20.92 17.47
CA ARG A 304 -4.97 -20.46 16.17
C ARG A 304 -6.11 -20.40 15.16
N ARG A 305 -5.82 -19.82 14.02
CA ARG A 305 -6.77 -19.79 12.92
C ARG A 305 -6.91 -21.19 12.35
N GLY A 306 -8.16 -21.67 12.27
CA GLY A 306 -8.45 -23.06 12.00
C GLY A 306 -8.25 -23.50 10.56
N TRP A 307 -8.00 -22.56 9.64
CA TRP A 307 -7.94 -22.88 8.22
C TRP A 307 -6.84 -22.07 7.57
N ALA A 308 -6.48 -22.45 6.34
CA ALA A 308 -5.41 -21.82 5.60
C ALA A 308 -5.49 -22.23 4.14
N ARG A 309 -5.28 -21.27 3.25
CA ARG A 309 -5.19 -21.53 1.81
C ARG A 309 -3.74 -21.70 1.41
N LEU A 310 -3.40 -22.86 0.85
CA LEU A 310 -2.03 -23.17 0.46
C LEU A 310 -1.74 -22.61 -0.94
N ALA A 311 -0.52 -22.86 -1.42
CA ALA A 311 -0.03 -22.23 -2.65
C ALA A 311 -0.93 -22.56 -3.85
N ASP A 312 -1.12 -23.84 -4.13
CA ASP A 312 -1.86 -24.27 -5.31
C ASP A 312 -3.37 -24.09 -5.16
N GLY A 313 -3.85 -23.45 -4.10
CA GLY A 313 -5.26 -23.25 -3.88
C GLY A 313 -5.91 -24.33 -3.03
N THR A 314 -5.20 -25.42 -2.76
CA THR A 314 -5.68 -26.41 -1.81
C THR A 314 -5.74 -25.80 -0.42
N CYS A 315 -6.87 -25.99 0.26
CA CYS A 315 -7.04 -25.46 1.61
C CYS A 315 -6.52 -26.43 2.66
N ALA A 316 -6.32 -25.91 3.86
CA ALA A 316 -5.77 -26.70 4.96
C ALA A 316 -6.55 -26.38 6.24
N LEU A 317 -6.97 -27.43 6.93
CA LEU A 317 -7.64 -27.31 8.22
C LEU A 317 -6.71 -27.78 9.33
N ALA A 318 -6.88 -27.23 10.53
CA ALA A 318 -6.09 -27.61 11.69
C ALA A 318 -7.00 -28.20 12.76
N ILE A 319 -6.60 -29.36 13.30
CA ILE A 319 -7.27 -29.97 14.43
C ILE A 319 -6.23 -30.36 15.47
N GLY A 320 -6.71 -30.70 16.67
CA GLY A 320 -5.81 -31.14 17.72
C GLY A 320 -4.96 -29.99 18.25
N ASP A 321 -3.72 -30.32 18.61
CA ASP A 321 -2.82 -29.29 19.13
C ASP A 321 -2.33 -28.35 18.05
N ALA A 322 -2.35 -28.79 16.79
CA ALA A 322 -2.00 -27.88 15.70
C ALA A 322 -2.95 -26.69 15.66
N TRP A 323 -4.20 -26.91 16.10
CA TRP A 323 -5.20 -25.84 16.14
C TRP A 323 -5.22 -25.12 17.49
N ILE A 324 -5.50 -25.86 18.57
CA ILE A 324 -5.71 -25.28 19.89
C ILE A 324 -4.81 -26.00 20.89
N THR A 325 -4.14 -25.22 21.74
CA THR A 325 -3.33 -25.74 22.82
C THR A 325 -3.87 -25.23 24.14
N ASN A 326 -4.23 -26.14 25.04
CA ASN A 326 -4.70 -25.79 26.37
C ASN A 326 -3.71 -26.30 27.42
N ASP A 327 -3.76 -25.69 28.59
CA ASP A 327 -3.00 -26.23 29.70
C ASP A 327 -3.64 -27.55 30.14
N PRO A 328 -2.83 -28.59 30.38
CA PRO A 328 -3.39 -29.93 30.63
C PRO A 328 -4.19 -30.06 31.92
N LEU A 329 -4.29 -29.01 32.74
CA LEU A 329 -4.89 -29.15 34.07
C LEU A 329 -6.31 -29.71 33.99
N THR A 330 -7.14 -29.18 33.08
CA THR A 330 -8.51 -29.68 32.97
C THR A 330 -8.60 -31.01 32.23
N ALA A 331 -7.50 -31.50 31.66
CA ALA A 331 -7.44 -32.82 31.02
C ALA A 331 -8.39 -32.92 29.83
N GLN A 332 -8.63 -31.82 29.13
CA GLN A 332 -9.56 -31.80 28.01
C GLN A 332 -8.85 -31.92 26.67
N GLY A 333 -7.52 -31.85 26.64
CA GLY A 333 -6.77 -31.85 25.39
C GLY A 333 -7.07 -32.97 24.43
N ALA A 334 -6.78 -34.21 24.83
CA ALA A 334 -7.05 -35.34 23.94
C ALA A 334 -8.53 -35.47 23.63
N ASN A 335 -9.40 -35.12 24.58
CA ASN A 335 -10.83 -35.26 24.37
C ASN A 335 -11.32 -34.28 23.31
N LEU A 336 -10.84 -33.03 23.36
CA LEU A 336 -11.23 -32.05 22.35
C LEU A 336 -10.82 -32.50 20.95
N GLY A 337 -9.58 -32.98 20.81
CA GLY A 337 -9.12 -33.47 19.51
C GLY A 337 -9.93 -34.64 19.00
N SER A 338 -10.39 -35.52 19.90
CA SER A 338 -11.22 -36.63 19.49
C SER A 338 -12.59 -36.15 19.04
N HIS A 339 -13.12 -35.13 19.72
CA HIS A 339 -14.40 -34.55 19.32
C HIS A 339 -14.29 -33.85 17.98
N THR A 340 -13.28 -32.99 17.82
CA THR A 340 -13.16 -32.24 16.58
C THR A 340 -12.86 -33.14 15.38
N ALA A 341 -12.23 -34.30 15.61
CA ALA A 341 -12.01 -35.24 14.52
C ALA A 341 -13.34 -35.80 14.02
N PHE A 342 -14.19 -36.26 14.93
CA PHE A 342 -15.49 -36.82 14.52
C PHE A 342 -16.38 -35.76 13.89
N ALA A 343 -16.31 -34.53 14.40
CA ALA A 343 -17.12 -33.46 13.83
C ALA A 343 -16.64 -33.09 12.43
N LEU A 344 -15.32 -32.94 12.25
CA LEU A 344 -14.77 -32.61 10.94
C LEU A 344 -15.04 -33.69 9.92
N ALA A 345 -14.99 -34.96 10.35
CA ALA A 345 -15.24 -36.08 9.45
C ALA A 345 -16.63 -36.03 8.84
N ASP A 346 -17.65 -35.78 9.66
CA ASP A 346 -19.02 -35.71 9.15
C ASP A 346 -19.17 -34.57 8.14
N LEU A 347 -18.46 -33.46 8.36
CA LEU A 347 -18.51 -32.34 7.42
C LEU A 347 -17.85 -32.72 6.10
N ILE A 348 -16.67 -33.36 6.18
CA ILE A 348 -15.99 -33.81 4.98
C ILE A 348 -16.83 -34.84 4.23
N ALA A 349 -17.44 -35.77 4.96
CA ALA A 349 -18.11 -36.89 4.32
C ALA A 349 -19.43 -36.48 3.67
N SER A 350 -20.12 -35.50 4.23
CA SER A 350 -21.39 -35.04 3.67
C SER A 350 -21.21 -33.86 2.72
N ALA A 351 -19.98 -33.38 2.52
CA ALA A 351 -19.72 -32.24 1.64
C ALA A 351 -20.03 -32.62 0.20
N THR A 352 -21.09 -32.02 -0.35
CA THR A 352 -21.43 -32.24 -1.75
C THR A 352 -20.73 -31.27 -2.69
N GLY A 353 -20.25 -30.14 -2.19
CA GLY A 353 -19.55 -29.18 -3.01
C GLY A 353 -18.05 -29.35 -2.92
N PRO A 354 -17.31 -28.33 -3.34
CA PRO A 354 -15.84 -28.38 -3.22
C PRO A 354 -15.38 -28.00 -1.83
N LEU A 355 -14.20 -28.52 -1.47
CA LEU A 355 -13.61 -28.29 -0.15
C LEU A 355 -12.73 -27.03 -0.16
N ASP A 356 -13.38 -25.91 -0.47
CA ASP A 356 -12.69 -24.64 -0.69
C ASP A 356 -12.67 -23.80 0.59
N GLU A 357 -12.22 -22.55 0.48
CA GLU A 357 -12.14 -21.67 1.65
C GLU A 357 -13.49 -21.51 2.32
N ALA A 358 -14.57 -21.42 1.54
CA ALA A 358 -15.90 -21.30 2.13
C ALA A 358 -16.23 -22.50 2.99
N PHE A 359 -15.82 -23.70 2.54
CA PHE A 359 -16.02 -24.89 3.34
C PHE A 359 -15.20 -24.83 4.63
N CYS A 360 -13.92 -24.48 4.51
CA CYS A 360 -13.03 -24.47 5.67
C CYS A 360 -13.48 -23.44 6.71
N ARG A 361 -13.86 -22.24 6.25
CA ARG A 361 -14.34 -21.21 7.16
C ARG A 361 -15.59 -21.67 7.91
N ASP A 362 -16.53 -22.28 7.20
CA ASP A 362 -17.71 -22.82 7.86
C ASP A 362 -17.35 -23.96 8.80
N ALA A 363 -16.43 -24.83 8.38
CA ALA A 363 -16.01 -25.94 9.25
C ALA A 363 -15.35 -25.42 10.51
N SER A 364 -14.35 -24.54 10.38
CA SER A 364 -13.65 -24.00 11.54
C SER A 364 -14.62 -23.30 12.49
N ALA A 365 -15.57 -22.54 11.95
CA ALA A 365 -16.58 -21.93 12.79
C ALA A 365 -17.35 -22.99 13.57
N ARG A 366 -17.76 -24.07 12.91
CA ARG A 366 -18.52 -25.12 13.60
C ARG A 366 -17.68 -25.80 14.68
N LEU A 367 -16.43 -26.12 14.38
CA LEU A 367 -15.55 -26.73 15.38
C LEU A 367 -15.31 -25.79 16.54
N TRP A 368 -15.20 -24.49 16.26
CA TRP A 368 -14.95 -23.53 17.34
C TRP A 368 -16.14 -23.40 18.28
N ASP A 369 -17.36 -23.65 17.79
CA ASP A 369 -18.52 -23.54 18.66
C ASP A 369 -18.45 -24.51 19.83
N HIS A 370 -17.83 -25.68 19.65
CA HIS A 370 -17.63 -26.60 20.75
C HIS A 370 -16.33 -26.31 21.48
N ALA A 371 -15.25 -26.09 20.74
CA ALA A 371 -13.95 -25.86 21.35
C ALA A 371 -13.94 -24.65 22.27
N ARG A 372 -14.83 -23.68 22.03
CA ARG A 372 -14.84 -22.45 22.82
C ARG A 372 -14.99 -22.76 24.31
N HIS A 373 -15.95 -23.64 24.65
CA HIS A 373 -16.17 -23.98 26.06
C HIS A 373 -14.93 -24.61 26.68
N VAL A 374 -14.20 -25.43 25.92
CA VAL A 374 -13.00 -26.07 26.45
C VAL A 374 -11.93 -25.02 26.74
N VAL A 375 -11.73 -24.07 25.82
CA VAL A 375 -10.67 -23.10 25.98
C VAL A 375 -10.96 -22.17 27.16
N GLU A 376 -12.20 -21.72 27.28
CA GLU A 376 -12.54 -20.76 28.33
C GLU A 376 -12.55 -21.44 29.70
N TRP A 377 -13.01 -22.69 29.78
CA TRP A 377 -12.92 -23.42 31.03
C TRP A 377 -11.46 -23.70 31.38
N SER A 378 -10.66 -24.11 30.40
CA SER A 378 -9.26 -24.43 30.68
C SER A 378 -8.50 -23.20 31.17
N ASN A 379 -8.77 -22.04 30.56
CA ASN A 379 -8.09 -20.82 30.99
C ASN A 379 -8.61 -20.33 32.33
N ALA A 380 -9.89 -20.57 32.64
CA ALA A 380 -10.44 -20.16 33.93
C ALA A 380 -9.74 -20.87 35.08
N PHE A 381 -9.52 -22.18 34.95
CA PHE A 381 -8.86 -22.95 36.01
C PHE A 381 -7.43 -22.51 36.25
N LEU A 382 -6.78 -21.87 35.28
CA LEU A 382 -5.43 -21.36 35.49
C LEU A 382 -5.42 -20.14 36.40
N ALA A 383 -6.54 -19.44 36.51
CA ALA A 383 -6.70 -18.23 37.29
C ALA A 383 -7.21 -18.56 38.68
N PRO A 384 -6.98 -17.69 39.67
CA PRO A 384 -7.54 -17.90 41.00
C PRO A 384 -9.04 -18.10 40.91
N PRO A 385 -9.61 -19.01 41.70
CA PRO A 385 -11.04 -19.29 41.60
C PRO A 385 -11.87 -18.11 42.07
N PRO A 386 -12.81 -17.65 41.24
CA PRO A 386 -13.72 -16.58 41.67
C PRO A 386 -14.58 -17.05 42.83
N PRO A 387 -15.20 -16.12 43.56
CA PRO A 387 -16.00 -16.53 44.74
C PRO A 387 -17.12 -17.52 44.42
N HIS A 388 -17.82 -17.37 43.29
CA HIS A 388 -18.92 -18.29 43.02
C HIS A 388 -18.42 -19.70 42.77
N VAL A 389 -17.18 -19.85 42.29
CA VAL A 389 -16.57 -21.17 42.17
C VAL A 389 -16.20 -21.70 43.55
N MET A 390 -15.57 -20.86 44.37
CA MET A 390 -15.21 -21.27 45.73
C MET A 390 -16.44 -21.67 46.53
N GLU A 391 -17.58 -21.05 46.24
CA GLU A 391 -18.82 -21.43 46.92
C GLU A 391 -19.27 -22.82 46.51
N LEU A 392 -19.21 -23.12 45.21
CA LEU A 392 -19.58 -24.46 44.72
C LEU A 392 -18.72 -25.54 45.38
N PHE A 393 -17.41 -25.29 45.50
CA PHE A 393 -16.52 -26.24 46.16
C PHE A 393 -16.95 -26.49 47.60
N GLY A 394 -17.27 -25.43 48.33
CA GLY A 394 -17.80 -25.59 49.67
C GLY A 394 -19.08 -26.40 49.67
N ARG A 395 -20.02 -26.03 48.80
CA ARG A 395 -21.29 -26.74 48.73
C ARG A 395 -21.08 -28.22 48.39
N ALA A 396 -20.08 -28.51 47.56
CA ALA A 396 -19.79 -29.91 47.22
C ALA A 396 -19.07 -30.63 48.35
N ALA A 397 -18.35 -29.89 49.19
CA ALA A 397 -17.66 -30.50 50.32
C ALA A 397 -18.63 -31.00 51.39
N GLY A 398 -19.89 -30.57 51.35
CA GLY A 398 -20.86 -30.99 52.33
C GLY A 398 -22.08 -31.68 51.75
N ASP A 399 -22.05 -31.99 50.46
CA ASP A 399 -23.18 -32.66 49.81
C ASP A 399 -22.60 -33.60 48.76
N LYS A 400 -22.68 -34.91 49.02
CA LYS A 400 -22.08 -35.88 48.12
C LYS A 400 -22.75 -35.87 46.75
N GLN A 401 -24.06 -35.61 46.70
CA GLN A 401 -24.75 -35.52 45.42
C GLN A 401 -24.18 -34.38 44.57
N ILE A 402 -23.79 -33.28 45.21
CA ILE A 402 -23.19 -32.18 44.45
C ILE A 402 -21.78 -32.55 44.01
N ALA A 403 -20.98 -33.15 44.90
CA ALA A 403 -19.63 -33.56 44.54
C ALA A 403 -19.65 -34.57 43.40
N ASP A 404 -20.56 -35.55 43.46
CA ASP A 404 -20.68 -36.51 42.38
C ASP A 404 -21.08 -35.84 41.08
N ALA A 405 -22.06 -34.93 41.14
CA ALA A 405 -22.51 -34.25 39.94
C ALA A 405 -21.40 -33.38 39.35
N PHE A 406 -20.66 -32.68 40.22
CA PHE A 406 -19.57 -31.84 39.74
C PHE A 406 -18.52 -32.67 39.01
N VAL A 407 -18.02 -33.72 39.64
CA VAL A 407 -16.99 -34.56 39.04
C VAL A 407 -17.51 -35.22 37.77
N GLY A 408 -18.77 -35.66 37.79
CA GLY A 408 -19.34 -36.31 36.62
C GLY A 408 -19.39 -35.44 35.39
N ARG A 409 -19.27 -34.12 35.54
CA ARG A 409 -19.32 -33.23 34.41
C ARG A 409 -17.95 -32.99 33.78
N PHE A 410 -16.90 -33.66 34.27
CA PHE A 410 -15.66 -33.69 33.51
C PHE A 410 -15.85 -34.42 32.18
N HIS A 411 -16.91 -35.20 32.05
CA HIS A 411 -17.25 -35.84 30.80
C HIS A 411 -17.73 -34.84 29.75
N ASP A 412 -18.25 -33.69 30.19
CA ASP A 412 -18.96 -32.75 29.32
C ASP A 412 -18.43 -31.33 29.51
N PRO A 413 -17.50 -30.87 28.68
CA PRO A 413 -16.96 -29.51 28.86
C PRO A 413 -17.99 -28.41 28.70
N VAL A 414 -19.01 -28.60 27.86
CA VAL A 414 -20.05 -27.58 27.73
C VAL A 414 -20.87 -27.50 29.00
N ALA A 415 -21.30 -28.64 29.53
CA ALA A 415 -22.09 -28.65 30.76
C ALA A 415 -21.26 -28.20 31.96
N MET A 416 -19.96 -28.48 31.95
CA MET A 416 -19.10 -28.00 33.03
C MET A 416 -18.92 -26.49 32.96
N TRP A 417 -18.66 -25.96 31.77
CA TRP A 417 -18.48 -24.52 31.61
C TRP A 417 -19.77 -23.76 31.87
N ALA A 418 -20.92 -24.38 31.63
CA ALA A 418 -22.19 -23.75 31.98
C ALA A 418 -22.27 -23.46 33.48
N VAL A 419 -21.64 -24.29 34.31
CA VAL A 419 -21.69 -24.10 35.76
C VAL A 419 -20.64 -23.10 36.21
N LEU A 420 -19.40 -23.25 35.72
CA LEU A 420 -18.26 -22.52 36.27
C LEU A 420 -18.17 -21.07 35.76
N SER A 421 -18.75 -20.76 34.61
CA SER A 421 -18.65 -19.42 34.03
C SER A 421 -19.32 -18.36 34.90
N SER A 422 -20.61 -18.42 35.02
CA SER A 422 -21.38 -17.40 35.70
C SER A 422 -21.77 -17.83 37.11
N PRO A 423 -21.95 -16.88 38.03
CA PRO A 423 -22.47 -17.25 39.35
C PRO A 423 -23.87 -17.83 39.30
N GLU A 424 -24.68 -17.46 38.29
CA GLU A 424 -26.00 -18.07 38.16
C GLU A 424 -25.90 -19.51 37.67
N GLY A 425 -24.82 -19.85 36.96
CA GLY A 425 -24.62 -21.23 36.58
C GLY A 425 -24.38 -22.12 37.78
N VAL A 426 -23.56 -21.65 38.73
CA VAL A 426 -23.35 -22.38 39.98
C VAL A 426 -24.68 -22.54 40.72
N ASP A 427 -25.50 -21.49 40.76
CA ASP A 427 -26.75 -21.55 41.50
C ASP A 427 -27.72 -22.54 40.87
N SER A 428 -27.98 -22.39 39.57
CA SER A 428 -28.89 -23.30 38.88
C SER A 428 -28.37 -24.73 38.91
N PHE A 429 -27.06 -24.92 38.99
CA PHE A 429 -26.51 -26.26 39.14
C PHE A 429 -26.78 -26.81 40.53
N VAL A 430 -26.41 -26.05 41.56
CA VAL A 430 -26.67 -26.45 42.95
C VAL A 430 -28.14 -26.76 43.16
N ARG A 431 -29.04 -25.98 42.56
CA ARG A 431 -30.47 -26.26 42.72
C ARG A 431 -30.83 -27.63 42.14
N SER A 432 -30.35 -27.93 40.93
CA SER A 432 -30.69 -29.22 40.32
C SER A 432 -30.14 -30.39 41.14
N CYS A 433 -28.98 -30.21 41.77
CA CYS A 433 -28.41 -31.26 42.61
C CYS A 433 -29.17 -31.41 43.92
N THR A 434 -29.80 -30.32 44.39
CA THR A 434 -30.53 -30.34 45.65
C THR A 434 -32.03 -30.53 45.46
N GLU A 435 -32.49 -30.72 44.22
CA GLU A 435 -33.91 -30.87 43.91
C GLU A 435 -34.71 -29.67 44.43
N GLY A 436 -34.25 -28.48 44.06
CA GLY A 436 -34.89 -27.25 44.48
C GLY A 436 -34.93 -26.18 43.40
N THR B 30 -33.56 2.82 54.90
CA THR B 30 -32.83 1.64 55.34
C THR B 30 -31.31 1.83 55.22
N GLU B 31 -30.55 0.73 55.22
CA GLU B 31 -29.09 0.80 55.26
C GLU B 31 -28.45 0.79 53.88
N THR B 32 -29.11 0.20 52.89
CA THR B 32 -28.58 0.18 51.52
C THR B 32 -29.09 1.45 50.85
N ASP B 33 -28.20 2.44 50.73
CA ASP B 33 -28.50 3.74 50.12
C ASP B 33 -27.64 3.89 48.88
N ILE B 34 -28.27 4.03 47.71
CA ILE B 34 -27.60 4.03 46.42
C ILE B 34 -27.51 5.45 45.87
N GLY B 35 -26.35 5.78 45.29
CA GLY B 35 -26.18 7.03 44.58
C GLY B 35 -25.92 6.79 43.11
N ILE B 36 -26.77 7.36 42.24
CA ILE B 36 -26.71 7.12 40.80
C ILE B 36 -26.22 8.41 40.11
N ILE B 37 -25.23 8.27 39.24
CA ILE B 37 -24.67 9.39 38.50
C ILE B 37 -25.02 9.21 37.02
N GLY B 38 -25.77 10.14 36.47
CA GLY B 38 -26.14 10.13 35.07
C GLY B 38 -27.64 9.92 34.89
N SER B 39 -28.22 10.62 33.93
CA SER B 39 -29.64 10.54 33.65
C SER B 39 -29.93 9.84 32.33
N GLY B 40 -29.11 8.86 31.96
CA GLY B 40 -29.38 8.03 30.81
C GLY B 40 -30.57 7.11 31.08
N ILE B 41 -30.84 6.23 30.10
CA ILE B 41 -31.92 5.27 30.30
C ILE B 41 -31.58 4.30 31.43
N SER B 42 -30.32 3.87 31.49
CA SER B 42 -29.94 2.93 32.54
C SER B 42 -29.98 3.59 33.91
N GLY B 43 -29.43 4.80 34.03
CA GLY B 43 -29.47 5.50 35.29
C GLY B 43 -30.88 5.80 35.75
N LEU B 44 -31.73 6.27 34.83
CA LEU B 44 -33.09 6.66 35.20
C LEU B 44 -33.95 5.44 35.50
N GLN B 45 -33.80 4.36 34.72
CA GLN B 45 -34.60 3.16 35.01
C GLN B 45 -34.15 2.50 36.29
N LEU B 46 -32.85 2.50 36.57
CA LEU B 46 -32.36 1.97 37.85
C LEU B 46 -32.99 2.70 39.02
N ALA B 47 -33.03 4.04 38.95
CA ALA B 47 -33.63 4.83 40.01
C ALA B 47 -35.10 4.47 40.21
N LEU B 48 -35.84 4.37 39.10
CA LEU B 48 -37.26 4.05 39.18
C LEU B 48 -37.48 2.66 39.77
N ARG B 49 -36.62 1.71 39.42
CA ARG B 49 -36.79 0.33 39.87
C ARG B 49 -36.38 0.17 41.33
N LEU B 50 -35.24 0.75 41.73
CA LEU B 50 -34.86 0.75 43.14
C LEU B 50 -35.95 1.39 44.00
N GLN B 51 -36.50 2.51 43.54
CA GLN B 51 -37.61 3.16 44.23
C GLN B 51 -38.79 2.22 44.38
N GLN B 52 -39.03 1.38 43.36
CA GLN B 52 -40.10 0.38 43.43
C GLN B 52 -39.75 -0.75 44.39
N LEU B 53 -38.47 -1.13 44.48
CA LEU B 53 -38.09 -2.23 45.34
C LEU B 53 -37.95 -1.82 46.81
N GLY B 54 -38.02 -0.52 47.11
CA GLY B 54 -37.89 -0.05 48.47
C GLY B 54 -36.53 0.50 48.83
N VAL B 55 -35.58 0.46 47.90
CA VAL B 55 -34.21 0.90 48.19
C VAL B 55 -34.15 2.43 48.12
N PRO B 56 -33.64 3.09 49.14
CA PRO B 56 -33.43 4.55 49.04
C PRO B 56 -32.41 4.87 47.95
N VAL B 57 -32.72 5.90 47.17
CA VAL B 57 -31.92 6.20 45.98
C VAL B 57 -31.91 7.71 45.76
N THR B 58 -30.74 8.22 45.37
CA THR B 58 -30.57 9.61 44.97
C THR B 58 -29.99 9.65 43.56
N LEU B 59 -30.54 10.51 42.72
CA LEU B 59 -30.10 10.65 41.33
C LEU B 59 -29.34 11.95 41.17
N TYR B 60 -28.08 11.84 40.72
CA TYR B 60 -27.24 12.98 40.43
C TYR B 60 -27.19 13.15 38.92
N SER B 61 -27.97 14.12 38.42
CA SER B 61 -28.07 14.36 36.99
C SER B 61 -27.41 15.69 36.65
N ALA B 62 -26.61 15.68 35.57
CA ALA B 62 -25.99 16.92 35.12
C ALA B 62 -27.00 17.90 34.54
N GLN B 63 -28.14 17.41 34.05
CA GLN B 63 -29.12 18.25 33.38
C GLN B 63 -30.46 18.20 34.08
N THR B 64 -31.25 19.26 33.89
CA THR B 64 -32.62 19.29 34.37
C THR B 64 -33.53 18.53 33.41
N ALA B 65 -34.80 18.41 33.79
CA ALA B 65 -35.77 17.73 32.93
C ALA B 65 -35.98 18.50 31.63
N GLU B 66 -36.13 19.83 31.73
CA GLU B 66 -36.29 20.64 30.52
C GLU B 66 -35.06 20.56 29.63
N GLU B 67 -33.87 20.52 30.24
CA GLU B 67 -32.64 20.40 29.46
C GLU B 67 -32.51 19.05 28.77
N LEU B 68 -33.01 17.99 29.39
CA LEU B 68 -32.98 16.68 28.74
C LEU B 68 -33.89 16.65 27.51
N GLY B 69 -34.91 17.49 27.49
CA GLY B 69 -35.85 17.54 26.38
C GLY B 69 -35.51 18.55 25.31
N SER B 70 -34.30 19.11 25.33
CA SER B 70 -33.83 20.06 24.35
C SER B 70 -32.43 19.67 23.89
N GLY B 71 -31.86 20.50 23.03
CA GLY B 71 -30.54 20.26 22.50
C GLY B 71 -30.53 19.38 21.27
N ARG B 72 -29.35 19.24 20.70
CA ARG B 72 -29.22 18.40 19.52
C ARG B 72 -29.28 16.93 19.91
N PRO B 73 -29.86 16.08 19.07
CA PRO B 73 -29.96 14.66 19.43
C PRO B 73 -28.60 13.98 19.37
N ARG B 74 -28.42 13.00 20.26
CA ARG B 74 -27.17 12.26 20.38
C ARG B 74 -27.23 10.89 19.72
N ASN B 75 -28.38 10.23 19.73
CA ASN B 75 -28.55 8.91 19.15
C ASN B 75 -30.04 8.68 18.96
N PHE B 76 -30.39 7.56 18.33
CA PHE B 76 -31.75 7.29 17.88
C PHE B 76 -32.15 5.86 18.24
N PRO B 77 -32.41 5.61 19.52
CA PRO B 77 -32.58 4.23 20.00
C PRO B 77 -34.01 3.72 19.82
N ALA B 78 -34.12 2.52 19.26
CA ALA B 78 -35.35 1.76 19.26
C ALA B 78 -35.36 0.83 20.46
N ARG B 79 -36.47 0.84 21.21
CA ARG B 79 -36.60 0.02 22.41
C ARG B 79 -37.50 -1.17 22.12
N PHE B 80 -36.95 -2.38 22.26
CA PHE B 80 -37.66 -3.60 21.89
C PHE B 80 -38.57 -4.05 23.02
N ALA B 81 -39.25 -5.18 22.81
CA ALA B 81 -40.30 -5.62 23.73
C ALA B 81 -39.84 -5.81 25.17
N PRO B 82 -38.72 -6.49 25.46
CA PRO B 82 -38.30 -6.58 26.88
C PRO B 82 -38.14 -5.23 27.55
N THR B 83 -37.62 -4.23 26.82
CA THR B 83 -37.47 -2.90 27.40
C THR B 83 -38.82 -2.26 27.65
N GLN B 84 -39.77 -2.44 26.72
CA GLN B 84 -41.11 -1.94 26.95
C GLN B 84 -41.78 -2.63 28.13
N ALA B 85 -41.46 -3.91 28.36
CA ALA B 85 -42.02 -4.62 29.50
C ALA B 85 -41.45 -4.08 30.80
N ARG B 86 -40.13 -3.78 30.82
CA ARG B 86 -39.55 -3.14 31.99
C ARG B 86 -40.21 -1.79 32.26
N GLU B 87 -40.48 -1.02 31.20
CA GLU B 87 -41.17 0.25 31.37
C GLU B 87 -42.59 0.04 31.89
N ASP B 88 -43.24 -1.05 31.47
CA ASP B 88 -44.55 -1.40 32.01
C ASP B 88 -44.48 -1.60 33.51
N SER B 89 -43.54 -2.43 33.98
CA SER B 89 -43.43 -2.70 35.40
C SER B 89 -42.94 -1.47 36.19
N LEU B 90 -42.32 -0.50 35.52
CA LEU B 90 -42.04 0.77 36.16
C LEU B 90 -43.25 1.70 36.13
N GLY B 91 -44.34 1.29 35.48
CA GLY B 91 -45.53 2.11 35.36
C GLY B 91 -45.33 3.37 34.54
N VAL B 92 -44.47 3.34 33.54
CA VAL B 92 -44.16 4.55 32.76
C VAL B 92 -44.37 4.33 31.27
N HIS B 93 -45.10 3.28 30.90
CA HIS B 93 -45.26 3.00 29.48
C HIS B 93 -46.18 4.03 28.83
N ALA B 94 -45.73 4.59 27.72
CA ALA B 94 -46.46 5.63 27.01
C ALA B 94 -46.16 5.48 25.52
N TRP B 95 -46.55 6.49 24.74
CA TRP B 95 -46.33 6.52 23.29
C TRP B 95 -46.83 5.23 22.63
N GLN B 96 -48.01 4.77 23.06
CA GLN B 96 -48.55 3.49 22.63
C GLN B 96 -49.43 3.66 21.39
N PHE B 97 -48.79 4.12 20.31
CA PHE B 97 -49.49 4.35 19.06
C PHE B 97 -48.52 4.17 17.90
N ASP B 98 -49.08 3.92 16.72
CA ASP B 98 -48.31 3.42 15.59
C ASP B 98 -47.28 4.42 15.06
N ASP B 99 -47.46 5.72 15.31
CA ASP B 99 -46.46 6.69 14.88
C ASP B 99 -45.15 6.57 15.64
N ALA B 100 -45.13 5.86 16.76
CA ALA B 100 -43.94 5.71 17.58
C ALA B 100 -43.50 4.25 17.65
N ARG B 101 -43.87 3.48 16.63
CA ARG B 101 -43.51 2.07 16.58
C ARG B 101 -42.98 1.73 15.20
N VAL B 102 -42.12 0.71 15.17
CA VAL B 102 -41.66 0.07 13.95
C VAL B 102 -42.23 -1.34 13.94
N HIS B 103 -43.00 -1.66 12.90
CA HIS B 103 -43.73 -2.93 12.85
C HIS B 103 -43.09 -3.96 11.93
N SER B 104 -42.15 -3.54 11.08
CA SER B 104 -41.54 -4.46 10.13
C SER B 104 -40.19 -3.91 9.72
N CYS B 105 -39.29 -4.81 9.34
CA CYS B 105 -37.94 -4.44 8.94
C CYS B 105 -37.65 -5.04 7.57
N ALA B 106 -37.15 -4.20 6.66
CA ALA B 106 -36.85 -4.61 5.29
C ALA B 106 -35.35 -4.51 5.07
N ILE B 107 -34.72 -5.65 4.78
CA ILE B 107 -33.27 -5.77 4.69
C ILE B 107 -32.88 -6.04 3.25
N THR B 108 -31.91 -5.28 2.76
CA THR B 108 -31.34 -5.48 1.42
C THR B 108 -29.84 -5.63 1.57
N ILE B 109 -29.32 -6.75 1.07
CA ILE B 109 -27.91 -7.08 1.15
C ILE B 109 -27.35 -7.01 -0.25
N HIS B 110 -26.51 -6.00 -0.50
CA HIS B 110 -25.98 -5.75 -1.84
C HIS B 110 -24.72 -6.57 -2.07
N GLY B 111 -24.76 -7.48 -3.04
CA GLY B 111 -23.54 -8.19 -3.41
C GLY B 111 -23.05 -7.79 -4.78
N GLU B 112 -22.42 -8.74 -5.47
CA GLU B 112 -22.13 -8.59 -6.89
C GLU B 112 -23.21 -9.22 -7.74
N GLY B 113 -23.84 -10.27 -7.23
CA GLY B 113 -25.02 -10.84 -7.83
C GLY B 113 -26.22 -9.97 -7.52
N ALA B 114 -27.39 -10.60 -7.58
CA ALA B 114 -28.62 -9.89 -7.24
C ALA B 114 -28.62 -9.50 -5.77
N PRO B 115 -29.16 -8.35 -5.42
CA PRO B 115 -29.23 -7.97 -4.01
C PRO B 115 -30.19 -8.90 -3.29
N LEU B 116 -29.79 -9.36 -2.11
CA LEU B 116 -30.67 -10.18 -1.29
C LEU B 116 -31.72 -9.30 -0.63
N GLU B 117 -32.99 -9.63 -0.84
CA GLU B 117 -34.08 -8.83 -0.29
C GLU B 117 -35.09 -9.72 0.41
N PHE B 118 -35.37 -9.37 1.67
CA PHE B 118 -36.43 -9.98 2.44
C PHE B 118 -36.90 -8.95 3.47
N ALA B 119 -38.14 -9.11 3.91
CA ALA B 119 -38.70 -8.25 4.95
C ALA B 119 -39.50 -9.11 5.91
N GLY B 120 -39.34 -8.85 7.19
CA GLY B 120 -40.05 -9.60 8.21
C GLY B 120 -40.74 -8.66 9.19
N ALA B 121 -41.76 -9.19 9.85
CA ALA B 121 -42.54 -8.41 10.79
C ALA B 121 -41.83 -8.31 12.13
N LEU B 122 -42.00 -7.15 12.78
CA LEU B 122 -41.57 -6.94 14.16
C LEU B 122 -42.80 -7.12 15.03
N ALA B 123 -42.90 -8.28 15.67
CA ALA B 123 -44.03 -8.60 16.52
C ALA B 123 -43.51 -9.07 17.87
N PRO B 124 -43.77 -8.32 18.95
CA PRO B 124 -44.42 -7.00 19.00
C PRO B 124 -43.56 -5.92 18.34
N PRO B 125 -44.11 -4.75 18.10
CA PRO B 125 -43.30 -3.65 17.52
C PRO B 125 -42.27 -3.14 18.52
N SER B 126 -41.26 -2.45 17.98
CA SER B 126 -40.31 -1.71 18.79
C SER B 126 -40.73 -0.26 18.90
N SER B 127 -40.33 0.38 19.99
CA SER B 127 -40.73 1.75 20.29
C SER B 127 -39.63 2.70 19.82
N VAL B 128 -40.00 3.64 18.96
CA VAL B 128 -39.05 4.62 18.42
C VAL B 128 -39.43 6.02 18.88
N VAL B 129 -39.03 6.39 20.08
CA VAL B 129 -39.35 7.67 20.68
C VAL B 129 -38.06 8.43 20.91
N ASP B 130 -38.03 9.68 20.44
CA ASP B 130 -36.88 10.55 20.67
C ASP B 130 -36.55 10.61 22.15
N PHE B 131 -35.28 10.40 22.47
CA PHE B 131 -34.89 10.39 23.89
C PHE B 131 -35.00 11.76 24.54
N ARG B 132 -35.18 12.83 23.75
CA ARG B 132 -35.57 14.11 24.34
C ARG B 132 -37.03 14.12 24.76
N LEU B 133 -37.81 13.13 24.33
CA LEU B 133 -39.13 12.85 24.88
C LEU B 133 -39.09 11.79 25.97
N TYR B 134 -38.19 10.81 25.83
CA TYR B 134 -38.20 9.63 26.68
C TYR B 134 -37.57 9.92 28.05
N LEU B 135 -36.33 10.41 28.05
CA LEU B 135 -35.63 10.63 29.31
C LEU B 135 -36.33 11.61 30.24
N PRO B 136 -36.84 12.77 29.79
CA PRO B 136 -37.61 13.62 30.70
C PRO B 136 -38.81 12.92 31.29
N HIS B 137 -39.49 12.09 30.49
CA HIS B 137 -40.62 11.30 31.00
C HIS B 137 -40.23 10.50 32.23
N LEU B 138 -39.08 9.81 32.16
CA LEU B 138 -38.63 9.00 33.29
C LEU B 138 -38.19 9.85 34.46
N LEU B 139 -37.30 10.82 34.21
CA LEU B 139 -36.77 11.67 35.26
C LEU B 139 -37.89 12.37 36.03
N THR B 140 -38.86 12.91 35.30
CA THR B 140 -40.01 13.56 35.94
C THR B 140 -40.77 12.60 36.84
N GLU B 141 -40.97 11.36 36.39
CA GLU B 141 -41.76 10.41 37.17
C GLU B 141 -41.02 9.99 38.44
N PHE B 142 -39.70 9.86 38.36
CA PHE B 142 -38.91 9.58 39.56
C PHE B 142 -39.10 10.68 40.58
N ALA B 143 -38.94 11.93 40.16
CA ALA B 143 -39.14 13.05 41.07
C ALA B 143 -40.55 13.07 41.63
N ARG B 144 -41.56 12.85 40.77
CA ARG B 144 -42.94 12.96 41.24
C ARG B 144 -43.29 11.87 42.24
N ARG B 145 -42.64 10.72 42.17
CA ARG B 145 -42.86 9.67 43.14
C ARG B 145 -42.07 9.90 44.42
N GLY B 146 -41.44 11.05 44.57
CA GLY B 146 -40.65 11.37 45.74
C GLY B 146 -39.17 11.12 45.59
N GLY B 147 -38.72 10.68 44.42
CA GLY B 147 -37.30 10.39 44.24
C GLY B 147 -36.47 11.64 44.44
N ASN B 148 -35.30 11.45 45.06
CA ASN B 148 -34.40 12.55 45.38
C ASN B 148 -33.46 12.79 44.21
N VAL B 149 -33.55 13.99 43.61
CA VAL B 149 -32.77 14.36 42.44
C VAL B 149 -31.95 15.60 42.76
N ARG B 150 -30.65 15.52 42.54
CA ARG B 150 -29.73 16.63 42.78
C ARG B 150 -29.08 16.98 41.45
N ILE B 151 -29.40 18.16 40.93
CA ILE B 151 -29.02 18.56 39.58
C ILE B 151 -27.76 19.42 39.65
N GLY B 152 -26.77 19.12 38.80
CA GLY B 152 -25.57 19.90 38.74
C GLY B 152 -24.31 19.06 38.65
N PRO B 153 -23.15 19.72 38.55
CA PRO B 153 -21.89 18.99 38.46
C PRO B 153 -21.67 18.10 39.67
N VAL B 154 -20.95 17.02 39.44
CA VAL B 154 -20.82 15.92 40.41
C VAL B 154 -19.35 15.73 40.75
N VAL B 155 -19.08 15.55 42.04
CA VAL B 155 -17.76 15.13 42.52
C VAL B 155 -17.91 13.71 43.06
N VAL B 156 -17.22 12.77 42.44
CA VAL B 156 -17.40 11.35 42.73
C VAL B 156 -17.22 11.07 44.22
N ASP B 157 -16.14 11.62 44.81
CA ASP B 157 -15.87 11.34 46.22
C ASP B 157 -16.93 11.94 47.13
N GLU B 158 -17.60 13.01 46.69
CA GLU B 158 -18.70 13.55 47.47
C GLU B 158 -19.92 12.64 47.42
N VAL B 159 -20.20 12.05 46.26
CA VAL B 159 -21.27 11.07 46.17
C VAL B 159 -20.94 9.85 47.01
N ALA B 160 -19.67 9.45 47.02
CA ALA B 160 -19.25 8.29 47.80
C ALA B 160 -19.39 8.53 49.30
N ARG B 161 -19.21 9.78 49.73
CA ARG B 161 -19.41 10.12 51.15
C ARG B 161 -20.84 9.94 51.60
N ARG B 162 -21.80 9.97 50.67
CA ARG B 162 -23.21 10.04 51.01
C ARG B 162 -23.96 8.74 50.82
N HIS B 163 -23.32 7.69 50.30
CA HIS B 163 -24.03 6.47 49.97
C HIS B 163 -23.13 5.26 50.21
N ASP B 164 -23.78 4.10 50.32
CA ASP B 164 -23.07 2.84 50.50
C ASP B 164 -22.53 2.27 49.20
N LEU B 165 -23.06 2.72 48.06
CA LEU B 165 -22.64 2.24 46.76
C LEU B 165 -22.96 3.31 45.72
N VAL B 166 -22.02 3.53 44.80
CA VAL B 166 -22.17 4.50 43.72
C VAL B 166 -22.33 3.74 42.41
N VAL B 167 -23.35 4.11 41.63
CA VAL B 167 -23.57 3.57 40.30
C VAL B 167 -23.37 4.68 39.29
N VAL B 168 -22.36 4.53 38.43
CA VAL B 168 -22.10 5.50 37.37
C VAL B 168 -22.78 5.02 36.10
N ALA B 169 -23.61 5.89 35.52
CA ALA B 169 -24.31 5.59 34.27
C ALA B 169 -24.46 6.86 33.45
N ASN B 170 -23.39 7.64 33.38
CA ASN B 170 -23.40 8.91 32.66
C ASN B 170 -23.24 8.69 31.15
N MET B 175 -13.99 9.48 33.90
CA MET B 175 -14.47 8.24 34.47
C MET B 175 -13.57 7.08 34.05
N ARG B 176 -12.88 7.28 32.92
CA ARG B 176 -11.72 6.50 32.52
C ARG B 176 -10.82 6.28 33.74
N GLU B 177 -10.91 7.25 34.66
CA GLU B 177 -10.19 7.19 35.92
C GLU B 177 -10.71 6.03 36.75
N LEU B 178 -12.03 5.87 36.84
CA LEU B 178 -12.63 4.81 37.62
C LEU B 178 -12.70 3.48 36.89
N PHE B 179 -13.09 3.48 35.60
CA PHE B 179 -13.39 2.24 34.89
C PHE B 179 -12.47 2.10 33.68
N PRO B 180 -11.31 1.47 33.83
CA PRO B 180 -10.38 1.33 32.71
C PRO B 180 -10.89 0.34 31.67
N ARG B 181 -10.38 0.49 30.45
CA ARG B 181 -10.74 -0.37 29.34
C ARG B 181 -10.18 -1.78 29.52
N ASP B 182 -11.07 -2.78 29.47
CA ASP B 182 -10.68 -4.18 29.57
C ASP B 182 -10.28 -4.70 28.20
N PRO B 183 -8.99 -4.95 27.94
CA PRO B 183 -8.57 -5.28 26.57
C PRO B 183 -9.04 -6.64 26.09
N GLU B 184 -9.33 -7.58 27.01
CA GLU B 184 -9.82 -8.90 26.61
C GLU B 184 -11.29 -8.89 26.20
N ARG B 185 -12.00 -7.79 26.40
CA ARG B 185 -13.37 -7.65 25.95
C ARG B 185 -13.54 -6.46 25.02
N SER B 186 -12.43 -5.78 24.68
CA SER B 186 -12.43 -4.62 23.79
C SER B 186 -11.54 -4.96 22.60
N PRO B 187 -12.02 -5.75 21.65
CA PRO B 187 -11.18 -6.11 20.50
C PRO B 187 -10.88 -4.93 19.59
N HIS B 188 -11.58 -3.82 19.72
CA HIS B 188 -11.35 -2.64 18.90
C HIS B 188 -10.76 -1.50 19.73
N THR B 189 -9.99 -0.66 19.05
CA THR B 189 -9.38 0.53 19.64
C THR B 189 -9.64 1.79 18.84
N THR B 190 -10.19 1.69 17.65
CA THR B 190 -10.57 2.80 16.79
C THR B 190 -12.00 2.58 16.33
N PRO B 191 -12.69 3.64 15.91
CA PRO B 191 -14.08 3.47 15.44
C PRO B 191 -14.17 2.50 14.27
N GLN B 192 -15.15 1.60 14.33
CA GLN B 192 -15.40 0.69 13.22
C GLN B 192 -16.41 1.23 12.23
N ARG B 193 -17.15 2.26 12.60
CA ARG B 193 -18.03 2.98 11.69
C ARG B 193 -17.99 4.45 12.04
N ILE B 194 -18.11 5.29 11.01
CA ILE B 194 -18.30 6.72 11.20
C ILE B 194 -19.76 7.03 10.90
N LEU B 195 -20.43 7.70 11.83
CA LEU B 195 -21.88 7.82 11.80
C LEU B 195 -22.30 9.18 11.27
N CYS B 196 -23.36 9.19 10.46
CA CYS B 196 -24.08 10.40 10.09
C CYS B 196 -25.56 10.07 10.13
N SER B 197 -26.25 10.57 11.15
CA SER B 197 -27.64 10.20 11.38
C SER B 197 -28.42 11.44 11.80
N GLY B 198 -29.62 11.59 11.28
CA GLY B 198 -30.46 12.73 11.59
C GLY B 198 -31.90 12.48 11.24
N PHE B 199 -32.75 13.42 11.63
CA PHE B 199 -34.17 13.37 11.31
C PHE B 199 -34.42 14.10 9.99
N TYR B 200 -35.16 13.47 9.09
CA TYR B 200 -35.46 14.09 7.81
C TYR B 200 -36.96 14.04 7.54
N HIS B 201 -37.43 15.04 6.79
CA HIS B 201 -38.74 15.01 6.15
C HIS B 201 -38.58 14.75 4.67
N GLY B 202 -39.68 14.39 4.03
CA GLY B 202 -39.68 14.27 2.59
C GLY B 202 -39.22 12.92 2.08
N ILE B 203 -39.69 11.85 2.72
CA ILE B 203 -39.51 10.52 2.20
C ILE B 203 -40.87 9.84 2.17
N ARG B 204 -41.27 9.43 0.97
CA ARG B 204 -42.52 8.73 0.77
C ARG B 204 -42.43 7.30 1.26
N GLU B 205 -43.61 6.73 1.46
CA GLU B 205 -43.73 5.55 2.27
C GLU B 205 -44.39 4.40 1.54
N ASP B 206 -43.66 3.30 1.40
CA ASP B 206 -44.29 2.11 0.87
C ASP B 206 -45.13 1.40 1.93
N VAL B 207 -44.46 0.78 2.89
CA VAL B 207 -45.09 0.04 3.99
C VAL B 207 -45.05 0.92 5.24
N PRO B 208 -46.17 1.11 5.95
CA PRO B 208 -46.15 1.91 7.19
C PRO B 208 -45.31 1.29 8.30
N HIS B 209 -44.51 2.17 8.96
CA HIS B 209 -43.74 1.83 10.19
C HIS B 209 -42.75 0.70 9.92
N GLU B 210 -42.14 0.75 8.73
CA GLU B 210 -41.20 -0.26 8.27
C GLU B 210 -39.78 0.32 8.19
N LEU B 211 -38.85 -0.42 8.77
CA LEU B 211 -37.44 -0.08 8.79
C LEU B 211 -36.74 -0.60 7.55
N ASP B 212 -35.87 0.23 6.98
CA ASP B 212 -35.11 -0.12 5.80
C ASP B 212 -33.63 -0.15 6.17
N ILE B 213 -32.98 -1.28 5.94
CA ILE B 213 -31.54 -1.43 6.14
C ILE B 213 -30.92 -1.92 4.84
N HIS B 214 -29.91 -1.19 4.35
CA HIS B 214 -29.15 -1.58 3.17
C HIS B 214 -27.71 -1.87 3.59
N PHE B 215 -27.28 -3.11 3.44
CA PHE B 215 -25.91 -3.52 3.76
C PHE B 215 -25.03 -3.39 2.50
N LEU B 216 -24.00 -2.55 2.60
CA LEU B 216 -23.04 -2.32 1.51
C LEU B 216 -21.68 -2.85 1.92
N PRO B 217 -21.34 -4.09 1.56
CA PRO B 217 -20.11 -4.72 2.05
C PRO B 217 -18.86 -3.90 1.79
N GLY B 218 -18.00 -3.81 2.80
CA GLY B 218 -16.79 -3.01 2.73
C GLY B 218 -17.01 -1.52 2.63
N ILE B 219 -18.26 -1.07 2.59
CA ILE B 219 -18.60 0.34 2.46
C ILE B 219 -19.29 0.86 3.71
N GLY B 220 -20.26 0.10 4.23
CA GLY B 220 -20.98 0.48 5.42
C GLY B 220 -22.43 0.06 5.35
N GLU B 221 -23.31 0.80 6.05
CA GLU B 221 -24.73 0.48 6.08
C GLU B 221 -25.55 1.77 5.99
N ILE B 222 -26.70 1.67 5.34
CA ILE B 222 -27.65 2.76 5.22
C ILE B 222 -28.98 2.31 5.83
N LEU B 223 -29.55 3.16 6.70
CA LEU B 223 -30.77 2.85 7.41
C LEU B 223 -31.79 3.97 7.25
N ARG B 224 -33.07 3.60 7.12
CA ARG B 224 -34.19 4.54 7.09
C ARG B 224 -35.18 4.08 8.16
N ILE B 225 -35.34 4.87 9.22
CA ILE B 225 -36.11 4.46 10.38
C ILE B 225 -37.28 5.42 10.59
N PRO B 226 -38.53 4.96 10.57
CA PRO B 226 -39.62 5.80 11.06
C PRO B 226 -39.40 6.08 12.55
N PHE B 227 -39.74 7.29 12.97
CA PHE B 227 -39.37 7.70 14.32
C PHE B 227 -40.30 8.81 14.79
N LEU B 228 -40.64 8.79 16.07
CA LEU B 228 -41.33 9.89 16.71
C LEU B 228 -40.29 10.79 17.36
N SER B 229 -40.05 11.95 16.75
CA SER B 229 -39.13 12.94 17.28
C SER B 229 -39.93 14.02 18.01
N ARG B 230 -39.20 14.86 18.76
CA ARG B 230 -39.89 15.95 19.45
C ARG B 230 -40.61 16.87 18.49
N LEU B 231 -40.12 16.97 17.25
CA LEU B 231 -40.75 17.80 16.23
C LEU B 231 -41.71 17.00 15.35
N GLY B 232 -42.24 15.89 15.87
CA GLY B 232 -43.22 15.10 15.18
C GLY B 232 -42.62 13.88 14.51
N PRO B 233 -43.45 13.09 13.84
CA PRO B 233 -42.94 11.93 13.11
C PRO B 233 -41.95 12.38 12.04
N ALA B 234 -40.91 11.57 11.85
CA ALA B 234 -39.81 11.93 10.96
C ALA B 234 -39.12 10.65 10.51
N HIS B 235 -38.11 10.82 9.67
CA HIS B 235 -37.32 9.71 9.16
C HIS B 235 -35.90 9.84 9.70
N VAL B 236 -35.41 8.77 10.32
CA VAL B 236 -34.00 8.68 10.68
C VAL B 236 -33.26 8.07 9.51
N LEU B 237 -32.37 8.84 8.91
CA LEU B 237 -31.52 8.38 7.82
C LEU B 237 -30.12 8.22 8.41
N ALA B 238 -29.63 6.98 8.43
CA ALA B 238 -28.40 6.65 9.13
C ALA B 238 -27.36 6.12 8.17
N PHE B 239 -26.22 6.81 8.10
CA PHE B 239 -25.03 6.35 7.39
C PHE B 239 -24.06 5.80 8.41
N GLU B 240 -23.88 4.49 8.42
CA GLU B 240 -22.84 3.84 9.22
C GLU B 240 -21.71 3.52 8.27
N ALA B 241 -20.70 4.37 8.23
CA ALA B 241 -19.67 4.34 7.19
C ALA B 241 -18.44 3.57 7.67
N VAL B 242 -18.05 2.56 6.91
CA VAL B 242 -16.72 1.98 7.13
C VAL B 242 -15.68 3.08 6.92
N PRO B 243 -14.75 3.28 7.86
CA PRO B 243 -13.84 4.42 7.76
C PRO B 243 -13.01 4.40 6.48
N GLY B 244 -12.78 5.60 5.93
CA GLY B 244 -12.08 5.77 4.68
C GLY B 244 -12.91 5.53 3.44
N GLY B 245 -14.07 4.89 3.59
CA GLY B 245 -14.91 4.60 2.45
C GLY B 245 -15.69 5.80 1.97
N PRO B 246 -16.54 5.56 0.96
CA PRO B 246 -17.30 6.67 0.36
C PRO B 246 -18.46 7.16 1.19
N LEU B 247 -18.99 6.35 2.12
CA LEU B 247 -20.10 6.81 2.94
C LEU B 247 -19.65 7.74 4.07
N GLU B 248 -18.34 7.92 4.25
CA GLU B 248 -17.86 8.77 5.33
C GLU B 248 -18.15 10.25 5.09
N ALA B 249 -18.36 10.64 3.83
CA ALA B 249 -18.47 12.02 3.40
C ALA B 249 -19.41 12.87 4.27
N PRO B 250 -20.69 12.51 4.43
CA PRO B 250 -21.59 13.42 5.16
C PRO B 250 -21.21 13.61 6.63
N ALA B 251 -20.48 12.66 7.22
CA ALA B 251 -20.07 12.78 8.61
C ALA B 251 -19.10 13.94 8.85
N HIS B 252 -18.52 14.51 7.79
CA HIS B 252 -17.57 15.60 7.93
C HIS B 252 -18.09 16.94 7.41
N LEU B 253 -19.29 16.97 6.84
CA LEU B 253 -19.87 18.21 6.33
C LEU B 253 -20.58 18.97 7.45
N ASP B 254 -20.34 20.29 7.48
CA ASP B 254 -21.08 21.18 8.37
C ASP B 254 -22.42 21.45 7.72
N ALA B 255 -23.42 20.66 8.11
CA ALA B 255 -24.76 20.78 7.53
C ALA B 255 -25.41 22.12 7.84
N ALA B 256 -24.92 22.84 8.86
CA ALA B 256 -25.44 24.17 9.12
C ALA B 256 -24.90 25.19 8.14
N ALA B 257 -23.59 25.14 7.88
CA ALA B 257 -22.98 26.11 6.97
C ALA B 257 -23.50 25.95 5.54
N ASP B 258 -23.68 24.70 5.10
CA ASP B 258 -24.08 24.40 3.72
C ASP B 258 -25.22 23.37 3.78
N PRO B 259 -26.43 23.82 4.10
CA PRO B 259 -27.57 22.88 4.10
C PRO B 259 -27.78 22.19 2.77
N ALA B 260 -27.80 22.96 1.68
CA ALA B 260 -28.06 22.37 0.36
C ALA B 260 -26.98 21.37 -0.02
N GLY B 261 -25.72 21.67 0.28
CA GLY B 261 -24.64 20.76 -0.08
C GLY B 261 -24.69 19.45 0.69
N PHE B 262 -24.96 19.54 2.00
CA PHE B 262 -25.12 18.33 2.82
C PHE B 262 -26.25 17.47 2.27
N HIS B 263 -27.42 18.08 2.06
CA HIS B 263 -28.58 17.37 1.51
C HIS B 263 -28.26 16.76 0.15
N ARG B 264 -27.52 17.49 -0.67
CA ARG B 264 -27.15 16.98 -1.98
C ARG B 264 -26.25 15.76 -1.86
N GLU B 265 -25.29 15.79 -0.93
CA GLU B 265 -24.38 14.67 -0.75
C GLU B 265 -25.10 13.44 -0.21
N VAL B 266 -26.06 13.64 0.68
CA VAL B 266 -26.84 12.52 1.20
C VAL B 266 -27.62 11.85 0.07
N LEU B 267 -28.27 12.65 -0.78
CA LEU B 267 -29.04 12.09 -1.88
C LEU B 267 -28.15 11.39 -2.91
N ARG B 268 -26.95 11.90 -3.13
CA ARG B 268 -26.03 11.26 -4.06
C ARG B 268 -25.68 9.84 -3.59
N LEU B 269 -25.39 9.68 -2.29
CA LEU B 269 -25.05 8.36 -1.77
C LEU B 269 -26.26 7.44 -1.77
N LEU B 270 -27.45 7.97 -1.48
CA LEU B 270 -28.67 7.16 -1.58
C LEU B 270 -28.88 6.65 -2.99
N ALA B 271 -28.69 7.51 -3.99
CA ALA B 271 -28.81 7.07 -5.37
C ALA B 271 -27.74 6.03 -5.71
N ALA B 272 -26.52 6.24 -5.22
CA ALA B 272 -25.42 5.35 -5.54
C ALA B 272 -25.59 3.98 -4.90
N TYR B 273 -26.05 3.92 -3.65
CA TYR B 273 -25.97 2.68 -2.88
C TYR B 273 -27.31 2.09 -2.43
N ALA B 274 -28.36 2.91 -2.33
CA ALA B 274 -29.68 2.41 -1.96
C ALA B 274 -30.71 3.07 -2.86
N PRO B 275 -30.71 2.73 -4.15
CA PRO B 275 -31.58 3.45 -5.09
C PRO B 275 -33.05 3.32 -4.77
N SER B 276 -33.48 2.17 -4.25
CA SER B 276 -34.86 2.01 -3.82
C SER B 276 -35.24 3.02 -2.75
N LEU B 277 -34.27 3.50 -1.98
CA LEU B 277 -34.53 4.55 -1.00
C LEU B 277 -34.52 5.94 -1.65
N ARG B 278 -33.55 6.19 -2.54
CA ARG B 278 -33.46 7.48 -3.22
C ARG B 278 -34.71 7.78 -4.03
N GLU B 279 -35.35 6.74 -4.58
CA GLU B 279 -36.55 6.90 -5.39
C GLU B 279 -37.74 7.41 -4.59
N ARG B 280 -37.70 7.33 -3.25
CA ARG B 280 -38.79 7.79 -2.40
C ARG B 280 -38.59 9.23 -1.92
N VAL B 281 -37.59 9.92 -2.44
CA VAL B 281 -37.24 11.26 -1.97
C VAL B 281 -38.02 12.30 -2.76
N ASP B 282 -38.98 12.94 -2.12
CA ASP B 282 -39.57 14.17 -2.63
C ASP B 282 -38.57 15.29 -2.42
N THR B 283 -37.84 15.66 -3.48
CA THR B 283 -36.74 16.60 -3.32
C THR B 283 -37.21 18.00 -2.94
N ALA B 284 -38.49 18.32 -3.16
CA ALA B 284 -39.02 19.60 -2.72
C ALA B 284 -39.08 19.72 -1.20
N ARG B 285 -39.51 18.65 -0.52
CA ARG B 285 -39.69 18.67 0.92
C ARG B 285 -38.55 18.01 1.68
N PHE B 286 -37.56 17.48 0.98
CA PHE B 286 -36.54 16.69 1.63
C PHE B 286 -35.63 17.58 2.47
N GLY B 287 -35.23 17.09 3.62
CA GLY B 287 -34.29 17.82 4.43
C GLY B 287 -34.40 17.49 5.91
N LEU B 288 -33.36 17.90 6.64
CA LEU B 288 -33.40 17.79 8.09
C LEU B 288 -34.60 18.55 8.61
N VAL B 289 -35.31 17.94 9.56
CA VAL B 289 -36.58 18.50 10.01
C VAL B 289 -36.38 19.84 10.67
N ALA B 290 -35.15 20.16 11.08
CA ALA B 290 -34.80 21.42 11.70
C ALA B 290 -33.27 21.51 11.78
N PRO B 291 -32.73 22.71 11.93
CA PRO B 291 -31.27 22.83 12.07
C PRO B 291 -30.78 22.14 13.34
N GLY B 292 -29.72 21.36 13.20
CA GLY B 292 -29.11 20.66 14.31
C GLY B 292 -29.59 19.25 14.52
N GLU B 293 -30.73 18.87 13.95
CA GLU B 293 -31.29 17.55 14.20
C GLU B 293 -30.47 16.50 13.45
N LEU B 294 -29.23 16.30 13.90
CA LEU B 294 -28.24 15.54 13.17
C LEU B 294 -27.09 15.19 14.11
N ALA B 295 -26.55 13.98 13.97
CA ALA B 295 -25.43 13.52 14.78
C ALA B 295 -24.33 12.97 13.87
N GLN B 296 -23.11 13.44 14.06
CA GLN B 296 -21.99 13.06 13.22
C GLN B 296 -20.79 12.71 14.10
N GLY B 297 -20.14 11.60 13.78
CA GLY B 297 -18.97 11.16 14.52
C GLY B 297 -18.80 9.66 14.39
N GLY B 298 -17.82 9.15 15.13
CA GLY B 298 -17.56 7.73 15.17
C GLY B 298 -17.65 7.13 16.55
N VAL B 299 -17.82 5.82 16.64
CA VAL B 299 -17.98 5.11 17.91
C VAL B 299 -16.95 4.00 17.97
N THR B 300 -16.15 3.98 19.05
CA THR B 300 -15.16 2.94 19.28
C THR B 300 -15.71 1.92 20.25
N PRO B 301 -16.04 0.72 19.81
CA PRO B 301 -16.57 -0.30 20.73
C PRO B 301 -15.59 -0.60 21.86
N THR B 302 -16.03 -0.37 23.09
CA THR B 302 -15.21 -0.54 24.27
C THR B 302 -16.02 -1.16 25.40
N VAL B 303 -15.44 -2.17 26.06
CA VAL B 303 -15.95 -2.72 27.31
C VAL B 303 -14.96 -2.35 28.40
N ARG B 304 -15.45 -1.66 29.43
CA ARG B 304 -14.62 -1.22 30.55
C ARG B 304 -14.81 -2.14 31.75
N ARG B 305 -13.95 -1.97 32.76
CA ARG B 305 -14.08 -2.79 33.96
C ARG B 305 -15.30 -2.35 34.74
N GLY B 306 -16.17 -3.30 35.10
CA GLY B 306 -17.49 -2.97 35.59
C GLY B 306 -17.54 -2.36 36.98
N TRP B 307 -16.43 -2.35 37.72
CA TRP B 307 -16.49 -1.90 39.09
C TRP B 307 -15.20 -1.15 39.43
N ALA B 308 -15.22 -0.47 40.58
CA ALA B 308 -14.10 0.33 41.04
C ALA B 308 -14.30 0.65 42.52
N ARG B 309 -13.21 0.56 43.28
CA ARG B 309 -13.22 0.95 44.69
C ARG B 309 -12.73 2.39 44.81
N LEU B 310 -13.57 3.26 45.39
CA LEU B 310 -13.23 4.67 45.48
C LEU B 310 -12.32 4.93 46.68
N ALA B 311 -11.96 6.19 46.87
CA ALA B 311 -10.96 6.57 47.87
C ALA B 311 -11.34 6.11 49.27
N ASP B 312 -12.52 6.52 49.75
CA ASP B 312 -12.92 6.20 51.11
C ASP B 312 -13.39 4.75 51.26
N GLY B 313 -13.23 3.91 50.23
CA GLY B 313 -13.62 2.53 50.31
C GLY B 313 -15.02 2.22 49.82
N THR B 314 -15.82 3.25 49.54
CA THR B 314 -17.11 3.02 48.89
C THR B 314 -16.88 2.46 47.49
N CYS B 315 -17.58 1.38 47.17
CA CYS B 315 -17.39 0.79 45.86
C CYS B 315 -18.29 1.46 44.82
N ALA B 316 -17.94 1.27 43.55
CA ALA B 316 -18.65 1.91 42.46
C ALA B 316 -18.86 0.92 41.33
N LEU B 317 -20.08 0.83 40.85
CA LEU B 317 -20.42 -0.02 39.72
C LEU B 317 -20.72 0.85 38.51
N ALA B 318 -20.43 0.31 37.32
CA ALA B 318 -20.70 1.01 36.06
C ALA B 318 -21.73 0.24 35.26
N ILE B 319 -22.76 0.94 34.79
CA ILE B 319 -23.76 0.40 33.89
C ILE B 319 -23.96 1.38 32.75
N GLY B 320 -24.70 0.93 31.73
CA GLY B 320 -25.03 1.80 30.61
C GLY B 320 -23.79 2.07 29.76
N ASP B 321 -23.71 3.28 29.23
CA ASP B 321 -22.57 3.63 28.40
C ASP B 321 -21.30 3.84 29.22
N ALA B 322 -21.43 4.14 30.52
CA ALA B 322 -20.25 4.21 31.37
C ALA B 322 -19.52 2.87 31.42
N TRP B 323 -20.26 1.77 31.27
CA TRP B 323 -19.69 0.43 31.29
C TRP B 323 -19.30 -0.03 29.88
N ILE B 324 -20.27 -0.10 28.97
CA ILE B 324 -20.07 -0.68 27.65
C ILE B 324 -20.50 0.30 26.57
N THR B 325 -19.68 0.40 25.52
CA THR B 325 -19.99 1.19 24.34
C THR B 325 -20.07 0.25 23.14
N ASN B 326 -21.24 0.20 22.50
CA ASN B 326 -21.44 -0.60 21.31
C ASN B 326 -21.67 0.27 20.10
N ASP B 327 -21.42 -0.31 18.93
CA ASP B 327 -21.80 0.36 17.70
C ASP B 327 -23.32 0.32 17.57
N PRO B 328 -23.96 1.44 17.24
CA PRO B 328 -25.44 1.48 17.27
C PRO B 328 -26.12 0.62 16.22
N LEU B 329 -25.37 -0.06 15.35
CA LEU B 329 -25.95 -0.74 14.20
C LEU B 329 -27.05 -1.71 14.61
N THR B 330 -26.78 -2.55 15.61
CA THR B 330 -27.75 -3.54 16.04
C THR B 330 -28.86 -2.97 16.92
N ALA B 331 -28.76 -1.70 17.30
CA ALA B 331 -29.78 -1.01 18.10
C ALA B 331 -29.99 -1.68 19.45
N GLN B 332 -28.95 -2.30 19.99
CA GLN B 332 -29.03 -3.01 21.25
C GLN B 332 -28.56 -2.20 22.44
N GLY B 333 -27.93 -1.05 22.21
CA GLY B 333 -27.37 -0.23 23.26
C GLY B 333 -28.33 0.15 24.37
N ALA B 334 -29.38 0.91 24.02
CA ALA B 334 -30.33 1.36 25.02
C ALA B 334 -31.03 0.20 25.71
N ASN B 335 -31.25 -0.90 24.99
CA ASN B 335 -31.92 -2.06 25.60
C ASN B 335 -31.02 -2.73 26.63
N LEU B 336 -29.73 -2.87 26.33
CA LEU B 336 -28.81 -3.46 27.29
C LEU B 336 -28.77 -2.68 28.60
N GLY B 337 -28.71 -1.35 28.51
CA GLY B 337 -28.75 -0.53 29.70
C GLY B 337 -30.02 -0.69 30.49
N SER B 338 -31.15 -0.88 29.80
CA SER B 338 -32.41 -1.10 30.51
C SER B 338 -32.43 -2.47 31.17
N HIS B 339 -31.84 -3.48 30.51
CA HIS B 339 -31.78 -4.81 31.09
C HIS B 339 -30.84 -4.85 32.30
N THR B 340 -29.63 -4.29 32.14
CA THR B 340 -28.67 -4.32 33.23
C THR B 340 -29.13 -3.49 34.42
N ALA B 341 -29.97 -2.47 34.19
CA ALA B 341 -30.53 -1.71 35.29
C ALA B 341 -31.43 -2.57 36.16
N PHE B 342 -32.34 -3.30 35.53
CA PHE B 342 -33.25 -4.15 36.29
C PHE B 342 -32.51 -5.28 36.98
N ALA B 343 -31.46 -5.80 36.35
CA ALA B 343 -30.69 -6.88 36.95
C ALA B 343 -29.93 -6.41 38.19
N LEU B 344 -29.25 -5.26 38.08
CA LEU B 344 -28.50 -4.73 39.22
C LEU B 344 -29.44 -4.37 40.36
N ALA B 345 -30.64 -3.86 40.05
CA ALA B 345 -31.60 -3.50 41.09
C ALA B 345 -31.97 -4.72 41.93
N ASP B 346 -32.26 -5.84 41.28
CA ASP B 346 -32.58 -7.07 42.01
C ASP B 346 -31.42 -7.53 42.88
N LEU B 347 -30.18 -7.33 42.41
CA LEU B 347 -29.01 -7.71 43.20
C LEU B 347 -28.87 -6.81 44.43
N ILE B 348 -28.99 -5.50 44.23
CA ILE B 348 -28.86 -4.54 45.33
C ILE B 348 -29.93 -4.77 46.39
N ALA B 349 -31.17 -5.02 45.96
CA ALA B 349 -32.30 -5.05 46.88
C ALA B 349 -32.28 -6.29 47.76
N SER B 350 -31.74 -7.41 47.26
CA SER B 350 -31.66 -8.64 48.02
C SER B 350 -30.33 -8.80 48.78
N ALA B 351 -29.42 -7.82 48.67
CA ALA B 351 -28.12 -7.89 49.33
C ALA B 351 -28.29 -7.83 50.84
N THR B 352 -27.97 -8.94 51.53
CA THR B 352 -28.01 -8.97 52.98
C THR B 352 -26.69 -8.55 53.62
N GLY B 353 -25.58 -8.62 52.88
CA GLY B 353 -24.28 -8.23 53.39
C GLY B 353 -23.92 -6.80 53.01
N PRO B 354 -22.64 -6.47 53.10
CA PRO B 354 -22.19 -5.14 52.68
C PRO B 354 -22.01 -5.06 51.17
N LEU B 355 -22.14 -3.85 50.65
CA LEU B 355 -22.02 -3.59 49.21
C LEU B 355 -20.56 -3.31 48.84
N ASP B 356 -19.70 -4.27 49.16
CA ASP B 356 -18.26 -4.13 49.04
C ASP B 356 -17.76 -4.71 47.72
N GLU B 357 -16.43 -4.82 47.62
CA GLU B 357 -15.80 -5.35 46.42
C GLU B 357 -16.32 -6.74 46.06
N ALA B 358 -16.55 -7.58 47.08
CA ALA B 358 -17.07 -8.91 46.79
C ALA B 358 -18.44 -8.85 46.11
N PHE B 359 -19.30 -7.93 46.56
CA PHE B 359 -20.58 -7.74 45.90
C PHE B 359 -20.40 -7.23 44.47
N CYS B 360 -19.56 -6.21 44.31
CA CYS B 360 -19.36 -5.62 42.99
C CYS B 360 -18.76 -6.62 42.01
N ARG B 361 -17.76 -7.37 42.44
CA ARG B 361 -17.17 -8.40 41.58
C ARG B 361 -18.20 -9.45 41.19
N ASP B 362 -18.98 -9.93 42.15
CA ASP B 362 -20.04 -10.88 41.81
C ASP B 362 -21.13 -10.22 40.95
N ALA B 363 -21.50 -8.97 41.25
CA ALA B 363 -22.52 -8.30 40.46
C ALA B 363 -22.10 -8.17 39.00
N SER B 364 -20.91 -7.61 38.77
CA SER B 364 -20.43 -7.43 37.39
C SER B 364 -20.39 -8.75 36.63
N ALA B 365 -19.99 -9.84 37.29
CA ALA B 365 -20.00 -11.13 36.64
C ALA B 365 -21.40 -11.47 36.13
N ARG B 366 -22.41 -11.27 36.98
CA ARG B 366 -23.78 -11.57 36.58
C ARG B 366 -24.25 -10.66 35.45
N LEU B 367 -23.94 -9.37 35.53
CA LEU B 367 -24.32 -8.45 34.47
C LEU B 367 -23.60 -8.76 33.17
N TRP B 368 -22.33 -9.14 33.25
CA TRP B 368 -21.57 -9.47 32.04
C TRP B 368 -22.06 -10.76 31.39
N ASP B 369 -22.62 -11.67 32.17
CA ASP B 369 -23.14 -12.91 31.59
C ASP B 369 -24.18 -12.64 30.53
N HIS B 370 -24.93 -11.55 30.68
CA HIS B 370 -25.88 -11.09 29.68
C HIS B 370 -25.25 -10.15 28.67
N ALA B 371 -24.49 -9.16 29.15
CA ALA B 371 -23.97 -8.12 28.28
C ALA B 371 -23.08 -8.66 27.17
N ARG B 372 -22.37 -9.76 27.42
CA ARG B 372 -21.45 -10.27 26.40
C ARG B 372 -22.17 -10.63 25.11
N HIS B 373 -23.33 -11.28 25.22
CA HIS B 373 -24.09 -11.63 24.01
C HIS B 373 -24.39 -10.40 23.18
N VAL B 374 -24.67 -9.27 23.86
CA VAL B 374 -24.89 -8.03 23.15
C VAL B 374 -23.60 -7.55 22.50
N VAL B 375 -22.49 -7.64 23.25
CA VAL B 375 -21.22 -7.11 22.75
C VAL B 375 -20.72 -7.92 21.57
N GLU B 376 -20.83 -9.25 21.64
CA GLU B 376 -20.29 -10.08 20.57
C GLU B 376 -21.13 -9.99 19.30
N TRP B 377 -22.45 -9.91 19.43
CA TRP B 377 -23.29 -9.70 18.27
C TRP B 377 -23.03 -8.34 17.63
N SER B 378 -22.87 -7.29 18.44
CA SER B 378 -22.64 -5.97 17.88
C SER B 378 -21.34 -5.91 17.10
N ASN B 379 -20.28 -6.52 17.62
CA ASN B 379 -19.01 -6.50 16.89
C ASN B 379 -19.05 -7.39 15.66
N ALA B 380 -19.80 -8.50 15.72
CA ALA B 380 -19.91 -9.39 14.57
C ALA B 380 -20.57 -8.69 13.39
N PHE B 381 -21.66 -7.95 13.64
CA PHE B 381 -22.35 -7.25 12.57
C PHE B 381 -21.49 -6.18 11.92
N LEU B 382 -20.45 -5.70 12.60
CA LEU B 382 -19.55 -4.73 12.00
C LEU B 382 -18.63 -5.36 10.97
N ALA B 383 -18.39 -6.67 11.07
CA ALA B 383 -17.48 -7.46 10.25
C ALA B 383 -18.21 -8.12 9.08
N PRO B 384 -17.49 -8.49 8.02
CA PRO B 384 -18.11 -9.21 6.90
C PRO B 384 -18.86 -10.44 7.38
N PRO B 385 -20.01 -10.74 6.79
CA PRO B 385 -20.82 -11.88 7.24
C PRO B 385 -20.15 -13.21 6.95
N PRO B 386 -20.02 -14.07 7.96
CA PRO B 386 -19.48 -15.42 7.73
C PRO B 386 -20.39 -16.22 6.81
N PRO B 387 -19.92 -17.36 6.28
CA PRO B 387 -20.74 -18.09 5.31
C PRO B 387 -22.13 -18.46 5.81
N HIS B 388 -22.25 -18.93 7.06
CA HIS B 388 -23.56 -19.36 7.55
C HIS B 388 -24.52 -18.19 7.76
N VAL B 389 -24.00 -16.98 7.98
CA VAL B 389 -24.88 -15.82 8.09
C VAL B 389 -25.44 -15.46 6.73
N MET B 390 -24.60 -15.45 5.69
CA MET B 390 -25.09 -15.20 4.34
C MET B 390 -26.13 -16.23 3.91
N GLU B 391 -25.99 -17.48 4.37
CA GLU B 391 -27.00 -18.49 4.06
C GLU B 391 -28.31 -18.21 4.76
N LEU B 392 -28.25 -17.84 6.05
CA LEU B 392 -29.47 -17.51 6.79
C LEU B 392 -30.27 -16.41 6.10
N PHE B 393 -29.57 -15.38 5.61
CA PHE B 393 -30.23 -14.30 4.88
C PHE B 393 -30.92 -14.83 3.63
N GLY B 394 -30.18 -15.65 2.85
CA GLY B 394 -30.77 -16.24 1.65
C GLY B 394 -32.00 -17.07 1.94
N ARG B 395 -31.89 -17.98 2.91
CA ARG B 395 -33.02 -18.83 3.25
C ARG B 395 -34.22 -17.99 3.67
N ALA B 396 -33.98 -16.85 4.31
CA ALA B 396 -35.05 -15.94 4.71
C ALA B 396 -35.60 -15.15 3.53
N ALA B 397 -34.79 -14.95 2.48
CA ALA B 397 -35.26 -14.26 1.29
C ALA B 397 -36.32 -15.03 0.52
N GLY B 398 -36.49 -16.33 0.81
CA GLY B 398 -37.49 -17.12 0.13
C GLY B 398 -38.50 -17.78 1.05
N ASP B 399 -38.52 -17.42 2.33
CA ASP B 399 -39.46 -18.02 3.28
C ASP B 399 -39.86 -16.96 4.29
N LYS B 400 -41.12 -16.51 4.23
CA LYS B 400 -41.59 -15.46 5.12
C LYS B 400 -41.56 -15.91 6.57
N GLN B 401 -41.80 -17.20 6.83
CA GLN B 401 -41.74 -17.70 8.20
C GLN B 401 -40.36 -17.52 8.78
N ILE B 402 -39.32 -17.71 7.96
CA ILE B 402 -37.95 -17.51 8.43
C ILE B 402 -37.64 -16.02 8.57
N ALA B 403 -38.02 -15.22 7.56
CA ALA B 403 -37.77 -13.79 7.62
C ALA B 403 -38.46 -13.13 8.81
N ASP B 404 -39.70 -13.53 9.09
CA ASP B 404 -40.42 -12.99 10.25
C ASP B 404 -39.72 -13.36 11.55
N ALA B 405 -39.29 -14.62 11.68
CA ALA B 405 -38.64 -15.06 12.91
C ALA B 405 -37.31 -14.35 13.14
N PHE B 406 -36.53 -14.16 12.08
CA PHE B 406 -35.25 -13.47 12.21
C PHE B 406 -35.43 -12.07 12.77
N VAL B 407 -36.33 -11.29 12.17
CA VAL B 407 -36.59 -9.93 12.63
C VAL B 407 -37.12 -9.94 14.06
N GLY B 408 -37.95 -10.93 14.39
CA GLY B 408 -38.51 -11.02 15.72
C GLY B 408 -37.48 -11.23 16.82
N ARG B 409 -36.28 -11.68 16.48
CA ARG B 409 -35.26 -11.91 17.50
C ARG B 409 -34.40 -10.69 17.76
N PHE B 410 -34.69 -9.55 17.14
CA PHE B 410 -34.08 -8.31 17.60
C PHE B 410 -34.56 -7.94 19.00
N HIS B 411 -35.67 -8.53 19.44
CA HIS B 411 -36.15 -8.33 20.80
C HIS B 411 -35.25 -9.03 21.83
N ASP B 412 -34.51 -10.05 21.41
CA ASP B 412 -33.76 -10.92 22.30
C ASP B 412 -32.34 -11.12 21.80
N PRO B 413 -31.37 -10.34 22.30
CA PRO B 413 -29.99 -10.49 21.81
C PRO B 413 -29.40 -11.86 22.13
N VAL B 414 -29.80 -12.49 23.23
CA VAL B 414 -29.28 -13.81 23.56
C VAL B 414 -29.79 -14.84 22.56
N ALA B 415 -31.10 -14.84 22.30
CA ALA B 415 -31.65 -15.77 21.31
C ALA B 415 -31.17 -15.41 19.92
N MET B 416 -30.91 -14.12 19.65
CA MET B 416 -30.37 -13.72 18.36
C MET B 416 -28.92 -14.19 18.20
N TRP B 417 -28.10 -13.98 19.23
CA TRP B 417 -26.71 -14.40 19.12
C TRP B 417 -26.58 -15.91 19.04
N ALA B 418 -27.54 -16.64 19.61
CA ALA B 418 -27.54 -18.10 19.46
C ALA B 418 -27.59 -18.51 18.00
N VAL B 419 -28.23 -17.71 17.15
CA VAL B 419 -28.35 -18.03 15.74
C VAL B 419 -27.11 -17.60 14.96
N LEU B 420 -26.67 -16.35 15.18
CA LEU B 420 -25.62 -15.73 14.37
C LEU B 420 -24.21 -16.17 14.75
N SER B 421 -24.02 -16.66 15.97
CA SER B 421 -22.69 -17.08 16.41
C SER B 421 -22.16 -18.21 15.53
N SER B 422 -22.69 -19.40 15.70
CA SER B 422 -22.20 -20.58 15.02
C SER B 422 -23.08 -20.99 13.84
N PRO B 423 -22.51 -21.66 12.84
CA PRO B 423 -23.34 -22.24 11.76
C PRO B 423 -24.34 -23.27 12.25
N GLU B 424 -24.08 -23.89 13.40
CA GLU B 424 -25.05 -24.82 13.98
C GLU B 424 -26.27 -24.07 14.47
N GLY B 425 -26.09 -22.81 14.85
CA GLY B 425 -27.21 -22.01 15.29
C GLY B 425 -28.16 -21.69 14.14
N VAL B 426 -27.60 -21.34 12.98
CA VAL B 426 -28.42 -21.08 11.81
C VAL B 426 -29.23 -22.31 11.41
N ASP B 427 -28.61 -23.49 11.42
CA ASP B 427 -29.31 -24.68 10.94
C ASP B 427 -30.46 -25.06 11.86
N SER B 428 -30.21 -25.19 13.16
CA SER B 428 -31.29 -25.51 14.09
C SER B 428 -32.36 -24.44 14.09
N PHE B 429 -32.00 -23.19 13.76
CA PHE B 429 -32.98 -22.12 13.68
C PHE B 429 -33.88 -22.26 12.45
N VAL B 430 -33.28 -22.37 11.26
CA VAL B 430 -34.05 -22.56 10.03
C VAL B 430 -34.99 -23.76 10.14
N ARG B 431 -34.52 -24.84 10.78
CA ARG B 431 -35.36 -26.03 10.91
C ARG B 431 -36.64 -25.73 11.69
N SER B 432 -36.51 -25.04 12.83
CA SER B 432 -37.69 -24.76 13.64
C SER B 432 -38.67 -23.85 12.90
N CYS B 433 -38.19 -22.97 12.03
CA CYS B 433 -39.07 -22.13 11.24
C CYS B 433 -39.81 -22.90 10.15
N THR B 434 -39.48 -24.19 9.96
CA THR B 434 -40.18 -25.02 8.98
C THR B 434 -40.53 -26.36 9.61
N THR C 30 54.13 -12.78 41.53
CA THR C 30 53.51 -12.67 42.85
C THR C 30 52.80 -13.96 43.25
N GLU C 31 51.88 -13.89 44.21
CA GLU C 31 51.25 -15.09 44.73
C GLU C 31 49.97 -15.47 43.98
N THR C 32 49.31 -14.52 43.32
CA THR C 32 48.15 -14.81 42.46
C THR C 32 48.64 -14.96 41.02
N ASP C 33 48.75 -16.21 40.56
CA ASP C 33 49.16 -16.51 39.19
C ASP C 33 48.05 -17.25 38.46
N ILE C 34 47.50 -16.64 37.42
CA ILE C 34 46.31 -17.12 36.72
C ILE C 34 46.68 -17.72 35.37
N GLY C 35 46.06 -18.85 35.03
CA GLY C 35 46.18 -19.46 33.72
C GLY C 35 44.85 -19.48 32.99
N ILE C 36 44.80 -18.88 31.80
CA ILE C 36 43.56 -18.72 31.05
C ILE C 36 43.59 -19.66 29.85
N ILE C 37 42.50 -20.39 29.64
CA ILE C 37 42.37 -21.34 28.54
C ILE C 37 41.32 -20.79 27.58
N GLY C 38 41.72 -20.53 26.34
CA GLY C 38 40.77 -20.05 25.34
C GLY C 38 41.06 -18.66 24.81
N SER C 39 40.82 -18.45 23.52
CA SER C 39 41.08 -17.16 22.87
C SER C 39 39.81 -16.43 22.49
N GLY C 40 38.74 -16.58 23.26
CA GLY C 40 37.54 -15.81 23.01
C GLY C 40 37.76 -14.35 23.37
N ILE C 41 36.69 -13.57 23.22
CA ILE C 41 36.76 -12.18 23.64
C ILE C 41 36.91 -12.11 25.15
N SER C 42 36.23 -13.00 25.88
CA SER C 42 36.34 -13.00 27.33
C SER C 42 37.73 -13.42 27.78
N GLY C 43 38.27 -14.49 27.17
CA GLY C 43 39.60 -14.94 27.53
C GLY C 43 40.66 -13.89 27.27
N LEU C 44 40.60 -13.25 26.09
CA LEU C 44 41.63 -12.28 25.73
C LEU C 44 41.51 -10.99 26.53
N GLN C 45 40.28 -10.53 26.79
CA GLN C 45 40.13 -9.32 27.60
C GLN C 45 40.53 -9.56 29.03
N LEU C 46 40.21 -10.75 29.57
CA LEU C 46 40.67 -11.10 30.91
C LEU C 46 42.20 -11.05 30.99
N ALA C 47 42.86 -11.63 29.98
CA ALA C 47 44.32 -11.63 29.97
C ALA C 47 44.87 -10.21 29.97
N LEU C 48 44.32 -9.35 29.11
CA LEU C 48 44.80 -7.98 29.02
C LEU C 48 44.54 -7.21 30.31
N ARG C 49 43.39 -7.44 30.95
CA ARG C 49 43.03 -6.65 32.11
C ARG C 49 43.83 -7.06 33.34
N LEU C 50 44.00 -8.36 33.57
CA LEU C 50 44.90 -8.81 34.63
C LEU C 50 46.30 -8.25 34.41
N GLN C 51 46.78 -8.28 33.17
CA GLN C 51 48.07 -7.68 32.84
C GLN C 51 48.09 -6.20 33.20
N GLN C 52 46.97 -5.50 32.99
CA GLN C 52 46.87 -4.10 33.39
C GLN C 52 46.81 -3.95 34.90
N LEU C 53 46.20 -4.91 35.60
CA LEU C 53 46.06 -4.81 37.04
C LEU C 53 47.31 -5.25 37.79
N GLY C 54 48.28 -5.83 37.10
CA GLY C 54 49.51 -6.30 37.71
C GLY C 54 49.54 -7.77 38.02
N VAL C 55 48.48 -8.51 37.73
CA VAL C 55 48.40 -9.93 38.08
C VAL C 55 49.14 -10.74 37.03
N PRO C 56 50.06 -11.62 37.42
CA PRO C 56 50.69 -12.52 36.45
C PRO C 56 49.67 -13.45 35.82
N VAL C 57 49.77 -13.62 34.50
CA VAL C 57 48.77 -14.37 33.74
C VAL C 57 49.43 -15.02 32.53
N THR C 58 49.01 -16.25 32.25
CA THR C 58 49.43 -16.99 31.06
C THR C 58 48.20 -17.37 30.26
N LEU C 59 48.27 -17.21 28.93
CA LEU C 59 47.17 -17.54 28.05
C LEU C 59 47.51 -18.81 27.28
N TYR C 60 46.67 -19.83 27.42
CA TYR C 60 46.81 -21.09 26.69
C TYR C 60 45.80 -21.06 25.55
N SER C 61 46.28 -20.79 24.35
CA SER C 61 45.43 -20.66 23.17
C SER C 61 45.66 -21.83 22.22
N ALA C 62 44.57 -22.43 21.76
CA ALA C 62 44.67 -23.49 20.76
C ALA C 62 45.12 -22.96 19.41
N GLN C 63 44.92 -21.67 19.14
CA GLN C 63 45.16 -21.09 17.83
C GLN C 63 46.23 -20.00 17.91
N THR C 64 46.91 -19.80 16.79
CA THR C 64 47.84 -18.69 16.64
C THR C 64 47.07 -17.42 16.29
N ALA C 65 47.80 -16.30 16.21
CA ALA C 65 47.16 -15.06 15.78
C ALA C 65 46.70 -15.16 14.33
N GLU C 66 47.55 -15.70 13.46
CA GLU C 66 47.18 -15.88 12.06
C GLU C 66 45.98 -16.83 11.93
N GLU C 67 45.93 -17.87 12.75
CA GLU C 67 44.78 -18.77 12.69
C GLU C 67 43.50 -18.09 13.19
N LEU C 68 43.61 -17.20 14.19
CA LEU C 68 42.43 -16.47 14.63
C LEU C 68 41.92 -15.51 13.57
N GLY C 69 42.80 -15.03 12.70
CA GLY C 69 42.44 -14.11 11.64
C GLY C 69 42.11 -14.76 10.32
N SER C 70 41.95 -16.09 10.30
CA SER C 70 41.58 -16.81 9.10
C SER C 70 40.48 -17.81 9.45
N GLY C 71 40.08 -18.62 8.47
CA GLY C 71 39.02 -19.59 8.67
C GLY C 71 37.64 -19.02 8.39
N ARG C 72 36.65 -19.91 8.48
CA ARG C 72 35.26 -19.51 8.25
C ARG C 72 34.73 -18.74 9.45
N PRO C 73 33.87 -17.75 9.22
CA PRO C 73 33.35 -16.97 10.35
C PRO C 73 32.40 -17.79 11.20
N ARG C 74 32.43 -17.54 12.51
CA ARG C 74 31.60 -18.26 13.47
C ARG C 74 30.40 -17.47 13.93
N ASN C 75 30.52 -16.16 14.04
CA ASN C 75 29.43 -15.31 14.51
C ASN C 75 29.73 -13.88 14.08
N PHE C 76 28.77 -12.99 14.32
CA PHE C 76 28.82 -11.62 13.82
C PHE C 76 28.40 -10.67 14.93
N PRO C 77 29.25 -10.51 15.95
CA PRO C 77 28.84 -9.78 17.15
C PRO C 77 29.02 -8.28 17.03
N ALA C 78 27.99 -7.53 17.39
CA ALA C 78 28.12 -6.08 17.56
C ALA C 78 28.51 -5.80 19.01
N ARG C 79 29.55 -4.98 19.18
CA ARG C 79 30.06 -4.65 20.50
C ARG C 79 29.54 -3.26 20.88
N PHE C 80 28.77 -3.19 21.96
CA PHE C 80 28.08 -1.97 22.34
C PHE C 80 29.00 -1.05 23.14
N ALA C 81 28.45 0.07 23.56
CA ALA C 81 29.25 1.12 24.19
C ALA C 81 30.04 0.64 25.42
N PRO C 82 29.44 -0.09 26.38
CA PRO C 82 30.25 -0.57 27.51
C PRO C 82 31.44 -1.42 27.09
N THR C 83 31.28 -2.27 26.06
CA THR C 83 32.40 -3.08 25.61
C THR C 83 33.49 -2.21 25.00
N GLN C 84 33.11 -1.19 24.24
CA GLN C 84 34.09 -0.28 23.69
C GLN C 84 34.83 0.48 24.78
N ALA C 85 34.14 0.77 25.88
CA ALA C 85 34.79 1.45 27.00
C ALA C 85 35.80 0.55 27.70
N ARG C 86 35.46 -0.72 27.88
CA ARG C 86 36.44 -1.67 28.40
C ARG C 86 37.65 -1.78 27.48
N GLU C 87 37.40 -1.79 26.17
CA GLU C 87 38.50 -1.83 25.21
C GLU C 87 39.37 -0.58 25.32
N ASP C 88 38.77 0.56 25.64
CA ASP C 88 39.55 1.75 25.95
C ASP C 88 40.49 1.49 27.12
N SER C 89 39.96 0.93 28.21
CA SER C 89 40.79 0.69 29.39
C SER C 89 41.86 -0.36 29.13
N LEU C 90 41.65 -1.23 28.13
CA LEU C 90 42.68 -2.15 27.69
C LEU C 90 43.67 -1.51 26.72
N GLY C 91 43.43 -0.27 26.30
CA GLY C 91 44.29 0.38 25.32
C GLY C 91 44.32 -0.23 23.95
N VAL C 92 43.20 -0.80 23.50
CA VAL C 92 43.16 -1.49 22.21
C VAL C 92 42.03 -0.95 21.32
N HIS C 93 41.53 0.24 21.62
CA HIS C 93 40.39 0.75 20.87
C HIS C 93 40.81 1.10 19.45
N ALA C 94 40.06 0.60 18.47
CA ALA C 94 40.40 0.79 17.07
C ALA C 94 39.10 0.81 16.25
N TRP C 95 39.25 0.72 14.93
CA TRP C 95 38.14 0.69 13.99
C TRP C 95 37.18 1.86 14.23
N GLN C 96 37.77 3.04 14.38
CA GLN C 96 37.03 4.26 14.73
C GLN C 96 36.60 5.00 13.45
N PHE C 97 35.79 4.31 12.65
CA PHE C 97 35.28 4.86 11.41
C PHE C 97 33.95 4.21 11.08
N ASP C 98 33.15 4.89 10.26
CA ASP C 98 31.75 4.52 10.08
C ASP C 98 31.56 3.17 9.40
N ASP C 99 32.56 2.70 8.65
CA ASP C 99 32.43 1.37 8.04
C ASP C 99 32.36 0.25 9.08
N ALA C 100 32.71 0.53 10.34
CA ALA C 100 32.69 -0.47 11.39
C ALA C 100 31.74 -0.10 12.52
N ARG C 101 30.71 0.70 12.23
CA ARG C 101 29.74 1.09 13.24
C ARG C 101 28.32 0.95 12.70
N VAL C 102 27.39 0.72 13.62
CA VAL C 102 25.97 0.77 13.34
C VAL C 102 25.42 1.99 14.09
N HIS C 103 24.83 2.92 13.35
CA HIS C 103 24.37 4.18 13.92
C HIS C 103 22.87 4.25 14.12
N SER C 104 22.12 3.30 13.55
CA SER C 104 20.67 3.34 13.64
C SER C 104 20.13 1.93 13.47
N CYS C 105 18.94 1.71 14.03
CA CYS C 105 18.29 0.41 14.00
C CYS C 105 16.88 0.56 13.43
N ALA C 106 16.55 -0.25 12.44
CA ALA C 106 15.24 -0.21 11.78
C ALA C 106 14.53 -1.53 12.08
N ILE C 107 13.38 -1.44 12.76
CA ILE C 107 12.66 -2.60 13.25
C ILE C 107 11.34 -2.71 12.49
N THR C 108 11.03 -3.91 12.02
CA THR C 108 9.76 -4.20 11.35
C THR C 108 9.10 -5.38 12.05
N ILE C 109 7.88 -5.20 12.52
CA ILE C 109 7.11 -6.25 13.17
C ILE C 109 5.97 -6.64 12.25
N HIS C 110 6.04 -7.85 11.71
CA HIS C 110 5.05 -8.34 10.75
C HIS C 110 3.86 -8.94 11.48
N GLY C 111 2.67 -8.40 11.23
CA GLY C 111 1.46 -9.01 11.74
C GLY C 111 0.66 -9.60 10.61
N GLU C 112 -0.66 -9.63 10.74
CA GLU C 112 -1.49 -9.93 9.59
C GLU C 112 -1.96 -8.66 8.90
N GLY C 113 -2.09 -7.57 9.65
CA GLY C 113 -2.29 -6.27 9.06
C GLY C 113 -0.99 -5.73 8.50
N ALA C 114 -0.96 -4.40 8.34
CA ALA C 114 0.25 -3.76 7.86
C ALA C 114 1.36 -3.87 8.92
N PRO C 115 2.61 -4.03 8.49
CA PRO C 115 3.71 -4.14 9.46
C PRO C 115 3.96 -2.84 10.21
N LEU C 116 4.22 -2.99 11.50
CA LEU C 116 4.67 -1.88 12.33
C LEU C 116 6.13 -1.58 12.04
N GLU C 117 6.44 -0.32 11.74
CA GLU C 117 7.79 0.08 11.38
C GLU C 117 8.23 1.27 12.22
N PHE C 118 9.42 1.16 12.82
CA PHE C 118 10.04 2.30 13.46
C PHE C 118 11.55 2.13 13.41
N ALA C 119 12.24 3.25 13.51
CA ALA C 119 13.69 3.27 13.49
C ALA C 119 14.17 4.23 14.56
N GLY C 120 15.20 3.83 15.30
CA GLY C 120 15.77 4.66 16.32
C GLY C 120 17.27 4.76 16.16
N ALA C 121 17.82 5.85 16.69
CA ALA C 121 19.25 6.08 16.60
C ALA C 121 19.97 5.26 17.66
N LEU C 122 21.15 4.75 17.31
CA LEU C 122 22.02 4.09 18.26
C LEU C 122 23.13 5.08 18.61
N ALA C 123 23.01 5.70 19.80
CA ALA C 123 23.97 6.69 20.26
C ALA C 123 24.40 6.31 21.66
N PRO C 124 25.69 5.99 21.88
CA PRO C 124 26.77 5.88 20.89
C PRO C 124 26.54 4.73 19.92
N PRO C 125 27.25 4.70 18.81
CA PRO C 125 27.11 3.56 17.89
C PRO C 125 27.72 2.30 18.51
N SER C 126 27.30 1.16 17.97
CA SER C 126 27.90 -0.11 18.31
C SER C 126 28.93 -0.46 17.25
N SER C 127 29.93 -1.25 17.64
CA SER C 127 31.04 -1.59 16.77
C SER C 127 30.77 -2.94 16.11
N VAL C 128 30.81 -2.97 14.78
CA VAL C 128 30.59 -4.20 14.02
C VAL C 128 31.86 -4.60 13.29
N VAL C 129 32.78 -5.26 14.01
CA VAL C 129 34.08 -5.64 13.47
C VAL C 129 34.18 -7.15 13.46
N ASP C 130 34.52 -7.72 12.30
CA ASP C 130 34.75 -9.15 12.18
C ASP C 130 35.73 -9.61 13.23
N PHE C 131 35.37 -10.68 13.96
CA PHE C 131 36.25 -11.16 15.02
C PHE C 131 37.52 -11.78 14.49
N ARG C 132 37.61 -12.05 13.18
CA ARG C 132 38.89 -12.41 12.59
C ARG C 132 39.79 -11.19 12.45
N LEU C 133 39.25 -9.99 12.64
CA LEU C 133 40.04 -8.78 12.81
C LEU C 133 40.26 -8.46 14.28
N TYR C 134 39.25 -8.72 15.12
CA TYR C 134 39.23 -8.27 16.51
C TYR C 134 40.10 -9.15 17.40
N LEU C 135 39.86 -10.46 17.40
CA LEU C 135 40.61 -11.36 18.27
C LEU C 135 42.13 -11.34 18.02
N PRO C 136 42.63 -11.37 16.78
CA PRO C 136 44.08 -11.22 16.61
C PRO C 136 44.59 -9.91 17.18
N HIS C 137 43.82 -8.84 17.03
CA HIS C 137 44.20 -7.54 17.59
C HIS C 137 44.48 -7.63 19.08
N LEU C 138 43.61 -8.31 19.84
CA LEU C 138 43.80 -8.43 21.28
C LEU C 138 44.98 -9.33 21.61
N LEU C 139 45.01 -10.54 21.03
CA LEU C 139 46.08 -11.48 21.30
C LEU C 139 47.45 -10.88 20.97
N THR C 140 47.56 -10.22 19.82
CA THR C 140 48.83 -9.61 19.43
C THR C 140 49.29 -8.59 20.47
N GLU C 141 48.38 -7.75 20.96
CA GLU C 141 48.76 -6.71 21.91
C GLU C 141 49.10 -7.30 23.27
N PHE C 142 48.40 -8.36 23.68
CA PHE C 142 48.77 -9.06 24.91
C PHE C 142 50.19 -9.59 24.84
N ALA C 143 50.52 -10.32 23.78
CA ALA C 143 51.87 -10.87 23.64
C ALA C 143 52.91 -9.76 23.59
N ARG C 144 52.64 -8.69 22.84
CA ARG C 144 53.63 -7.63 22.69
C ARG C 144 53.86 -6.88 24.00
N ARG C 145 52.86 -6.84 24.88
CA ARG C 145 53.04 -6.20 26.18
C ARG C 145 53.76 -7.12 27.16
N GLY C 146 54.27 -8.25 26.68
CA GLY C 146 54.98 -9.20 27.52
C GLY C 146 54.16 -10.37 28.00
N GLY C 147 52.90 -10.47 27.60
CA GLY C 147 52.06 -11.56 28.08
C GLY C 147 52.62 -12.91 27.67
N ASN C 148 52.48 -13.89 28.56
CA ASN C 148 52.97 -15.24 28.32
C ASN C 148 51.88 -16.00 27.58
N VAL C 149 52.18 -16.42 26.35
CA VAL C 149 51.21 -17.09 25.49
C VAL C 149 51.77 -18.44 25.07
N ARG C 150 50.99 -19.50 25.30
CA ARG C 150 51.37 -20.86 24.96
C ARG C 150 50.37 -21.40 23.96
N ILE C 151 50.83 -21.68 22.74
CA ILE C 151 49.95 -22.09 21.65
C ILE C 151 49.95 -23.61 21.56
N GLY C 152 48.77 -24.20 21.47
CA GLY C 152 48.64 -25.62 21.30
C GLY C 152 47.61 -26.26 22.20
N PRO C 153 47.42 -27.57 22.06
CA PRO C 153 46.45 -28.28 22.90
C PRO C 153 46.79 -28.19 24.38
N VAL C 154 45.76 -28.27 25.20
CA VAL C 154 45.85 -27.99 26.63
C VAL C 154 45.39 -29.22 27.41
N VAL C 155 46.13 -29.54 28.49
CA VAL C 155 45.70 -30.52 29.46
C VAL C 155 45.39 -29.77 30.75
N VAL C 156 44.12 -29.81 31.16
CA VAL C 156 43.66 -29.01 32.30
C VAL C 156 44.49 -29.31 33.53
N ASP C 157 44.73 -30.59 33.79
CA ASP C 157 45.47 -31.00 34.98
C ASP C 157 46.91 -30.52 34.93
N GLU C 158 47.45 -30.35 33.72
CA GLU C 158 48.80 -29.83 33.57
C GLU C 158 48.84 -28.32 33.83
N VAL C 159 47.80 -27.59 33.38
CA VAL C 159 47.72 -26.16 33.64
C VAL C 159 47.54 -25.88 35.14
N ALA C 160 46.75 -26.69 35.83
CA ALA C 160 46.50 -26.46 37.25
C ALA C 160 47.79 -26.61 38.06
N ARG C 161 48.71 -27.44 37.57
CA ARG C 161 50.00 -27.60 38.23
C ARG C 161 50.82 -26.32 38.19
N ARG C 162 50.53 -25.42 37.25
CA ARG C 162 51.38 -24.27 36.95
C ARG C 162 50.78 -22.94 37.43
N HIS C 163 49.57 -22.95 37.97
CA HIS C 163 48.90 -21.70 38.34
C HIS C 163 48.03 -21.92 39.57
N ASP C 164 47.69 -20.81 40.22
CA ASP C 164 46.83 -20.83 41.41
C ASP C 164 45.35 -20.87 41.07
N LEU C 165 44.98 -20.50 39.85
CA LEU C 165 43.58 -20.52 39.44
C LEU C 165 43.52 -20.64 37.93
N VAL C 166 42.61 -21.46 37.44
CA VAL C 166 42.39 -21.65 36.01
C VAL C 166 41.07 -21.00 35.65
N VAL C 167 41.08 -20.19 34.59
CA VAL C 167 39.86 -19.62 34.02
C VAL C 167 39.70 -20.19 32.62
N VAL C 168 38.62 -20.94 32.41
CA VAL C 168 38.32 -21.52 31.11
C VAL C 168 37.40 -20.59 30.35
N ALA C 169 37.79 -20.24 29.13
CA ALA C 169 36.99 -19.35 28.28
C ALA C 169 37.18 -19.79 26.82
N ASN C 170 37.07 -21.09 26.57
CA ASN C 170 37.32 -21.61 25.23
C ASN C 170 36.16 -21.33 24.28
N GLY C 171 34.93 -21.69 24.64
CA GLY C 171 33.80 -21.32 23.80
C GLY C 171 32.54 -22.10 24.12
N ASP C 172 31.68 -22.20 23.11
CA ASP C 172 30.38 -22.85 23.25
C ASP C 172 30.56 -24.29 23.72
N ARG C 173 31.20 -25.10 22.87
CA ARG C 173 31.89 -26.28 23.30
C ARG C 173 32.75 -25.95 24.51
N SER C 174 32.29 -26.34 25.69
CA SER C 174 33.01 -26.10 26.92
C SER C 174 33.42 -27.45 27.48
N MET C 175 34.08 -27.42 28.63
CA MET C 175 34.49 -28.66 29.30
C MET C 175 33.35 -29.09 30.20
N ARG C 176 32.32 -29.65 29.55
CA ARG C 176 31.15 -30.18 30.24
C ARG C 176 31.51 -30.98 31.48
N GLU C 177 32.68 -31.62 31.46
CA GLU C 177 33.15 -32.36 32.63
C GLU C 177 33.37 -31.43 33.82
N LEU C 178 34.00 -30.28 33.58
CA LEU C 178 34.23 -29.33 34.66
C LEU C 178 32.96 -28.54 34.98
N PHE C 179 32.22 -28.13 33.93
CA PHE C 179 31.10 -27.23 34.09
C PHE C 179 29.84 -27.88 33.54
N PRO C 180 29.09 -28.59 34.38
CA PRO C 180 27.88 -29.25 33.90
C PRO C 180 26.76 -28.26 33.62
N ARG C 181 25.79 -28.69 32.83
CA ARG C 181 24.64 -27.84 32.54
C ARG C 181 23.87 -27.63 33.83
N ASP C 182 23.70 -26.36 34.21
CA ASP C 182 22.93 -26.00 35.39
C ASP C 182 21.47 -25.89 34.97
N PRO C 183 20.64 -26.87 35.29
CA PRO C 183 19.27 -26.87 34.76
C PRO C 183 18.35 -25.88 35.44
N GLU C 184 18.68 -25.41 36.65
CA GLU C 184 17.84 -24.39 37.28
C GLU C 184 18.03 -23.03 36.62
N ARG C 185 18.99 -22.91 35.72
CA ARG C 185 19.20 -21.69 34.93
C ARG C 185 19.22 -21.96 33.43
N SER C 186 18.97 -23.19 32.99
CA SER C 186 18.97 -23.54 31.57
C SER C 186 17.57 -24.10 31.25
N PRO C 187 16.58 -23.22 31.10
CA PRO C 187 15.21 -23.70 30.86
C PRO C 187 15.02 -24.36 29.51
N HIS C 188 15.97 -24.22 28.59
CA HIS C 188 15.84 -24.85 27.28
C HIS C 188 16.83 -26.00 27.16
N THR C 189 16.42 -26.99 26.36
CA THR C 189 17.22 -28.19 26.11
C THR C 189 17.42 -28.49 24.64
N THR C 190 16.75 -27.77 23.75
CA THR C 190 16.92 -27.87 22.31
C THR C 190 17.13 -26.47 21.77
N PRO C 191 17.76 -26.34 20.60
CA PRO C 191 17.96 -24.99 20.03
C PRO C 191 16.62 -24.29 19.86
N GLN C 192 16.58 -23.02 20.25
CA GLN C 192 15.39 -22.20 20.04
C GLN C 192 15.39 -21.49 18.70
N ARG C 193 16.54 -21.40 18.04
CA ARG C 193 16.62 -20.87 16.70
C ARG C 193 17.66 -21.67 15.93
N ILE C 194 17.41 -21.88 14.65
CA ILE C 194 18.41 -22.44 13.74
C ILE C 194 18.92 -21.30 12.88
N LEU C 195 20.23 -21.11 12.86
CA LEU C 195 20.82 -19.91 12.29
C LEU C 195 21.42 -20.20 10.92
N CYS C 196 21.25 -19.24 10.01
CA CYS C 196 21.97 -19.24 8.74
C CYS C 196 22.43 -17.80 8.51
N SER C 197 23.73 -17.55 8.68
CA SER C 197 24.26 -16.19 8.67
C SER C 197 25.57 -16.15 7.92
N GLY C 198 25.75 -15.09 7.14
CA GLY C 198 26.97 -14.93 6.36
C GLY C 198 27.16 -13.50 5.90
N PHE C 199 28.33 -13.26 5.32
CA PHE C 199 28.66 -11.96 4.73
C PHE C 199 28.23 -11.95 3.28
N TYR C 200 27.50 -10.91 2.89
CA TYR C 200 26.95 -10.80 1.55
C TYR C 200 27.31 -9.47 0.90
N HIS C 201 27.44 -9.51 -0.42
CA HIS C 201 27.46 -8.33 -1.26
C HIS C 201 26.13 -8.21 -2.01
N GLY C 202 25.89 -7.03 -2.58
CA GLY C 202 24.76 -6.84 -3.46
C GLY C 202 23.48 -6.51 -2.74
N ILE C 203 23.56 -5.64 -1.74
CA ILE C 203 22.39 -5.05 -1.12
C ILE C 203 22.61 -3.55 -1.06
N ARG C 204 21.70 -2.81 -1.69
CA ARG C 204 21.74 -1.36 -1.68
C ARG C 204 21.30 -0.80 -0.34
N GLU C 205 21.69 0.45 -0.13
CA GLU C 205 21.61 1.11 1.16
C GLU C 205 20.66 2.31 1.09
N ASP C 206 19.56 2.25 1.84
CA ASP C 206 18.76 3.46 1.99
C ASP C 206 19.39 4.38 3.03
N VAL C 207 19.37 3.97 4.28
CA VAL C 207 19.93 4.76 5.39
C VAL C 207 21.30 4.19 5.74
N PRO C 208 22.36 5.01 5.78
CA PRO C 208 23.69 4.48 6.10
C PRO C 208 23.83 3.97 7.53
N HIS C 209 24.56 2.85 7.64
CA HIS C 209 24.95 2.25 8.93
C HIS C 209 23.72 1.94 9.77
N GLU C 210 22.67 1.47 9.11
CA GLU C 210 21.40 1.18 9.75
C GLU C 210 21.15 -0.32 9.75
N LEU C 211 20.84 -0.85 10.92
CA LEU C 211 20.61 -2.27 11.11
C LEU C 211 19.13 -2.58 10.89
N ASP C 212 18.85 -3.70 10.24
CA ASP C 212 17.48 -4.13 9.93
C ASP C 212 17.14 -5.40 10.67
N ILE C 213 16.04 -5.38 11.42
CA ILE C 213 15.49 -6.57 12.08
C ILE C 213 14.04 -6.74 11.63
N HIS C 214 13.72 -7.93 11.12
CA HIS C 214 12.35 -8.29 10.77
C HIS C 214 11.89 -9.39 11.71
N PHE C 215 10.87 -9.09 12.52
CA PHE C 215 10.27 -10.07 13.42
C PHE C 215 9.12 -10.75 12.71
N LEU C 216 9.22 -12.07 12.52
CA LEU C 216 8.20 -12.87 11.86
C LEU C 216 7.58 -13.79 12.90
N PRO C 217 6.48 -13.39 13.53
CA PRO C 217 5.92 -14.17 14.65
C PRO C 217 5.70 -15.62 14.28
N GLY C 218 6.10 -16.51 15.19
CA GLY C 218 5.99 -17.94 15.00
C GLY C 218 6.87 -18.51 13.90
N ILE C 219 7.64 -17.68 13.19
CA ILE C 219 8.51 -18.12 12.12
C ILE C 219 9.98 -17.86 12.45
N GLY C 220 10.28 -16.69 13.01
CA GLY C 220 11.65 -16.38 13.38
C GLY C 220 12.00 -14.92 13.19
N GLU C 221 13.27 -14.64 12.92
CA GLU C 221 13.72 -13.28 12.73
C GLU C 221 14.68 -13.24 11.56
N ILE C 222 14.64 -12.14 10.81
CA ILE C 222 15.58 -11.88 9.71
C ILE C 222 16.31 -10.59 10.03
N LEU C 223 17.63 -10.62 9.96
CA LEU C 223 18.45 -9.47 10.29
C LEU C 223 19.41 -9.17 9.15
N ARG C 224 19.59 -7.88 8.89
CA ARG C 224 20.58 -7.38 7.94
C ARG C 224 21.41 -6.34 8.67
N ILE C 225 22.69 -6.64 8.89
CA ILE C 225 23.56 -5.80 9.69
C ILE C 225 24.72 -5.35 8.80
N PRO C 226 24.94 -4.05 8.61
CA PRO C 226 26.19 -3.61 8.00
C PRO C 226 27.36 -3.98 8.90
N PHE C 227 28.47 -4.38 8.28
CA PHE C 227 29.53 -5.00 9.05
C PHE C 227 30.86 -4.79 8.34
N LEU C 228 31.91 -4.58 9.12
CA LEU C 228 33.26 -4.55 8.60
C LEU C 228 33.85 -5.95 8.74
N SER C 229 33.96 -6.65 7.62
CA SER C 229 34.52 -7.99 7.61
C SER C 229 35.99 -7.94 7.19
N ARG C 230 36.68 -9.05 7.36
CA ARG C 230 38.06 -9.14 6.89
C ARG C 230 38.14 -8.88 5.39
N LEU C 231 37.06 -9.15 4.67
CA LEU C 231 36.97 -8.90 3.25
C LEU C 231 36.32 -7.55 2.93
N GLY C 232 36.33 -6.62 3.88
CA GLY C 232 35.81 -5.30 3.65
C GLY C 232 34.40 -5.11 4.17
N PRO C 233 33.83 -3.93 3.93
CA PRO C 233 32.45 -3.69 4.33
C PRO C 233 31.51 -4.67 3.65
N ALA C 234 30.52 -5.13 4.38
CA ALA C 234 29.65 -6.17 3.87
C ALA C 234 28.33 -6.13 4.62
N HIS C 235 27.42 -7.02 4.24
CA HIS C 235 26.12 -7.16 4.87
C HIS C 235 26.07 -8.52 5.57
N VAL C 236 25.70 -8.50 6.84
CA VAL C 236 25.38 -9.73 7.56
C VAL C 236 23.90 -10.02 7.33
N LEU C 237 23.62 -11.12 6.62
CA LEU C 237 22.27 -11.62 6.42
C LEU C 237 22.08 -12.83 7.32
N ALA C 238 21.22 -12.71 8.32
CA ALA C 238 21.04 -13.73 9.34
C ALA C 238 19.59 -14.16 9.36
N PHE C 239 19.36 -15.45 9.16
CA PHE C 239 18.05 -16.06 9.34
C PHE C 239 18.05 -16.74 10.70
N GLU C 240 17.27 -16.21 11.64
CA GLU C 240 17.08 -16.85 12.94
C GLU C 240 15.75 -17.60 12.87
N ALA C 241 15.83 -18.89 12.59
CA ALA C 241 14.67 -19.69 12.21
C ALA C 241 14.10 -20.39 13.44
N VAL C 242 12.81 -20.18 13.69
CA VAL C 242 12.10 -21.08 14.61
C VAL C 242 12.17 -22.50 14.05
N PRO C 243 12.57 -23.49 14.84
CA PRO C 243 12.79 -24.83 14.28
C PRO C 243 11.54 -25.37 13.62
N GLY C 244 11.75 -26.09 12.49
CA GLY C 244 10.65 -26.61 11.70
C GLY C 244 9.98 -25.61 10.78
N GLY C 245 10.21 -24.30 10.98
CA GLY C 245 9.59 -23.30 10.15
C GLY C 245 10.25 -23.17 8.79
N PRO C 246 9.74 -22.23 8.00
CA PRO C 246 10.24 -22.07 6.62
C PRO C 246 11.61 -21.42 6.56
N LEU C 247 12.04 -20.73 7.60
CA LEU C 247 13.35 -20.08 7.58
C LEU C 247 14.50 -21.05 7.84
N GLU C 248 14.22 -22.30 8.22
CA GLU C 248 15.29 -23.27 8.48
C GLU C 248 16.00 -23.72 7.21
N ALA C 249 15.35 -23.59 6.05
CA ALA C 249 15.84 -24.14 4.79
C ALA C 249 17.31 -23.83 4.54
N PRO C 250 17.75 -22.56 4.51
CA PRO C 250 19.14 -22.29 4.13
C PRO C 250 20.15 -22.87 5.11
N ALA C 251 19.75 -23.12 6.36
CA ALA C 251 20.67 -23.68 7.33
C ALA C 251 21.12 -25.09 6.98
N HIS C 252 20.43 -25.75 6.04
CA HIS C 252 20.75 -27.12 5.67
C HIS C 252 21.30 -27.23 4.26
N LEU C 253 21.38 -26.14 3.51
CA LEU C 253 21.93 -26.17 2.16
C LEU C 253 23.45 -26.06 2.19
N ASP C 254 24.12 -26.89 1.41
CA ASP C 254 25.57 -26.80 1.24
C ASP C 254 25.84 -25.68 0.24
N ALA C 255 26.13 -24.48 0.75
CA ALA C 255 26.36 -23.33 -0.11
C ALA C 255 27.62 -23.48 -0.96
N ALA C 256 28.54 -24.36 -0.57
CA ALA C 256 29.70 -24.62 -1.40
C ALA C 256 29.34 -25.50 -2.59
N ALA C 257 28.54 -26.55 -2.35
CA ALA C 257 28.16 -27.47 -3.41
C ALA C 257 27.27 -26.78 -4.45
N ASP C 258 26.34 -25.93 -4.00
CA ASP C 258 25.38 -25.28 -4.89
C ASP C 258 25.28 -23.81 -4.54
N PRO C 259 26.26 -23.00 -4.96
CA PRO C 259 26.16 -21.55 -4.70
C PRO C 259 24.90 -20.92 -5.25
N ALA C 260 24.57 -21.17 -6.51
CA ALA C 260 23.39 -20.56 -7.12
C ALA C 260 22.11 -20.99 -6.42
N GLY C 261 22.03 -22.27 -6.04
CA GLY C 261 20.85 -22.74 -5.34
C GLY C 261 20.70 -22.13 -3.95
N PHE C 262 21.80 -22.01 -3.21
CA PHE C 262 21.76 -21.37 -1.91
C PHE C 262 21.29 -19.93 -2.02
N HIS C 263 21.93 -19.14 -2.90
CA HIS C 263 21.54 -17.75 -3.10
C HIS C 263 20.09 -17.65 -3.53
N ARG C 264 19.62 -18.59 -4.37
CA ARG C 264 18.25 -18.58 -4.82
C ARG C 264 17.28 -18.79 -3.65
N GLU C 265 17.61 -19.68 -2.72
CA GLU C 265 16.73 -19.93 -1.58
C GLU C 265 16.69 -18.75 -0.63
N VAL C 266 17.83 -18.10 -0.40
CA VAL C 266 17.86 -16.92 0.47
C VAL C 266 17.01 -15.80 -0.12
N LEU C 267 17.14 -15.55 -1.42
CA LEU C 267 16.33 -14.52 -2.06
C LEU C 267 14.85 -14.86 -2.00
N ARG C 268 14.52 -16.15 -2.11
CA ARG C 268 13.12 -16.57 -2.02
C ARG C 268 12.53 -16.22 -0.65
N LEU C 269 13.26 -16.51 0.42
CA LEU C 269 12.75 -16.23 1.75
C LEU C 269 12.70 -14.73 2.03
N LEU C 270 13.67 -13.97 1.52
CA LEU C 270 13.59 -12.52 1.63
C LEU C 270 12.35 -11.99 0.92
N ALA C 271 12.06 -12.53 -0.27
CA ALA C 271 10.86 -12.11 -0.99
C ALA C 271 9.59 -12.44 -0.22
N ALA C 272 9.53 -13.63 0.38
CA ALA C 272 8.31 -14.03 1.08
C ALA C 272 8.08 -13.22 2.36
N TYR C 273 9.12 -12.95 3.13
CA TYR C 273 8.96 -12.50 4.50
C TYR C 273 9.51 -11.11 4.78
N ALA C 274 10.45 -10.62 3.98
CA ALA C 274 11.01 -9.28 4.15
C ALA C 274 11.08 -8.62 2.78
N PRO C 275 9.92 -8.31 2.18
CA PRO C 275 9.93 -7.77 0.82
C PRO C 275 10.62 -6.43 0.70
N SER C 276 10.51 -5.56 1.71
CA SER C 276 11.26 -4.32 1.72
C SER C 276 12.75 -4.57 1.66
N LEU C 277 13.19 -5.72 2.18
CA LEU C 277 14.59 -6.10 2.09
C LEU C 277 14.90 -6.68 0.72
N ARG C 278 14.00 -7.51 0.19
CA ARG C 278 14.19 -8.12 -1.12
C ARG C 278 14.29 -7.06 -2.22
N GLU C 279 13.57 -5.94 -2.09
CA GLU C 279 13.61 -4.90 -3.11
C GLU C 279 14.96 -4.23 -3.22
N ARG C 280 15.81 -4.35 -2.20
CA ARG C 280 17.09 -3.67 -2.18
C ARG C 280 18.21 -4.55 -2.70
N VAL C 281 17.88 -5.74 -3.19
CA VAL C 281 18.88 -6.73 -3.60
C VAL C 281 19.18 -6.52 -5.08
N ASP C 282 20.37 -6.00 -5.37
CA ASP C 282 20.90 -6.01 -6.73
C ASP C 282 21.33 -7.44 -7.02
N THR C 283 20.49 -8.18 -7.76
CA THR C 283 20.73 -9.60 -7.97
C THR C 283 21.95 -9.87 -8.84
N ALA C 284 22.43 -8.88 -9.60
CA ALA C 284 23.65 -9.07 -10.36
C ALA C 284 24.85 -9.25 -9.44
N ARG C 285 24.92 -8.50 -8.34
CA ARG C 285 26.06 -8.52 -7.44
C ARG C 285 25.79 -9.33 -6.18
N PHE C 286 24.59 -9.87 -6.01
CA PHE C 286 24.20 -10.50 -4.77
C PHE C 286 24.88 -11.84 -4.59
N GLY C 287 25.27 -12.15 -3.36
CA GLY C 287 25.87 -13.43 -3.05
C GLY C 287 26.82 -13.31 -1.88
N LEU C 288 27.21 -14.46 -1.34
CA LEU C 288 28.23 -14.49 -0.31
C LEU C 288 29.52 -13.87 -0.83
N VAL C 289 30.16 -13.07 0.02
CA VAL C 289 31.33 -12.31 -0.40
C VAL C 289 32.50 -13.21 -0.80
N ALA C 290 32.47 -14.47 -0.38
CA ALA C 290 33.51 -15.44 -0.69
C ALA C 290 33.03 -16.81 -0.28
N PRO C 291 33.61 -17.88 -0.83
CA PRO C 291 33.21 -19.23 -0.41
C PRO C 291 33.54 -19.46 1.05
N GLY C 292 32.56 -19.99 1.78
CA GLY C 292 32.74 -20.28 3.19
C GLY C 292 32.27 -19.18 4.12
N GLU C 293 32.08 -17.97 3.61
CA GLU C 293 31.71 -16.84 4.46
C GLU C 293 30.26 -16.97 4.89
N LEU C 294 30.00 -17.97 5.74
CA LEU C 294 28.65 -18.41 6.09
C LEU C 294 28.74 -19.30 7.33
N ALA C 295 27.76 -19.15 8.21
CA ALA C 295 27.67 -19.97 9.41
C ALA C 295 26.25 -20.52 9.52
N GLN C 296 26.13 -21.83 9.72
CA GLN C 296 24.83 -22.49 9.78
C GLN C 296 24.82 -23.43 10.98
N GLY C 297 23.70 -23.44 11.71
CA GLY C 297 23.55 -24.32 12.85
C GLY C 297 22.53 -23.77 13.83
N GLY C 298 22.42 -24.48 14.96
CA GLY C 298 21.54 -24.05 16.03
C GLY C 298 22.28 -23.84 17.34
N VAL C 299 21.68 -23.08 18.26
CA VAL C 299 22.28 -22.76 19.53
C VAL C 299 21.31 -23.14 20.64
N THR C 300 21.78 -23.95 21.60
CA THR C 300 20.96 -24.32 22.75
C THR C 300 21.36 -23.43 23.91
N PRO C 301 20.52 -22.48 24.32
CA PRO C 301 20.88 -21.60 25.44
C PRO C 301 21.15 -22.40 26.71
N THR C 302 22.36 -22.24 27.25
CA THR C 302 22.80 -23.02 28.40
C THR C 302 23.57 -22.13 29.38
N VAL C 303 23.21 -22.21 30.66
CA VAL C 303 23.97 -21.64 31.75
C VAL C 303 24.55 -22.80 32.55
N ARG C 304 25.87 -22.84 32.67
CA ARG C 304 26.55 -23.92 33.38
C ARG C 304 26.99 -23.45 34.76
N ARG C 305 27.43 -24.41 35.56
CA ARG C 305 27.97 -24.07 36.87
C ARG C 305 29.33 -23.41 36.70
N GLY C 306 29.48 -22.23 37.31
CA GLY C 306 30.59 -21.33 37.01
C GLY C 306 31.94 -21.75 37.53
N TRP C 307 32.02 -22.78 38.36
CA TRP C 307 33.27 -23.15 39.01
C TRP C 307 33.41 -24.65 39.07
N ALA C 308 34.61 -25.09 39.40
CA ALA C 308 34.94 -26.51 39.48
C ALA C 308 36.24 -26.68 40.24
N ARG C 309 36.28 -27.68 41.12
CA ARG C 309 37.51 -28.04 41.83
C ARG C 309 38.19 -29.16 41.05
N LEU C 310 39.43 -28.91 40.63
CA LEU C 310 40.16 -29.88 39.82
C LEU C 310 40.84 -30.92 40.70
N ALA C 311 41.57 -31.82 40.06
CA ALA C 311 42.14 -32.97 40.76
C ALA C 311 43.07 -32.54 41.90
N ASP C 312 44.09 -31.74 41.59
CA ASP C 312 45.09 -31.36 42.58
C ASP C 312 44.60 -30.29 43.56
N GLY C 313 43.32 -29.92 43.52
CA GLY C 313 42.77 -28.94 44.42
C GLY C 313 42.76 -27.52 43.89
N THR C 314 43.42 -27.25 42.78
CA THR C 314 43.30 -25.96 42.13
C THR C 314 41.89 -25.78 41.58
N CYS C 315 41.28 -24.63 41.87
CA CYS C 315 39.93 -24.35 41.41
C CYS C 315 39.95 -23.78 39.99
N ALA C 316 38.80 -23.86 39.33
CA ALA C 316 38.67 -23.38 37.96
C ALA C 316 37.34 -22.65 37.78
N LEU C 317 37.39 -21.45 37.23
CA LEU C 317 36.20 -20.69 36.90
C LEU C 317 35.99 -20.68 35.38
N ALA C 318 34.73 -20.60 34.98
CA ALA C 318 34.37 -20.53 33.56
C ALA C 318 33.69 -19.20 33.28
N ILE C 319 34.15 -18.53 32.22
CA ILE C 319 33.54 -17.30 31.74
C ILE C 319 33.36 -17.39 30.23
N GLY C 320 32.66 -16.40 29.69
CA GLY C 320 32.44 -16.34 28.26
C GLY C 320 31.47 -17.41 27.82
N ASP C 321 31.71 -17.97 26.65
CA ASP C 321 30.81 -18.99 26.13
C ASP C 321 30.99 -20.31 26.86
N ALA C 322 32.16 -20.55 27.46
CA ALA C 322 32.36 -21.73 28.28
C ALA C 322 31.41 -21.77 29.47
N TRP C 323 31.02 -20.59 29.96
CA TRP C 323 30.09 -20.50 31.08
C TRP C 323 28.65 -20.46 30.59
N ILE C 324 28.31 -19.44 29.80
CA ILE C 324 26.94 -19.19 29.38
C ILE C 324 26.89 -19.11 27.87
N THR C 325 25.91 -19.77 27.28
CA THR C 325 25.65 -19.71 25.85
C THR C 325 24.25 -19.15 25.65
N ASN C 326 24.15 -18.02 24.95
CA ASN C 326 22.86 -17.41 24.63
C ASN C 326 22.62 -17.48 23.13
N ASP C 327 21.36 -17.37 22.75
CA ASP C 327 21.03 -17.22 21.35
C ASP C 327 21.49 -15.83 20.89
N PRO C 328 22.18 -15.72 19.76
CA PRO C 328 22.81 -14.45 19.38
C PRO C 328 21.85 -13.31 19.07
N LEU C 329 20.53 -13.54 19.14
CA LEU C 329 19.57 -12.56 18.65
C LEU C 329 19.76 -11.18 19.30
N THR C 330 19.91 -11.14 20.63
CA THR C 330 20.08 -9.87 21.34
C THR C 330 21.49 -9.30 21.24
N ALA C 331 22.43 -10.04 20.65
CA ALA C 331 23.80 -9.58 20.43
C ALA C 331 24.51 -9.29 21.75
N GLN C 332 24.15 -10.01 22.80
CA GLN C 332 24.72 -9.77 24.13
C GLN C 332 25.87 -10.72 24.46
N GLY C 333 26.07 -11.76 23.66
CA GLY C 333 27.08 -12.75 23.93
C GLY C 333 28.47 -12.18 24.14
N ALA C 334 29.01 -11.56 23.10
CA ALA C 334 30.35 -10.98 23.21
C ALA C 334 30.41 -9.90 24.28
N ASN C 335 29.32 -9.16 24.46
CA ASN C 335 29.31 -8.10 25.47
C ASN C 335 29.31 -8.66 26.88
N LEU C 336 28.49 -9.68 27.14
CA LEU C 336 28.45 -10.29 28.48
C LEU C 336 29.81 -10.87 28.84
N GLY C 337 30.46 -11.55 27.89
CA GLY C 337 31.79 -12.07 28.16
C GLY C 337 32.80 -10.98 28.45
N SER C 338 32.65 -9.83 27.79
CA SER C 338 33.55 -8.71 28.05
C SER C 338 33.31 -8.11 29.42
N HIS C 339 32.04 -8.05 29.85
CA HIS C 339 31.72 -7.53 31.17
C HIS C 339 32.21 -8.47 32.26
N THR C 340 31.90 -9.77 32.14
CA THR C 340 32.33 -10.70 33.17
C THR C 340 33.84 -10.85 33.24
N ALA C 341 34.55 -10.59 32.14
CA ALA C 341 36.01 -10.61 32.20
C ALA C 341 36.52 -9.51 33.12
N PHE C 342 36.02 -8.29 32.95
CA PHE C 342 36.46 -7.17 33.78
C PHE C 342 36.03 -7.35 35.23
N ALA C 343 34.84 -7.91 35.46
CA ALA C 343 34.37 -8.13 36.83
C ALA C 343 35.21 -9.20 37.51
N LEU C 344 35.43 -10.32 36.82
CA LEU C 344 36.26 -11.39 37.38
C LEU C 344 37.69 -10.91 37.61
N ALA C 345 38.19 -10.06 36.72
CA ALA C 345 39.55 -9.53 36.87
C ALA C 345 39.67 -8.75 38.18
N ASP C 346 38.71 -7.88 38.46
CA ASP C 346 38.74 -7.09 39.70
C ASP C 346 38.66 -7.99 40.92
N LEU C 347 37.89 -9.08 40.84
CA LEU C 347 37.78 -10.01 41.97
C LEU C 347 39.11 -10.70 42.22
N ILE C 348 39.75 -11.20 41.16
CA ILE C 348 41.06 -11.85 41.28
C ILE C 348 42.10 -10.86 41.80
N ALA C 349 42.08 -9.63 41.30
CA ALA C 349 43.14 -8.68 41.61
C ALA C 349 43.06 -8.17 43.04
N SER C 350 41.85 -8.08 43.59
CA SER C 350 41.64 -7.64 44.95
C SER C 350 41.59 -8.77 45.96
N ALA C 351 41.74 -10.02 45.50
CA ALA C 351 41.68 -11.17 46.39
C ALA C 351 42.86 -11.13 47.36
N THR C 352 42.57 -10.90 48.64
CA THR C 352 43.60 -10.95 49.66
C THR C 352 43.80 -12.34 50.23
N GLY C 353 42.80 -13.22 50.12
CA GLY C 353 42.90 -14.57 50.62
C GLY C 353 43.30 -15.55 49.54
N PRO C 354 43.07 -16.84 49.80
CA PRO C 354 43.34 -17.86 48.78
C PRO C 354 42.20 -18.01 47.77
N LEU C 355 42.56 -18.48 46.58
CA LEU C 355 41.62 -18.65 45.48
C LEU C 355 40.99 -20.04 45.48
N ASP C 356 40.33 -20.37 46.58
CA ASP C 356 39.79 -21.70 46.81
C ASP C 356 38.31 -21.74 46.43
N GLU C 357 37.66 -22.85 46.78
CA GLU C 357 36.23 -23.02 46.48
C GLU C 357 35.39 -21.88 47.04
N ALA C 358 35.71 -21.41 48.25
CA ALA C 358 34.94 -20.32 48.84
C ALA C 358 35.02 -19.07 47.97
N PHE C 359 36.19 -18.82 47.38
CA PHE C 359 36.35 -17.69 46.46
C PHE C 359 35.51 -17.88 45.21
N CYS C 360 35.61 -19.06 44.59
CA CYS C 360 34.94 -19.30 43.31
C CYS C 360 33.43 -19.22 43.43
N ARG C 361 32.84 -19.82 44.47
CA ARG C 361 31.40 -19.74 44.62
C ARG C 361 30.94 -18.29 44.81
N ASP C 362 31.67 -17.52 45.63
CA ASP C 362 31.36 -16.11 45.78
C ASP C 362 31.56 -15.38 44.45
N ALA C 363 32.62 -15.71 43.73
CA ALA C 363 32.86 -15.11 42.43
C ALA C 363 31.73 -15.43 41.46
N SER C 364 31.41 -16.72 41.31
CA SER C 364 30.34 -17.12 40.41
C SER C 364 29.01 -16.47 40.80
N ALA C 365 28.74 -16.37 42.10
CA ALA C 365 27.52 -15.70 42.56
C ALA C 365 27.48 -14.26 42.08
N ARG C 366 28.58 -13.52 42.27
CA ARG C 366 28.61 -12.12 41.89
C ARG C 366 28.50 -11.94 40.39
N LEU C 367 29.23 -12.77 39.62
CA LEU C 367 29.12 -12.70 38.17
C LEU C 367 27.71 -13.04 37.71
N TRP C 368 27.07 -14.00 38.39
CA TRP C 368 25.72 -14.38 37.99
C TRP C 368 24.71 -13.26 38.25
N ASP C 369 24.95 -12.42 39.26
CA ASP C 369 24.01 -11.35 39.55
C ASP C 369 23.86 -10.39 38.37
N HIS C 370 24.92 -10.21 37.58
CA HIS C 370 24.81 -9.44 36.35
C HIS C 370 24.35 -10.33 35.19
N ALA C 371 24.95 -11.51 35.06
CA ALA C 371 24.63 -12.39 33.94
C ALA C 371 23.17 -12.79 33.92
N ARG C 372 22.51 -12.82 35.08
CA ARG C 372 21.11 -13.27 35.13
C ARG C 372 20.22 -12.40 34.23
N HIS C 373 20.39 -11.07 34.31
CA HIS C 373 19.58 -10.17 33.49
C HIS C 373 19.79 -10.43 32.00
N VAL C 374 21.02 -10.72 31.61
CA VAL C 374 21.31 -10.96 30.20
C VAL C 374 20.64 -12.24 29.73
N VAL C 375 20.68 -13.28 30.56
CA VAL C 375 20.09 -14.57 30.19
C VAL C 375 18.57 -14.45 30.09
N GLU C 376 17.93 -13.74 31.03
CA GLU C 376 16.48 -13.66 31.01
C GLU C 376 15.98 -12.81 29.85
N TRP C 377 16.68 -11.73 29.51
CA TRP C 377 16.31 -10.94 28.35
C TRP C 377 16.50 -11.74 27.06
N SER C 378 17.61 -12.46 26.95
CA SER C 378 17.87 -13.22 25.73
C SER C 378 16.80 -14.28 25.51
N ASN C 379 16.36 -14.93 26.58
CA ASN C 379 15.28 -15.91 26.42
C ASN C 379 13.94 -15.23 26.16
N ALA C 380 13.74 -14.04 26.74
CA ALA C 380 12.48 -13.31 26.54
C ALA C 380 12.29 -12.91 25.09
N PHE C 381 13.33 -12.36 24.45
CA PHE C 381 13.20 -11.96 23.05
C PHE C 381 12.94 -13.13 22.12
N LEU C 382 13.27 -14.35 22.52
CA LEU C 382 12.96 -15.50 21.69
C LEU C 382 11.48 -15.83 21.71
N ALA C 383 10.75 -15.38 22.74
CA ALA C 383 9.35 -15.67 22.99
C ALA C 383 8.45 -14.60 22.40
N PRO C 384 7.18 -14.93 22.14
CA PRO C 384 6.23 -13.94 21.61
C PRO C 384 6.18 -12.70 22.50
N PRO C 385 6.06 -11.51 21.91
CA PRO C 385 6.05 -10.28 22.71
C PRO C 385 4.80 -10.20 23.56
N PRO C 386 4.96 -10.02 24.87
CA PRO C 386 3.80 -9.85 25.75
C PRO C 386 3.04 -8.58 25.41
N PRO C 387 1.78 -8.45 25.88
CA PRO C 387 0.98 -7.28 25.49
C PRO C 387 1.60 -5.93 25.82
N HIS C 388 2.20 -5.77 27.00
CA HIS C 388 2.77 -4.47 27.36
C HIS C 388 4.00 -4.13 26.52
N VAL C 389 4.73 -5.13 26.04
CA VAL C 389 5.85 -4.88 25.15
C VAL C 389 5.34 -4.53 23.75
N MET C 390 4.34 -5.26 23.25
CA MET C 390 3.75 -4.93 21.97
C MET C 390 3.19 -3.51 21.96
N GLU C 391 2.73 -3.02 23.11
CA GLU C 391 2.28 -1.63 23.17
C GLU C 391 3.45 -0.68 23.03
N LEU C 392 4.56 -0.95 23.72
CA LEU C 392 5.75 -0.10 23.60
C LEU C 392 6.21 -0.02 22.15
N PHE C 393 6.20 -1.15 21.43
CA PHE C 393 6.57 -1.15 20.02
C PHE C 393 5.66 -0.20 19.23
N GLY C 394 4.35 -0.27 19.48
CA GLY C 394 3.44 0.68 18.85
C GLY C 394 3.75 2.12 19.24
N ARG C 395 3.89 2.38 20.54
CA ARG C 395 4.13 3.73 21.02
C ARG C 395 5.44 4.30 20.47
N ALA C 396 6.46 3.45 20.30
CA ALA C 396 7.72 3.93 19.76
C ALA C 396 7.64 4.19 18.26
N ALA C 397 6.74 3.52 17.56
CA ALA C 397 6.57 3.75 16.13
C ALA C 397 5.97 5.11 15.81
N GLY C 398 5.41 5.80 16.79
CA GLY C 398 4.81 7.10 16.53
C GLY C 398 5.42 8.22 17.35
N ASP C 399 6.54 7.94 18.00
CA ASP C 399 7.25 8.93 18.80
C ASP C 399 8.74 8.66 18.64
N LYS C 400 9.43 9.55 17.90
CA LYS C 400 10.85 9.31 17.61
C LYS C 400 11.69 9.29 18.87
N GLN C 401 11.30 10.08 19.88
CA GLN C 401 12.04 10.08 21.13
C GLN C 401 11.98 8.72 21.81
N ILE C 402 10.84 8.05 21.73
CA ILE C 402 10.73 6.71 22.32
C ILE C 402 11.50 5.69 21.51
N ALA C 403 11.39 5.76 20.17
CA ALA C 403 12.13 4.83 19.32
C ALA C 403 13.62 4.98 19.54
N ASP C 404 14.10 6.22 19.64
CA ASP C 404 15.52 6.45 19.92
C ASP C 404 15.92 5.91 21.29
N ALA C 405 15.10 6.17 22.30
CA ALA C 405 15.42 5.72 23.66
C ALA C 405 15.42 4.20 23.76
N PHE C 406 14.44 3.54 23.16
CA PHE C 406 14.39 2.08 23.20
C PHE C 406 15.64 1.47 22.57
N VAL C 407 15.98 1.92 21.36
CA VAL C 407 17.15 1.40 20.67
C VAL C 407 18.41 1.68 21.48
N GLY C 408 18.48 2.84 22.12
CA GLY C 408 19.64 3.21 22.92
C GLY C 408 19.90 2.31 24.12
N ARG C 409 18.90 1.55 24.57
CA ARG C 409 19.09 0.68 25.72
C ARG C 409 19.59 -0.70 25.36
N PHE C 410 19.91 -0.96 24.09
CA PHE C 410 20.68 -2.16 23.79
C PHE C 410 22.08 -2.07 24.38
N HIS C 411 22.54 -0.86 24.73
CA HIS C 411 23.84 -0.68 25.38
C HIS C 411 23.87 -1.22 26.80
N ASP C 412 22.72 -1.31 27.46
CA ASP C 412 22.66 -1.66 28.88
C ASP C 412 21.62 -2.77 29.02
N PRO C 413 22.04 -4.03 29.05
CA PRO C 413 21.07 -5.13 29.13
C PRO C 413 20.24 -5.11 30.40
N VAL C 414 20.81 -4.64 31.52
CA VAL C 414 20.05 -4.56 32.76
C VAL C 414 18.97 -3.49 32.65
N ALA C 415 19.34 -2.31 32.13
CA ALA C 415 18.36 -1.25 31.95
C ALA C 415 17.33 -1.61 30.88
N MET C 416 17.72 -2.42 29.89
CA MET C 416 16.77 -2.90 28.90
C MET C 416 15.77 -3.87 29.51
N TRP C 417 16.26 -4.81 30.32
CA TRP C 417 15.38 -5.77 30.96
C TRP C 417 14.43 -5.11 31.95
N ALA C 418 14.86 -4.01 32.56
CA ALA C 418 13.98 -3.25 33.45
C ALA C 418 12.74 -2.75 32.73
N VAL C 419 12.86 -2.45 31.43
CA VAL C 419 11.72 -1.90 30.70
C VAL C 419 10.79 -3.02 30.25
N LEU C 420 11.36 -4.08 29.66
CA LEU C 420 10.57 -5.11 29.00
C LEU C 420 9.98 -6.13 29.95
N SER C 421 10.61 -6.37 31.10
CA SER C 421 10.16 -7.45 32.00
C SER C 421 8.76 -7.18 32.52
N SER C 422 8.57 -6.10 33.14
CA SER C 422 7.25 -5.95 33.73
C SER C 422 6.41 -4.96 32.93
N PRO C 423 5.08 -5.08 32.98
CA PRO C 423 4.25 -4.01 32.39
C PRO C 423 4.46 -2.68 33.07
N GLU C 424 4.90 -2.70 34.33
CA GLU C 424 5.18 -1.45 35.04
C GLU C 424 6.48 -0.82 34.54
N GLY C 425 7.41 -1.63 34.03
CA GLY C 425 8.63 -1.08 33.47
C GLY C 425 8.41 -0.31 32.17
N VAL C 426 7.57 -0.86 31.27
CA VAL C 426 7.23 -0.16 30.04
C VAL C 426 6.56 1.17 30.34
N ASP C 427 5.63 1.18 31.30
CA ASP C 427 4.87 2.40 31.58
C ASP C 427 5.78 3.50 32.14
N SER C 428 6.54 3.18 33.19
CA SER C 428 7.46 4.17 33.75
C SER C 428 8.51 4.61 32.74
N PHE C 429 8.86 3.73 31.79
CA PHE C 429 9.81 4.09 30.74
C PHE C 429 9.19 5.07 29.75
N VAL C 430 8.03 4.72 29.20
CA VAL C 430 7.35 5.57 28.22
C VAL C 430 7.23 7.01 28.70
N ARG C 431 6.91 7.20 29.98
CA ARG C 431 6.76 8.56 30.50
C ARG C 431 8.07 9.33 30.41
N SER C 432 9.18 8.73 30.84
CA SER C 432 10.44 9.45 30.87
C SER C 432 10.89 9.90 29.49
N CYS C 433 10.46 9.19 28.44
CA CYS C 433 10.82 9.62 27.08
C CYS C 433 10.09 10.90 26.69
N THR C 434 8.87 11.09 27.16
CA THR C 434 8.06 12.24 26.78
C THR C 434 8.17 13.38 27.80
N THR D 30 32.74 4.76 0.25
CA THR D 30 33.71 5.57 0.98
C THR D 30 33.00 6.46 2.02
N GLU D 31 33.66 7.52 2.50
CA GLU D 31 33.12 8.31 3.58
C GLU D 31 32.29 9.52 3.13
N THR D 32 32.63 10.16 2.01
CA THR D 32 31.86 11.30 1.52
C THR D 32 30.82 10.82 0.52
N ASP D 33 29.55 10.80 0.94
CA ASP D 33 28.44 10.40 0.08
C ASP D 33 27.57 11.63 -0.16
N ILE D 34 27.46 12.04 -1.42
CA ILE D 34 26.81 13.29 -1.78
C ILE D 34 25.42 13.00 -2.33
N GLY D 35 24.45 13.79 -1.88
CA GLY D 35 23.10 13.71 -2.41
C GLY D 35 22.75 14.99 -3.13
N ILE D 36 22.42 14.89 -4.40
CA ILE D 36 22.15 16.04 -5.26
C ILE D 36 20.66 16.07 -5.57
N ILE D 37 20.05 17.24 -5.41
CA ILE D 37 18.63 17.44 -5.69
C ILE D 37 18.51 18.35 -6.92
N GLY D 38 17.89 17.83 -7.97
CA GLY D 38 17.66 18.59 -9.18
C GLY D 38 18.40 18.05 -10.39
N SER D 39 17.74 18.08 -11.55
CA SER D 39 18.31 17.58 -12.78
C SER D 39 18.65 18.70 -13.76
N GLY D 40 19.05 19.85 -13.25
CA GLY D 40 19.54 20.92 -14.09
C GLY D 40 20.91 20.58 -14.66
N ILE D 41 21.47 21.54 -15.40
CA ILE D 41 22.82 21.37 -15.94
C ILE D 41 23.84 21.32 -14.81
N SER D 42 23.66 22.15 -13.78
CA SER D 42 24.60 22.16 -12.67
C SER D 42 24.51 20.86 -11.88
N GLY D 43 23.29 20.42 -11.57
CA GLY D 43 23.13 19.17 -10.83
C GLY D 43 23.68 17.98 -11.60
N LEU D 44 23.36 17.88 -12.89
CA LEU D 44 23.76 16.72 -13.67
C LEU D 44 25.26 16.70 -13.92
N GLN D 45 25.87 17.86 -14.18
CA GLN D 45 27.31 17.88 -14.38
C GLN D 45 28.05 17.60 -13.08
N LEU D 46 27.52 18.07 -11.95
CA LEU D 46 28.10 17.74 -10.65
C LEU D 46 28.09 16.23 -10.42
N ALA D 47 26.95 15.58 -10.69
CA ALA D 47 26.85 14.13 -10.52
C ALA D 47 27.85 13.40 -11.40
N LEU D 48 27.96 13.80 -12.66
CA LEU D 48 28.90 13.15 -13.58
C LEU D 48 30.34 13.36 -13.13
N ARG D 49 30.66 14.55 -12.63
CA ARG D 49 32.04 14.85 -12.26
C ARG D 49 32.43 14.16 -10.96
N LEU D 50 31.56 14.18 -9.96
CA LEU D 50 31.80 13.43 -8.73
C LEU D 50 31.99 11.95 -9.04
N GLN D 51 31.13 11.40 -9.90
CA GLN D 51 31.26 10.01 -10.33
C GLN D 51 32.60 9.77 -11.02
N GLN D 52 33.09 10.75 -11.78
CA GLN D 52 34.41 10.61 -12.40
C GLN D 52 35.52 10.71 -11.38
N LEU D 53 35.35 11.52 -10.33
CA LEU D 53 36.40 11.69 -9.33
C LEU D 53 36.41 10.57 -8.30
N GLY D 54 35.41 9.69 -8.30
CA GLY D 54 35.34 8.60 -7.35
C GLY D 54 34.41 8.83 -6.18
N VAL D 55 33.78 9.99 -6.09
CA VAL D 55 32.92 10.30 -4.94
C VAL D 55 31.56 9.65 -5.16
N PRO D 56 31.06 8.87 -4.19
CA PRO D 56 29.71 8.32 -4.31
C PRO D 56 28.67 9.43 -4.34
N VAL D 57 27.69 9.29 -5.24
CA VAL D 57 26.73 10.35 -5.49
C VAL D 57 25.39 9.74 -5.87
N THR D 58 24.32 10.31 -5.34
CA THR D 58 22.95 9.95 -5.66
C THR D 58 22.24 11.19 -6.18
N LEU D 59 21.51 11.05 -7.28
CA LEU D 59 20.80 12.18 -7.90
C LEU D 59 19.30 12.06 -7.66
N TYR D 60 18.71 13.09 -7.07
CA TYR D 60 17.28 13.17 -6.82
C TYR D 60 16.65 14.11 -7.84
N SER D 61 15.99 13.54 -8.84
CA SER D 61 15.36 14.31 -9.91
C SER D 61 13.85 14.20 -9.80
N ALA D 62 13.17 15.34 -9.94
CA ALA D 62 11.71 15.35 -9.97
C ALA D 62 11.15 14.71 -11.23
N GLN D 63 11.94 14.65 -12.30
CA GLN D 63 11.49 14.21 -13.60
C GLN D 63 12.28 12.98 -14.07
N THR D 64 11.66 12.20 -14.94
CA THR D 64 12.33 11.10 -15.62
C THR D 64 13.10 11.65 -16.82
N ALA D 65 13.84 10.76 -17.50
CA ALA D 65 14.56 11.16 -18.69
C ALA D 65 13.60 11.54 -19.82
N GLU D 66 12.57 10.71 -20.04
CA GLU D 66 11.58 11.03 -21.06
C GLU D 66 10.83 12.31 -20.72
N GLU D 67 10.55 12.54 -19.44
CA GLU D 67 9.89 13.78 -19.05
C GLU D 67 10.79 14.99 -19.25
N LEU D 68 12.11 14.82 -19.09
CA LEU D 68 13.02 15.93 -19.35
C LEU D 68 13.04 16.32 -20.81
N GLY D 69 12.76 15.39 -21.71
CA GLY D 69 12.77 15.67 -23.13
C GLY D 69 11.43 16.07 -23.69
N SER D 70 10.45 16.37 -22.85
CA SER D 70 9.13 16.79 -23.28
C SER D 70 8.72 18.03 -22.50
N GLY D 71 7.52 18.52 -22.78
CA GLY D 71 7.02 19.72 -22.17
C GLY D 71 7.45 20.97 -22.92
N ARG D 72 6.92 22.09 -22.47
CA ARG D 72 7.25 23.36 -23.10
C ARG D 72 8.66 23.79 -22.69
N PRO D 73 9.39 24.44 -23.59
CA PRO D 73 10.76 24.84 -23.25
C PRO D 73 10.77 25.96 -22.22
N ARG D 74 11.80 25.93 -21.37
CA ARG D 74 11.92 26.91 -20.30
C ARG D 74 12.92 28.02 -20.60
N ASN D 75 13.99 27.73 -21.34
CA ASN D 75 15.00 28.72 -21.68
C ASN D 75 15.81 28.19 -22.85
N PHE D 76 16.74 29.03 -23.33
CA PHE D 76 17.47 28.76 -24.57
C PHE D 76 18.94 29.08 -24.33
N PRO D 77 19.64 28.23 -23.58
CA PRO D 77 21.01 28.57 -23.17
C PRO D 77 22.03 28.22 -24.24
N ALA D 78 22.90 29.16 -24.54
CA ALA D 78 24.09 28.91 -25.35
C ALA D 78 25.23 28.53 -24.42
N ARG D 79 25.91 27.42 -24.72
CA ARG D 79 26.99 26.92 -23.90
C ARG D 79 28.32 27.23 -24.59
N PHE D 80 29.14 28.02 -23.92
CA PHE D 80 30.37 28.53 -24.50
C PHE D 80 31.50 27.51 -24.36
N ALA D 81 32.69 27.89 -24.83
CA ALA D 81 33.80 26.97 -24.90
C ALA D 81 34.17 26.34 -23.55
N PRO D 82 34.29 27.09 -22.44
CA PRO D 82 34.61 26.42 -21.17
C PRO D 82 33.62 25.34 -20.77
N THR D 83 32.32 25.55 -21.01
CA THR D 83 31.34 24.52 -20.67
C THR D 83 31.48 23.31 -21.58
N GLN D 84 31.75 23.54 -22.87
CA GLN D 84 32.00 22.43 -23.77
C GLN D 84 33.25 21.66 -23.35
N ALA D 85 34.25 22.36 -22.81
CA ALA D 85 35.46 21.68 -22.34
C ALA D 85 35.17 20.81 -21.13
N ARG D 86 34.34 21.30 -20.20
CA ARG D 86 33.88 20.45 -19.11
C ARG D 86 33.10 19.25 -19.64
N GLU D 87 32.25 19.49 -20.65
CA GLU D 87 31.52 18.37 -21.25
C GLU D 87 32.47 17.39 -21.92
N ASP D 88 33.56 17.87 -22.51
CA ASP D 88 34.57 16.97 -23.06
C ASP D 88 35.12 16.05 -21.97
N SER D 89 35.57 16.63 -20.86
CA SER D 89 36.18 15.83 -19.80
C SER D 89 35.16 14.95 -19.08
N LEU D 90 33.87 15.27 -19.15
CA LEU D 90 32.87 14.32 -18.67
C LEU D 90 32.57 13.24 -19.69
N GLY D 91 33.17 13.31 -20.88
CA GLY D 91 32.91 12.36 -21.92
C GLY D 91 31.50 12.40 -22.48
N VAL D 92 30.88 13.58 -22.54
CA VAL D 92 29.51 13.71 -22.95
C VAL D 92 29.35 14.68 -24.13
N HIS D 93 30.44 14.98 -24.83
CA HIS D 93 30.38 15.95 -25.91
C HIS D 93 29.67 15.39 -27.13
N ALA D 94 28.70 16.13 -27.65
CA ALA D 94 27.88 15.72 -28.78
C ALA D 94 27.44 16.96 -29.55
N TRP D 95 26.49 16.78 -30.47
CA TRP D 95 25.94 17.87 -31.28
C TRP D 95 27.05 18.70 -31.94
N GLN D 96 28.03 17.98 -32.50
CA GLN D 96 29.23 18.57 -33.09
C GLN D 96 29.01 18.86 -34.57
N PHE D 97 28.04 19.74 -34.86
CA PHE D 97 27.73 20.12 -36.22
C PHE D 97 27.16 21.52 -36.21
N ASP D 98 27.27 22.21 -37.36
CA ASP D 98 27.06 23.66 -37.39
C ASP D 98 25.61 24.03 -37.07
N ASP D 99 24.67 23.12 -37.30
CA ASP D 99 23.28 23.41 -37.00
C ASP D 99 23.03 23.58 -35.51
N ALA D 100 24.00 23.22 -34.67
CA ALA D 100 23.88 23.38 -33.22
C ALA D 100 24.96 24.30 -32.68
N ARG D 101 25.50 25.18 -33.52
CA ARG D 101 26.55 26.09 -33.12
C ARG D 101 26.22 27.50 -33.57
N VAL D 102 26.72 28.49 -32.83
CA VAL D 102 26.70 29.88 -33.24
C VAL D 102 28.15 30.29 -33.46
N HIS D 103 28.47 30.74 -34.68
CA HIS D 103 29.85 31.00 -35.08
C HIS D 103 30.19 32.48 -35.10
N SER D 104 29.21 33.36 -35.06
CA SER D 104 29.47 34.79 -35.13
C SER D 104 28.29 35.52 -34.50
N CYS D 105 28.55 36.71 -33.99
CA CYS D 105 27.53 37.51 -33.32
C CYS D 105 27.48 38.88 -33.98
N ALA D 106 26.28 39.32 -34.34
CA ALA D 106 26.06 40.59 -35.00
C ALA D 106 25.27 41.50 -34.06
N ILE D 107 25.87 42.62 -33.68
CA ILE D 107 25.32 43.51 -32.66
C ILE D 107 24.90 44.81 -33.32
N THR D 108 23.67 45.25 -33.02
CA THR D 108 23.15 46.52 -33.51
C THR D 108 22.66 47.34 -32.32
N ILE D 109 23.18 48.56 -32.19
CA ILE D 109 22.82 49.48 -31.13
C ILE D 109 22.06 50.64 -31.77
N HIS D 110 20.77 50.72 -31.47
CA HIS D 110 19.90 51.74 -32.06
C HIS D 110 19.98 53.03 -31.24
N GLY D 111 20.40 54.11 -31.88
CA GLY D 111 20.37 55.40 -31.24
C GLY D 111 19.27 56.23 -31.87
N GLU D 112 19.44 57.55 -31.89
CA GLU D 112 18.54 58.37 -32.69
C GLU D 112 19.09 58.66 -34.07
N GLY D 113 20.41 58.68 -34.21
CA GLY D 113 21.06 58.69 -35.50
C GLY D 113 21.04 57.31 -36.11
N ALA D 114 21.98 57.08 -37.02
CA ALA D 114 22.11 55.77 -37.65
C ALA D 114 22.52 54.72 -36.61
N PRO D 115 22.05 53.49 -36.76
CA PRO D 115 22.39 52.44 -35.79
C PRO D 115 23.87 52.07 -35.82
N LEU D 116 24.43 51.85 -34.64
CA LEU D 116 25.78 51.29 -34.53
C LEU D 116 25.74 49.81 -34.87
N GLU D 117 26.56 49.39 -35.82
CA GLU D 117 26.58 48.00 -36.28
C GLU D 117 27.99 47.47 -36.30
N PHE D 118 28.20 46.31 -35.66
CA PHE D 118 29.44 45.57 -35.78
C PHE D 118 29.14 44.09 -35.57
N ALA D 119 30.00 43.26 -36.13
CA ALA D 119 29.86 41.82 -35.98
C ALA D 119 31.24 41.21 -35.76
N GLY D 120 31.31 40.28 -34.81
CA GLY D 120 32.54 39.59 -34.51
C GLY D 120 32.33 38.09 -34.51
N ALA D 121 33.43 37.37 -34.69
CA ALA D 121 33.39 35.92 -34.75
C ALA D 121 33.36 35.31 -33.35
N LEU D 122 32.66 34.19 -33.23
CA LEU D 122 32.69 33.37 -32.03
C LEU D 122 33.63 32.21 -32.31
N ALA D 123 34.83 32.28 -31.75
CA ALA D 123 35.85 31.25 -31.94
C ALA D 123 36.36 30.83 -30.57
N PRO D 124 36.14 29.57 -30.15
CA PRO D 124 35.33 28.54 -30.80
C PRO D 124 33.85 28.92 -30.78
N PRO D 125 32.99 28.27 -31.53
CA PRO D 125 31.56 28.56 -31.44
C PRO D 125 30.98 28.12 -30.11
N SER D 126 29.84 28.69 -29.77
CA SER D 126 29.06 28.22 -28.64
C SER D 126 28.03 27.23 -29.14
N SER D 127 27.64 26.29 -28.30
CA SER D 127 26.72 25.23 -28.68
C SER D 127 25.32 25.65 -28.28
N VAL D 128 24.41 25.66 -29.26
CA VAL D 128 23.04 26.08 -29.02
C VAL D 128 22.14 24.86 -29.17
N VAL D 129 22.04 24.07 -28.10
CA VAL D 129 21.31 22.82 -28.10
C VAL D 129 20.14 22.92 -27.11
N ASP D 130 18.95 22.58 -27.60
CA ASP D 130 17.76 22.54 -26.76
C ASP D 130 17.99 21.69 -25.53
N PHE D 131 17.64 22.23 -24.36
CA PHE D 131 17.86 21.50 -23.13
C PHE D 131 16.93 20.30 -22.99
N ARG D 132 15.90 20.17 -23.82
CA ARG D 132 15.17 18.91 -23.90
C ARG D 132 15.93 17.85 -24.67
N LEU D 133 17.01 18.22 -25.34
CA LEU D 133 17.99 17.29 -25.88
C LEU D 133 19.18 17.09 -24.95
N TYR D 134 19.59 18.16 -24.26
CA TYR D 134 20.83 18.17 -23.48
C TYR D 134 20.65 17.47 -22.14
N LEU D 135 19.67 17.92 -21.35
CA LEU D 135 19.50 17.36 -20.01
C LEU D 135 19.23 15.86 -20.00
N PRO D 136 18.38 15.29 -20.86
CA PRO D 136 18.26 13.83 -20.88
C PRO D 136 19.58 13.13 -21.18
N HIS D 137 20.37 13.69 -22.09
CA HIS D 137 21.66 13.10 -22.45
C HIS D 137 22.55 12.94 -21.21
N LEU D 138 22.62 13.97 -20.36
CA LEU D 138 23.45 13.87 -19.17
C LEU D 138 22.83 12.89 -18.17
N LEU D 139 21.55 13.05 -17.85
CA LEU D 139 20.89 12.18 -16.89
C LEU D 139 20.99 10.72 -17.30
N THR D 140 20.69 10.44 -18.57
CA THR D 140 20.79 9.08 -19.08
C THR D 140 22.22 8.55 -18.95
N GLU D 141 23.22 9.38 -19.24
CA GLU D 141 24.60 8.95 -19.20
C GLU D 141 25.08 8.69 -17.77
N PHE D 142 24.62 9.51 -16.81
CA PHE D 142 24.94 9.28 -15.41
C PHE D 142 24.45 7.91 -14.94
N ALA D 143 23.17 7.61 -15.20
CA ALA D 143 22.62 6.32 -14.81
C ALA D 143 23.34 5.17 -15.49
N ARG D 144 23.66 5.32 -16.77
CA ARG D 144 24.29 4.23 -17.53
C ARG D 144 25.67 3.89 -16.99
N ARG D 145 26.38 4.86 -16.44
CA ARG D 145 27.69 4.60 -15.86
C ARG D 145 27.59 4.03 -14.46
N GLY D 146 26.39 3.67 -14.02
CA GLY D 146 26.18 3.14 -12.70
C GLY D 146 25.69 4.16 -11.68
N GLY D 147 25.49 5.41 -12.10
CA GLY D 147 25.05 6.42 -11.16
C GLY D 147 23.70 6.06 -10.58
N ASN D 148 23.53 6.35 -9.29
CA ASN D 148 22.28 6.03 -8.59
C ASN D 148 21.33 7.21 -8.72
N VAL D 149 20.17 6.98 -9.33
CA VAL D 149 19.20 8.02 -9.61
C VAL D 149 17.88 7.63 -8.94
N ARG D 150 17.32 8.55 -8.17
CA ARG D 150 16.05 8.34 -7.47
C ARG D 150 15.04 9.36 -7.98
N ILE D 151 13.99 8.87 -8.64
CA ILE D 151 13.00 9.69 -9.32
C ILE D 151 11.78 9.87 -8.43
N GLY D 152 11.31 11.11 -8.30
CA GLY D 152 10.10 11.38 -7.56
C GLY D 152 10.24 12.58 -6.65
N PRO D 153 9.16 12.96 -5.97
CA PRO D 153 9.22 14.10 -5.05
C PRO D 153 10.24 13.84 -3.96
N VAL D 154 10.82 14.93 -3.46
CA VAL D 154 11.98 14.86 -2.58
C VAL D 154 11.64 15.53 -1.27
N VAL D 155 12.02 14.90 -0.16
CA VAL D 155 11.95 15.49 1.17
C VAL D 155 13.37 15.74 1.63
N VAL D 156 13.72 17.01 1.82
CA VAL D 156 15.10 17.37 2.12
C VAL D 156 15.62 16.61 3.33
N ASP D 157 14.80 16.52 4.39
CA ASP D 157 15.25 15.84 5.60
C ASP D 157 15.50 14.36 5.36
N GLU D 158 14.80 13.76 4.41
CA GLU D 158 15.04 12.36 4.09
C GLU D 158 16.36 12.18 3.34
N VAL D 159 16.67 13.12 2.44
CA VAL D 159 17.97 13.09 1.76
C VAL D 159 19.09 13.30 2.77
N ALA D 160 18.87 14.17 3.76
CA ALA D 160 19.89 14.44 4.77
C ALA D 160 20.18 13.21 5.61
N ARG D 161 19.18 12.36 5.83
CA ARG D 161 19.40 11.11 6.57
C ARG D 161 20.30 10.16 5.81
N ARG D 162 20.42 10.30 4.50
CA ARG D 162 21.08 9.30 3.67
C ARG D 162 22.45 9.75 3.15
N HIS D 163 22.87 10.98 3.44
CA HIS D 163 24.10 11.50 2.86
C HIS D 163 24.79 12.42 3.86
N ASP D 164 26.09 12.64 3.64
CA ASP D 164 26.88 13.54 4.47
C ASP D 164 26.76 14.99 4.06
N LEU D 165 26.32 15.24 2.83
CA LEU D 165 26.19 16.61 2.32
C LEU D 165 25.12 16.59 1.23
N VAL D 166 24.25 17.59 1.27
CA VAL D 166 23.19 17.73 0.27
C VAL D 166 23.51 18.95 -0.59
N VAL D 167 23.44 18.77 -1.91
CA VAL D 167 23.59 19.87 -2.86
C VAL D 167 22.27 20.06 -3.60
N VAL D 168 21.67 21.23 -3.42
CA VAL D 168 20.41 21.59 -4.07
C VAL D 168 20.73 22.36 -5.35
N ALA D 169 20.18 21.92 -6.47
CA ALA D 169 20.37 22.58 -7.75
C ALA D 169 19.14 22.40 -8.63
N ASN D 170 17.96 22.60 -8.06
CA ASN D 170 16.73 22.28 -8.78
C ASN D 170 16.36 23.34 -9.82
N GLY D 171 16.24 24.60 -9.43
CA GLY D 171 15.77 25.61 -10.35
C GLY D 171 15.78 26.99 -9.74
N ASP D 172 15.26 27.96 -10.50
CA ASP D 172 15.14 29.32 -9.99
C ASP D 172 14.13 29.39 -8.85
N ARG D 173 13.00 28.70 -9.00
CA ARG D 173 12.19 28.34 -7.86
C ARG D 173 13.06 27.50 -6.94
N SER D 174 13.78 28.15 -6.05
CA SER D 174 14.56 27.47 -5.04
C SER D 174 13.73 27.39 -3.77
N MET D 175 13.66 26.19 -3.18
CA MET D 175 13.31 26.15 -1.77
C MET D 175 14.26 27.13 -1.09
N ARG D 176 13.76 28.33 -0.80
CA ARG D 176 14.56 29.42 -0.22
C ARG D 176 14.60 29.40 1.29
N GLU D 177 13.60 28.80 1.92
CA GLU D 177 13.57 28.62 3.36
C GLU D 177 14.96 28.12 3.74
N LEU D 178 15.53 27.29 2.86
CA LEU D 178 16.89 26.81 3.03
C LEU D 178 17.91 27.89 2.64
N PHE D 179 17.69 28.56 1.51
CA PHE D 179 18.64 29.53 0.98
C PHE D 179 17.95 30.87 0.75
N PRO D 180 17.89 31.73 1.76
CA PRO D 180 17.26 33.04 1.55
C PRO D 180 18.10 33.97 0.69
N ARG D 181 17.42 34.95 0.13
CA ARG D 181 18.06 35.94 -0.73
C ARG D 181 19.05 36.77 0.08
N ASP D 182 20.29 36.77 -0.38
CA ASP D 182 21.33 37.59 0.25
C ASP D 182 21.21 38.98 -0.36
N PRO D 183 20.69 39.95 0.40
CA PRO D 183 20.39 41.25 -0.19
C PRO D 183 21.63 42.05 -0.53
N GLU D 184 22.76 41.76 0.08
CA GLU D 184 23.98 42.48 -0.27
C GLU D 184 24.53 42.03 -1.61
N ARG D 185 23.93 41.02 -2.24
CA ARG D 185 24.27 40.59 -3.59
C ARG D 185 23.07 40.57 -4.53
N SER D 186 21.87 40.97 -4.07
CA SER D 186 20.67 40.98 -4.89
C SER D 186 20.13 42.42 -4.92
N PRO D 187 20.73 43.29 -5.74
CA PRO D 187 20.29 44.69 -5.77
C PRO D 187 18.90 44.89 -6.36
N HIS D 188 18.33 43.88 -7.02
CA HIS D 188 17.01 43.99 -7.61
C HIS D 188 16.00 43.14 -6.84
N THR D 189 14.74 43.58 -6.87
CA THR D 189 13.65 42.88 -6.22
C THR D 189 12.47 42.62 -7.15
N THR D 190 12.46 43.20 -8.33
CA THR D 190 11.44 42.99 -9.36
C THR D 190 12.13 42.69 -10.67
N PRO D 191 11.44 42.05 -11.61
CA PRO D 191 12.08 41.72 -12.89
C PRO D 191 12.62 42.97 -13.58
N GLN D 192 13.84 42.86 -14.10
CA GLN D 192 14.44 43.93 -14.88
C GLN D 192 14.15 43.81 -16.37
N ARG D 193 13.70 42.64 -16.81
CA ARG D 193 13.22 42.43 -18.17
C ARG D 193 12.04 41.48 -18.11
N ILE D 194 11.08 41.69 -19.00
CA ILE D 194 9.98 40.75 -19.20
C ILE D 194 10.26 40.00 -20.49
N LEU D 195 10.24 38.67 -20.41
CA LEU D 195 10.74 37.83 -21.47
C LEU D 195 9.60 37.24 -22.28
N CYS D 196 9.81 37.18 -23.60
CA CYS D 196 8.97 36.41 -24.51
C CYS D 196 9.89 35.74 -25.51
N SER D 197 10.09 34.43 -25.37
CA SER D 197 11.07 33.72 -26.18
C SER D 197 10.51 32.38 -26.61
N GLY D 198 10.75 32.03 -27.87
CA GLY D 198 10.27 30.78 -28.43
C GLY D 198 11.03 30.42 -29.69
N PHE D 199 10.76 29.21 -30.18
CA PHE D 199 11.35 28.71 -31.41
C PHE D 199 10.47 29.09 -32.59
N TYR D 200 11.07 29.66 -33.64
CA TYR D 200 10.33 30.12 -34.80
C TYR D 200 10.90 29.55 -36.09
N HIS D 201 10.02 29.39 -37.07
CA HIS D 201 10.35 29.15 -38.47
C HIS D 201 10.10 30.41 -39.29
N GLY D 202 10.65 30.41 -40.50
CA GLY D 202 10.34 31.46 -41.45
C GLY D 202 11.17 32.71 -41.31
N ILE D 203 12.47 32.55 -41.09
CA ILE D 203 13.41 33.66 -41.15
C ILE D 203 14.57 33.25 -42.04
N ARG D 204 14.80 34.01 -43.10
CA ARG D 204 15.95 33.75 -43.94
C ARG D 204 17.22 34.18 -43.23
N GLU D 205 18.33 33.57 -43.62
CA GLU D 205 19.60 33.76 -42.93
C GLU D 205 20.58 34.42 -43.88
N ASP D 206 21.09 35.57 -43.46
CA ASP D 206 22.10 36.21 -44.28
C ASP D 206 23.42 35.48 -44.11
N VAL D 207 24.01 35.58 -42.93
CA VAL D 207 25.25 34.91 -42.58
C VAL D 207 24.89 33.67 -41.78
N PRO D 208 25.33 32.49 -42.18
CA PRO D 208 24.89 31.28 -41.49
C PRO D 208 25.46 31.21 -40.07
N HIS D 209 24.63 30.72 -39.15
CA HIS D 209 25.04 30.48 -37.76
C HIS D 209 25.50 31.77 -37.07
N GLU D 210 24.81 32.87 -37.35
CA GLU D 210 25.13 34.16 -36.76
C GLU D 210 24.01 34.61 -35.82
N LEU D 211 24.37 34.99 -34.62
CA LEU D 211 23.41 35.44 -33.61
C LEU D 211 23.20 36.94 -33.74
N ASP D 212 21.95 37.37 -33.56
CA ASP D 212 21.55 38.77 -33.71
C ASP D 212 21.11 39.36 -32.38
N ILE D 213 21.70 40.49 -32.00
CA ILE D 213 21.29 41.25 -30.82
C ILE D 213 20.94 42.67 -31.26
N HIS D 214 19.75 43.12 -30.90
CA HIS D 214 19.31 44.49 -31.12
C HIS D 214 19.10 45.17 -29.77
N PHE D 215 19.93 46.19 -29.49
CA PHE D 215 19.79 46.98 -28.28
C PHE D 215 18.92 48.20 -28.55
N LEU D 216 17.79 48.29 -27.83
CA LEU D 216 16.87 49.41 -27.93
C LEU D 216 16.87 50.17 -26.60
N PRO D 217 17.68 51.21 -26.46
CA PRO D 217 17.83 51.88 -25.16
C PRO D 217 16.50 52.30 -24.58
N GLY D 218 16.34 52.05 -23.28
CA GLY D 218 15.09 52.34 -22.60
C GLY D 218 13.91 51.53 -23.05
N ILE D 219 14.10 50.64 -24.02
CA ILE D 219 13.03 49.82 -24.57
C ILE D 219 13.25 48.35 -24.26
N GLY D 220 14.47 47.87 -24.45
CA GLY D 220 14.81 46.49 -24.18
C GLY D 220 15.80 45.94 -25.18
N GLU D 221 15.73 44.64 -25.43
CA GLU D 221 16.60 43.98 -26.39
C GLU D 221 15.78 42.97 -27.18
N ILE D 222 16.15 42.80 -28.45
CA ILE D 222 15.56 41.81 -29.33
C ILE D 222 16.68 40.89 -29.80
N LEU D 223 16.47 39.59 -29.69
CA LEU D 223 17.51 38.62 -30.03
C LEU D 223 16.99 37.59 -31.02
N ARG D 224 17.84 37.23 -31.98
CA ARG D 224 17.57 36.18 -32.96
C ARG D 224 18.74 35.21 -32.92
N ILE D 225 18.51 34.00 -32.41
CA ILE D 225 19.57 33.02 -32.19
C ILE D 225 19.26 31.76 -32.99
N PRO D 226 20.17 31.32 -33.87
CA PRO D 226 20.04 29.98 -34.43
C PRO D 226 20.14 28.94 -33.32
N PHE D 227 19.37 27.86 -33.44
CA PHE D 227 19.27 26.93 -32.33
C PHE D 227 18.86 25.57 -32.84
N LEU D 228 19.40 24.52 -32.21
CA LEU D 228 18.96 23.16 -32.46
C LEU D 228 17.89 22.82 -31.43
N SER D 229 16.64 22.77 -31.87
CA SER D 229 15.53 22.42 -31.01
C SER D 229 15.18 20.94 -31.21
N ARG D 230 14.35 20.42 -30.32
CA ARG D 230 13.91 19.03 -30.48
C ARG D 230 13.16 18.84 -31.79
N LEU D 231 12.54 19.90 -32.32
CA LEU D 231 11.86 19.86 -33.59
C LEU D 231 12.73 20.34 -34.75
N GLY D 232 14.05 20.25 -34.60
CA GLY D 232 14.96 20.59 -35.67
C GLY D 232 15.56 21.98 -35.53
N PRO D 233 16.39 22.37 -36.51
CA PRO D 233 16.95 23.72 -36.48
C PRO D 233 15.85 24.76 -36.53
N ALA D 234 16.04 25.84 -35.78
CA ALA D 234 14.99 26.84 -35.63
C ALA D 234 15.63 28.16 -35.22
N HIS D 235 14.79 29.19 -35.09
CA HIS D 235 15.21 30.51 -34.65
C HIS D 235 14.60 30.81 -33.29
N VAL D 236 15.45 31.20 -32.35
CA VAL D 236 14.98 31.69 -31.07
C VAL D 236 14.76 33.19 -31.22
N LEU D 237 13.52 33.62 -31.08
CA LEU D 237 13.18 35.04 -31.10
C LEU D 237 12.87 35.45 -29.67
N ALA D 238 13.70 36.32 -29.10
CA ALA D 238 13.63 36.68 -27.70
C ALA D 238 13.41 38.18 -27.56
N PHE D 239 12.33 38.56 -26.89
CA PHE D 239 12.08 39.94 -26.50
C PHE D 239 12.43 40.08 -25.03
N GLU D 240 13.51 40.81 -24.74
CA GLU D 240 13.86 41.16 -23.37
C GLU D 240 13.34 42.57 -23.16
N ALA D 241 12.13 42.66 -22.59
CA ALA D 241 11.37 43.89 -22.56
C ALA D 241 11.61 44.60 -21.24
N VAL D 242 12.02 45.86 -21.32
CA VAL D 242 12.01 46.71 -20.13
C VAL D 242 10.58 46.81 -19.60
N PRO D 243 10.35 46.58 -18.31
CA PRO D 243 8.98 46.57 -17.80
C PRO D 243 8.29 47.91 -18.06
N GLY D 244 7.02 47.84 -18.40
CA GLY D 244 6.27 49.03 -18.77
C GLY D 244 6.51 49.52 -20.18
N GLY D 245 7.55 49.04 -20.87
CA GLY D 245 7.84 49.46 -22.22
C GLY D 245 6.96 48.77 -23.23
N PRO D 246 7.18 49.10 -24.51
CA PRO D 246 6.33 48.54 -25.57
C PRO D 246 6.64 47.09 -25.92
N LEU D 247 7.83 46.60 -25.61
CA LEU D 247 8.17 45.22 -25.94
C LEU D 247 7.52 44.21 -25.01
N GLU D 248 6.86 44.64 -23.94
CA GLU D 248 6.22 43.68 -23.04
C GLU D 248 5.06 42.95 -23.69
N ALA D 249 4.50 43.52 -24.76
CA ALA D 249 3.24 43.06 -25.35
C ALA D 249 3.15 41.55 -25.52
N PRO D 250 4.06 40.89 -26.27
CA PRO D 250 3.86 39.46 -26.52
C PRO D 250 3.93 38.60 -25.28
N ALA D 251 4.61 39.04 -24.22
CA ALA D 251 4.72 38.28 -22.98
C ALA D 251 3.39 38.11 -22.28
N HIS D 252 2.35 38.85 -22.68
CA HIS D 252 1.05 38.77 -22.04
C HIS D 252 -0.03 38.17 -22.92
N LEU D 253 0.27 37.87 -24.18
CA LEU D 253 -0.69 37.23 -25.07
C LEU D 253 -0.63 35.71 -24.95
N ASP D 254 -1.81 35.09 -24.92
CA ASP D 254 -1.95 33.64 -24.95
C ASP D 254 -1.78 33.21 -26.41
N ALA D 255 -0.55 32.82 -26.76
CA ALA D 255 -0.25 32.45 -28.14
C ALA D 255 -0.97 31.18 -28.58
N ALA D 256 -1.46 30.36 -27.64
CA ALA D 256 -2.27 29.22 -28.00
C ALA D 256 -3.69 29.63 -28.36
N ALA D 257 -4.26 30.54 -27.57
CA ALA D 257 -5.63 30.99 -27.81
C ALA D 257 -5.76 31.76 -29.12
N ASP D 258 -4.78 32.59 -29.43
CA ASP D 258 -4.81 33.45 -30.61
C ASP D 258 -3.47 33.34 -31.30
N PRO D 259 -3.24 32.26 -32.06
CA PRO D 259 -1.97 32.20 -32.80
C PRO D 259 -1.76 33.40 -33.71
N ALA D 260 -2.69 33.65 -34.64
CA ALA D 260 -2.49 34.69 -35.64
C ALA D 260 -2.28 36.05 -34.98
N GLY D 261 -3.03 36.33 -33.92
CA GLY D 261 -2.86 37.58 -33.22
C GLY D 261 -1.49 37.69 -32.57
N PHE D 262 -1.02 36.61 -31.95
CA PHE D 262 0.33 36.60 -31.37
C PHE D 262 1.38 36.85 -32.45
N HIS D 263 1.33 36.07 -33.53
CA HIS D 263 2.33 36.19 -34.57
C HIS D 263 2.33 37.59 -35.19
N ARG D 264 1.15 38.19 -35.35
CA ARG D 264 1.05 39.53 -35.90
C ARG D 264 1.73 40.55 -34.99
N GLU D 265 1.59 40.39 -33.67
CA GLU D 265 2.20 41.32 -32.72
C GLU D 265 3.72 41.23 -32.73
N VAL D 266 4.27 40.02 -32.82
CA VAL D 266 5.72 39.86 -32.90
C VAL D 266 6.25 40.52 -34.16
N LEU D 267 5.57 40.28 -35.29
CA LEU D 267 5.98 40.90 -36.55
C LEU D 267 5.86 42.42 -36.48
N ARG D 268 4.87 42.92 -35.73
CA ARG D 268 4.73 44.36 -35.56
C ARG D 268 5.96 44.95 -34.87
N LEU D 269 6.41 44.31 -33.78
CA LEU D 269 7.54 44.83 -33.03
C LEU D 269 8.86 44.68 -33.79
N LEU D 270 9.01 43.58 -34.53
CA LEU D 270 10.21 43.41 -35.36
C LEU D 270 10.33 44.51 -36.40
N ALA D 271 9.22 44.85 -37.06
CA ALA D 271 9.25 45.93 -38.04
C ALA D 271 9.56 47.27 -37.38
N ALA D 272 8.95 47.54 -36.23
CA ALA D 272 9.14 48.83 -35.58
C ALA D 272 10.56 49.01 -35.06
N TYR D 273 11.17 47.96 -34.50
CA TYR D 273 12.39 48.12 -33.72
C TYR D 273 13.62 47.40 -34.27
N ALA D 274 13.46 46.35 -35.08
CA ALA D 274 14.58 45.64 -35.68
C ALA D 274 14.27 45.36 -37.14
N PRO D 275 14.22 46.39 -37.97
CA PRO D 275 13.77 46.20 -39.36
C PRO D 275 14.65 45.27 -40.19
N SER D 276 15.97 45.29 -39.98
CA SER D 276 16.82 44.34 -40.68
C SER D 276 16.43 42.90 -40.38
N LEU D 277 15.83 42.67 -39.21
CA LEU D 277 15.31 41.35 -38.88
C LEU D 277 13.96 41.11 -39.55
N ARG D 278 13.08 42.12 -39.51
CA ARG D 278 11.77 41.99 -40.14
C ARG D 278 11.86 41.75 -41.64
N GLU D 279 12.87 42.32 -42.31
CA GLU D 279 13.02 42.10 -43.74
C GLU D 279 13.36 40.66 -44.08
N ARG D 280 13.81 39.87 -43.11
CA ARG D 280 14.16 38.48 -43.36
C ARG D 280 13.01 37.52 -43.09
N VAL D 281 11.82 38.05 -42.79
CA VAL D 281 10.68 37.23 -42.40
C VAL D 281 9.89 36.86 -43.66
N ASP D 282 9.97 35.59 -44.04
CA ASP D 282 9.04 35.02 -45.01
C ASP D 282 7.71 34.82 -44.28
N THR D 283 6.77 35.75 -44.48
CA THR D 283 5.54 35.73 -43.70
C THR D 283 4.65 34.54 -44.04
N ALA D 284 4.88 33.89 -45.18
CA ALA D 284 4.16 32.67 -45.49
C ALA D 284 4.51 31.56 -44.51
N ARG D 285 5.80 31.46 -44.15
CA ARG D 285 6.28 30.40 -43.27
C ARG D 285 6.55 30.83 -41.84
N PHE D 286 6.36 32.11 -41.50
CA PHE D 286 6.76 32.59 -40.19
C PHE D 286 5.81 32.08 -39.11
N GLY D 287 6.37 31.75 -37.96
CA GLY D 287 5.57 31.33 -36.82
C GLY D 287 6.32 30.37 -35.93
N LEU D 288 5.76 30.17 -34.74
CA LEU D 288 6.30 29.19 -33.79
C LEU D 288 6.33 27.80 -34.41
N VAL D 289 7.42 27.07 -34.15
CA VAL D 289 7.62 25.77 -34.78
C VAL D 289 6.54 24.78 -34.36
N ALA D 290 5.84 25.05 -33.27
CA ALA D 290 4.76 24.21 -32.78
C ALA D 290 4.04 24.97 -31.66
N PRO D 291 2.79 24.61 -31.38
CA PRO D 291 2.09 25.25 -30.27
C PRO D 291 2.77 24.94 -28.95
N GLY D 292 2.94 25.97 -28.12
CA GLY D 292 3.59 25.84 -26.84
C GLY D 292 5.07 26.17 -26.84
N GLU D 293 5.70 26.23 -28.03
CA GLU D 293 7.13 26.47 -28.10
C GLU D 293 7.44 27.92 -27.79
N LEU D 294 7.25 28.31 -26.53
CA LEU D 294 7.26 29.71 -26.15
C LEU D 294 7.38 29.81 -24.64
N ALA D 295 8.15 30.78 -24.17
CA ALA D 295 8.32 31.03 -22.74
C ALA D 295 8.06 32.51 -22.48
N GLN D 296 7.19 32.80 -21.52
CA GLN D 296 6.78 34.17 -21.23
C GLN D 296 6.82 34.41 -19.74
N GLY D 297 7.37 35.55 -19.34
CA GLY D 297 7.45 35.91 -17.95
C GLY D 297 8.61 36.85 -17.70
N GLY D 298 8.84 37.13 -16.43
CA GLY D 298 9.97 37.93 -16.04
C GLY D 298 10.86 37.20 -15.06
N VAL D 299 12.12 37.62 -14.96
CA VAL D 299 13.10 37.00 -14.09
C VAL D 299 13.69 38.07 -13.18
N THR D 300 13.66 37.81 -11.87
CA THR D 300 14.20 38.72 -10.88
C THR D 300 15.62 38.29 -10.52
N PRO D 301 16.65 39.01 -10.94
CA PRO D 301 18.03 38.60 -10.61
C PRO D 301 18.21 38.51 -9.11
N THR D 302 18.57 37.31 -8.64
CA THR D 302 18.68 37.04 -7.21
C THR D 302 19.91 36.18 -6.95
N VAL D 303 20.68 36.59 -5.96
CA VAL D 303 21.75 35.76 -5.39
C VAL D 303 21.33 35.40 -3.98
N ARG D 304 21.27 34.11 -3.69
CA ARG D 304 20.84 33.62 -2.40
C ARG D 304 22.07 33.24 -1.60
N ARG D 305 21.89 32.99 -0.30
CA ARG D 305 23.01 32.54 0.50
C ARG D 305 23.32 31.08 0.15
N GLY D 306 24.61 30.78 -0.06
CA GLY D 306 25.04 29.55 -0.68
C GLY D 306 24.94 28.29 0.17
N TRP D 307 24.65 28.38 1.47
CA TRP D 307 24.64 27.20 2.32
C TRP D 307 23.50 27.25 3.32
N ALA D 308 23.28 26.12 3.97
CA ALA D 308 22.20 25.96 4.95
C ALA D 308 22.47 24.70 5.79
N ARG D 309 22.26 24.82 7.10
CA ARG D 309 22.35 23.69 8.01
C ARG D 309 20.96 23.11 8.22
N LEU D 310 20.78 21.84 7.87
CA LEU D 310 19.49 21.18 7.92
C LEU D 310 19.17 20.65 9.31
N ALA D 311 18.03 19.97 9.43
CA ALA D 311 17.52 19.53 10.72
C ALA D 311 18.54 18.67 11.46
N ASP D 312 18.96 17.56 10.85
CA ASP D 312 19.85 16.62 11.53
C ASP D 312 21.29 17.10 11.60
N GLY D 313 21.58 18.34 11.21
CA GLY D 313 22.92 18.86 11.26
C GLY D 313 23.71 18.69 9.99
N THR D 314 23.19 17.94 9.02
CA THR D 314 23.80 17.86 7.70
C THR D 314 23.73 19.21 7.01
N CYS D 315 24.84 19.66 6.44
CA CYS D 315 24.85 20.93 5.75
C CYS D 315 24.35 20.76 4.32
N ALA D 316 23.95 21.88 3.72
CA ALA D 316 23.38 21.86 2.38
C ALA D 316 23.95 23.00 1.56
N LEU D 317 24.41 22.70 0.36
CA LEU D 317 24.90 23.70 -0.57
C LEU D 317 23.91 23.88 -1.72
N ALA D 318 23.89 25.09 -2.27
CA ALA D 318 23.08 25.42 -3.43
C ALA D 318 24.00 25.85 -4.57
N ILE D 319 23.79 25.26 -5.74
CA ILE D 319 24.49 25.66 -6.95
C ILE D 319 23.45 25.82 -8.05
N GLY D 320 23.89 26.38 -9.17
CA GLY D 320 23.00 26.50 -10.31
C GLY D 320 21.93 27.55 -10.04
N ASP D 321 20.71 27.24 -10.49
CA ASP D 321 19.62 28.19 -10.35
C ASP D 321 19.12 28.27 -8.90
N ALA D 322 19.31 27.21 -8.12
CA ALA D 322 18.95 27.25 -6.71
C ALA D 322 19.76 28.29 -5.95
N TRP D 323 20.99 28.56 -6.40
CA TRP D 323 21.86 29.54 -5.75
C TRP D 323 21.66 30.93 -6.33
N ILE D 324 21.89 31.09 -7.63
CA ILE D 324 21.91 32.39 -8.29
C ILE D 324 20.96 32.38 -9.48
N THR D 325 20.19 33.44 -9.63
CA THR D 325 19.34 33.66 -10.79
C THR D 325 19.81 34.94 -11.46
N ASN D 326 20.21 34.83 -12.73
CA ASN D 326 20.64 35.98 -13.50
C ASN D 326 19.63 36.22 -14.62
N ASP D 327 19.62 37.46 -15.12
CA ASP D 327 18.82 37.73 -16.30
C ASP D 327 19.47 37.05 -17.51
N PRO D 328 18.69 36.35 -18.34
CA PRO D 328 19.29 35.51 -19.40
C PRO D 328 20.02 36.29 -20.48
N LEU D 329 20.02 37.62 -20.43
CA LEU D 329 20.54 38.42 -21.53
C LEU D 329 22.00 38.05 -21.85
N THR D 330 22.84 37.96 -20.83
CA THR D 330 24.26 37.65 -21.04
C THR D 330 24.51 36.17 -21.32
N ALA D 331 23.49 35.32 -21.22
CA ALA D 331 23.59 33.89 -21.57
C ALA D 331 24.60 33.17 -20.68
N GLN D 332 24.77 33.61 -19.45
CA GLN D 332 25.76 33.02 -18.55
C GLN D 332 25.18 32.00 -17.58
N GLY D 333 23.85 31.86 -17.52
CA GLY D 333 23.21 30.98 -16.55
C GLY D 333 23.73 29.56 -16.54
N ALA D 334 23.54 28.82 -17.64
CA ALA D 334 24.00 27.44 -17.70
C ALA D 334 25.52 27.35 -17.57
N ASN D 335 26.24 28.35 -18.07
CA ASN D 335 27.70 28.31 -18.01
C ASN D 335 28.19 28.48 -16.57
N LEU D 336 27.60 29.41 -15.82
CA LEU D 336 27.97 29.56 -14.42
C LEU D 336 27.66 28.30 -13.62
N GLY D 337 26.49 27.71 -13.86
CA GLY D 337 26.16 26.46 -13.18
C GLY D 337 27.12 25.35 -13.50
N SER D 338 27.63 25.32 -14.74
CA SER D 338 28.59 24.30 -15.12
C SER D 338 29.95 24.56 -14.49
N HIS D 339 30.35 25.82 -14.37
CA HIS D 339 31.63 26.13 -13.75
C HIS D 339 31.62 25.83 -12.26
N THR D 340 30.60 26.32 -11.55
CA THR D 340 30.54 26.08 -10.11
C THR D 340 30.30 24.61 -9.79
N ALA D 341 29.68 23.87 -10.71
CA ALA D 341 29.52 22.43 -10.50
C ALA D 341 30.88 21.74 -10.45
N PHE D 342 31.73 22.03 -11.43
CA PHE D 342 33.06 21.44 -11.45
C PHE D 342 33.92 21.91 -10.29
N ALA D 343 33.75 23.15 -9.85
CA ALA D 343 34.53 23.67 -8.73
C ALA D 343 34.15 22.99 -7.42
N LEU D 344 32.85 22.88 -7.14
CA LEU D 344 32.41 22.23 -5.90
C LEU D 344 32.83 20.75 -5.89
N ALA D 345 32.82 20.11 -7.05
CA ALA D 345 33.24 18.70 -7.12
C ALA D 345 34.67 18.54 -6.64
N ASP D 346 35.58 19.39 -7.12
CA ASP D 346 36.98 19.31 -6.70
C ASP D 346 37.13 19.55 -5.20
N LEU D 347 36.31 20.44 -4.62
CA LEU D 347 36.38 20.69 -3.19
C LEU D 347 35.91 19.48 -2.41
N ILE D 348 34.77 18.92 -2.79
CA ILE D 348 34.24 17.74 -2.12
C ILE D 348 35.21 16.57 -2.22
N ALA D 349 35.81 16.39 -3.40
CA ALA D 349 36.62 15.21 -3.63
C ALA D 349 37.95 15.27 -2.89
N SER D 350 38.52 16.46 -2.72
CA SER D 350 39.78 16.60 -2.00
C SER D 350 39.57 16.89 -0.51
N ALA D 351 38.32 17.00 -0.06
CA ALA D 351 38.04 17.27 1.35
C ALA D 351 38.43 16.07 2.19
N THR D 352 39.47 16.22 3.00
CA THR D 352 39.89 15.17 3.92
C THR D 352 39.17 15.22 5.26
N GLY D 353 38.58 16.37 5.59
CA GLY D 353 37.87 16.53 6.84
C GLY D 353 36.38 16.30 6.70
N PRO D 354 35.62 16.80 7.67
CA PRO D 354 34.16 16.69 7.60
C PRO D 354 33.55 17.75 6.71
N LEU D 355 32.38 17.44 6.17
CA LEU D 355 31.67 18.37 5.29
C LEU D 355 30.74 19.26 6.13
N ASP D 356 31.37 19.97 7.07
CA ASP D 356 30.65 20.73 8.08
C ASP D 356 30.45 22.18 7.64
N GLU D 357 29.94 23.00 8.55
CA GLU D 357 29.69 24.41 8.23
C GLU D 357 30.96 25.14 7.82
N ALA D 358 32.08 24.87 8.50
CA ALA D 358 33.33 25.53 8.15
C ALA D 358 33.74 25.20 6.72
N PHE D 359 33.50 23.96 6.29
CA PHE D 359 33.75 23.57 4.90
C PHE D 359 32.84 24.33 3.94
N CYS D 360 31.53 24.34 4.24
CA CYS D 360 30.57 24.97 3.33
C CYS D 360 30.85 26.46 3.16
N ARG D 361 31.16 27.16 4.26
CA ARG D 361 31.43 28.58 4.13
C ARG D 361 32.64 28.84 3.25
N ASP D 362 33.72 28.07 3.42
CA ASP D 362 34.87 28.21 2.54
C ASP D 362 34.51 27.85 1.12
N ALA D 363 33.73 26.78 0.93
CA ALA D 363 33.31 26.40 -0.41
C ALA D 363 32.45 27.49 -1.03
N SER D 364 31.40 27.93 -0.32
CA SER D 364 30.50 28.95 -0.85
C SER D 364 31.26 30.23 -1.19
N ALA D 365 32.22 30.62 -0.35
CA ALA D 365 33.03 31.80 -0.65
C ALA D 365 33.81 31.63 -1.95
N ARG D 366 34.47 30.49 -2.13
CA ARG D 366 35.28 30.28 -3.33
C ARG D 366 34.41 30.24 -4.57
N LEU D 367 33.25 29.59 -4.48
CA LEU D 367 32.32 29.58 -5.60
C LEU D 367 31.84 30.99 -5.93
N TRP D 368 31.63 31.82 -4.90
CA TRP D 368 31.19 33.18 -5.15
C TRP D 368 32.29 34.04 -5.78
N ASP D 369 33.55 33.75 -5.50
CA ASP D 369 34.62 34.57 -6.08
C ASP D 369 34.61 34.51 -7.60
N HIS D 370 34.15 33.41 -8.17
CA HIS D 370 33.94 33.34 -9.62
C HIS D 370 32.58 33.88 -10.01
N ALA D 371 31.53 33.44 -9.29
CA ALA D 371 30.17 33.84 -9.63
C ALA D 371 29.97 35.36 -9.56
N ARG D 372 30.77 36.05 -8.74
CA ARG D 372 30.61 37.49 -8.58
C ARG D 372 30.75 38.22 -9.92
N HIS D 373 31.78 37.86 -10.71
CA HIS D 373 31.97 38.50 -12.00
C HIS D 373 30.76 38.29 -12.90
N VAL D 374 30.13 37.11 -12.82
CA VAL D 374 28.97 36.84 -13.66
C VAL D 374 27.79 37.72 -13.25
N VAL D 375 27.55 37.85 -11.94
CA VAL D 375 26.39 38.60 -11.48
C VAL D 375 26.57 40.08 -11.78
N GLU D 376 27.78 40.60 -11.59
CA GLU D 376 28.01 42.03 -11.79
C GLU D 376 27.91 42.40 -13.27
N TRP D 377 28.40 41.52 -14.16
CA TRP D 377 28.21 41.74 -15.59
C TRP D 377 26.74 41.58 -15.98
N SER D 378 26.05 40.56 -15.42
CA SER D 378 24.67 40.31 -15.80
C SER D 378 23.76 41.48 -15.43
N ASN D 379 23.97 42.07 -14.25
CA ASN D 379 23.16 43.22 -13.88
C ASN D 379 23.56 44.48 -14.65
N ALA D 380 24.85 44.59 -15.01
CA ALA D 380 25.32 45.75 -15.74
C ALA D 380 24.66 45.86 -17.12
N PHE D 381 24.56 44.74 -17.85
CA PHE D 381 23.95 44.77 -19.18
C PHE D 381 22.48 45.17 -19.14
N LEU D 382 21.81 45.01 -18.01
CA LEU D 382 20.42 45.44 -17.90
C LEU D 382 20.30 46.96 -17.82
N ALA D 383 21.37 47.66 -17.41
CA ALA D 383 21.41 49.10 -17.22
C ALA D 383 21.95 49.80 -18.46
N PRO D 384 21.62 51.08 -18.65
CA PRO D 384 22.14 51.83 -19.80
C PRO D 384 23.66 51.78 -19.86
N PRO D 385 24.22 51.67 -21.06
CA PRO D 385 25.68 51.55 -21.20
C PRO D 385 26.40 52.83 -20.80
N PRO D 386 27.39 52.74 -19.91
CA PRO D 386 28.20 53.91 -19.57
C PRO D 386 29.00 54.40 -20.77
N PRO D 387 29.52 55.63 -20.72
CA PRO D 387 30.21 56.18 -21.90
C PRO D 387 31.36 55.35 -22.42
N HIS D 388 32.22 54.81 -21.56
CA HIS D 388 33.35 54.03 -22.05
C HIS D 388 32.91 52.73 -22.72
N VAL D 389 31.73 52.22 -22.36
CA VAL D 389 31.19 51.06 -23.05
C VAL D 389 30.69 51.46 -24.43
N MET D 390 29.94 52.56 -24.52
CA MET D 390 29.50 53.04 -25.82
C MET D 390 30.69 53.36 -26.72
N GLU D 391 31.80 53.82 -26.13
CA GLU D 391 33.01 54.05 -26.92
C GLU D 391 33.60 52.75 -27.42
N LEU D 392 33.66 51.73 -26.55
CA LEU D 392 34.16 50.42 -26.98
C LEU D 392 33.34 49.89 -28.14
N PHE D 393 32.02 50.04 -28.06
CA PHE D 393 31.15 49.63 -29.17
C PHE D 393 31.50 50.39 -30.44
N GLY D 394 31.70 51.70 -30.33
CA GLY D 394 32.12 52.49 -31.47
C GLY D 394 33.44 52.04 -32.05
N ARG D 395 34.46 51.88 -31.19
CA ARG D 395 35.78 51.47 -31.67
C ARG D 395 35.74 50.12 -32.35
N ALA D 396 34.87 49.21 -31.89
CA ALA D 396 34.76 47.90 -32.52
C ALA D 396 34.00 47.95 -33.83
N ALA D 397 33.12 48.94 -34.00
CA ALA D 397 32.36 49.06 -35.25
C ALA D 397 33.24 49.43 -36.44
N GLY D 398 34.47 49.89 -36.19
CA GLY D 398 35.36 50.24 -37.28
C GLY D 398 36.66 49.47 -37.26
N ASP D 399 36.72 48.42 -36.45
CA ASP D 399 37.94 47.61 -36.34
C ASP D 399 37.53 46.16 -36.12
N LYS D 400 37.73 45.32 -37.14
CA LYS D 400 37.30 43.93 -37.05
C LYS D 400 38.06 43.17 -35.96
N GLN D 401 39.33 43.52 -35.74
CA GLN D 401 40.10 42.86 -34.68
C GLN D 401 39.48 43.13 -33.31
N ILE D 402 38.97 44.35 -33.10
CA ILE D 402 38.34 44.67 -31.82
C ILE D 402 36.98 43.98 -31.72
N ALA D 403 36.19 44.02 -32.79
CA ALA D 403 34.89 43.33 -32.79
C ALA D 403 35.06 41.83 -32.59
N ASP D 404 36.07 41.23 -33.25
CA ASP D 404 36.32 39.80 -33.09
C ASP D 404 36.68 39.47 -31.65
N ALA D 405 37.56 40.28 -31.04
CA ALA D 405 38.00 40.02 -29.68
C ALA D 405 36.85 40.21 -28.67
N PHE D 406 36.07 41.27 -28.83
CA PHE D 406 34.97 41.52 -27.89
C PHE D 406 33.98 40.36 -27.87
N VAL D 407 33.53 39.93 -29.04
CA VAL D 407 32.60 38.80 -29.11
C VAL D 407 33.27 37.55 -28.54
N GLY D 408 34.56 37.39 -28.81
CA GLY D 408 35.30 36.25 -28.29
C GLY D 408 35.41 36.22 -26.77
N ARG D 409 35.16 37.34 -26.10
CA ARG D 409 35.24 37.38 -24.64
C ARG D 409 33.94 36.98 -23.97
N PHE D 410 32.91 36.60 -24.74
CA PHE D 410 31.75 35.95 -24.13
C PHE D 410 32.08 34.56 -23.60
N HIS D 411 33.18 33.96 -24.05
CA HIS D 411 33.60 32.67 -23.52
C HIS D 411 34.09 32.79 -22.08
N ASP D 412 34.52 33.97 -21.66
CA ASP D 412 35.18 34.17 -20.37
C ASP D 412 34.52 35.36 -19.67
N PRO D 413 33.55 35.11 -18.78
CA PRO D 413 32.89 36.22 -18.10
C PRO D 413 33.83 37.04 -17.23
N VAL D 414 34.87 36.42 -16.65
CA VAL D 414 35.83 37.18 -15.86
C VAL D 414 36.61 38.13 -16.75
N ALA D 415 37.10 37.64 -17.89
CA ALA D 415 37.81 38.48 -18.83
C ALA D 415 36.89 39.52 -19.47
N MET D 416 35.60 39.19 -19.62
CA MET D 416 34.66 40.16 -20.16
C MET D 416 34.41 41.30 -19.17
N TRP D 417 34.15 40.97 -17.91
CA TRP D 417 33.93 42.00 -16.91
C TRP D 417 35.17 42.83 -16.68
N ALA D 418 36.36 42.25 -16.88
CA ALA D 418 37.60 43.01 -16.79
C ALA D 418 37.63 44.17 -17.77
N VAL D 419 36.99 44.01 -18.92
CA VAL D 419 36.97 45.06 -19.93
C VAL D 419 35.85 46.06 -19.64
N LEU D 420 34.65 45.54 -19.36
CA LEU D 420 33.45 46.36 -19.30
C LEU D 420 33.30 47.14 -18.00
N SER D 421 33.90 46.66 -16.91
CA SER D 421 33.75 47.32 -15.61
C SER D 421 34.33 48.72 -15.63
N SER D 422 35.64 48.84 -15.78
CA SER D 422 36.24 50.16 -15.65
C SER D 422 36.56 50.75 -17.02
N PRO D 423 36.59 52.09 -17.12
CA PRO D 423 37.08 52.71 -18.36
C PRO D 423 38.52 52.36 -18.63
N GLU D 424 39.29 52.02 -17.60
CA GLU D 424 40.66 51.61 -17.78
C GLU D 424 40.76 50.22 -18.43
N GLY D 425 39.76 49.36 -18.20
CA GLY D 425 39.75 48.06 -18.84
C GLY D 425 39.47 48.13 -20.33
N VAL D 426 38.50 48.96 -20.72
CA VAL D 426 38.21 49.17 -22.14
C VAL D 426 39.45 49.66 -22.87
N ASP D 427 40.18 50.59 -22.26
CA ASP D 427 41.33 51.19 -22.92
C ASP D 427 42.43 50.15 -23.14
N SER D 428 42.82 49.45 -22.07
CA SER D 428 43.85 48.42 -22.19
C SER D 428 43.41 47.31 -23.14
N PHE D 429 42.10 47.10 -23.27
CA PHE D 429 41.60 46.11 -24.21
C PHE D 429 41.76 46.57 -25.66
N VAL D 430 41.27 47.78 -25.96
CA VAL D 430 41.43 48.33 -27.31
C VAL D 430 42.88 48.32 -27.73
N ARG D 431 43.77 48.69 -26.82
CA ARG D 431 45.19 48.74 -27.13
C ARG D 431 45.76 47.35 -27.42
N SER D 432 45.43 46.36 -26.58
CA SER D 432 45.95 45.02 -26.79
C SER D 432 45.45 44.42 -28.09
N CYS D 433 44.25 44.78 -28.54
CA CYS D 433 43.76 44.32 -29.84
C CYS D 433 44.56 44.94 -30.98
N THR D 434 44.85 46.23 -30.89
CA THR D 434 45.57 46.95 -31.92
C THR D 434 47.08 46.90 -31.75
N GLU D 435 47.58 45.95 -30.94
CA GLU D 435 49.01 45.69 -30.72
C GLU D 435 49.91 46.92 -30.77
N THR E 30 29.68 8.13 -25.51
CA THR E 30 28.91 7.90 -24.30
C THR E 30 28.69 6.40 -24.10
N GLU E 31 27.65 6.07 -23.33
CA GLU E 31 27.42 4.67 -22.96
C GLU E 31 26.52 3.93 -23.94
N THR E 32 25.64 4.64 -24.66
CA THR E 32 24.79 4.07 -25.71
C THR E 32 25.46 4.29 -27.07
N ASP E 33 26.03 3.24 -27.63
CA ASP E 33 26.63 3.30 -28.96
C ASP E 33 25.82 2.38 -29.86
N ILE E 34 25.18 2.96 -30.86
CA ILE E 34 24.23 2.25 -31.71
C ILE E 34 24.88 1.99 -33.07
N GLY E 35 24.73 0.77 -33.57
CA GLY E 35 25.18 0.43 -34.90
C GLY E 35 24.01 0.07 -35.79
N ILE E 36 23.84 0.80 -36.88
CA ILE E 36 22.71 0.64 -37.78
C ILE E 36 23.20 0.01 -39.08
N ILE E 37 22.51 -1.03 -39.53
CA ILE E 37 22.85 -1.75 -40.74
C ILE E 37 21.77 -1.47 -41.79
N GLY E 38 22.16 -0.84 -42.87
CA GLY E 38 21.23 -0.58 -43.96
C GLY E 38 20.99 0.92 -44.10
N SER E 39 20.91 1.38 -45.34
CA SER E 39 20.71 2.80 -45.64
C SER E 39 19.34 3.08 -46.25
N GLY E 40 18.32 2.35 -45.81
CA GLY E 40 16.96 2.66 -46.21
C GLY E 40 16.51 3.97 -45.57
N ILE E 41 15.23 4.29 -45.77
CA ILE E 41 14.68 5.48 -45.15
C ILE E 41 14.66 5.32 -43.63
N SER E 42 14.34 4.12 -43.14
CA SER E 42 14.32 3.89 -41.70
C SER E 42 15.72 3.95 -41.11
N GLY E 43 16.69 3.30 -41.76
CA GLY E 43 18.05 3.32 -41.26
C GLY E 43 18.66 4.70 -41.21
N LEU E 44 18.49 5.47 -42.29
CA LEU E 44 19.11 6.79 -42.37
C LEU E 44 18.43 7.78 -41.42
N GLN E 45 17.10 7.72 -41.31
CA GLN E 45 16.41 8.62 -40.41
C GLN E 45 16.72 8.30 -38.94
N LEU E 46 16.83 7.02 -38.61
CA LEU E 46 17.26 6.66 -37.25
C LEU E 46 18.64 7.23 -36.95
N ALA E 47 19.58 7.10 -37.88
CA ALA E 47 20.92 7.65 -37.69
C ALA E 47 20.87 9.16 -37.49
N LEU E 48 20.11 9.86 -38.33
CA LEU E 48 20.00 11.31 -38.22
C LEU E 48 19.34 11.71 -36.92
N ARG E 49 18.34 10.95 -36.46
CA ARG E 49 17.59 11.31 -35.27
C ARG E 49 18.39 11.06 -33.99
N LEU E 50 19.05 9.90 -33.89
CA LEU E 50 19.95 9.65 -32.77
C LEU E 50 21.05 10.70 -32.70
N GLN E 51 21.64 11.04 -33.85
CA GLN E 51 22.67 12.07 -33.90
C GLN E 51 22.13 13.40 -33.37
N GLN E 52 20.85 13.69 -33.63
CA GLN E 52 20.22 14.87 -33.07
C GLN E 52 19.99 14.75 -31.57
N LEU E 53 19.70 13.53 -31.09
CA LEU E 53 19.42 13.32 -29.68
C LEU E 53 20.68 13.21 -28.83
N GLY E 54 21.86 13.14 -29.46
CA GLY E 54 23.11 13.03 -28.74
C GLY E 54 23.66 11.63 -28.65
N VAL E 55 22.96 10.64 -29.17
CA VAL E 55 23.39 9.24 -29.05
C VAL E 55 24.44 8.96 -30.12
N PRO E 56 25.60 8.44 -29.75
CA PRO E 56 26.58 8.02 -30.77
C PRO E 56 26.02 6.92 -31.64
N VAL E 57 26.25 7.05 -32.94
CA VAL E 57 25.66 6.15 -33.91
C VAL E 57 26.62 5.98 -35.08
N THR E 58 26.74 4.74 -35.55
CA THR E 58 27.52 4.40 -36.73
C THR E 58 26.61 3.72 -37.73
N LEU E 59 26.72 4.12 -39.00
CA LEU E 59 25.89 3.55 -40.06
C LEU E 59 26.73 2.62 -40.93
N TYR E 60 26.29 1.37 -41.03
CA TYR E 60 26.92 0.37 -41.89
C TYR E 60 26.06 0.25 -43.14
N SER E 61 26.52 0.85 -44.22
CA SER E 61 25.80 0.84 -45.50
C SER E 61 26.55 -0.02 -46.51
N ALA E 62 25.81 -0.87 -47.21
CA ALA E 62 26.40 -1.66 -48.29
C ALA E 62 26.81 -0.79 -49.48
N GLN E 63 26.19 0.37 -49.64
CA GLN E 63 26.42 1.26 -50.77
C GLN E 63 26.88 2.64 -50.32
N THR E 64 27.58 3.31 -51.22
CA THR E 64 27.97 4.70 -51.05
C THR E 64 26.80 5.61 -51.40
N ALA E 65 27.02 6.93 -51.25
CA ALA E 65 25.98 7.89 -51.61
C ALA E 65 25.70 7.88 -53.11
N GLU E 66 26.75 7.92 -53.93
CA GLU E 66 26.57 7.85 -55.38
C GLU E 66 25.97 6.51 -55.81
N GLU E 67 26.39 5.41 -55.16
CA GLU E 67 25.80 4.12 -55.51
C GLU E 67 24.32 4.08 -55.15
N LEU E 68 23.92 4.77 -54.08
CA LEU E 68 22.50 4.88 -53.77
C LEU E 68 21.75 5.70 -54.81
N GLY E 69 22.45 6.61 -55.49
CA GLY E 69 21.79 7.45 -56.46
C GLY E 69 21.81 6.95 -57.87
N SER E 70 22.21 5.70 -58.10
CA SER E 70 22.22 5.10 -59.42
C SER E 70 21.61 3.71 -59.34
N GLY E 71 21.60 3.01 -60.46
CA GLY E 71 20.99 1.70 -60.52
C GLY E 71 19.51 1.77 -60.84
N ARG E 72 18.92 0.59 -61.01
CA ARG E 72 17.51 0.50 -61.33
C ARG E 72 16.67 0.86 -60.09
N PRO E 73 15.54 1.55 -60.28
CA PRO E 73 14.73 1.92 -59.13
C PRO E 73 14.05 0.69 -58.54
N ARG E 74 13.89 0.72 -57.21
CA ARG E 74 13.31 -0.41 -56.51
C ARG E 74 11.84 -0.21 -56.16
N ASN E 75 11.45 1.02 -55.87
CA ASN E 75 10.08 1.32 -55.46
C ASN E 75 9.85 2.81 -55.64
N PHE E 76 8.60 3.22 -55.42
CA PHE E 76 8.14 4.57 -55.74
C PHE E 76 7.30 5.09 -54.58
N PRO E 77 7.94 5.42 -53.46
CA PRO E 77 7.20 5.71 -52.24
C PRO E 77 6.72 7.16 -52.18
N ALA E 78 5.46 7.34 -51.84
CA ALA E 78 4.93 8.64 -51.48
C ALA E 78 5.07 8.83 -49.97
N ARG E 79 5.65 9.95 -49.56
CA ARG E 79 5.87 10.23 -48.15
C ARG E 79 4.85 11.27 -47.71
N PHE E 80 4.00 10.88 -46.76
CA PHE E 80 2.88 11.69 -46.34
C PHE E 80 3.31 12.74 -45.31
N ALA E 81 2.32 13.49 -44.81
CA ALA E 81 2.62 14.63 -43.94
C ALA E 81 3.39 14.26 -42.68
N PRO E 82 3.02 13.23 -41.90
CA PRO E 82 3.83 12.91 -40.70
C PRO E 82 5.29 12.64 -41.01
N THR E 83 5.59 11.97 -42.12
CA THR E 83 6.98 11.68 -42.46
C THR E 83 7.73 12.96 -42.81
N GLN E 84 7.07 13.87 -43.54
CA GLN E 84 7.70 15.15 -43.85
C GLN E 84 7.95 15.97 -42.60
N ALA E 85 7.08 15.83 -41.59
CA ALA E 85 7.29 16.57 -40.34
C ALA E 85 8.51 16.04 -39.60
N ARG E 86 8.70 14.71 -39.60
CA ARG E 86 9.94 14.15 -39.07
C ARG E 86 11.13 14.65 -39.87
N GLU E 87 11.00 14.73 -41.19
CA GLU E 87 12.08 15.24 -42.03
C GLU E 87 12.38 16.70 -41.69
N ASP E 88 11.35 17.48 -41.37
CA ASP E 88 11.58 18.84 -40.88
C ASP E 88 12.43 18.86 -39.62
N SER E 89 12.06 18.04 -38.63
CA SER E 89 12.79 18.03 -37.37
C SER E 89 14.21 17.48 -37.53
N LEU E 90 14.48 16.74 -38.60
CA LEU E 90 15.85 16.41 -38.92
C LEU E 90 16.57 17.54 -39.65
N GLY E 91 15.85 18.62 -39.98
CA GLY E 91 16.44 19.72 -40.71
C GLY E 91 16.90 19.35 -42.10
N VAL E 92 16.20 18.43 -42.76
CA VAL E 92 16.61 17.94 -44.07
C VAL E 92 15.49 18.10 -45.10
N HIS E 93 14.50 18.95 -44.83
CA HIS E 93 13.39 19.05 -45.75
C HIS E 93 13.80 19.79 -47.01
N ALA E 94 13.48 19.20 -48.16
CA ALA E 94 13.84 19.71 -49.47
C ALA E 94 12.72 19.32 -50.43
N TRP E 95 12.98 19.52 -51.73
CA TRP E 95 12.00 19.21 -52.77
C TRP E 95 10.65 19.84 -52.46
N GLN E 96 10.68 21.08 -51.97
CA GLN E 96 9.46 21.77 -51.56
C GLN E 96 8.87 22.58 -52.71
N PHE E 97 8.48 21.85 -53.75
CA PHE E 97 7.89 22.44 -54.94
C PHE E 97 6.95 21.41 -55.56
N ASP E 98 5.99 21.92 -56.35
CA ASP E 98 4.85 21.12 -56.77
C ASP E 98 5.22 19.98 -57.70
N ASP E 99 6.37 20.04 -58.38
CA ASP E 99 6.75 18.94 -59.25
C ASP E 99 7.05 17.66 -58.48
N ALA E 100 7.18 17.72 -57.16
CA ALA E 100 7.45 16.56 -56.32
C ALA E 100 6.34 16.35 -55.29
N ARG E 101 5.13 16.82 -55.60
CA ARG E 101 4.01 16.73 -54.68
C ARG E 101 2.79 16.14 -55.36
N VAL E 102 1.96 15.45 -54.57
CA VAL E 102 0.65 14.98 -55.00
C VAL E 102 -0.39 15.74 -54.19
N HIS E 103 -1.30 16.44 -54.89
CA HIS E 103 -2.27 17.30 -54.22
C HIS E 103 -3.68 16.73 -54.19
N SER E 104 -3.98 15.71 -55.00
CA SER E 104 -5.32 15.16 -55.06
C SER E 104 -5.22 13.73 -55.56
N CYS E 105 -6.18 12.91 -55.17
CA CYS E 105 -6.17 11.50 -55.53
C CYS E 105 -7.48 11.14 -56.19
N ALA E 106 -7.41 10.50 -57.36
CA ALA E 106 -8.57 10.15 -58.17
C ALA E 106 -8.72 8.64 -58.21
N ILE E 107 -9.86 8.15 -57.74
CA ILE E 107 -10.11 6.72 -57.58
C ILE E 107 -11.19 6.30 -58.57
N THR E 108 -10.94 5.22 -59.31
CA THR E 108 -11.90 4.63 -60.23
C THR E 108 -12.07 3.15 -59.89
N ILE E 109 -13.31 2.74 -59.66
CA ILE E 109 -13.63 1.36 -59.33
C ILE E 109 -14.39 0.75 -60.50
N HIS E 110 -13.76 -0.18 -61.21
CA HIS E 110 -14.39 -0.82 -62.35
C HIS E 110 -15.25 -1.98 -61.85
N GLY E 111 -16.54 -1.89 -62.07
CA GLY E 111 -17.45 -2.95 -61.76
C GLY E 111 -17.94 -3.61 -63.03
N GLU E 112 -19.18 -4.07 -63.01
CA GLU E 112 -19.77 -4.48 -64.26
C GLU E 112 -20.58 -3.37 -64.91
N GLY E 113 -21.15 -2.48 -64.11
CA GLY E 113 -21.78 -1.27 -64.61
C GLY E 113 -20.76 -0.20 -64.95
N ALA E 114 -21.23 1.03 -64.94
CA ALA E 114 -20.33 2.16 -65.16
C ALA E 114 -19.34 2.26 -64.00
N PRO E 115 -18.11 2.65 -64.26
CA PRO E 115 -17.11 2.73 -63.18
C PRO E 115 -17.44 3.81 -62.16
N LEU E 116 -17.22 3.48 -60.89
CA LEU E 116 -17.32 4.46 -59.82
C LEU E 116 -16.14 5.41 -59.86
N GLU E 117 -16.41 6.71 -59.91
CA GLU E 117 -15.36 7.71 -60.00
C GLU E 117 -15.56 8.77 -58.95
N PHE E 118 -14.52 9.03 -58.16
CA PHE E 118 -14.50 10.15 -57.24
C PHE E 118 -13.06 10.58 -57.04
N ALA E 119 -12.88 11.83 -56.65
CA ALA E 119 -11.56 12.38 -56.40
C ALA E 119 -11.59 13.23 -55.13
N GLY E 120 -10.55 13.09 -54.31
CA GLY E 120 -10.45 13.85 -53.09
C GLY E 120 -9.12 14.56 -53.00
N ALA E 121 -9.11 15.63 -52.21
CA ALA E 121 -7.91 16.44 -52.06
C ALA E 121 -6.97 15.84 -51.03
N LEU E 122 -5.67 15.98 -51.29
CA LEU E 122 -4.62 15.63 -50.32
C LEU E 122 -4.13 16.91 -49.68
N ALA E 123 -4.55 17.14 -48.43
CA ALA E 123 -4.14 18.33 -47.68
C ALA E 123 -3.61 17.88 -46.33
N PRO E 124 -2.32 18.12 -46.02
CA PRO E 124 -1.25 18.67 -46.86
C PRO E 124 -0.88 17.72 -47.99
N PRO E 125 -0.11 18.15 -48.99
CA PRO E 125 0.31 17.20 -50.02
C PRO E 125 1.31 16.20 -49.48
N SER E 126 1.43 15.07 -50.17
CA SER E 126 2.48 14.11 -49.90
C SER E 126 3.61 14.32 -50.91
N SER E 127 4.82 13.97 -50.49
CA SER E 127 6.01 14.19 -51.30
C SER E 127 6.37 12.91 -52.05
N VAL E 128 6.48 13.02 -53.38
CA VAL E 128 6.83 11.89 -54.23
C VAL E 128 8.20 12.13 -54.86
N VAL E 129 9.25 11.78 -54.13
CA VAL E 129 10.63 12.03 -54.55
C VAL E 129 11.32 10.70 -54.75
N ASP E 130 11.93 10.52 -55.93
CA ASP E 130 12.70 9.32 -56.22
C ASP E 130 13.74 9.06 -55.13
N PHE E 131 13.76 7.84 -54.61
CA PHE E 131 14.67 7.52 -53.52
C PHE E 131 16.13 7.47 -53.93
N ARG E 132 16.44 7.47 -55.23
CA ARG E 132 17.81 7.70 -55.67
C ARG E 132 18.21 9.17 -55.57
N LEU E 133 17.25 10.06 -55.35
CA LEU E 133 17.51 11.44 -54.95
C LEU E 133 17.41 11.62 -53.44
N TYR E 134 16.51 10.87 -52.81
CA TYR E 134 16.18 11.06 -51.40
C TYR E 134 17.20 10.42 -50.47
N LEU E 135 17.42 9.11 -50.62
CA LEU E 135 18.31 8.41 -49.70
C LEU E 135 19.74 8.96 -49.70
N PRO E 136 20.37 9.27 -50.83
CA PRO E 136 21.69 9.93 -50.75
C PRO E 136 21.63 11.26 -50.00
N HIS E 137 20.55 12.03 -50.19
CA HIS E 137 20.38 13.28 -49.47
C HIS E 137 20.51 13.09 -47.97
N LEU E 138 19.84 12.07 -47.42
CA LEU E 138 19.90 11.83 -45.99
C LEU E 138 21.28 11.35 -45.58
N LEU E 139 21.79 10.33 -46.27
CA LEU E 139 23.10 9.77 -45.95
C LEU E 139 24.21 10.83 -46.00
N THR E 140 24.25 11.62 -47.07
CA THR E 140 25.27 12.65 -47.18
C THR E 140 25.17 13.65 -46.03
N GLU E 141 23.95 14.03 -45.64
CA GLU E 141 23.78 15.00 -44.56
C GLU E 141 24.21 14.41 -43.22
N PHE E 142 23.97 13.12 -43.02
CA PHE E 142 24.48 12.45 -41.84
C PHE E 142 26.00 12.55 -41.77
N ALA E 143 26.68 12.22 -42.86
CA ALA E 143 28.13 12.33 -42.91
C ALA E 143 28.60 13.75 -42.69
N ARG E 144 27.92 14.73 -43.31
CA ARG E 144 28.36 16.11 -43.21
C ARG E 144 28.26 16.63 -41.79
N ARG E 145 27.31 16.11 -41.01
CA ARG E 145 27.15 16.47 -39.60
C ARG E 145 28.10 15.73 -38.69
N GLY E 146 29.06 14.98 -39.25
CA GLY E 146 30.00 14.23 -38.45
C GLY E 146 29.64 12.78 -38.26
N GLY E 147 28.55 12.32 -38.87
CA GLY E 147 28.11 10.94 -38.66
C GLY E 147 29.15 9.93 -39.12
N ASN E 148 29.25 8.84 -38.37
CA ASN E 148 30.19 7.78 -38.67
C ASN E 148 29.53 6.80 -39.63
N VAL E 149 30.10 6.68 -40.84
CA VAL E 149 29.53 5.88 -41.91
C VAL E 149 30.57 4.85 -42.34
N ARG E 150 30.16 3.58 -42.37
CA ARG E 150 31.03 2.48 -42.76
C ARG E 150 30.44 1.77 -43.98
N ILE E 151 31.17 1.83 -45.08
CA ILE E 151 30.71 1.35 -46.39
C ILE E 151 31.26 -0.06 -46.63
N GLY E 152 30.39 -0.97 -47.07
CA GLY E 152 30.83 -2.29 -47.44
C GLY E 152 29.96 -3.40 -46.89
N PRO E 153 30.27 -4.64 -47.24
CA PRO E 153 29.51 -5.77 -46.72
C PRO E 153 29.60 -5.82 -45.21
N VAL E 154 28.55 -6.36 -44.59
CA VAL E 154 28.35 -6.28 -43.15
C VAL E 154 28.29 -7.69 -42.57
N VAL E 155 28.97 -7.89 -41.44
CA VAL E 155 28.87 -9.11 -40.65
C VAL E 155 28.18 -8.77 -39.34
N VAL E 156 27.02 -9.39 -39.09
CA VAL E 156 26.20 -9.05 -37.94
C VAL E 156 27.01 -9.14 -36.65
N ASP E 157 27.75 -10.23 -36.48
CA ASP E 157 28.51 -10.44 -35.25
C ASP E 157 29.67 -9.45 -35.07
N GLU E 158 30.22 -8.90 -36.15
CA GLU E 158 31.24 -7.87 -35.97
C GLU E 158 30.65 -6.56 -35.48
N VAL E 159 29.46 -6.19 -35.97
CA VAL E 159 28.79 -4.99 -35.49
C VAL E 159 28.47 -5.12 -34.01
N ALA E 160 28.08 -6.33 -33.57
CA ALA E 160 27.73 -6.55 -32.17
C ALA E 160 28.93 -6.36 -31.24
N ARG E 161 30.14 -6.66 -31.73
CA ARG E 161 31.34 -6.42 -30.93
C ARG E 161 31.57 -4.93 -30.69
N ARG E 162 31.03 -4.07 -31.54
CA ARG E 162 31.37 -2.65 -31.52
C ARG E 162 30.29 -1.75 -30.95
N HIS E 163 29.13 -2.29 -30.58
CA HIS E 163 28.03 -1.44 -30.13
C HIS E 163 27.20 -2.18 -29.09
N ASP E 164 26.42 -1.41 -28.31
CA ASP E 164 25.53 -1.99 -27.32
C ASP E 164 24.23 -2.49 -27.91
N LEU E 165 23.89 -2.04 -29.12
CA LEU E 165 22.65 -2.45 -29.74
C LEU E 165 22.83 -2.35 -31.24
N VAL E 166 22.34 -3.35 -31.95
CA VAL E 166 22.39 -3.39 -33.41
C VAL E 166 20.97 -3.18 -33.92
N VAL E 167 20.79 -2.24 -34.84
CA VAL E 167 19.51 -2.02 -35.49
C VAL E 167 19.68 -2.38 -36.96
N VAL E 168 18.94 -3.40 -37.41
CA VAL E 168 18.97 -3.84 -38.80
C VAL E 168 17.81 -3.18 -39.54
N ALA E 169 18.13 -2.51 -40.65
CA ALA E 169 17.10 -1.85 -41.45
C ALA E 169 17.47 -1.87 -42.93
N ASN E 170 17.94 -3.01 -43.42
CA ASN E 170 18.36 -3.11 -44.81
C ASN E 170 17.16 -3.27 -45.73
N MET E 175 19.84 -12.22 -42.79
CA MET E 175 18.96 -11.33 -42.07
C MET E 175 17.68 -12.05 -41.70
N ARG E 176 16.93 -12.49 -42.72
CA ARG E 176 15.72 -13.28 -42.49
C ARG E 176 15.90 -14.33 -41.41
N GLU E 177 17.13 -14.82 -41.23
CA GLU E 177 17.43 -15.79 -40.18
C GLU E 177 17.26 -15.20 -38.78
N LEU E 178 17.81 -14.00 -38.57
CA LEU E 178 17.83 -13.40 -37.24
C LEU E 178 16.43 -13.09 -36.80
N PHE E 179 15.60 -12.66 -37.75
CA PHE E 179 14.24 -12.19 -37.51
C PHE E 179 13.36 -13.14 -38.31
N PRO E 180 12.91 -14.23 -37.72
CA PRO E 180 12.09 -15.21 -38.44
C PRO E 180 10.69 -14.68 -38.69
N ARG E 181 10.03 -15.30 -39.66
CA ARG E 181 8.67 -14.92 -40.01
C ARG E 181 7.73 -15.26 -38.86
N ASP E 182 7.00 -14.26 -38.38
CA ASP E 182 6.02 -14.46 -37.31
C ASP E 182 4.71 -14.89 -37.96
N PRO E 183 4.30 -16.16 -37.84
CA PRO E 183 3.12 -16.61 -38.58
C PRO E 183 1.81 -16.07 -38.04
N GLU E 184 1.77 -15.64 -36.78
CA GLU E 184 0.55 -15.06 -36.23
C GLU E 184 0.28 -13.66 -36.75
N ARG E 185 1.22 -13.05 -37.47
CA ARG E 185 1.03 -11.75 -38.08
C ARG E 185 1.29 -11.75 -39.58
N SER E 186 1.63 -12.89 -40.17
CA SER E 186 1.92 -13.02 -41.60
C SER E 186 0.95 -14.03 -42.23
N PRO E 187 -0.29 -13.61 -42.50
CA PRO E 187 -1.27 -14.55 -43.07
C PRO E 187 -0.96 -14.99 -44.49
N HIS E 188 -0.03 -14.32 -45.17
CA HIS E 188 0.31 -14.66 -46.55
C HIS E 188 1.69 -15.29 -46.59
N THR E 189 1.90 -16.19 -47.56
CA THR E 189 3.18 -16.87 -47.73
C THR E 189 3.72 -16.79 -49.14
N THR E 190 2.92 -16.33 -50.09
CA THR E 190 3.29 -16.10 -51.48
C THR E 190 2.82 -14.71 -51.86
N PRO E 191 3.39 -14.12 -52.91
CA PRO E 191 2.99 -12.76 -53.28
C PRO E 191 1.50 -12.65 -53.51
N GLN E 192 0.91 -11.58 -52.97
CA GLN E 192 -0.50 -11.27 -53.20
C GLN E 192 -0.71 -10.38 -54.41
N ARG E 193 0.36 -9.75 -54.90
CA ARG E 193 0.34 -9.00 -56.15
C ARG E 193 1.66 -9.21 -56.87
N ILE E 194 1.61 -9.23 -58.20
CA ILE E 194 2.79 -9.22 -59.03
C ILE E 194 2.92 -7.83 -59.60
N LEU E 195 4.07 -7.20 -59.39
CA LEU E 195 4.23 -5.78 -59.66
C LEU E 195 5.01 -5.56 -60.94
N CYS E 196 4.58 -4.57 -61.72
CA CYS E 196 5.36 -4.03 -62.83
C CYS E 196 5.20 -2.53 -62.78
N SER E 197 6.26 -1.83 -62.35
CA SER E 197 6.19 -0.40 -62.12
C SER E 197 7.47 0.26 -62.62
N GLY E 198 7.31 1.42 -63.25
CA GLY E 198 8.44 2.14 -63.79
C GLY E 198 8.07 3.59 -64.07
N PHE E 199 9.09 4.36 -64.43
CA PHE E 199 8.90 5.76 -64.81
C PHE E 199 8.64 5.85 -66.31
N TYR E 200 7.59 6.57 -66.68
CA TYR E 200 7.20 6.72 -68.08
C TYR E 200 7.05 8.19 -68.43
N HIS E 201 7.30 8.47 -69.71
CA HIS E 201 6.93 9.74 -70.33
C HIS E 201 5.71 9.52 -71.23
N GLY E 202 5.08 10.63 -71.61
CA GLY E 202 4.03 10.57 -72.61
C GLY E 202 2.64 10.24 -72.08
N ILE E 203 2.25 10.87 -70.97
CA ILE E 203 0.88 10.81 -70.49
C ILE E 203 0.43 12.24 -70.20
N ARG E 204 -0.66 12.66 -70.83
CA ARG E 204 -1.21 13.97 -70.55
C ARG E 204 -1.97 13.98 -69.23
N GLU E 205 -2.00 15.13 -68.57
CA GLU E 205 -2.68 15.28 -67.28
C GLU E 205 -3.79 16.31 -67.39
N ASP E 206 -5.00 15.89 -67.01
CA ASP E 206 -6.10 16.81 -66.82
C ASP E 206 -5.87 17.66 -65.58
N VAL E 207 -5.87 17.04 -64.41
CA VAL E 207 -5.67 17.73 -63.14
C VAL E 207 -4.20 17.56 -62.75
N PRO E 208 -3.46 18.64 -62.54
CA PRO E 208 -2.05 18.51 -62.20
C PRO E 208 -1.85 17.92 -60.81
N HIS E 209 -0.81 17.10 -60.69
CA HIS E 209 -0.42 16.53 -59.40
C HIS E 209 -1.52 15.68 -58.79
N GLU E 210 -2.22 14.92 -59.62
CA GLU E 210 -3.30 14.07 -59.17
C GLU E 210 -2.94 12.60 -59.38
N LEU E 211 -3.15 11.81 -58.34
CA LEU E 211 -2.88 10.37 -58.36
C LEU E 211 -4.06 9.62 -58.95
N ASP E 212 -3.76 8.62 -59.79
CA ASP E 212 -4.79 7.81 -60.43
C ASP E 212 -4.68 6.39 -59.91
N ILE E 213 -5.79 5.89 -59.36
CA ILE E 213 -5.91 4.50 -58.93
C ILE E 213 -7.10 3.88 -59.63
N HIS E 214 -6.88 2.76 -60.30
CA HIS E 214 -7.95 1.99 -60.92
C HIS E 214 -8.07 0.65 -60.21
N PHE E 215 -9.20 0.43 -59.55
CA PHE E 215 -9.48 -0.83 -58.87
C PHE E 215 -10.19 -1.78 -59.84
N LEU E 216 -9.53 -2.90 -60.15
CA LEU E 216 -10.05 -3.92 -61.05
C LEU E 216 -10.30 -5.20 -60.24
N PRO E 217 -11.52 -5.41 -59.74
CA PRO E 217 -11.78 -6.55 -58.85
C PRO E 217 -11.35 -7.87 -59.44
N GLY E 218 -10.71 -8.70 -58.62
CA GLY E 218 -10.19 -9.98 -59.02
C GLY E 218 -9.06 -9.95 -60.03
N ILE E 219 -8.64 -8.77 -60.49
CA ILE E 219 -7.56 -8.63 -61.45
C ILE E 219 -6.36 -7.91 -60.84
N GLY E 220 -6.60 -6.83 -60.13
CA GLY E 220 -5.55 -6.09 -59.49
C GLY E 220 -5.86 -4.60 -59.51
N GLU E 221 -4.79 -3.81 -59.54
CA GLU E 221 -4.90 -2.36 -59.51
C GLU E 221 -3.91 -1.76 -60.49
N ILE E 222 -4.30 -0.64 -61.11
CA ILE E 222 -3.46 0.12 -62.00
C ILE E 222 -3.31 1.52 -61.43
N LEU E 223 -2.06 2.00 -61.32
CA LEU E 223 -1.80 3.29 -60.71
C LEU E 223 -0.94 4.15 -61.64
N ARG E 224 -1.27 5.44 -61.69
CA ARG E 224 -0.50 6.45 -62.40
C ARG E 224 -0.22 7.57 -61.41
N ILE E 225 1.05 7.74 -61.06
CA ILE E 225 1.47 8.64 -59.99
C ILE E 225 2.36 9.72 -60.58
N PRO E 226 2.03 11.01 -60.43
CA PRO E 226 3.01 12.05 -60.72
C PRO E 226 4.20 11.90 -59.77
N PHE E 227 5.40 12.12 -60.28
CA PHE E 227 6.59 11.79 -59.51
C PHE E 227 7.78 12.60 -59.99
N LEU E 228 8.63 12.99 -59.05
CA LEU E 228 9.93 13.59 -59.36
C LEU E 228 10.98 12.48 -59.34
N SER E 229 11.46 12.12 -60.52
CA SER E 229 12.47 11.09 -60.67
C SER E 229 13.86 11.70 -60.81
N ARG E 230 14.88 10.82 -60.77
CA ARG E 230 16.25 11.25 -61.00
C ARG E 230 16.40 11.95 -62.34
N LEU E 231 15.58 11.60 -63.32
CA LEU E 231 15.62 12.22 -64.64
C LEU E 231 14.57 13.31 -64.82
N GLY E 232 14.10 13.91 -63.72
CA GLY E 232 13.12 14.97 -63.82
C GLY E 232 11.71 14.47 -63.54
N PRO E 233 10.71 15.35 -63.70
CA PRO E 233 9.32 14.92 -63.51
C PRO E 233 8.94 13.81 -64.49
N ALA E 234 8.13 12.87 -64.00
CA ALA E 234 7.80 11.68 -64.77
C ALA E 234 6.49 11.09 -64.26
N HIS E 235 6.06 10.00 -64.90
CA HIS E 235 4.86 9.26 -64.53
C HIS E 235 5.22 7.86 -64.04
N VAL E 236 4.71 7.50 -62.87
CA VAL E 236 4.80 6.14 -62.36
C VAL E 236 3.59 5.35 -62.84
N LEU E 237 3.82 4.34 -63.67
CA LEU E 237 2.78 3.42 -64.11
C LEU E 237 2.98 2.09 -63.39
N ALA E 238 2.04 1.73 -62.53
CA ALA E 238 2.17 0.56 -61.66
C ALA E 238 1.04 -0.40 -61.94
N PHE E 239 1.38 -1.62 -62.35
CA PHE E 239 0.43 -2.71 -62.48
C PHE E 239 0.59 -3.62 -61.27
N GLU E 240 -0.43 -3.66 -60.42
CA GLU E 240 -0.49 -4.57 -59.29
C GLU E 240 -1.39 -5.73 -59.69
N ALA E 241 -0.77 -6.84 -60.11
CA ALA E 241 -1.48 -7.94 -60.75
C ALA E 241 -1.82 -9.02 -59.73
N VAL E 242 -3.10 -9.37 -59.63
CA VAL E 242 -3.46 -10.61 -58.92
C VAL E 242 -2.80 -11.78 -59.65
N PRO E 243 -2.10 -12.68 -58.96
CA PRO E 243 -1.35 -13.73 -59.65
C PRO E 243 -2.24 -14.59 -60.54
N GLY E 244 -1.71 -14.99 -61.69
CA GLY E 244 -2.45 -15.74 -62.66
C GLY E 244 -3.40 -14.92 -63.52
N GLY E 245 -3.69 -13.68 -63.13
CA GLY E 245 -4.59 -12.83 -63.88
C GLY E 245 -3.93 -12.22 -65.09
N PRO E 246 -4.69 -11.37 -65.79
CA PRO E 246 -4.20 -10.79 -67.04
C PRO E 246 -3.18 -9.68 -66.87
N LEU E 247 -3.12 -9.04 -65.70
CA LEU E 247 -2.16 -7.96 -65.50
C LEU E 247 -0.74 -8.44 -65.26
N GLU E 248 -0.52 -9.75 -65.10
CA GLU E 248 0.83 -10.24 -64.86
C GLU E 248 1.76 -10.12 -66.06
N ALA E 249 1.20 -10.03 -67.27
CA ALA E 249 1.97 -10.12 -68.51
C ALA E 249 3.24 -9.26 -68.48
N PRO E 250 3.15 -7.94 -68.27
CA PRO E 250 4.39 -7.13 -68.33
C PRO E 250 5.39 -7.46 -67.25
N ALA E 251 4.96 -8.04 -66.13
CA ALA E 251 5.88 -8.38 -65.06
C ALA E 251 6.89 -9.45 -65.47
N HIS E 252 6.64 -10.14 -66.58
CA HIS E 252 7.53 -11.18 -67.08
C HIS E 252 8.22 -10.80 -68.38
N LEU E 253 7.91 -9.63 -68.94
CA LEU E 253 8.52 -9.18 -70.18
C LEU E 253 9.85 -8.49 -69.91
N ASP E 254 10.85 -8.83 -70.71
CA ASP E 254 12.16 -8.18 -70.68
C ASP E 254 12.06 -6.87 -71.44
N ALA E 255 11.86 -5.77 -70.72
CA ALA E 255 11.69 -4.46 -71.35
C ALA E 255 12.94 -3.97 -72.08
N ALA E 256 14.12 -4.51 -71.76
CA ALA E 256 15.32 -4.14 -72.50
C ALA E 256 15.43 -4.91 -73.82
N ALA E 257 15.17 -6.22 -73.78
CA ALA E 257 15.30 -7.04 -74.99
C ALA E 257 14.29 -6.63 -76.05
N ASP E 258 13.06 -6.31 -75.64
CA ASP E 258 11.98 -5.99 -76.57
C ASP E 258 11.27 -4.73 -76.07
N PRO E 259 11.85 -3.55 -76.31
CA PRO E 259 11.16 -2.30 -75.93
C PRO E 259 9.79 -2.16 -76.55
N ALA E 260 9.68 -2.38 -77.87
CA ALA E 260 8.40 -2.18 -78.55
C ALA E 260 7.34 -3.14 -78.02
N GLY E 261 7.70 -4.40 -77.80
CA GLY E 261 6.73 -5.37 -77.32
C GLY E 261 6.24 -5.07 -75.92
N PHE E 262 7.16 -4.67 -75.03
CA PHE E 262 6.78 -4.33 -73.66
C PHE E 262 5.79 -3.16 -73.64
N HIS E 263 6.14 -2.05 -74.31
CA HIS E 263 5.26 -0.89 -74.33
C HIS E 263 3.90 -1.21 -74.94
N ARG E 264 3.89 -2.05 -75.99
CA ARG E 264 2.63 -2.42 -76.61
C ARG E 264 1.75 -3.19 -75.65
N GLU E 265 2.34 -4.11 -74.87
CA GLU E 265 1.58 -4.88 -73.90
C GLU E 265 1.07 -3.99 -72.76
N VAL E 266 1.89 -3.02 -72.34
CA VAL E 266 1.47 -2.07 -71.32
C VAL E 266 0.27 -1.28 -71.81
N LEU E 267 0.36 -0.77 -73.05
CA LEU E 267 -0.74 0.00 -73.62
C LEU E 267 -1.98 -0.86 -73.84
N ARG E 268 -1.79 -2.14 -74.20
CA ARG E 268 -2.92 -3.04 -74.37
C ARG E 268 -3.72 -3.19 -73.08
N LEU E 269 -3.01 -3.37 -71.96
CA LEU E 269 -3.70 -3.53 -70.69
C LEU E 269 -4.35 -2.24 -70.22
N LEU E 270 -3.71 -1.09 -70.48
CA LEU E 270 -4.34 0.19 -70.16
C LEU E 270 -5.63 0.36 -70.94
N ALA E 271 -5.62 0.03 -72.23
CA ALA E 271 -6.82 0.13 -73.04
C ALA E 271 -7.92 -0.81 -72.54
N ALA E 272 -7.55 -2.04 -72.19
CA ALA E 272 -8.53 -3.03 -71.76
C ALA E 272 -9.13 -2.69 -70.40
N TYR E 273 -8.31 -2.17 -69.47
CA TYR E 273 -8.72 -2.10 -68.08
C TYR E 273 -8.82 -0.70 -67.50
N ALA E 274 -8.12 0.28 -68.06
CA ALA E 274 -8.21 1.67 -67.61
C ALA E 274 -8.30 2.58 -68.82
N PRO E 275 -9.40 2.51 -69.57
CA PRO E 275 -9.48 3.27 -70.83
C PRO E 275 -9.39 4.77 -70.62
N SER E 276 -9.91 5.30 -69.51
CA SER E 276 -9.73 6.71 -69.21
C SER E 276 -8.26 7.08 -69.09
N LEU E 277 -7.40 6.12 -68.73
CA LEU E 277 -5.97 6.36 -68.72
C LEU E 277 -5.37 6.22 -70.12
N ARG E 278 -5.77 5.18 -70.86
CA ARG E 278 -5.23 4.93 -72.19
C ARG E 278 -5.50 6.10 -73.13
N GLU E 279 -6.63 6.78 -72.95
CA GLU E 279 -6.97 7.93 -73.79
C GLU E 279 -6.02 9.10 -73.59
N ARG E 280 -5.28 9.12 -72.49
CA ARG E 280 -4.36 10.21 -72.17
C ARG E 280 -2.94 9.93 -72.63
N VAL E 281 -2.73 8.84 -73.36
CA VAL E 281 -1.40 8.40 -73.76
C VAL E 281 -1.06 9.05 -75.10
N ASP E 282 -0.12 9.99 -75.08
CA ASP E 282 0.47 10.49 -76.31
C ASP E 282 1.41 9.39 -76.82
N THR E 283 0.94 8.63 -77.81
CA THR E 283 1.66 7.44 -78.25
C THR E 283 2.98 7.79 -78.94
N ALA E 284 3.15 9.03 -79.40
CA ALA E 284 4.44 9.43 -79.95
C ALA E 284 5.52 9.47 -78.87
N ARG E 285 5.17 9.96 -77.68
CA ARG E 285 6.13 10.19 -76.61
C ARG E 285 6.09 9.12 -75.51
N PHE E 286 5.18 8.15 -75.60
CA PHE E 286 4.99 7.21 -74.50
C PHE E 286 6.13 6.20 -74.44
N GLY E 287 6.53 5.85 -73.23
CA GLY E 287 7.56 4.86 -73.04
C GLY E 287 8.31 5.10 -71.74
N LEU E 288 9.09 4.09 -71.34
CA LEU E 288 9.96 4.21 -70.19
C LEU E 288 10.95 5.34 -70.39
N VAL E 289 11.18 6.11 -69.32
CA VAL E 289 12.00 7.31 -69.40
C VAL E 289 13.45 7.01 -69.75
N ALA E 290 13.89 5.76 -69.56
CA ALA E 290 15.25 5.33 -69.86
C ALA E 290 15.31 3.81 -69.72
N PRO E 291 16.30 3.16 -70.34
CA PRO E 291 16.43 1.70 -70.15
C PRO E 291 16.71 1.38 -68.69
N GLY E 292 15.99 0.39 -68.17
CA GLY E 292 16.16 -0.03 -66.80
C GLY E 292 15.21 0.62 -65.82
N GLU E 293 14.57 1.73 -66.19
CA GLU E 293 13.71 2.45 -65.27
C GLU E 293 12.40 1.70 -65.04
N LEU E 294 12.47 0.56 -64.37
CA LEU E 294 11.37 -0.37 -64.27
C LEU E 294 11.67 -1.36 -63.17
N ALA E 295 10.63 -1.75 -62.43
CA ALA E 295 10.77 -2.74 -61.36
C ALA E 295 9.72 -3.82 -61.57
N GLN E 296 10.17 -5.08 -61.57
CA GLN E 296 9.31 -6.23 -61.81
C GLN E 296 9.56 -7.28 -60.75
N GLY E 297 8.47 -7.84 -60.23
CA GLY E 297 8.55 -8.87 -59.23
C GLY E 297 7.29 -8.89 -58.39
N GLY E 298 7.32 -9.73 -57.37
CA GLY E 298 6.21 -9.83 -56.43
C GLY E 298 6.63 -9.53 -55.01
N VAL E 299 5.67 -9.21 -54.15
CA VAL E 299 5.94 -8.87 -52.76
C VAL E 299 5.12 -9.79 -51.86
N THR E 300 5.80 -10.46 -50.94
CA THR E 300 5.13 -11.33 -49.98
C THR E 300 4.97 -10.59 -48.67
N PRO E 301 3.76 -10.17 -48.30
CA PRO E 301 3.58 -9.47 -47.02
C PRO E 301 4.02 -10.35 -45.86
N THR E 302 5.00 -9.87 -45.11
CA THR E 302 5.61 -10.63 -44.03
C THR E 302 5.85 -9.73 -42.83
N VAL E 303 5.47 -10.20 -41.63
CA VAL E 303 5.84 -9.58 -40.37
C VAL E 303 6.78 -10.52 -39.63
N ARG E 304 7.96 -10.03 -39.27
CA ARG E 304 8.96 -10.83 -38.59
C ARG E 304 8.98 -10.50 -37.11
N ARG E 305 9.67 -11.33 -36.33
CA ARG E 305 9.84 -11.03 -34.91
C ARG E 305 10.85 -9.91 -34.76
N GLY E 306 10.49 -8.88 -34.01
CA GLY E 306 11.22 -7.62 -34.02
C GLY E 306 12.57 -7.62 -33.34
N TRP E 307 12.93 -8.68 -32.62
CA TRP E 307 14.15 -8.68 -31.84
C TRP E 307 14.82 -10.04 -31.89
N ALA E 308 16.08 -10.10 -31.46
CA ALA E 308 16.88 -11.30 -31.52
C ALA E 308 18.12 -11.14 -30.66
N ARG E 309 18.50 -12.19 -29.93
CA ARG E 309 19.74 -12.20 -29.16
C ARG E 309 20.85 -12.82 -30.02
N LEU E 310 21.91 -12.05 -30.26
CA LEU E 310 23.00 -12.48 -31.10
C LEU E 310 24.01 -13.33 -30.32
N ALA E 311 25.09 -13.72 -31.00
CA ALA E 311 26.06 -14.64 -30.44
C ALA E 311 26.66 -14.13 -29.13
N ASP E 312 27.28 -12.94 -29.17
CA ASP E 312 27.97 -12.42 -28.00
C ASP E 312 27.04 -11.84 -26.94
N GLY E 313 25.73 -11.96 -27.11
CA GLY E 313 24.78 -11.42 -26.17
C GLY E 313 24.30 -10.02 -26.47
N THR E 314 24.91 -9.34 -27.44
CA THR E 314 24.38 -8.07 -27.92
C THR E 314 23.05 -8.30 -28.63
N CYS E 315 22.05 -7.52 -28.27
CA CYS E 315 20.74 -7.68 -28.88
C CYS E 315 20.66 -6.91 -30.20
N ALA E 316 19.68 -7.29 -31.02
CA ALA E 316 19.50 -6.69 -32.33
C ALA E 316 18.02 -6.47 -32.61
N LEU E 317 17.69 -5.26 -33.04
CA LEU E 317 16.33 -4.89 -33.44
C LEU E 317 16.25 -4.70 -34.96
N ALA E 318 15.08 -4.96 -35.51
CA ALA E 318 14.81 -4.77 -36.93
C ALA E 318 13.71 -3.73 -37.12
N ILE E 319 13.94 -2.78 -38.02
CA ILE E 319 12.93 -1.80 -38.41
C ILE E 319 12.88 -1.72 -39.93
N GLY E 320 11.85 -1.05 -40.44
CA GLY E 320 11.72 -0.88 -41.88
C GLY E 320 11.37 -2.18 -42.56
N ASP E 321 11.96 -2.39 -43.74
CA ASP E 321 11.71 -3.61 -44.50
C ASP E 321 12.38 -4.83 -43.87
N ALA E 322 13.44 -4.63 -43.08
CA ALA E 322 14.04 -5.73 -42.36
C ALA E 322 13.07 -6.34 -41.35
N TRP E 323 12.16 -5.53 -40.81
CA TRP E 323 11.18 -6.00 -39.85
C TRP E 323 9.89 -6.45 -40.53
N ILE E 324 9.24 -5.54 -41.24
CA ILE E 324 7.91 -5.76 -41.81
C ILE E 324 7.95 -5.43 -43.30
N THR E 325 7.33 -6.29 -44.11
CA THR E 325 7.16 -6.05 -45.53
C THR E 325 5.67 -5.99 -45.84
N ASN E 326 5.22 -4.87 -46.40
CA ASN E 326 3.84 -4.72 -46.83
C ASN E 326 3.78 -4.58 -48.35
N ASP E 327 2.61 -4.86 -48.90
CA ASP E 327 2.39 -4.61 -50.31
C ASP E 327 2.29 -3.11 -50.57
N PRO E 328 2.99 -2.58 -51.57
CA PRO E 328 3.10 -1.12 -51.72
C PRO E 328 1.80 -0.41 -52.07
N LEU E 329 0.69 -1.12 -52.27
CA LEU E 329 -0.53 -0.50 -52.75
C LEU E 329 -0.96 0.65 -51.84
N THR E 330 -0.92 0.44 -50.53
CA THR E 330 -1.29 1.50 -49.60
C THR E 330 -0.20 2.54 -49.42
N ALA E 331 1.01 2.28 -49.93
CA ALA E 331 2.12 3.23 -49.90
C ALA E 331 2.51 3.60 -48.46
N GLN E 332 2.30 2.69 -47.52
CA GLN E 332 2.55 2.96 -46.11
C GLN E 332 3.90 2.47 -45.62
N GLY E 333 4.61 1.69 -46.43
CA GLY E 333 5.90 1.13 -46.05
C GLY E 333 6.91 2.18 -45.62
N ALA E 334 7.28 3.07 -46.53
CA ALA E 334 8.26 4.10 -46.22
C ALA E 334 7.79 4.99 -45.09
N ASN E 335 6.49 5.22 -44.98
CA ASN E 335 5.97 6.03 -43.88
C ASN E 335 6.09 5.27 -42.57
N LEU E 336 5.80 3.97 -42.59
CA LEU E 336 5.97 3.14 -41.40
C LEU E 336 7.43 3.10 -40.95
N GLY E 337 8.36 2.97 -41.90
CA GLY E 337 9.76 2.97 -41.55
C GLY E 337 10.21 4.27 -40.91
N SER E 338 9.64 5.40 -41.37
CA SER E 338 9.99 6.70 -40.80
C SER E 338 9.41 6.86 -39.40
N HIS E 339 8.21 6.31 -39.16
CA HIS E 339 7.60 6.39 -37.84
C HIS E 339 8.37 5.57 -36.81
N THR E 340 8.64 4.29 -37.13
CA THR E 340 9.30 3.44 -36.15
C THR E 340 10.73 3.88 -35.88
N ALA E 341 11.37 4.56 -36.84
CA ALA E 341 12.70 5.08 -36.58
C ALA E 341 12.66 6.15 -35.50
N PHE E 342 11.75 7.10 -35.62
CA PHE E 342 11.66 8.17 -34.61
C PHE E 342 11.21 7.61 -33.27
N ALA E 343 10.31 6.62 -33.26
CA ALA E 343 9.86 6.03 -32.01
C ALA E 343 10.98 5.24 -31.35
N LEU E 344 11.69 4.39 -32.12
CA LEU E 344 12.80 3.62 -31.55
C LEU E 344 13.91 4.53 -31.05
N ALA E 345 14.15 5.64 -31.76
CA ALA E 345 15.17 6.58 -31.31
C ALA E 345 14.85 7.12 -29.92
N ASP E 346 13.59 7.48 -29.69
CA ASP E 346 13.19 7.99 -28.39
C ASP E 346 13.39 6.96 -27.29
N LEU E 347 13.16 5.68 -27.58
CA LEU E 347 13.39 4.64 -26.58
C LEU E 347 14.89 4.47 -26.31
N ILE E 348 15.70 4.40 -27.36
CA ILE E 348 17.14 4.27 -27.18
C ILE E 348 17.69 5.47 -26.41
N ALA E 349 17.21 6.67 -26.72
CA ALA E 349 17.79 7.87 -26.13
C ALA E 349 17.40 8.06 -24.67
N SER E 350 16.20 7.65 -24.28
CA SER E 350 15.75 7.80 -22.91
C SER E 350 16.02 6.57 -22.05
N ALA E 351 16.59 5.52 -22.63
CA ALA E 351 16.88 4.29 -21.88
C ALA E 351 17.99 4.54 -20.88
N THR E 352 17.66 4.48 -19.59
CA THR E 352 18.66 4.60 -18.53
C THR E 352 19.29 3.27 -18.15
N GLY E 353 18.64 2.16 -18.47
CA GLY E 353 19.15 0.85 -18.15
C GLY E 353 19.96 0.24 -19.27
N PRO E 354 20.14 -1.07 -19.22
CA PRO E 354 20.86 -1.74 -20.31
C PRO E 354 19.95 -2.00 -21.50
N LEU E 355 20.57 -2.10 -22.67
CA LEU E 355 19.83 -2.36 -23.90
C LEU E 355 19.73 -3.87 -24.14
N ASP E 356 19.14 -4.55 -23.17
CA ASP E 356 19.11 -5.99 -23.12
C ASP E 356 17.81 -6.52 -23.72
N GLU E 357 17.59 -7.82 -23.53
CA GLU E 357 16.43 -8.49 -24.08
C GLU E 357 15.13 -7.86 -23.59
N ALA E 358 15.07 -7.50 -22.32
CA ALA E 358 13.86 -6.89 -21.78
C ALA E 358 13.55 -5.58 -22.49
N PHE E 359 14.60 -4.82 -22.84
CA PHE E 359 14.41 -3.57 -23.58
C PHE E 359 13.87 -3.83 -24.97
N CYS E 360 14.47 -4.78 -25.69
CA CYS E 360 14.05 -5.05 -27.07
C CYS E 360 12.59 -5.52 -27.12
N ARG E 361 12.20 -6.43 -26.22
CA ARG E 361 10.81 -6.89 -26.21
C ARG E 361 9.85 -5.75 -25.92
N ASP E 362 10.18 -4.89 -24.95
CA ASP E 362 9.35 -3.72 -24.70
C ASP E 362 9.36 -2.76 -25.90
N ALA E 363 10.53 -2.57 -26.51
CA ALA E 363 10.61 -1.72 -27.69
C ALA E 363 9.79 -2.29 -28.84
N SER E 364 10.06 -3.55 -29.20
CA SER E 364 9.35 -4.18 -30.31
C SER E 364 7.83 -4.18 -30.08
N ALA E 365 7.41 -4.42 -28.84
CA ALA E 365 5.98 -4.39 -28.53
C ALA E 365 5.38 -3.01 -28.82
N ARG E 366 6.03 -1.95 -28.33
CA ARG E 366 5.49 -0.61 -28.56
C ARG E 366 5.49 -0.26 -30.04
N LEU E 367 6.55 -0.63 -30.76
CA LEU E 367 6.57 -0.38 -32.20
C LEU E 367 5.46 -1.16 -32.91
N TRP E 368 5.19 -2.39 -32.46
CA TRP E 368 4.12 -3.16 -33.10
C TRP E 368 2.74 -2.60 -32.83
N ASP E 369 2.54 -1.96 -31.67
CA ASP E 369 1.22 -1.42 -31.37
C ASP E 369 0.78 -0.39 -32.41
N HIS E 370 1.74 0.30 -33.02
CA HIS E 370 1.45 1.17 -34.15
C HIS E 370 1.47 0.42 -35.48
N ALA E 371 2.52 -0.39 -35.70
CA ALA E 371 2.67 -1.06 -36.98
C ALA E 371 1.50 -1.99 -37.31
N ARG E 372 0.83 -2.52 -36.28
CA ARG E 372 -0.27 -3.46 -36.54
C ARG E 372 -1.34 -2.83 -37.41
N HIS E 373 -1.70 -1.56 -37.14
CA HIS E 373 -2.69 -0.89 -37.97
C HIS E 373 -2.24 -0.83 -39.43
N VAL E 374 -0.94 -0.63 -39.64
CA VAL E 374 -0.41 -0.56 -41.00
C VAL E 374 -0.50 -1.92 -41.69
N VAL E 375 -0.13 -2.99 -40.98
CA VAL E 375 -0.06 -4.31 -41.61
C VAL E 375 -1.46 -4.80 -41.98
N GLU E 376 -2.44 -4.61 -41.09
CA GLU E 376 -3.78 -5.13 -41.34
C GLU E 376 -4.49 -4.35 -42.44
N TRP E 377 -4.30 -3.03 -42.48
CA TRP E 377 -4.87 -2.24 -43.57
C TRP E 377 -4.22 -2.61 -44.89
N SER E 378 -2.90 -2.78 -44.92
CA SER E 378 -2.21 -3.11 -46.16
C SER E 378 -2.68 -4.45 -46.70
N ASN E 379 -2.88 -5.42 -45.82
CA ASN E 379 -3.36 -6.73 -46.26
C ASN E 379 -4.83 -6.70 -46.65
N ALA E 380 -5.64 -5.86 -46.00
CA ALA E 380 -7.05 -5.76 -46.34
C ALA E 380 -7.27 -5.25 -47.76
N PHE E 381 -6.52 -4.21 -48.16
CA PHE E 381 -6.67 -3.66 -49.50
C PHE E 381 -6.31 -4.64 -50.60
N LEU E 382 -5.51 -5.66 -50.29
CA LEU E 382 -5.21 -6.68 -51.29
C LEU E 382 -6.41 -7.58 -51.57
N ALA E 383 -7.36 -7.62 -50.64
CA ALA E 383 -8.55 -8.45 -50.71
C ALA E 383 -9.73 -7.67 -51.29
N PRO E 384 -10.71 -8.36 -51.85
CA PRO E 384 -11.91 -7.69 -52.38
C PRO E 384 -12.55 -6.78 -51.35
N PRO E 385 -13.08 -5.63 -51.76
CA PRO E 385 -13.65 -4.68 -50.80
C PRO E 385 -14.90 -5.24 -50.15
N PRO E 386 -14.95 -5.28 -48.82
CA PRO E 386 -16.16 -5.73 -48.13
C PRO E 386 -17.33 -4.80 -48.41
N PRO E 387 -18.56 -5.25 -48.13
CA PRO E 387 -19.73 -4.43 -48.50
C PRO E 387 -19.73 -3.03 -47.90
N HIS E 388 -19.34 -2.88 -46.63
CA HIS E 388 -19.32 -1.57 -46.01
C HIS E 388 -18.25 -0.67 -46.62
N VAL E 389 -17.19 -1.25 -47.18
CA VAL E 389 -16.21 -0.44 -47.91
C VAL E 389 -16.79 0.02 -49.25
N MET E 390 -17.44 -0.88 -49.97
CA MET E 390 -18.05 -0.49 -51.24
C MET E 390 -19.12 0.58 -51.06
N GLU E 391 -19.83 0.55 -49.92
CA GLU E 391 -20.82 1.61 -49.67
C GLU E 391 -20.12 2.94 -49.43
N LEU E 392 -19.04 2.94 -48.66
CA LEU E 392 -18.27 4.16 -48.47
C LEU E 392 -17.78 4.72 -49.80
N PHE E 393 -17.31 3.83 -50.69
CA PHE E 393 -16.91 4.27 -52.03
C PHE E 393 -18.06 4.98 -52.74
N GLY E 394 -19.26 4.40 -52.66
CA GLY E 394 -20.43 5.05 -53.24
C GLY E 394 -20.71 6.41 -52.61
N ARG E 395 -20.76 6.46 -51.27
CA ARG E 395 -21.09 7.71 -50.59
C ARG E 395 -20.10 8.82 -50.91
N ALA E 396 -18.83 8.49 -51.10
CA ALA E 396 -17.84 9.50 -51.42
C ALA E 396 -17.93 9.98 -52.87
N ALA E 397 -18.44 9.13 -53.77
CA ALA E 397 -18.58 9.53 -55.16
C ALA E 397 -19.63 10.61 -55.37
N GLY E 398 -20.52 10.82 -54.40
CA GLY E 398 -21.56 11.82 -54.53
C GLY E 398 -21.50 12.88 -53.45
N ASP E 399 -20.41 12.90 -52.69
CA ASP E 399 -20.23 13.86 -51.60
C ASP E 399 -18.74 14.22 -51.57
N LYS E 400 -18.43 15.44 -51.98
CA LYS E 400 -17.03 15.85 -52.08
C LYS E 400 -16.36 15.91 -50.72
N GLN E 401 -17.11 16.30 -49.68
CA GLN E 401 -16.56 16.37 -48.33
C GLN E 401 -16.14 14.98 -47.84
N ILE E 402 -16.89 13.94 -48.20
CA ILE E 402 -16.52 12.59 -47.80
C ILE E 402 -15.29 12.13 -48.57
N ALA E 403 -15.24 12.39 -49.87
CA ALA E 403 -14.09 12.00 -50.68
C ALA E 403 -12.81 12.69 -50.19
N ASP E 404 -12.89 13.99 -49.90
CA ASP E 404 -11.73 14.72 -49.42
C ASP E 404 -11.26 14.17 -48.07
N ALA E 405 -12.19 13.91 -47.16
CA ALA E 405 -11.82 13.39 -45.85
C ALA E 405 -11.20 12.01 -45.97
N PHE E 406 -11.80 11.15 -46.81
CA PHE E 406 -11.26 9.81 -46.99
C PHE E 406 -9.83 9.85 -47.52
N VAL E 407 -9.60 10.58 -48.61
CA VAL E 407 -8.26 10.67 -49.19
C VAL E 407 -7.29 11.32 -48.21
N GLY E 408 -7.75 12.32 -47.46
CA GLY E 408 -6.89 13.00 -46.50
C GLY E 408 -6.38 12.10 -45.39
N ARG E 409 -7.00 10.93 -45.22
CA ARG E 409 -6.63 9.99 -44.17
C ARG E 409 -5.59 8.97 -44.60
N PHE E 410 -5.09 9.06 -45.84
CA PHE E 410 -3.89 8.33 -46.19
C PHE E 410 -2.69 8.82 -45.42
N HIS E 411 -2.79 10.01 -44.82
CA HIS E 411 -1.74 10.52 -43.95
C HIS E 411 -1.62 9.72 -42.65
N ASP E 412 -2.68 9.04 -42.25
CA ASP E 412 -2.74 8.36 -40.95
C ASP E 412 -3.25 6.93 -41.11
N PRO E 413 -2.36 5.95 -41.11
CA PRO E 413 -2.82 4.56 -41.26
C PRO E 413 -3.74 4.09 -40.14
N VAL E 414 -3.54 4.59 -38.92
CA VAL E 414 -4.40 4.19 -37.80
C VAL E 414 -5.81 4.73 -37.99
N ALA E 415 -5.93 6.03 -38.31
CA ALA E 415 -7.24 6.63 -38.52
C ALA E 415 -7.95 6.05 -39.74
N MET E 416 -7.18 5.61 -40.74
CA MET E 416 -7.78 4.98 -41.91
C MET E 416 -8.33 3.59 -41.56
N TRP E 417 -7.56 2.80 -40.82
CA TRP E 417 -8.00 1.46 -40.44
C TRP E 417 -9.22 1.51 -39.54
N ALA E 418 -9.39 2.59 -38.78
CA ALA E 418 -10.60 2.75 -37.98
C ALA E 418 -11.85 2.76 -38.86
N VAL E 419 -11.73 3.26 -40.08
CA VAL E 419 -12.87 3.32 -40.99
C VAL E 419 -13.04 2.01 -41.77
N LEU E 420 -11.96 1.46 -42.32
CA LEU E 420 -12.12 0.37 -43.27
C LEU E 420 -12.44 -0.94 -42.56
N SER E 421 -11.76 -1.24 -41.46
CA SER E 421 -12.22 -2.30 -40.60
C SER E 421 -13.47 -1.81 -39.85
N SER E 422 -14.29 -2.77 -39.42
CA SER E 422 -15.56 -2.54 -38.75
C SER E 422 -16.54 -1.76 -39.62
N PRO E 423 -17.69 -2.34 -39.97
CA PRO E 423 -18.73 -1.55 -40.64
C PRO E 423 -19.22 -0.38 -39.82
N GLU E 424 -19.04 -0.42 -38.50
CA GLU E 424 -19.42 0.70 -37.65
C GLU E 424 -18.48 1.88 -37.86
N GLY E 425 -17.23 1.61 -38.26
CA GLY E 425 -16.31 2.70 -38.55
C GLY E 425 -16.71 3.50 -39.77
N VAL E 426 -17.19 2.82 -40.81
CA VAL E 426 -17.69 3.51 -42.00
C VAL E 426 -18.81 4.48 -41.64
N ASP E 427 -19.73 4.04 -40.77
CA ASP E 427 -20.88 4.85 -40.40
C ASP E 427 -20.48 6.10 -39.64
N SER E 428 -19.71 5.95 -38.56
CA SER E 428 -19.28 7.11 -37.78
C SER E 428 -18.45 8.07 -38.61
N PHE E 429 -17.76 7.55 -39.64
CA PHE E 429 -17.00 8.42 -40.53
C PHE E 429 -17.91 9.25 -41.42
N VAL E 430 -18.86 8.59 -42.10
CA VAL E 430 -19.81 9.28 -42.96
C VAL E 430 -20.52 10.39 -42.20
N ARG E 431 -20.95 10.10 -40.98
CA ARG E 431 -21.66 11.12 -40.20
C ARG E 431 -20.74 12.30 -39.87
N SER E 432 -19.54 12.02 -39.35
CA SER E 432 -18.62 13.07 -38.94
C SER E 432 -18.15 13.96 -40.08
N CYS E 433 -18.45 13.61 -41.32
CA CYS E 433 -18.19 14.46 -42.48
C CYS E 433 -19.42 15.25 -42.93
N THR E 434 -20.60 14.65 -42.84
CA THR E 434 -21.84 15.30 -43.26
C THR E 434 -22.66 15.85 -42.10
N GLU E 435 -22.21 15.65 -40.86
CA GLU E 435 -22.95 16.02 -39.65
C GLU E 435 -24.29 15.25 -39.58
N THR F 30 -11.62 74.35 4.03
CA THR F 30 -12.03 73.45 2.97
C THR F 30 -13.56 73.31 2.94
N GLU F 31 -14.04 72.23 2.34
CA GLU F 31 -15.47 72.06 2.11
C GLU F 31 -16.18 71.25 3.21
N THR F 32 -15.47 70.39 3.93
CA THR F 32 -16.04 69.60 5.03
C THR F 32 -15.79 70.28 6.38
N ASP F 33 -16.83 70.84 6.98
CA ASP F 33 -16.73 71.47 8.30
C ASP F 33 -17.60 70.67 9.27
N ILE F 34 -16.96 70.04 10.26
CA ILE F 34 -17.63 69.13 11.19
C ILE F 34 -17.77 69.79 12.55
N GLY F 35 -18.96 69.65 13.14
CA GLY F 35 -19.21 70.11 14.49
C GLY F 35 -19.55 68.96 15.42
N ILE F 36 -18.77 68.79 16.49
CA ILE F 36 -18.92 67.66 17.41
C ILE F 36 -19.51 68.17 18.71
N ILE F 37 -20.55 67.50 19.20
CA ILE F 37 -21.21 67.87 20.44
C ILE F 37 -20.92 66.78 21.47
N GLY F 38 -20.25 67.17 22.55
CA GLY F 38 -19.94 66.25 23.63
C GLY F 38 -18.45 66.05 23.75
N SER F 39 -17.95 65.98 24.99
CA SER F 39 -16.53 65.84 25.25
C SER F 39 -16.20 64.46 25.82
N GLY F 40 -16.92 63.43 25.39
CA GLY F 40 -16.59 62.08 25.75
C GLY F 40 -15.32 61.62 25.06
N ILE F 41 -14.99 60.34 25.28
CA ILE F 41 -13.83 59.77 24.60
C ILE F 41 -14.09 59.70 23.10
N SER F 42 -15.32 59.36 22.71
CA SER F 42 -15.66 59.30 21.29
C SER F 42 -15.62 60.67 20.66
N GLY F 43 -16.21 61.66 21.34
CA GLY F 43 -16.19 63.02 20.82
C GLY F 43 -14.79 63.57 20.67
N LEU F 44 -13.96 63.36 21.69
CA LEU F 44 -12.61 63.95 21.69
C LEU F 44 -11.69 63.23 20.71
N GLN F 45 -11.78 61.91 20.63
CA GLN F 45 -10.91 61.19 19.69
C GLN F 45 -11.30 61.48 18.25
N LEU F 46 -12.59 61.59 17.95
CA LEU F 46 -13.01 62.02 16.63
C LEU F 46 -12.44 63.39 16.30
N ALA F 47 -12.56 64.34 17.25
CA ALA F 47 -12.04 65.68 17.04
C ALA F 47 -10.54 65.66 16.77
N LEU F 48 -9.79 64.91 17.58
CA LEU F 48 -8.34 64.82 17.39
C LEU F 48 -8.00 64.16 16.07
N ARG F 49 -8.79 63.15 15.68
CA ARG F 49 -8.44 62.40 14.47
C ARG F 49 -8.74 63.20 13.20
N LEU F 50 -9.90 63.87 13.15
CA LEU F 50 -10.18 64.75 12.03
C LEU F 50 -9.09 65.81 11.88
N GLN F 51 -8.67 66.38 13.01
CA GLN F 51 -7.57 67.35 13.00
C GLN F 51 -6.30 66.72 12.43
N GLN F 52 -6.05 65.45 12.73
CA GLN F 52 -4.89 64.78 12.16
C GLN F 52 -5.08 64.52 10.67
N LEU F 53 -6.30 64.27 10.24
CA LEU F 53 -6.54 63.99 8.82
C LEU F 53 -6.67 65.25 7.98
N GLY F 54 -6.76 66.43 8.61
CA GLY F 54 -6.88 67.67 7.88
C GLY F 54 -8.28 68.25 7.79
N VAL F 55 -9.28 67.60 8.37
CA VAL F 55 -10.67 68.05 8.26
C VAL F 55 -10.90 69.18 9.27
N PRO F 56 -11.45 70.32 8.85
CA PRO F 56 -11.83 71.35 9.82
C PRO F 56 -12.91 70.84 10.77
N VAL F 57 -12.73 71.12 12.06
CA VAL F 57 -13.61 70.58 13.09
C VAL F 57 -13.67 71.55 14.26
N THR F 58 -14.87 71.71 14.83
CA THR F 58 -15.09 72.48 16.03
C THR F 58 -15.73 71.59 17.08
N LEU F 59 -15.25 71.68 18.33
CA LEU F 59 -15.76 70.87 19.43
C LEU F 59 -16.59 71.73 20.37
N TYR F 60 -17.84 71.33 20.59
CA TYR F 60 -18.75 72.00 21.51
C TYR F 60 -18.86 71.14 22.77
N SER F 61 -18.20 71.58 23.85
CA SER F 61 -18.21 70.86 25.11
C SER F 61 -19.02 71.63 26.14
N ALA F 62 -19.89 70.92 26.86
CA ALA F 62 -20.65 71.54 27.94
C ALA F 62 -19.77 71.94 29.12
N GLN F 63 -18.61 71.30 29.27
CA GLN F 63 -17.74 71.53 30.41
C GLN F 63 -16.37 72.00 29.94
N THR F 64 -15.68 72.72 30.82
CA THR F 64 -14.29 73.11 30.57
C THR F 64 -13.36 71.95 30.87
N ALA F 65 -12.07 72.15 30.59
CA ALA F 65 -11.08 71.15 30.95
C ALA F 65 -10.98 71.01 32.45
N GLU F 66 -10.98 72.13 33.18
CA GLU F 66 -10.96 72.08 34.64
C GLU F 66 -12.19 71.39 35.18
N GLU F 67 -13.35 71.62 34.56
CA GLU F 67 -14.57 70.93 34.98
C GLU F 67 -14.51 69.44 34.65
N LEU F 68 -13.84 69.08 33.56
CA LEU F 68 -13.70 67.68 33.20
C LEU F 68 -12.84 66.91 34.20
N GLY F 69 -11.93 67.59 34.88
CA GLY F 69 -11.06 66.94 35.83
C GLY F 69 -11.56 66.97 37.26
N SER F 70 -12.82 67.35 37.48
CA SER F 70 -13.40 67.41 38.81
C SER F 70 -14.78 66.77 38.79
N GLY F 71 -15.45 66.81 39.94
CA GLY F 71 -16.75 66.21 40.10
C GLY F 71 -16.68 64.75 40.50
N ARG F 72 -17.84 64.18 40.77
CA ARG F 72 -17.91 62.77 41.13
C ARG F 72 -17.72 61.92 39.88
N PRO F 73 -17.05 60.78 40.00
CA PRO F 73 -16.82 59.94 38.81
C PRO F 73 -18.10 59.28 38.33
N ARG F 74 -18.18 59.10 37.02
CA ARG F 74 -19.36 58.49 36.40
C ARG F 74 -19.14 57.03 36.05
N ASN F 75 -17.91 56.64 35.71
CA ASN F 75 -17.63 55.28 35.31
C ASN F 75 -16.13 55.04 35.43
N PHE F 76 -15.72 53.79 35.22
CA PHE F 76 -14.34 53.36 35.48
C PHE F 76 -13.88 52.50 34.31
N PRO F 77 -13.63 53.12 33.15
CA PRO F 77 -13.36 52.34 31.94
C PRO F 77 -11.91 51.90 31.77
N ALA F 78 -11.71 50.63 31.46
CA ALA F 78 -10.42 50.12 31.04
C ALA F 78 -10.31 50.20 29.52
N ARG F 79 -9.22 50.78 29.04
CA ARG F 79 -9.01 50.97 27.61
C ARG F 79 -8.02 49.92 27.13
N PHE F 80 -8.45 49.09 26.18
CA PHE F 80 -7.67 47.94 25.76
C PHE F 80 -6.62 48.35 24.72
N ALA F 81 -5.87 47.36 24.25
CA ALA F 81 -4.75 47.62 23.35
C ALA F 81 -5.17 48.37 22.08
N PRO F 82 -6.24 47.99 21.36
CA PRO F 82 -6.63 48.78 20.19
C PRO F 82 -6.87 50.25 20.49
N THR F 83 -7.46 50.56 21.65
CA THR F 83 -7.70 51.96 21.99
C THR F 83 -6.39 52.69 22.26
N GLN F 84 -5.45 52.04 22.96
CA GLN F 84 -4.13 52.65 23.15
C GLN F 84 -3.41 52.82 21.83
N ALA F 85 -3.61 51.92 20.87
CA ALA F 85 -2.97 52.06 19.57
C ALA F 85 -3.53 53.27 18.82
N ARG F 86 -4.85 53.48 18.89
CA ARG F 86 -5.43 54.68 18.33
C ARG F 86 -4.89 55.93 19.03
N GLU F 87 -4.78 55.89 20.36
CA GLU F 87 -4.23 57.02 21.10
C GLU F 87 -2.78 57.26 20.73
N ASP F 88 -2.04 56.18 20.45
CA ASP F 88 -0.66 56.31 19.99
C ASP F 88 -0.61 57.12 18.70
N SER F 89 -1.46 56.77 17.73
CA SER F 89 -1.49 57.47 16.45
C SER F 89 -2.00 58.89 16.58
N LEU F 90 -2.75 59.20 17.64
CA LEU F 90 -3.12 60.58 17.91
C LEU F 90 -2.02 61.37 18.62
N GLY F 91 -0.91 60.72 18.97
CA GLY F 91 0.15 61.40 19.70
C GLY F 91 -0.26 61.82 21.10
N VAL F 92 -1.12 61.06 21.76
CA VAL F 92 -1.63 61.41 23.07
C VAL F 92 -1.34 60.31 24.09
N HIS F 93 -0.35 59.46 23.81
CA HIS F 93 -0.02 58.37 24.69
C HIS F 93 0.64 58.89 25.97
N ALA F 94 0.12 58.44 27.11
CA ALA F 94 0.64 58.87 28.41
C ALA F 94 0.41 57.74 29.40
N TRP F 95 0.63 58.03 30.68
CA TRP F 95 0.41 57.08 31.77
C TRP F 95 1.06 55.73 31.48
N GLN F 96 2.30 55.79 30.99
CA GLN F 96 3.00 54.57 30.56
C GLN F 96 3.75 53.95 31.73
N PHE F 97 2.99 53.58 32.76
CA PHE F 97 3.55 52.97 33.95
C PHE F 97 2.51 52.05 34.58
N ASP F 98 3.00 51.09 35.37
CA ASP F 98 2.20 49.96 35.82
C ASP F 98 1.10 50.34 36.80
N ASP F 99 1.23 51.47 37.50
CA ASP F 99 0.15 51.87 38.40
C ASP F 99 -1.13 52.21 37.66
N ALA F 100 -1.08 52.37 36.34
CA ALA F 100 -2.24 52.69 35.54
C ALA F 100 -2.56 51.58 34.52
N ARG F 101 -2.11 50.36 34.81
CA ARG F 101 -2.33 49.22 33.92
C ARG F 101 -2.83 48.02 34.70
N VAL F 102 -3.60 47.18 34.02
CA VAL F 102 -3.99 45.86 34.52
C VAL F 102 -3.30 44.82 33.66
N HIS F 103 -2.51 43.95 34.29
CA HIS F 103 -1.69 42.98 33.57
C HIS F 103 -2.25 41.57 33.61
N SER F 104 -3.23 41.29 34.46
CA SER F 104 -3.77 39.94 34.58
C SER F 104 -5.18 40.02 35.13
N CYS F 105 -5.99 39.02 34.78
CA CYS F 105 -7.39 38.97 35.21
C CYS F 105 -7.66 37.64 35.88
N ALA F 106 -8.25 37.69 37.06
CA ALA F 106 -8.57 36.51 37.86
C ALA F 106 -10.08 36.38 37.97
N ILE F 107 -10.62 35.28 37.47
CA ILE F 107 -12.06 35.07 37.39
C ILE F 107 -12.45 33.97 38.37
N THR F 108 -13.48 34.23 39.17
CA THR F 108 -14.02 33.26 40.12
C THR F 108 -15.51 33.11 39.85
N ILE F 109 -15.94 31.87 39.61
CA ILE F 109 -17.34 31.56 39.34
C ILE F 109 -17.87 30.73 40.51
N HIS F 110 -18.79 31.33 41.27
CA HIS F 110 -19.41 30.73 42.45
C HIS F 110 -20.60 29.86 42.05
N GLY F 111 -20.54 28.57 42.39
CA GLY F 111 -21.68 27.69 42.20
C GLY F 111 -22.25 27.28 43.55
N GLU F 112 -22.80 26.07 43.63
CA GLU F 112 -23.12 25.49 44.93
C GLU F 112 -21.99 24.62 45.43
N GLY F 113 -21.21 24.04 44.52
CA GLY F 113 -19.98 23.36 44.83
C GLY F 113 -18.82 24.33 45.05
N ALA F 114 -17.61 23.82 44.82
CA ALA F 114 -16.41 24.65 44.89
C ALA F 114 -16.41 25.67 43.76
N PRO F 115 -15.88 26.87 43.99
CA PRO F 115 -15.83 27.89 42.94
C PRO F 115 -14.85 27.51 41.83
N LEU F 116 -15.25 27.77 40.58
CA LEU F 116 -14.35 27.63 39.45
C LEU F 116 -13.42 28.85 39.44
N GLU F 117 -12.11 28.62 39.47
CA GLU F 117 -11.13 29.70 39.54
C GLU F 117 -10.07 29.52 38.47
N PHE F 118 -9.81 30.58 37.70
CA PHE F 118 -8.69 30.60 36.78
C PHE F 118 -8.22 32.04 36.62
N ALA F 119 -6.96 32.18 36.21
CA ALA F 119 -6.37 33.49 36.00
C ALA F 119 -5.55 33.48 34.72
N GLY F 120 -5.69 34.53 33.92
CA GLY F 120 -4.94 34.67 32.70
C GLY F 120 -4.28 36.04 32.62
N ALA F 121 -3.24 36.11 31.80
CA ALA F 121 -2.50 37.35 31.60
C ALA F 121 -3.21 38.24 30.58
N LEU F 122 -3.12 39.55 30.80
CA LEU F 122 -3.58 40.55 29.85
C LEU F 122 -2.37 41.10 29.10
N ALA F 123 -2.20 40.67 27.85
CA ALA F 123 -1.05 41.05 27.04
C ALA F 123 -1.52 41.59 25.69
N PRO F 124 -1.23 42.85 25.34
CA PRO F 124 -0.57 43.87 26.16
C PRO F 124 -1.48 44.25 27.30
N PRO F 125 -1.00 44.97 28.32
CA PRO F 125 -1.91 45.38 29.40
C PRO F 125 -2.92 46.39 28.88
N SER F 126 -4.04 46.48 29.58
CA SER F 126 -5.03 47.50 29.31
C SER F 126 -4.81 48.66 30.27
N SER F 127 -5.20 49.85 29.82
CA SER F 127 -4.94 51.08 30.56
C SER F 127 -6.14 51.41 31.44
N VAL F 128 -5.89 51.58 32.73
CA VAL F 128 -6.94 51.92 33.69
C VAL F 128 -6.67 53.31 34.26
N VAL F 129 -7.10 54.34 33.53
CA VAL F 129 -6.86 55.73 33.89
C VAL F 129 -8.20 56.39 34.16
N ASP F 130 -8.32 57.03 35.32
CA ASP F 130 -9.52 57.78 35.66
C ASP F 130 -9.85 58.80 34.58
N PHE F 131 -11.12 58.83 34.17
CA PHE F 131 -11.50 59.74 33.10
C PHE F 131 -11.47 61.21 33.50
N ARG F 132 -11.34 61.52 34.79
CA ARG F 132 -11.05 62.90 35.18
C ARG F 132 -9.59 63.25 34.93
N LEU F 133 -8.75 62.26 34.62
CA LEU F 133 -7.42 62.49 34.08
C LEU F 133 -7.37 62.40 32.56
N TYR F 134 -8.19 61.51 31.99
CA TYR F 134 -8.08 61.17 30.58
C TYR F 134 -8.70 62.24 29.69
N LEU F 135 -9.98 62.55 29.92
CA LEU F 135 -10.67 63.49 29.04
C LEU F 135 -10.05 64.89 29.01
N PRO F 136 -9.64 65.49 30.14
CA PRO F 136 -8.92 66.76 30.02
C PRO F 136 -7.64 66.66 29.20
N HIS F 137 -6.92 65.53 29.31
CA HIS F 137 -5.73 65.32 28.49
C HIS F 137 -6.02 65.45 26.99
N LEU F 138 -7.10 64.82 26.53
CA LEU F 138 -7.43 64.89 25.10
C LEU F 138 -7.92 66.28 24.71
N LEU F 139 -8.89 66.82 25.44
CA LEU F 139 -9.42 68.15 25.11
C LEU F 139 -8.32 69.20 25.12
N THR F 140 -7.47 69.18 26.14
CA THR F 140 -6.36 70.13 26.22
C THR F 140 -5.46 70.02 25.00
N GLU F 141 -5.14 68.80 24.56
CA GLU F 141 -4.24 68.63 23.43
C GLU F 141 -4.89 69.05 22.12
N PHE F 142 -6.19 68.79 21.98
CA PHE F 142 -6.92 69.27 20.81
C PHE F 142 -6.84 70.79 20.70
N ALA F 143 -7.15 71.48 21.80
CA ALA F 143 -7.09 72.94 21.80
C ALA F 143 -5.69 73.46 21.48
N ARG F 144 -4.67 72.85 22.09
CA ARG F 144 -3.30 73.33 21.88
C ARG F 144 -2.84 73.15 20.44
N ARG F 145 -3.37 72.16 19.75
CA ARG F 145 -3.05 71.94 18.33
C ARG F 145 -3.86 72.85 17.41
N GLY F 146 -4.58 73.82 17.95
CA GLY F 146 -5.36 74.76 17.18
C GLY F 146 -6.83 74.44 17.06
N GLY F 147 -7.29 73.35 17.68
CA GLY F 147 -8.70 73.00 17.57
C GLY F 147 -9.58 74.07 18.18
N ASN F 148 -10.74 74.29 17.55
CA ASN F 148 -11.70 75.27 18.02
C ASN F 148 -12.65 74.61 19.01
N VAL F 149 -12.65 75.11 20.24
CA VAL F 149 -13.45 74.55 21.33
C VAL F 149 -14.39 75.62 21.86
N ARG F 150 -15.67 75.29 21.98
CA ARG F 150 -16.69 76.23 22.44
C ARG F 150 -17.27 75.71 23.73
N ILE F 151 -17.07 76.43 24.82
CA ILE F 151 -17.50 76.01 26.15
C ILE F 151 -18.83 76.65 26.45
N GLY F 152 -19.80 75.84 26.89
CA GLY F 152 -21.09 76.34 27.29
C GLY F 152 -22.21 75.50 26.72
N PRO F 153 -23.45 75.84 27.08
CA PRO F 153 -24.60 75.09 26.57
C PRO F 153 -24.69 75.17 25.05
N VAL F 154 -25.29 74.14 24.46
CA VAL F 154 -25.31 73.97 23.01
C VAL F 154 -26.75 74.01 22.54
N VAL F 155 -27.00 74.75 21.46
CA VAL F 155 -28.28 74.72 20.77
C VAL F 155 -28.02 74.06 19.42
N VAL F 156 -28.63 72.88 19.24
CA VAL F 156 -28.31 72.05 18.07
C VAL F 156 -28.51 72.82 16.78
N ASP F 157 -29.61 73.55 16.65
CA ASP F 157 -29.91 74.23 15.40
C ASP F 157 -28.88 75.31 15.07
N GLU F 158 -28.21 75.86 16.09
CA GLU F 158 -27.13 76.82 15.81
C GLU F 158 -25.88 76.11 15.30
N VAL F 159 -25.55 74.94 15.88
CA VAL F 159 -24.41 74.19 15.38
C VAL F 159 -24.65 73.77 13.93
N ALA F 160 -25.89 73.42 13.61
CA ALA F 160 -26.20 73.00 12.25
C ALA F 160 -26.01 74.12 11.23
N ARG F 161 -26.24 75.37 11.63
CA ARG F 161 -26.01 76.50 10.73
C ARG F 161 -24.53 76.71 10.40
N ARG F 162 -23.63 76.21 11.24
CA ARG F 162 -22.21 76.51 11.19
C ARG F 162 -21.37 75.39 10.64
N HIS F 163 -21.98 74.24 10.32
CA HIS F 163 -21.21 73.08 9.90
C HIS F 163 -21.98 72.32 8.84
N ASP F 164 -21.23 71.50 8.10
CA ASP F 164 -21.79 70.64 7.07
C ASP F 164 -22.34 69.34 7.66
N LEU F 165 -21.91 68.99 8.87
CA LEU F 165 -22.34 67.77 9.53
C LEU F 165 -22.16 67.94 11.03
N VAL F 166 -23.14 67.47 11.79
CA VAL F 166 -23.10 67.49 13.25
C VAL F 166 -22.94 66.05 13.74
N VAL F 167 -21.99 65.83 14.64
CA VAL F 167 -21.79 64.53 15.29
C VAL F 167 -22.08 64.70 16.77
N VAL F 168 -23.09 63.99 17.27
CA VAL F 168 -23.48 64.03 18.68
C VAL F 168 -22.83 62.88 19.42
N ALA F 169 -22.12 63.19 20.50
CA ALA F 169 -21.48 62.20 21.35
C ALA F 169 -21.44 62.71 22.80
N ASN F 170 -22.58 63.23 23.28
CA ASN F 170 -22.58 63.87 24.60
C ASN F 170 -22.58 62.84 25.74
N GLY F 171 -23.53 61.90 25.77
CA GLY F 171 -23.52 60.92 26.84
C GLY F 171 -24.74 60.00 26.78
N ASP F 172 -25.00 59.35 27.93
CA ASP F 172 -26.14 58.45 28.05
C ASP F 172 -27.45 59.23 27.96
N ARG F 173 -27.55 60.32 28.71
CA ARG F 173 -28.41 61.41 28.31
C ARG F 173 -28.11 61.78 26.87
N SER F 174 -28.96 61.31 25.97
CA SER F 174 -28.91 61.69 24.56
C SER F 174 -30.11 62.57 24.27
N MET F 175 -29.96 63.50 23.34
CA MET F 175 -31.13 64.27 22.94
C MET F 175 -32.09 63.27 22.29
N ARG F 176 -32.86 62.59 23.13
CA ARG F 176 -33.78 61.55 22.70
C ARG F 176 -34.57 61.89 21.43
N GLU F 177 -34.92 63.17 21.24
CA GLU F 177 -35.70 63.50 20.04
C GLU F 177 -34.89 63.22 18.77
N LEU F 178 -33.58 63.50 18.81
CA LEU F 178 -32.77 63.34 17.61
C LEU F 178 -32.53 61.88 17.30
N PHE F 179 -32.23 61.08 18.32
CA PHE F 179 -31.87 59.68 18.13
C PHE F 179 -32.78 58.80 18.99
N PRO F 180 -33.92 58.38 18.46
CA PRO F 180 -34.84 57.53 19.23
C PRO F 180 -34.31 56.09 19.33
N ARG F 181 -34.84 55.39 20.33
CA ARG F 181 -34.47 54.01 20.58
C ARG F 181 -34.95 53.09 19.45
N ASP F 182 -34.01 52.34 18.86
CA ASP F 182 -34.33 51.36 17.84
C ASP F 182 -34.68 50.05 18.54
N PRO F 183 -35.95 49.64 18.58
CA PRO F 183 -36.30 48.43 19.35
C PRO F 183 -35.83 47.14 18.72
N GLU F 184 -35.55 47.12 17.42
CA GLU F 184 -35.02 45.90 16.81
C GLU F 184 -33.58 45.65 17.20
N ARG F 185 -32.94 46.59 17.90
CA ARG F 185 -31.59 46.39 18.41
C ARG F 185 -31.49 46.63 19.91
N SER F 186 -32.61 46.91 20.59
CA SER F 186 -32.65 47.19 22.02
C SER F 186 -33.58 46.20 22.72
N PRO F 187 -33.10 44.98 23.00
CA PRO F 187 -33.99 43.97 23.63
C PRO F 187 -34.40 44.30 25.05
N HIS F 188 -33.74 45.26 25.71
CA HIS F 188 -34.07 45.61 27.08
C HIS F 188 -34.67 47.01 27.16
N THR F 189 -35.52 47.21 28.17
CA THR F 189 -36.17 48.49 28.40
C THR F 189 -36.00 49.01 29.82
N THR F 190 -35.48 48.20 30.73
CA THR F 190 -35.16 48.56 32.11
C THR F 190 -33.76 48.05 32.40
N PRO F 191 -33.09 48.61 33.41
CA PRO F 191 -31.73 48.16 33.72
C PRO F 191 -31.67 46.66 33.98
N GLN F 192 -30.67 46.01 33.40
CA GLN F 192 -30.39 44.61 33.66
C GLN F 192 -29.40 44.42 34.81
N ARG F 193 -28.73 45.49 35.22
CA ARG F 193 -27.89 45.51 36.41
C ARG F 193 -28.06 46.87 37.10
N ILE F 194 -27.99 46.84 38.43
CA ILE F 194 -27.89 48.05 39.24
C ILE F 194 -26.46 48.14 39.76
N LEU F 195 -25.83 49.28 39.54
CA LEU F 195 -24.40 49.44 39.75
C LEU F 195 -24.12 50.17 41.06
N CYS F 196 -23.08 49.72 41.75
CA CYS F 196 -22.49 50.47 42.87
C CYS F 196 -20.97 50.34 42.73
N SER F 197 -20.32 51.41 42.31
CA SER F 197 -18.90 51.37 41.99
C SER F 197 -18.20 52.61 42.52
N GLY F 198 -17.01 52.43 43.08
CA GLY F 198 -16.26 53.55 43.61
C GLY F 198 -14.80 53.19 43.80
N PHE F 199 -14.01 54.21 44.13
CA PHE F 199 -12.60 54.05 44.41
C PHE F 199 -12.41 53.78 45.90
N TYR F 200 -11.64 52.75 46.23
CA TYR F 200 -11.41 52.35 47.61
C TYR F 200 -9.93 52.25 47.90
N HIS F 201 -9.58 52.51 49.17
CA HIS F 201 -8.29 52.15 49.73
C HIS F 201 -8.45 50.95 50.65
N GLY F 202 -7.32 50.32 50.97
CA GLY F 202 -7.33 49.29 51.99
C GLY F 202 -7.73 47.92 51.49
N ILE F 203 -7.22 47.50 50.35
CA ILE F 203 -7.37 46.13 49.88
C ILE F 203 -5.98 45.63 49.53
N ARG F 204 -5.54 44.58 50.21
CA ARG F 204 -4.22 44.05 49.91
C ARG F 204 -4.27 43.33 48.57
N GLU F 205 -3.16 43.35 47.86
CA GLU F 205 -3.17 42.79 46.53
C GLU F 205 -2.19 41.63 46.53
N ASP F 206 -2.66 40.44 46.16
CA ASP F 206 -1.75 39.30 46.01
C ASP F 206 -0.87 39.50 44.80
N VAL F 207 -1.46 39.45 43.62
CA VAL F 207 -0.74 39.64 42.37
C VAL F 207 -0.94 41.09 41.97
N PRO F 208 0.12 41.88 41.85
CA PRO F 208 -0.07 43.31 41.57
C PRO F 208 -0.62 43.51 40.17
N HIS F 209 -1.45 44.54 40.04
CA HIS F 209 -2.04 44.93 38.76
C HIS F 209 -2.92 43.81 38.20
N GLU F 210 -3.66 43.15 39.08
CA GLU F 210 -4.54 42.05 38.70
C GLU F 210 -6.00 42.42 38.92
N LEU F 211 -6.82 42.15 37.91
CA LEU F 211 -8.27 42.35 37.96
C LEU F 211 -8.96 41.11 38.51
N ASP F 212 -9.93 41.32 39.38
CA ASP F 212 -10.71 40.25 39.99
C ASP F 212 -12.18 40.40 39.59
N ILE F 213 -12.74 39.35 39.02
CA ILE F 213 -14.16 39.29 38.68
C ILE F 213 -14.78 38.07 39.36
N HIS F 214 -15.87 38.29 40.09
CA HIS F 214 -16.64 37.23 40.72
C HIS F 214 -18.02 37.14 40.08
N PHE F 215 -18.31 36.03 39.42
CA PHE F 215 -19.62 35.76 38.84
C PHE F 215 -20.49 35.01 39.84
N LEU F 216 -21.60 35.64 40.25
CA LEU F 216 -22.57 35.05 41.17
C LEU F 216 -23.88 34.84 40.42
N PRO F 217 -24.13 33.66 39.85
CA PRO F 217 -25.31 33.46 38.99
C PRO F 217 -26.61 33.87 39.67
N GLY F 218 -27.46 34.57 38.92
CA GLY F 218 -28.72 35.06 39.43
C GLY F 218 -28.61 36.12 40.50
N ILE F 219 -27.39 36.51 40.88
CA ILE F 219 -27.15 37.51 41.90
C ILE F 219 -26.47 38.75 41.32
N GLY F 220 -25.49 38.54 40.45
CA GLY F 220 -24.78 39.64 39.81
C GLY F 220 -23.31 39.36 39.63
N GLU F 221 -22.50 40.41 39.65
CA GLU F 221 -21.07 40.31 39.48
C GLU F 221 -20.39 41.25 40.45
N ILE F 222 -19.22 40.83 40.95
CA ILE F 222 -18.38 41.64 41.81
C ILE F 222 -17.01 41.80 41.15
N LEU F 223 -16.54 43.04 41.06
CA LEU F 223 -15.27 43.33 40.42
C LEU F 223 -14.39 44.17 41.35
N ARG F 224 -13.09 43.86 41.33
CA ARG F 224 -12.08 44.63 42.04
C ARG F 224 -11.02 44.99 41.01
N ILE F 225 -10.93 46.28 40.68
CA ILE F 225 -10.07 46.73 39.59
C ILE F 225 -9.02 47.67 40.16
N PRO F 226 -7.73 47.36 40.02
CA PRO F 226 -6.70 48.36 40.30
C PRO F 226 -6.83 49.51 39.32
N PHE F 227 -6.61 50.72 39.81
CA PHE F 227 -6.96 51.88 38.99
C PHE F 227 -6.13 53.08 39.40
N LEU F 228 -5.75 53.89 38.42
CA LEU F 228 -5.12 55.18 38.68
C LEU F 228 -6.19 56.26 38.65
N SER F 229 -6.56 56.76 39.82
CA SER F 229 -7.54 57.83 39.95
C SER F 229 -6.81 59.15 40.15
N ARG F 230 -7.57 60.25 40.07
CA ARG F 230 -6.98 61.57 40.33
C ARG F 230 -6.42 61.63 41.74
N LEU F 231 -6.95 60.82 42.65
CA LEU F 231 -6.48 60.72 44.02
C LEU F 231 -5.45 59.59 44.21
N GLY F 232 -4.78 59.17 43.14
CA GLY F 232 -3.74 58.17 43.24
C GLY F 232 -4.23 56.79 42.91
N PRO F 233 -3.34 55.80 43.04
CA PRO F 233 -3.76 54.41 42.83
C PRO F 233 -4.85 54.01 43.81
N ALA F 234 -5.79 53.21 43.33
CA ALA F 234 -6.96 52.86 44.14
C ALA F 234 -7.54 51.56 43.59
N HIS F 235 -8.58 51.08 44.27
CA HIS F 235 -9.28 49.87 43.88
C HIS F 235 -10.69 50.25 43.47
N VAL F 236 -11.12 49.81 42.30
CA VAL F 236 -12.51 49.95 41.91
C VAL F 236 -13.26 48.73 42.42
N LEU F 237 -14.15 48.94 43.38
CA LEU F 237 -15.00 47.88 43.90
C LEU F 237 -16.38 48.11 43.30
N ALA F 238 -16.80 47.20 42.43
CA ALA F 238 -18.01 47.38 41.63
C ALA F 238 -18.97 46.22 41.89
N PHE F 239 -20.17 46.57 42.34
CA PHE F 239 -21.28 45.63 42.47
C PHE F 239 -22.21 45.80 41.27
N GLU F 240 -22.25 44.78 40.40
CA GLU F 240 -23.22 44.72 39.31
C GLU F 240 -24.33 43.78 39.77
N ALA F 241 -25.43 44.37 40.25
CA ALA F 241 -26.48 43.64 40.95
C ALA F 241 -27.60 43.27 39.99
N VAL F 242 -27.95 41.99 39.96
CA VAL F 242 -29.23 41.62 39.34
C VAL F 242 -30.35 42.33 40.11
N PRO F 243 -31.25 43.04 39.44
CA PRO F 243 -32.23 43.87 40.17
C PRO F 243 -33.08 43.04 41.13
N GLY F 244 -33.37 43.64 42.29
CA GLY F 244 -34.10 42.98 43.34
C GLY F 244 -33.29 42.02 44.18
N GLY F 245 -32.10 41.64 43.72
CA GLY F 245 -31.27 40.70 44.44
C GLY F 245 -30.57 41.34 45.62
N PRO F 246 -29.74 40.54 46.29
CA PRO F 246 -29.07 41.03 47.51
C PRO F 246 -27.95 42.02 47.24
N LEU F 247 -27.40 42.04 46.03
CA LEU F 247 -26.32 42.96 45.72
C LEU F 247 -26.80 44.39 45.46
N GLU F 248 -28.12 44.63 45.37
CA GLU F 248 -28.61 45.99 45.16
C GLU F 248 -28.40 46.89 46.36
N ALA F 249 -28.22 46.32 47.56
CA ALA F 249 -28.24 47.04 48.82
C ALA F 249 -27.42 48.34 48.79
N PRO F 250 -26.12 48.31 48.48
CA PRO F 250 -25.34 49.56 48.56
C PRO F 250 -25.75 50.62 47.56
N ALA F 251 -26.40 50.26 46.46
CA ALA F 251 -26.78 51.22 45.44
C ALA F 251 -27.81 52.24 45.93
N HIS F 252 -28.45 52.00 47.08
CA HIS F 252 -29.48 52.87 47.60
C HIS F 252 -29.07 53.58 48.88
N LEU F 253 -27.87 53.32 49.38
CA LEU F 253 -27.35 53.96 50.59
C LEU F 253 -26.72 55.32 50.27
N ASP F 254 -27.02 56.31 51.11
CA ASP F 254 -26.35 57.61 51.01
C ASP F 254 -24.99 57.48 51.68
N ALA F 255 -23.95 57.24 50.87
CA ALA F 255 -22.61 57.06 51.42
C ALA F 255 -22.08 58.33 52.05
N ALA F 256 -22.64 59.50 51.72
CA ALA F 256 -22.25 60.73 52.40
C ALA F 256 -22.90 60.85 53.77
N ALA F 257 -24.20 60.53 53.87
CA ALA F 257 -24.91 60.64 55.13
C ALA F 257 -24.42 59.62 56.16
N ASP F 258 -24.13 58.40 55.74
CA ASP F 258 -23.75 57.33 56.64
C ASP F 258 -22.53 56.63 56.07
N PRO F 259 -21.34 57.20 56.21
CA PRO F 259 -20.16 56.49 55.71
C PRO F 259 -20.01 55.11 56.32
N ALA F 260 -19.98 55.02 57.64
CA ALA F 260 -19.71 53.74 58.31
C ALA F 260 -20.74 52.69 57.93
N GLY F 261 -22.01 53.09 57.82
CA GLY F 261 -23.04 52.14 57.44
C GLY F 261 -22.85 51.60 56.03
N PHE F 262 -22.51 52.48 55.08
CA PHE F 262 -22.22 52.04 53.72
C PHE F 262 -21.07 51.05 53.68
N HIS F 263 -19.95 51.42 54.30
CA HIS F 263 -18.78 50.55 54.26
C HIS F 263 -19.09 49.20 54.90
N ARG F 264 -19.89 49.19 55.97
CA ARG F 264 -20.26 47.94 56.63
C ARG F 264 -21.08 47.05 55.70
N GLU F 265 -22.00 47.64 54.93
CA GLU F 265 -22.83 46.84 54.03
C GLU F 265 -22.00 46.27 52.88
N VAL F 266 -21.04 47.05 52.37
CA VAL F 266 -20.14 46.57 51.32
C VAL F 266 -19.31 45.41 51.84
N LEU F 267 -18.76 45.55 53.05
CA LEU F 267 -17.95 44.48 53.63
C LEU F 267 -18.75 43.21 53.88
N ARG F 268 -20.01 43.36 54.29
CA ARG F 268 -20.86 42.19 54.50
C ARG F 268 -21.07 41.43 53.20
N LEU F 269 -21.35 42.16 52.11
CA LEU F 269 -21.60 41.50 50.83
C LEU F 269 -20.32 40.86 50.30
N LEU F 270 -19.17 41.50 50.53
CA LEU F 270 -17.89 40.86 50.21
C LEU F 270 -17.72 39.58 51.00
N ALA F 271 -18.08 39.62 52.29
CA ALA F 271 -17.99 38.42 53.11
C ALA F 271 -18.95 37.34 52.62
N ALA F 272 -20.18 37.73 52.28
CA ALA F 272 -21.19 36.77 51.86
C ALA F 272 -20.88 36.14 50.50
N TYR F 273 -20.40 36.96 49.54
CA TYR F 273 -20.39 36.54 48.14
C TYR F 273 -19.00 36.47 47.50
N ALA F 274 -18.01 37.18 48.02
CA ALA F 274 -16.64 37.11 47.51
C ALA F 274 -15.68 37.04 48.68
N PRO F 275 -15.69 35.93 49.43
CA PRO F 275 -14.87 35.86 50.65
C PRO F 275 -13.38 35.96 50.39
N SER F 276 -12.91 35.37 49.27
CA SER F 276 -11.51 35.53 48.90
C SER F 276 -11.14 37.00 48.73
N LEU F 277 -12.14 37.83 48.41
CA LEU F 277 -11.94 39.28 48.35
C LEU F 277 -12.01 39.90 49.74
N ARG F 278 -12.98 39.46 50.55
CA ARG F 278 -13.14 40.00 51.90
C ARG F 278 -11.91 39.74 52.78
N GLU F 279 -11.21 38.63 52.56
CA GLU F 279 -10.03 38.33 53.36
C GLU F 279 -8.90 39.32 53.13
N ARG F 280 -8.94 40.06 52.03
CA ARG F 280 -7.87 40.99 51.68
C ARG F 280 -8.17 42.40 52.17
N VAL F 281 -9.24 42.58 52.93
CA VAL F 281 -9.69 43.90 53.35
C VAL F 281 -9.01 44.23 54.67
N ASP F 282 -8.06 45.15 54.63
CA ASP F 282 -7.52 45.75 55.84
C ASP F 282 -8.58 46.73 56.36
N THR F 283 -9.35 46.30 57.36
CA THR F 283 -10.47 47.10 57.83
C THR F 283 -10.03 48.38 58.51
N ALA F 284 -8.75 48.48 58.90
CA ALA F 284 -8.24 49.74 59.42
C ALA F 284 -8.22 50.81 58.33
N ARG F 285 -7.84 50.44 57.12
CA ARG F 285 -7.69 51.39 56.01
C ARG F 285 -8.80 51.35 54.98
N PHE F 286 -9.78 50.47 55.13
CA PHE F 286 -10.77 50.26 54.07
C PHE F 286 -11.76 51.43 54.00
N GLY F 287 -12.17 51.77 52.79
CA GLY F 287 -13.18 52.80 52.61
C GLY F 287 -13.01 53.51 51.29
N LEU F 288 -14.03 54.29 50.93
CA LEU F 288 -13.95 55.15 49.76
C LEU F 288 -12.79 56.12 49.91
N VAL F 289 -12.02 56.33 48.83
CA VAL F 289 -10.81 57.14 48.94
C VAL F 289 -11.11 58.59 49.31
N ALA F 290 -12.34 59.03 49.12
CA ALA F 290 -12.77 60.38 49.47
C ALA F 290 -14.30 60.43 49.33
N PRO F 291 -14.95 61.39 50.00
CA PRO F 291 -16.40 61.51 49.86
C PRO F 291 -16.82 61.84 48.43
N GLY F 292 -17.85 61.13 47.96
CA GLY F 292 -18.38 61.33 46.63
C GLY F 292 -17.81 60.40 45.58
N GLU F 293 -16.67 59.74 45.87
CA GLU F 293 -15.99 58.90 44.90
C GLU F 293 -16.75 57.58 44.74
N LEU F 294 -17.92 57.69 44.12
CA LEU F 294 -18.86 56.58 44.11
C LEU F 294 -19.92 56.84 43.05
N ALA F 295 -20.32 55.79 42.34
CA ALA F 295 -21.34 55.89 41.32
C ALA F 295 -22.38 54.81 41.58
N GLN F 296 -23.64 55.22 41.65
CA GLN F 296 -24.75 54.34 41.99
C GLN F 296 -25.89 54.58 41.01
N GLY F 297 -26.49 53.52 40.52
CA GLY F 297 -27.61 53.63 39.62
C GLY F 297 -27.71 52.41 38.73
N GLY F 298 -28.64 52.48 37.79
CA GLY F 298 -28.80 51.43 36.82
C GLY F 298 -28.61 51.93 35.41
N VAL F 299 -28.32 51.02 34.48
CA VAL F 299 -28.06 51.35 33.09
C VAL F 299 -28.97 50.49 32.22
N THR F 300 -29.71 51.15 31.31
CA THR F 300 -30.59 50.44 30.39
C THR F 300 -29.88 50.26 29.06
N PRO F 301 -29.46 49.04 28.70
CA PRO F 301 -28.81 48.83 27.40
C PRO F 301 -29.71 49.25 26.26
N THR F 302 -29.25 50.21 25.46
CA THR F 302 -30.06 50.81 24.40
C THR F 302 -29.22 51.07 23.16
N VAL F 303 -29.78 50.71 22.00
CA VAL F 303 -29.24 51.10 20.69
C VAL F 303 -30.23 52.08 20.05
N ARG F 304 -29.75 53.27 19.71
CA ARG F 304 -30.56 54.31 19.10
C ARG F 304 -30.28 54.40 17.60
N ARG F 305 -31.08 55.23 16.91
CA ARG F 305 -30.85 55.48 15.48
C ARG F 305 -29.60 56.32 15.29
N GLY F 306 -28.72 55.88 14.38
CA GLY F 306 -27.41 56.48 14.25
C GLY F 306 -27.38 57.85 13.58
N TRP F 307 -28.49 58.30 12.99
CA TRP F 307 -28.51 59.53 12.22
C TRP F 307 -29.83 60.29 12.43
N ALA F 308 -29.85 61.55 11.97
CA ALA F 308 -31.00 62.41 12.11
C ALA F 308 -30.83 63.62 11.19
N ARG F 309 -31.91 64.00 10.52
CA ARG F 309 -31.93 65.21 9.69
C ARG F 309 -32.47 66.37 10.51
N LEU F 310 -31.67 67.43 10.66
CA LEU F 310 -32.07 68.57 11.47
C LEU F 310 -32.95 69.52 10.65
N ALA F 311 -33.38 70.61 11.31
CA ALA F 311 -34.38 71.50 10.73
C ALA F 311 -33.93 72.07 9.39
N ASP F 312 -32.79 72.75 9.37
CA ASP F 312 -32.34 73.41 8.15
C ASP F 312 -31.75 72.44 7.13
N GLY F 313 -31.89 71.13 7.35
CA GLY F 313 -31.38 70.14 6.43
C GLY F 313 -30.00 69.62 6.75
N THR F 314 -29.29 70.22 7.69
CA THR F 314 -28.02 69.67 8.14
C THR F 314 -28.26 68.34 8.84
N CYS F 315 -27.50 67.32 8.45
CA CYS F 315 -27.66 66.00 9.04
C CYS F 315 -26.83 65.85 10.30
N ALA F 316 -27.17 64.84 11.10
CA ALA F 316 -26.51 64.60 12.38
C ALA F 316 -26.28 63.11 12.57
N LEU F 317 -25.06 62.74 12.95
CA LEU F 317 -24.71 61.37 13.32
C LEU F 317 -24.49 61.27 14.82
N ALA F 318 -24.76 60.09 15.37
CA ALA F 318 -24.54 59.81 16.78
C ALA F 318 -23.50 58.71 16.92
N ILE F 319 -22.50 58.96 17.77
CA ILE F 319 -21.49 57.97 18.13
C ILE F 319 -21.34 57.99 19.64
N GLY F 320 -20.62 57.01 20.16
CA GLY F 320 -20.35 56.98 21.59
C GLY F 320 -21.60 56.64 22.40
N ASP F 321 -21.73 57.31 23.54
CA ASP F 321 -22.86 57.05 24.43
C ASP F 321 -24.16 57.63 23.88
N ALA F 322 -24.07 58.69 23.07
CA ALA F 322 -25.27 59.26 22.45
C ALA F 322 -25.95 58.26 21.52
N TRP F 323 -25.17 57.37 20.90
CA TRP F 323 -25.70 56.36 19.99
C TRP F 323 -26.10 55.07 20.71
N ILE F 324 -25.14 54.42 21.36
CA ILE F 324 -25.35 53.12 21.96
C ILE F 324 -24.92 53.19 23.43
N THR F 325 -25.74 52.62 24.30
CA THR F 325 -25.43 52.52 25.72
C THR F 325 -25.40 51.04 26.10
N ASN F 326 -24.26 50.59 26.60
CA ASN F 326 -24.09 49.22 27.07
C ASN F 326 -23.90 49.17 28.57
N ASP F 327 -24.18 48.01 29.13
CA ASP F 327 -23.87 47.76 30.53
C ASP F 327 -22.36 47.67 30.68
N PRO F 328 -21.77 48.33 31.68
CA PRO F 328 -20.31 48.43 31.76
C PRO F 328 -19.58 47.13 32.04
N LEU F 329 -20.30 46.02 32.25
CA LEU F 329 -19.67 44.79 32.74
C LEU F 329 -18.54 44.33 31.83
N THR F 330 -18.77 44.32 30.51
CA THR F 330 -17.76 43.88 29.56
C THR F 330 -16.69 44.93 29.28
N ALA F 331 -16.86 46.15 29.81
CA ALA F 331 -15.87 47.23 29.68
C ALA F 331 -15.65 47.63 28.22
N GLN F 332 -16.70 47.51 27.41
CA GLN F 332 -16.60 47.81 25.98
C GLN F 332 -17.06 49.22 25.64
N GLY F 333 -17.66 49.95 26.57
CA GLY F 333 -18.20 51.26 26.29
C GLY F 333 -17.23 52.24 25.67
N ALA F 334 -16.19 52.62 26.41
CA ALA F 334 -15.21 53.57 25.89
C ALA F 334 -14.46 53.02 24.68
N ASN F 335 -14.21 51.71 24.64
CA ASN F 335 -13.48 51.13 23.52
C ASN F 335 -14.28 51.16 22.23
N LEU F 336 -15.57 50.82 22.29
CA LEU F 336 -16.40 50.93 21.10
C LEU F 336 -16.47 52.36 20.60
N GLY F 337 -16.62 53.31 21.52
CA GLY F 337 -16.62 54.71 21.12
C GLY F 337 -15.31 55.16 20.52
N SER F 338 -14.19 54.60 20.99
CA SER F 338 -12.89 54.94 20.41
C SER F 338 -12.75 54.37 19.01
N HIS F 339 -13.29 53.15 18.79
CA HIS F 339 -13.23 52.55 17.46
C HIS F 339 -14.14 53.28 16.48
N THR F 340 -15.40 53.51 16.87
CA THR F 340 -16.35 54.13 15.94
C THR F 340 -15.95 55.57 15.63
N ALA F 341 -15.23 56.23 16.53
CA ALA F 341 -14.73 57.56 16.24
C ALA F 341 -13.72 57.53 15.11
N PHE F 342 -12.77 56.60 15.16
CA PHE F 342 -11.76 56.50 14.11
C PHE F 342 -12.37 56.10 12.79
N ALA F 343 -13.39 55.23 12.81
CA ALA F 343 -14.03 54.80 11.57
C ALA F 343 -14.80 55.95 10.93
N LEU F 344 -15.61 56.67 11.72
CA LEU F 344 -16.35 57.80 11.18
C LEU F 344 -15.41 58.87 10.65
N ALA F 345 -14.27 59.07 11.31
CA ALA F 345 -13.31 60.05 10.84
C ALA F 345 -12.83 59.71 9.43
N ASP F 346 -12.45 58.45 9.21
CA ASP F 346 -12.01 58.04 7.88
C ASP F 346 -13.12 58.16 6.84
N LEU F 347 -14.37 57.91 7.23
CA LEU F 347 -15.48 58.04 6.29
C LEU F 347 -15.70 59.50 5.90
N ILE F 348 -15.71 60.39 6.89
CA ILE F 348 -15.90 61.82 6.61
C ILE F 348 -14.76 62.35 5.75
N ALA F 349 -13.52 61.93 6.03
CA ALA F 349 -12.38 62.55 5.38
C ALA F 349 -12.24 62.14 3.92
N SER F 350 -12.63 60.91 3.57
CA SER F 350 -12.54 60.46 2.19
C SER F 350 -13.82 60.72 1.41
N ALA F 351 -14.83 61.29 2.06
CA ALA F 351 -16.11 61.61 1.42
C ALA F 351 -15.90 62.72 0.40
N THR F 352 -16.05 62.39 -0.88
CA THR F 352 -15.97 63.39 -1.94
C THR F 352 -17.30 64.07 -2.21
N GLY F 353 -18.41 63.45 -1.80
CA GLY F 353 -19.72 64.04 -2.03
C GLY F 353 -20.20 64.85 -0.85
N PRO F 354 -21.51 65.12 -0.82
CA PRO F 354 -22.07 65.86 0.32
C PRO F 354 -22.33 64.94 1.50
N LEU F 355 -22.31 65.54 2.69
CA LEU F 355 -22.53 64.81 3.94
C LEU F 355 -24.02 64.81 4.29
N ASP F 356 -24.80 64.25 3.35
CA ASP F 356 -26.25 64.30 3.39
C ASP F 356 -26.82 63.03 4.02
N GLU F 357 -28.15 62.90 3.95
CA GLU F 357 -28.82 61.73 4.50
C GLU F 357 -28.29 60.43 3.90
N ALA F 358 -28.01 60.44 2.59
CA ALA F 358 -27.47 59.25 1.94
C ALA F 358 -26.13 58.86 2.54
N PHE F 359 -25.30 59.84 2.87
CA PHE F 359 -24.02 59.58 3.52
C PHE F 359 -24.20 58.98 4.92
N CYS F 360 -25.08 59.60 5.72
CA CYS F 360 -25.23 59.19 7.11
C CYS F 360 -25.74 57.76 7.23
N ARG F 361 -26.73 57.38 6.43
CA ARG F 361 -27.26 56.03 6.52
C ARG F 361 -26.18 55.01 6.15
N ASP F 362 -25.40 55.30 5.11
CA ASP F 362 -24.27 54.43 4.77
C ASP F 362 -23.23 54.43 5.89
N ALA F 363 -22.96 55.60 6.47
CA ALA F 363 -22.01 55.67 7.57
C ALA F 363 -22.49 54.85 8.76
N SER F 364 -23.71 55.13 9.22
CA SER F 364 -24.27 54.42 10.36
C SER F 364 -24.31 52.91 10.10
N ALA F 365 -24.67 52.52 8.87
CA ALA F 365 -24.68 51.10 8.52
C ALA F 365 -23.31 50.48 8.71
N ARG F 366 -22.26 51.13 8.20
CA ARG F 366 -20.91 50.57 8.29
C ARG F 366 -20.45 50.50 9.74
N LEU F 367 -20.76 51.55 10.53
CA LEU F 367 -20.40 51.55 11.94
C LEU F 367 -21.12 50.46 12.71
N TRP F 368 -22.39 50.20 12.37
CA TRP F 368 -23.13 49.16 13.08
C TRP F 368 -22.57 47.78 12.77
N ASP F 369 -21.95 47.61 11.60
CA ASP F 369 -21.38 46.32 11.25
C ASP F 369 -20.32 45.90 12.25
N HIS F 370 -19.62 46.86 12.85
CA HIS F 370 -18.70 46.60 13.96
C HIS F 370 -19.39 46.65 15.32
N ALA F 371 -20.18 47.69 15.55
CA ALA F 371 -20.82 47.89 16.85
C ALA F 371 -21.76 46.74 17.23
N ARG F 372 -22.33 46.05 16.24
CA ARG F 372 -23.28 44.98 16.52
C ARG F 372 -22.67 43.88 17.39
N HIS F 373 -21.45 43.45 17.08
CA HIS F 373 -20.81 42.41 17.88
C HIS F 373 -20.64 42.85 19.33
N VAL F 374 -20.34 44.14 19.53
CA VAL F 374 -20.15 44.65 20.89
C VAL F 374 -21.45 44.60 21.66
N VAL F 375 -22.56 45.01 21.02
CA VAL F 375 -23.83 45.07 21.72
C VAL F 375 -24.31 43.67 22.10
N GLU F 376 -24.16 42.70 21.19
CA GLU F 376 -24.66 41.35 21.45
C GLU F 376 -23.82 40.63 22.50
N TRP F 377 -22.50 40.83 22.50
CA TRP F 377 -21.68 40.26 23.56
C TRP F 377 -22.03 40.85 24.91
N SER F 378 -22.23 42.17 24.97
CA SER F 378 -22.51 42.84 26.24
C SER F 378 -23.83 42.38 26.83
N ASN F 379 -24.87 42.23 26.01
CA ASN F 379 -26.14 41.75 26.53
C ASN F 379 -26.10 40.26 26.84
N ALA F 380 -25.29 39.50 26.09
CA ALA F 380 -25.16 38.07 26.37
C ALA F 380 -24.57 37.82 27.76
N PHE F 381 -23.53 38.56 28.14
CA PHE F 381 -22.95 38.39 29.47
C PHE F 381 -23.92 38.73 30.59
N LEU F 382 -24.94 39.55 30.31
CA LEU F 382 -25.93 39.83 31.35
C LEU F 382 -26.81 38.62 31.62
N ALA F 383 -26.89 37.69 30.66
CA ALA F 383 -27.74 36.52 30.76
C ALA F 383 -26.96 35.35 31.36
N PRO F 384 -27.66 34.40 31.99
CA PRO F 384 -26.99 33.23 32.58
C PRO F 384 -26.12 32.52 31.55
N PRO F 385 -24.98 31.99 31.97
CA PRO F 385 -24.06 31.35 31.01
C PRO F 385 -24.69 30.09 30.45
N PRO F 386 -24.77 29.98 29.12
CA PRO F 386 -25.28 28.76 28.49
C PRO F 386 -24.35 27.59 28.77
N PRO F 387 -24.82 26.35 28.57
CA PRO F 387 -24.00 25.18 28.91
C PRO F 387 -22.65 25.14 28.22
N HIS F 388 -22.58 25.50 26.93
CA HIS F 388 -21.29 25.43 26.24
C HIS F 388 -20.30 26.47 26.76
N VAL F 389 -20.80 27.57 27.32
CA VAL F 389 -19.92 28.56 27.95
C VAL F 389 -19.39 28.06 29.29
N MET F 390 -20.26 27.45 30.10
CA MET F 390 -19.81 26.87 31.38
C MET F 390 -18.73 25.83 31.17
N GLU F 391 -18.74 25.13 30.05
CA GLU F 391 -17.68 24.17 29.76
C GLU F 391 -16.34 24.86 29.54
N LEU F 392 -16.35 25.94 28.74
CA LEU F 392 -15.13 26.69 28.49
C LEU F 392 -14.53 27.22 29.79
N PHE F 393 -15.37 27.72 30.69
CA PHE F 393 -14.88 28.15 32.01
C PHE F 393 -14.19 26.99 32.73
N GLY F 394 -14.81 25.81 32.70
CA GLY F 394 -14.18 24.64 33.28
C GLY F 394 -12.85 24.29 32.61
N ARG F 395 -12.85 24.21 31.27
CA ARG F 395 -11.64 23.85 30.54
C ARG F 395 -10.51 24.84 30.80
N ALA F 396 -10.84 26.12 30.94
CA ALA F 396 -9.81 27.12 31.18
C ALA F 396 -9.30 27.11 32.61
N ALA F 397 -10.11 26.62 33.56
CA ALA F 397 -9.66 26.55 34.94
C ALA F 397 -8.56 25.51 35.14
N GLY F 398 -8.33 24.62 34.18
CA GLY F 398 -7.30 23.61 34.30
C GLY F 398 -6.27 23.62 33.20
N ASP F 399 -6.27 24.67 32.37
CA ASP F 399 -5.32 24.79 31.27
C ASP F 399 -4.96 26.26 31.13
N LYS F 400 -3.72 26.60 31.51
CA LYS F 400 -3.31 28.01 31.53
C LYS F 400 -3.30 28.64 30.15
N GLN F 401 -2.96 27.87 29.12
CA GLN F 401 -2.97 28.41 27.77
C GLN F 401 -4.37 28.85 27.35
N ILE F 402 -5.39 28.11 27.81
CA ILE F 402 -6.77 28.50 27.51
C ILE F 402 -7.14 29.74 28.32
N ALA F 403 -6.75 29.77 29.61
CA ALA F 403 -7.05 30.91 30.46
C ALA F 403 -6.41 32.18 29.92
N ASP F 404 -5.14 32.10 29.48
CA ASP F 404 -4.48 33.26 28.91
C ASP F 404 -5.18 33.72 27.62
N ALA F 405 -5.51 32.76 26.75
CA ALA F 405 -6.13 33.10 25.48
C ALA F 405 -7.52 33.71 25.67
N PHE F 406 -8.32 33.13 26.56
CA PHE F 406 -9.65 33.69 26.84
C PHE F 406 -9.54 35.12 27.32
N VAL F 407 -8.70 35.36 28.32
CA VAL F 407 -8.53 36.71 28.86
C VAL F 407 -7.95 37.63 27.79
N GLY F 408 -7.03 37.11 26.97
CA GLY F 408 -6.44 37.92 25.91
C GLY F 408 -7.43 38.39 24.87
N ARG F 409 -8.60 37.77 24.80
CA ARG F 409 -9.60 38.14 23.81
C ARG F 409 -10.58 39.20 24.30
N PHE F 410 -10.40 39.73 25.51
CA PHE F 410 -11.11 40.94 25.90
C PHE F 410 -10.68 42.13 25.05
N HIS F 411 -9.52 42.04 24.41
CA HIS F 411 -9.06 43.07 23.50
C HIS F 411 -9.88 43.10 22.22
N ASP F 412 -10.55 42.01 21.88
CA ASP F 412 -11.21 41.86 20.58
C ASP F 412 -12.65 41.43 20.82
N PRO F 413 -13.60 42.36 20.80
CA PRO F 413 -15.00 41.98 21.05
C PRO F 413 -15.56 41.04 19.99
N VAL F 414 -15.09 41.18 18.74
CA VAL F 414 -15.55 40.30 17.67
C VAL F 414 -15.02 38.88 17.88
N ALA F 415 -13.71 38.76 18.15
CA ALA F 415 -13.12 37.44 18.35
C ALA F 415 -13.62 36.79 19.64
N MET F 416 -13.93 37.58 20.66
CA MET F 416 -14.50 37.02 21.88
C MET F 416 -15.93 36.53 21.62
N TRP F 417 -16.73 37.37 20.96
CA TRP F 417 -18.10 36.98 20.63
C TRP F 417 -18.13 35.83 19.65
N ALA F 418 -17.09 35.68 18.82
CA ALA F 418 -16.99 34.52 17.96
C ALA F 418 -16.95 33.22 18.75
N VAL F 419 -16.36 33.24 19.95
CA VAL F 419 -16.26 32.04 20.77
C VAL F 419 -17.49 31.84 21.64
N LEU F 420 -17.96 32.89 22.31
CA LEU F 420 -19.00 32.73 23.33
C LEU F 420 -20.39 32.56 22.73
N SER F 421 -20.61 33.05 21.52
CA SER F 421 -21.92 32.96 20.89
C SER F 421 -22.30 31.51 20.61
N SER F 422 -21.55 30.83 19.71
CA SER F 422 -22.04 29.50 19.36
C SER F 422 -21.28 28.42 20.10
N PRO F 423 -21.92 27.26 20.31
CA PRO F 423 -21.22 26.11 20.92
C PRO F 423 -20.06 25.59 20.08
N GLU F 424 -20.11 25.77 18.76
CA GLU F 424 -18.97 25.38 17.93
C GLU F 424 -17.80 26.35 18.10
N GLY F 425 -18.10 27.61 18.44
CA GLY F 425 -17.04 28.57 18.70
C GLY F 425 -16.25 28.23 19.94
N VAL F 426 -16.93 27.78 21.00
CA VAL F 426 -16.23 27.32 22.20
C VAL F 426 -15.28 26.18 21.85
N ASP F 427 -15.75 25.25 21.01
CA ASP F 427 -14.92 24.10 20.65
C ASP F 427 -13.74 24.54 19.78
N SER F 428 -14.00 25.31 18.73
CA SER F 428 -12.92 25.75 17.84
C SER F 428 -11.87 26.59 18.58
N PHE F 429 -12.27 27.29 19.63
CA PHE F 429 -11.31 28.02 20.44
C PHE F 429 -10.49 27.05 21.28
N VAL F 430 -11.16 26.15 22.00
CA VAL F 430 -10.49 25.12 22.79
C VAL F 430 -9.48 24.35 21.94
N ARG F 431 -9.83 24.05 20.68
CA ARG F 431 -8.92 23.28 19.83
C ARG F 431 -7.60 24.02 19.62
N SER F 432 -7.66 25.30 19.25
CA SER F 432 -6.42 26.04 19.00
C SER F 432 -5.58 26.17 20.26
N CYS F 433 -6.22 26.25 21.42
CA CYS F 433 -5.47 26.36 22.68
C CYS F 433 -4.82 25.04 23.06
N THR F 434 -5.38 23.92 22.61
CA THR F 434 -4.79 22.62 22.88
C THR F 434 -3.91 22.19 21.71
N THR G 30 -31.32 -31.37 -49.90
CA THR G 30 -30.62 -30.41 -50.75
C THR G 30 -29.71 -31.12 -51.75
N GLU G 31 -28.74 -30.42 -52.34
CA GLU G 31 -27.95 -31.01 -53.41
C GLU G 31 -26.64 -31.64 -52.93
N THR G 32 -26.05 -31.14 -51.85
CA THR G 32 -24.76 -31.67 -51.36
C THR G 32 -25.03 -32.77 -50.34
N ASP G 33 -24.84 -34.02 -50.76
CA ASP G 33 -25.05 -35.19 -49.91
C ASP G 33 -23.72 -35.90 -49.70
N ILE G 34 -23.27 -35.98 -48.44
CA ILE G 34 -21.98 -36.54 -48.10
C ILE G 34 -22.18 -37.92 -47.51
N GLY G 35 -21.35 -38.88 -47.94
CA GLY G 35 -21.36 -40.21 -47.39
C GLY G 35 -20.06 -40.56 -46.67
N ILE G 36 -20.17 -40.89 -45.39
CA ILE G 36 -19.00 -41.13 -44.53
C ILE G 36 -18.92 -42.62 -44.23
N ILE G 37 -17.71 -43.18 -44.38
CA ILE G 37 -17.45 -44.59 -44.12
C ILE G 37 -16.56 -44.68 -42.88
N GLY G 38 -17.07 -45.32 -41.84
CA GLY G 38 -16.26 -45.51 -40.64
C GLY G 38 -16.82 -44.73 -39.46
N SER G 39 -16.75 -45.34 -38.28
CA SER G 39 -17.25 -44.74 -37.06
C SER G 39 -16.12 -44.35 -36.10
N GLY G 40 -14.96 -43.96 -36.64
CA GLY G 40 -13.90 -43.45 -35.81
C GLY G 40 -14.26 -42.09 -35.25
N ILE G 41 -13.29 -41.49 -34.56
CA ILE G 41 -13.49 -40.14 -34.05
C ILE G 41 -13.63 -39.15 -35.19
N SER G 42 -12.85 -39.33 -36.26
CA SER G 42 -12.92 -38.42 -37.40
C SER G 42 -14.25 -38.55 -38.12
N GLY G 43 -14.69 -39.78 -38.39
CA GLY G 43 -15.94 -39.97 -39.08
C GLY G 43 -17.13 -39.43 -38.31
N LEU G 44 -17.18 -39.69 -36.99
CA LEU G 44 -18.34 -39.31 -36.20
C LEU G 44 -18.40 -37.80 -36.00
N GLN G 45 -17.27 -37.16 -35.78
CA GLN G 45 -17.29 -35.71 -35.60
C GLN G 45 -17.64 -35.01 -36.90
N LEU G 46 -17.15 -35.52 -38.03
CA LEU G 46 -17.55 -34.99 -39.33
C LEU G 46 -19.05 -35.13 -39.53
N ALA G 47 -19.61 -36.29 -39.20
CA ALA G 47 -21.05 -36.52 -39.34
C ALA G 47 -21.84 -35.54 -38.50
N LEU G 48 -21.46 -35.37 -37.22
CA LEU G 48 -22.18 -34.44 -36.36
C LEU G 48 -22.04 -32.99 -36.84
N ARG G 49 -20.85 -32.62 -37.33
CA ARG G 49 -20.62 -31.23 -37.71
C ARG G 49 -21.30 -30.88 -39.03
N LEU G 50 -21.22 -31.75 -40.03
CA LEU G 50 -21.99 -31.52 -41.26
C LEU G 50 -23.48 -31.41 -40.94
N GLN G 51 -23.98 -32.30 -40.08
CA GLN G 51 -25.37 -32.25 -39.64
C GLN G 51 -25.69 -30.92 -38.98
N GLN G 52 -24.76 -30.38 -38.20
CA GLN G 52 -24.97 -29.09 -37.55
C GLN G 52 -24.95 -27.95 -38.55
N LEU G 53 -24.16 -28.08 -39.62
CA LEU G 53 -24.07 -27.06 -40.66
C LEU G 53 -25.22 -27.14 -41.66
N GLY G 54 -26.05 -28.17 -41.59
CA GLY G 54 -27.17 -28.33 -42.50
C GLY G 54 -26.94 -29.27 -43.66
N VAL G 55 -25.75 -29.86 -43.77
CA VAL G 55 -25.45 -30.72 -44.91
C VAL G 55 -26.06 -32.10 -44.66
N PRO G 56 -26.86 -32.64 -45.58
CA PRO G 56 -27.32 -34.01 -45.41
C PRO G 56 -26.13 -34.96 -45.43
N VAL G 57 -26.15 -35.93 -44.51
CA VAL G 57 -25.00 -36.79 -44.30
C VAL G 57 -25.48 -38.16 -43.87
N THR G 58 -24.83 -39.20 -44.39
CA THR G 58 -25.09 -40.58 -44.02
C THR G 58 -23.80 -41.21 -43.51
N LEU G 59 -23.92 -41.97 -42.41
CA LEU G 59 -22.78 -42.64 -41.81
C LEU G 59 -22.87 -44.13 -42.07
N TYR G 60 -21.83 -44.69 -42.68
CA TYR G 60 -21.72 -46.13 -42.92
C TYR G 60 -20.73 -46.69 -41.91
N SER G 61 -21.25 -47.35 -40.87
CA SER G 61 -20.43 -47.93 -39.82
C SER G 61 -20.52 -49.45 -39.88
N ALA G 62 -19.37 -50.11 -39.75
CA ALA G 62 -19.35 -51.57 -39.71
C ALA G 62 -19.99 -52.13 -38.44
N GLN G 63 -20.03 -51.35 -37.37
CA GLN G 63 -20.47 -51.81 -36.06
C GLN G 63 -21.67 -50.99 -35.59
N THR G 64 -22.48 -51.60 -34.72
CA THR G 64 -23.55 -50.86 -34.05
C THR G 64 -22.95 -50.11 -32.86
N ALA G 65 -23.80 -49.33 -32.17
CA ALA G 65 -23.32 -48.59 -31.01
C ALA G 65 -22.90 -49.54 -29.88
N GLU G 66 -23.74 -50.54 -29.58
CA GLU G 66 -23.38 -51.51 -28.55
C GLU G 66 -22.14 -52.30 -28.94
N GLU G 67 -22.02 -52.64 -30.22
CA GLU G 67 -20.83 -53.35 -30.68
C GLU G 67 -19.59 -52.48 -30.56
N LEU G 68 -19.73 -51.16 -30.78
CA LEU G 68 -18.62 -50.25 -30.59
C LEU G 68 -18.23 -50.13 -29.13
N GLY G 69 -19.18 -50.35 -28.22
CA GLY G 69 -18.95 -50.23 -26.79
C GLY G 69 -18.54 -51.51 -26.11
N SER G 70 -18.20 -52.55 -26.87
CA SER G 70 -17.75 -53.83 -26.36
C SER G 70 -16.51 -54.25 -27.14
N GLY G 71 -15.98 -55.42 -26.80
CA GLY G 71 -14.78 -55.91 -27.45
C GLY G 71 -13.51 -55.40 -26.80
N ARG G 72 -12.39 -55.91 -27.30
CA ARG G 72 -11.09 -55.52 -26.76
C ARG G 72 -10.74 -54.11 -27.23
N PRO G 73 -10.09 -53.32 -26.38
CA PRO G 73 -9.74 -51.95 -26.77
C PRO G 73 -8.64 -51.91 -27.82
N ARG G 74 -8.71 -50.91 -28.68
CA ARG G 74 -7.75 -50.71 -29.75
C ARG G 74 -6.72 -49.65 -29.42
N ASN G 75 -7.10 -48.63 -28.66
CA ASN G 75 -6.22 -47.52 -28.36
C ASN G 75 -6.74 -46.80 -27.12
N PHE G 76 -5.93 -45.87 -26.62
CA PHE G 76 -6.22 -45.16 -25.37
C PHE G 76 -5.91 -43.69 -25.58
N PRO G 77 -6.73 -43.00 -26.37
CA PRO G 77 -6.38 -41.64 -26.80
C PRO G 77 -6.76 -40.61 -25.76
N ALA G 78 -5.81 -39.74 -25.43
CA ALA G 78 -6.10 -38.56 -24.64
C ALA G 78 -6.45 -37.43 -25.60
N ARG G 79 -7.57 -36.78 -25.36
CA ARG G 79 -8.07 -35.72 -26.23
C ARG G 79 -7.73 -34.39 -25.57
N PHE G 80 -6.95 -33.57 -26.25
CA PHE G 80 -6.45 -32.35 -25.63
C PHE G 80 -7.51 -31.26 -25.72
N ALA G 81 -7.17 -30.09 -25.20
CA ALA G 81 -8.14 -29.00 -25.08
C ALA G 81 -8.79 -28.62 -26.41
N PRO G 82 -8.05 -28.45 -27.53
CA PRO G 82 -8.72 -28.12 -28.79
C PRO G 82 -9.79 -29.12 -29.20
N THR G 83 -9.56 -30.42 -29.00
CA THR G 83 -10.57 -31.41 -29.38
C THR G 83 -11.79 -31.33 -28.48
N GLN G 84 -11.59 -31.10 -27.17
CA GLN G 84 -12.72 -30.89 -26.28
C GLN G 84 -13.54 -29.67 -26.65
N ALA G 85 -12.88 -28.63 -27.19
CA ALA G 85 -13.62 -27.44 -27.61
C ALA G 85 -14.52 -27.74 -28.80
N ARG G 86 -14.04 -28.55 -29.75
CA ARG G 86 -14.89 -29.00 -30.85
C ARG G 86 -16.08 -29.80 -30.34
N GLU G 87 -15.85 -30.66 -29.35
CA GLU G 87 -16.95 -31.42 -28.76
C GLU G 87 -17.96 -30.50 -28.07
N ASP G 88 -17.48 -29.42 -27.45
CA ASP G 88 -18.37 -28.41 -26.88
C ASP G 88 -19.32 -27.85 -27.95
N SER G 89 -18.76 -27.42 -29.08
CA SER G 89 -19.56 -26.83 -30.14
C SER G 89 -20.49 -27.82 -30.82
N LEU G 90 -20.20 -29.12 -30.73
CA LEU G 90 -21.15 -30.13 -31.16
C LEU G 90 -22.19 -30.44 -30.08
N GLY G 91 -22.05 -29.85 -28.91
CA GLY G 91 -22.94 -30.13 -27.80
C GLY G 91 -22.88 -31.55 -27.27
N VAL G 92 -21.70 -32.17 -27.29
CA VAL G 92 -21.59 -33.56 -26.83
C VAL G 92 -20.52 -33.71 -25.75
N HIS G 93 -20.12 -32.60 -25.14
CA HIS G 93 -19.07 -32.69 -24.13
C HIS G 93 -19.62 -33.34 -22.86
N ALA G 94 -18.91 -34.33 -22.35
CA ALA G 94 -19.35 -35.07 -21.19
C ALA G 94 -18.13 -35.51 -20.40
N TRP G 95 -18.33 -36.41 -19.45
CA TRP G 95 -17.27 -36.93 -18.60
C TRP G 95 -16.50 -35.77 -17.95
N GLN G 96 -17.26 -34.82 -17.43
CA GLN G 96 -16.72 -33.58 -16.87
C GLN G 96 -16.39 -33.75 -15.38
N PHE G 97 -15.45 -34.67 -15.12
CA PHE G 97 -15.00 -34.94 -13.77
C PHE G 97 -13.58 -35.46 -13.81
N ASP G 98 -12.89 -35.31 -12.68
CA ASP G 98 -11.43 -35.50 -12.68
C ASP G 98 -11.03 -36.95 -12.91
N ASP G 99 -11.91 -37.91 -12.65
CA ASP G 99 -11.59 -39.31 -12.92
C ASP G 99 -11.41 -39.59 -14.40
N ALA G 100 -11.80 -38.66 -15.28
CA ALA G 100 -11.67 -38.82 -16.71
C ALA G 100 -10.77 -37.74 -17.31
N ARG G 101 -9.87 -37.18 -16.51
CA ARG G 101 -8.98 -36.11 -16.91
C ARG G 101 -7.57 -36.41 -16.45
N VAL G 102 -6.59 -35.88 -17.19
CA VAL G 102 -5.20 -35.84 -16.76
C VAL G 102 -4.84 -34.37 -16.57
N HIS G 103 -4.41 -34.01 -15.36
CA HIS G 103 -4.16 -32.63 -14.98
C HIS G 103 -2.69 -32.27 -14.94
N SER G 104 -1.80 -33.25 -14.97
CA SER G 104 -0.36 -33.01 -14.85
C SER G 104 0.39 -34.16 -15.50
N CYS G 105 1.61 -33.87 -15.95
CA CYS G 105 2.44 -34.85 -16.63
C CYS G 105 3.80 -34.95 -15.95
N ALA G 106 4.23 -36.17 -15.65
CA ALA G 106 5.50 -36.43 -14.97
C ALA G 106 6.42 -37.17 -15.92
N ILE G 107 7.57 -36.57 -16.23
CA ILE G 107 8.50 -37.08 -17.23
C ILE G 107 9.79 -37.52 -16.54
N THR G 108 10.27 -38.71 -16.89
CA THR G 108 11.53 -39.25 -16.40
C THR G 108 12.42 -39.59 -17.58
N ILE G 109 13.63 -39.05 -17.61
CA ILE G 109 14.59 -39.32 -18.66
C ILE G 109 15.74 -40.11 -18.05
N HIS G 110 15.84 -41.38 -18.42
CA HIS G 110 16.86 -42.27 -17.88
C HIS G 110 18.12 -42.12 -18.73
N GLY G 111 19.20 -41.68 -18.11
CA GLY G 111 20.48 -41.60 -18.80
C GLY G 111 21.46 -42.61 -18.26
N GLU G 112 22.75 -42.27 -18.27
CA GLU G 112 23.73 -43.06 -17.56
C GLU G 112 23.98 -42.52 -16.16
N GLY G 113 23.81 -41.22 -15.96
CA GLY G 113 23.79 -40.64 -14.64
C GLY G 113 22.45 -40.84 -13.96
N ALA G 114 22.17 -39.99 -12.98
CA ALA G 114 20.88 -40.01 -12.32
C ALA G 114 19.79 -39.59 -13.30
N PRO G 115 18.59 -40.15 -13.19
CA PRO G 115 17.53 -39.81 -14.14
C PRO G 115 17.11 -38.35 -14.01
N LEU G 116 16.92 -37.71 -15.16
CA LEU G 116 16.37 -36.36 -15.20
C LEU G 116 14.86 -36.45 -14.97
N GLU G 117 14.36 -35.71 -13.99
CA GLU G 117 12.95 -35.79 -13.61
C GLU G 117 12.35 -34.39 -13.54
N PHE G 118 11.21 -34.20 -14.21
CA PHE G 118 10.45 -32.95 -14.07
C PHE G 118 8.98 -33.23 -14.32
N ALA G 119 8.13 -32.32 -13.83
CA ALA G 119 6.69 -32.43 -13.97
C ALA G 119 6.09 -31.07 -14.32
N GLY G 120 5.13 -31.08 -15.25
CA GLY G 120 4.44 -29.87 -15.63
C GLY G 120 2.94 -30.08 -15.62
N ALA G 121 2.22 -28.98 -15.47
CA ALA G 121 0.77 -29.02 -15.40
C ALA G 121 0.14 -29.05 -16.79
N LEU G 122 -0.97 -29.78 -16.92
CA LEU G 122 -1.80 -29.78 -18.12
C LEU G 122 -3.01 -28.88 -17.85
N ALA G 123 -2.97 -27.66 -18.38
CA ALA G 123 -4.04 -26.69 -18.20
C ALA G 123 -4.41 -26.16 -19.58
N PRO G 124 -5.64 -26.37 -20.06
CA PRO G 124 -6.75 -27.13 -19.45
C PRO G 124 -6.41 -28.61 -19.35
N PRO G 125 -7.19 -29.41 -18.62
CA PRO G 125 -6.90 -30.85 -18.58
C PRO G 125 -7.19 -31.49 -19.92
N SER G 126 -6.55 -32.64 -20.15
CA SER G 126 -6.88 -33.47 -21.30
C SER G 126 -7.86 -34.54 -20.88
N SER G 127 -8.69 -34.97 -21.83
CA SER G 127 -9.76 -35.91 -21.55
C SER G 127 -9.29 -37.32 -21.88
N VAL G 128 -9.36 -38.21 -20.88
CA VAL G 128 -8.96 -39.59 -21.06
C VAL G 128 -10.18 -40.49 -20.86
N VAL G 129 -10.97 -40.64 -21.92
CA VAL G 129 -12.22 -41.40 -21.87
C VAL G 129 -12.07 -42.59 -22.80
N ASP G 130 -12.36 -43.79 -22.28
CA ASP G 130 -12.32 -45.00 -23.09
C ASP G 130 -13.17 -44.83 -24.34
N PHE G 131 -12.58 -45.14 -25.49
CA PHE G 131 -13.32 -44.97 -26.73
C PHE G 131 -14.46 -45.97 -26.89
N ARG G 132 -14.52 -47.00 -26.04
CA ARG G 132 -15.71 -47.83 -25.98
C ARG G 132 -16.84 -47.15 -25.22
N LEU G 133 -16.55 -46.04 -24.53
CA LEU G 133 -17.56 -45.12 -24.02
C LEU G 133 -17.78 -43.93 -24.95
N TYR G 134 -16.72 -43.46 -25.60
CA TYR G 134 -16.74 -42.20 -26.34
C TYR G 134 -17.44 -42.34 -27.68
N LEU G 135 -16.99 -43.29 -28.52
CA LEU G 135 -17.58 -43.43 -29.85
C LEU G 135 -19.06 -43.76 -29.82
N PRO G 136 -19.56 -44.69 -28.98
CA PRO G 136 -21.03 -44.87 -28.92
C PRO G 136 -21.76 -43.61 -28.54
N HIS G 137 -21.19 -42.82 -27.63
CA HIS G 137 -21.78 -41.54 -27.25
C HIS G 137 -22.02 -40.68 -28.49
N LEU G 138 -21.03 -40.59 -29.37
CA LEU G 138 -21.18 -39.79 -30.59
C LEU G 138 -22.15 -40.42 -31.57
N LEU G 139 -21.94 -41.70 -31.90
CA LEU G 139 -22.80 -42.36 -32.88
C LEU G 139 -24.27 -42.32 -32.45
N THR G 140 -24.54 -42.63 -31.19
CA THR G 140 -25.92 -42.57 -30.69
C THR G 140 -26.47 -41.15 -30.82
N GLU G 141 -25.66 -40.14 -30.49
CA GLU G 141 -26.13 -38.77 -30.51
C GLU G 141 -26.41 -38.30 -31.94
N PHE G 142 -25.60 -38.77 -32.89
CA PHE G 142 -25.86 -38.48 -34.29
C PHE G 142 -27.24 -39.00 -34.70
N ALA G 143 -27.52 -40.28 -34.40
CA ALA G 143 -28.81 -40.86 -34.74
C ALA G 143 -29.96 -40.12 -34.06
N ARG G 144 -29.78 -39.76 -32.78
CA ARG G 144 -30.88 -39.11 -32.06
C ARG G 144 -31.22 -37.75 -32.64
N ARG G 145 -30.24 -37.07 -33.24
CA ARG G 145 -30.47 -35.79 -33.90
C ARG G 145 -31.03 -35.94 -35.30
N GLY G 146 -31.42 -37.14 -35.70
CA GLY G 146 -31.94 -37.38 -37.03
C GLY G 146 -30.93 -37.91 -38.01
N GLY G 147 -29.69 -38.16 -37.57
CA GLY G 147 -28.66 -38.61 -38.48
C GLY G 147 -28.98 -39.97 -39.09
N ASN G 148 -28.58 -40.12 -40.35
CA ASN G 148 -28.80 -41.34 -41.11
C ASN G 148 -27.64 -42.30 -40.89
N VAL G 149 -27.91 -43.46 -40.30
CA VAL G 149 -26.89 -44.43 -39.97
C VAL G 149 -27.23 -45.76 -40.64
N ARG G 150 -26.28 -46.30 -41.39
CA ARG G 150 -26.44 -47.59 -42.06
C ARG G 150 -25.35 -48.53 -41.55
N ILE G 151 -25.78 -49.59 -40.87
CA ILE G 151 -24.87 -50.53 -40.20
C ILE G 151 -24.64 -51.73 -41.09
N GLY G 152 -23.36 -52.11 -41.26
CA GLY G 152 -23.01 -53.29 -42.00
C GLY G 152 -21.83 -53.07 -42.92
N PRO G 153 -21.39 -54.13 -43.60
CA PRO G 153 -20.26 -54.01 -44.53
C PRO G 153 -20.56 -53.03 -45.65
N VAL G 154 -19.50 -52.44 -46.18
CA VAL G 154 -19.58 -51.31 -47.09
C VAL G 154 -18.97 -51.70 -48.44
N VAL G 155 -19.63 -51.29 -49.51
CA VAL G 155 -19.08 -51.38 -50.86
C VAL G 155 -18.79 -49.95 -51.30
N VAL G 156 -17.51 -49.64 -51.51
CA VAL G 156 -17.11 -48.27 -51.82
C VAL G 156 -17.90 -47.74 -53.00
N ASP G 157 -18.00 -48.55 -54.05
CA ASP G 157 -18.70 -48.12 -55.26
C ASP G 157 -20.20 -47.96 -55.03
N GLU G 158 -20.77 -48.68 -54.05
CA GLU G 158 -22.19 -48.48 -53.76
C GLU G 158 -22.43 -47.14 -53.06
N VAL G 159 -21.53 -46.74 -52.18
CA VAL G 159 -21.67 -45.44 -51.52
C VAL G 159 -21.58 -44.30 -52.54
N ALA G 160 -20.71 -44.45 -53.54
CA ALA G 160 -20.55 -43.40 -54.54
C ALA G 160 -21.81 -43.18 -55.36
N ARG G 161 -22.60 -44.24 -55.54
CA ARG G 161 -23.88 -44.11 -56.25
C ARG G 161 -24.86 -43.23 -55.49
N ARG G 162 -24.67 -43.07 -54.19
CA ARG G 162 -25.68 -42.45 -53.34
C ARG G 162 -25.28 -41.06 -52.85
N HIS G 163 -24.08 -40.58 -53.17
CA HIS G 163 -23.60 -39.32 -52.62
C HIS G 163 -22.72 -38.61 -53.64
N ASP G 164 -22.57 -37.31 -53.43
CA ASP G 164 -21.73 -36.48 -54.28
C ASP G 164 -20.26 -36.57 -53.90
N LEU G 165 -19.97 -37.00 -52.68
CA LEU G 165 -18.61 -37.11 -52.17
C LEU G 165 -18.59 -38.19 -51.11
N VAL G 166 -17.55 -39.01 -51.12
CA VAL G 166 -17.35 -40.06 -50.14
C VAL G 166 -16.18 -39.66 -49.26
N VAL G 167 -16.38 -39.72 -47.94
CA VAL G 167 -15.33 -39.49 -46.97
C VAL G 167 -15.07 -40.78 -46.22
N VAL G 168 -13.86 -41.31 -46.35
CA VAL G 168 -13.44 -42.54 -45.70
C VAL G 168 -12.71 -42.19 -44.40
N ALA G 169 -13.17 -42.75 -43.29
CA ALA G 169 -12.53 -42.54 -42.00
C ALA G 169 -12.68 -43.79 -41.14
N ASN G 170 -12.42 -44.96 -41.73
CA ASN G 170 -12.61 -46.21 -41.00
C ASN G 170 -11.47 -46.48 -40.02
N GLY G 171 -10.24 -46.57 -40.52
CA GLY G 171 -9.11 -46.87 -39.66
C GLY G 171 -7.84 -47.00 -40.46
N ASP G 172 -6.77 -47.41 -39.77
CA ASP G 172 -5.49 -47.59 -40.43
C ASP G 172 -5.60 -48.54 -41.62
N ARG G 173 -6.47 -49.54 -41.52
CA ARG G 173 -6.76 -50.48 -42.60
C ARG G 173 -7.73 -49.81 -43.57
N SER G 174 -7.18 -49.11 -44.57
CA SER G 174 -7.93 -48.12 -45.35
C SER G 174 -8.11 -48.52 -46.82
N MET G 175 -8.32 -49.81 -47.08
CA MET G 175 -8.40 -50.34 -48.44
C MET G 175 -7.33 -49.70 -49.34
N ARG G 176 -6.12 -50.26 -49.22
CA ARG G 176 -4.93 -49.78 -49.93
C ARG G 176 -5.15 -49.27 -51.34
N GLU G 177 -6.15 -49.82 -52.04
CA GLU G 177 -6.38 -49.45 -53.43
C GLU G 177 -6.74 -47.97 -53.59
N LEU G 178 -7.59 -47.43 -52.70
CA LEU G 178 -8.06 -46.06 -52.88
C LEU G 178 -7.02 -45.03 -52.51
N PHE G 179 -6.33 -45.21 -51.39
CA PHE G 179 -5.41 -44.19 -50.88
C PHE G 179 -4.02 -44.78 -50.73
N PRO G 180 -3.18 -44.67 -51.77
CA PRO G 180 -1.84 -45.24 -51.70
C PRO G 180 -0.93 -44.46 -50.78
N ARG G 181 0.11 -45.15 -50.32
CA ARG G 181 1.13 -44.55 -49.46
C ARG G 181 1.96 -43.55 -50.23
N ASP G 182 2.00 -42.30 -49.76
CA ASP G 182 2.80 -41.25 -50.38
C ASP G 182 4.21 -41.34 -49.82
N PRO G 183 5.20 -41.77 -50.60
CA PRO G 183 6.53 -42.03 -50.02
C PRO G 183 7.29 -40.78 -49.62
N GLU G 184 6.97 -39.62 -50.20
CA GLU G 184 7.65 -38.39 -49.83
C GLU G 184 7.20 -37.86 -48.47
N ARG G 185 6.17 -38.46 -47.89
CA ARG G 185 5.70 -38.13 -46.55
C ARG G 185 5.67 -39.33 -45.63
N SER G 186 6.11 -40.50 -46.10
CA SER G 186 6.13 -41.74 -45.31
C SER G 186 7.57 -42.20 -45.21
N PRO G 187 8.38 -41.56 -44.37
CA PRO G 187 9.80 -41.94 -44.27
C PRO G 187 10.04 -43.31 -43.66
N HIS G 188 9.06 -43.91 -43.01
CA HIS G 188 9.20 -45.21 -42.39
C HIS G 188 8.39 -46.24 -43.18
N THR G 189 8.87 -47.49 -43.16
CA THR G 189 8.21 -48.58 -43.85
C THR G 189 7.94 -49.78 -42.96
N THR G 190 8.51 -49.83 -41.77
CA THR G 190 8.27 -50.85 -40.77
C THR G 190 8.02 -50.14 -39.44
N PRO G 191 7.36 -50.82 -38.48
CA PRO G 191 7.05 -50.16 -37.21
C PRO G 191 8.29 -49.61 -36.51
N GLN G 192 8.15 -48.39 -35.99
CA GLN G 192 9.19 -47.77 -35.19
C GLN G 192 9.05 -48.09 -33.71
N ARG G 193 7.90 -48.60 -33.29
CA ARG G 193 7.67 -49.06 -31.93
C ARG G 193 6.81 -50.30 -31.96
N ILE G 194 7.07 -51.20 -31.01
CA ILE G 194 6.20 -52.35 -30.75
C ILE G 194 5.46 -52.04 -29.46
N LEU G 195 4.12 -52.07 -29.52
CA LEU G 195 3.28 -51.55 -28.45
C LEU G 195 2.67 -52.67 -27.63
N CYS G 196 2.62 -52.45 -26.31
CA CYS G 196 1.83 -53.29 -25.41
C CYS G 196 1.19 -52.38 -24.37
N SER G 197 -0.12 -52.18 -24.48
CA SER G 197 -0.84 -51.25 -23.64
C SER G 197 -2.17 -51.86 -23.20
N GLY G 198 -2.52 -51.68 -21.95
CA GLY G 198 -3.76 -52.24 -21.43
C GLY G 198 -4.17 -51.54 -20.15
N PHE G 199 -5.38 -51.86 -19.69
CA PHE G 199 -5.90 -51.32 -18.45
C PHE G 199 -5.47 -52.23 -17.29
N TYR G 200 -4.90 -51.63 -16.25
CA TYR G 200 -4.39 -52.38 -15.11
C TYR G 200 -4.99 -51.85 -13.81
N HIS G 201 -5.12 -52.76 -12.85
CA HIS G 201 -5.38 -52.45 -11.46
C HIS G 201 -4.11 -52.66 -10.63
N GLY G 202 -4.12 -52.11 -9.42
CA GLY G 202 -3.05 -52.38 -8.47
C GLY G 202 -1.86 -51.49 -8.65
N ILE G 203 -2.08 -50.20 -8.87
CA ILE G 203 -1.01 -49.20 -8.89
C ILE G 203 -1.45 -48.08 -7.97
N ARG G 204 -0.66 -47.80 -6.94
CA ARG G 204 -0.97 -46.67 -6.07
C ARG G 204 -0.61 -45.39 -6.80
N GLU G 205 -1.23 -44.30 -6.40
CA GLU G 205 -1.11 -43.04 -7.12
C GLU G 205 -0.44 -42.04 -6.20
N ASP G 206 0.71 -41.50 -6.63
CA ASP G 206 1.32 -40.43 -5.88
C ASP G 206 0.52 -39.16 -6.10
N VAL G 207 0.56 -38.64 -7.32
CA VAL G 207 -0.20 -37.46 -7.71
C VAL G 207 -1.42 -37.93 -8.51
N PRO G 208 -2.64 -37.59 -8.10
CA PRO G 208 -3.81 -38.07 -8.82
C PRO G 208 -3.92 -37.40 -10.18
N HIS G 209 -4.41 -38.16 -11.15
CA HIS G 209 -4.66 -37.67 -12.51
C HIS G 209 -3.38 -37.17 -13.16
N GLU G 210 -2.25 -37.81 -12.86
CA GLU G 210 -0.97 -37.43 -13.40
C GLU G 210 -0.44 -38.56 -14.29
N LEU G 211 -0.03 -38.19 -15.49
CA LEU G 211 0.52 -39.13 -16.47
C LEU G 211 2.03 -39.23 -16.30
N ASP G 212 2.54 -40.46 -16.43
CA ASP G 212 3.95 -40.77 -16.28
C ASP G 212 4.51 -41.23 -17.61
N ILE G 213 5.60 -40.60 -18.05
CA ILE G 213 6.34 -41.05 -19.22
C ILE G 213 7.79 -41.30 -18.81
N HIS G 214 8.30 -42.48 -19.11
CA HIS G 214 9.68 -42.86 -18.87
C HIS G 214 10.35 -43.02 -20.23
N PHE G 215 11.33 -42.16 -20.51
CA PHE G 215 12.09 -42.23 -21.75
C PHE G 215 13.35 -43.07 -21.53
N LEU G 216 13.45 -44.18 -22.26
CA LEU G 216 14.58 -45.09 -22.20
C LEU G 216 15.31 -45.05 -23.54
N PRO G 217 16.36 -44.23 -23.67
CA PRO G 217 17.02 -44.05 -24.97
C PRO G 217 17.45 -45.37 -25.59
N GLY G 218 17.18 -45.51 -26.89
CA GLY G 218 17.49 -46.72 -27.62
C GLY G 218 16.72 -47.96 -27.20
N ILE G 219 15.86 -47.86 -26.20
CA ILE G 219 15.06 -48.99 -25.72
C ILE G 219 13.58 -48.75 -25.95
N GLY G 220 13.10 -47.56 -25.62
CA GLY G 220 11.72 -47.21 -25.82
C GLY G 220 11.15 -46.31 -24.74
N GLU G 221 9.85 -46.40 -24.50
CA GLU G 221 9.19 -45.56 -23.52
C GLU G 221 8.17 -46.38 -22.75
N ILE G 222 8.02 -46.05 -21.48
CA ILE G 222 7.02 -46.67 -20.61
C ILE G 222 6.09 -45.57 -20.12
N LEU G 223 4.79 -45.79 -20.25
CA LEU G 223 3.80 -44.78 -19.90
C LEU G 223 2.76 -45.37 -18.94
N ARG G 224 2.36 -44.55 -17.97
CA ARG G 224 1.28 -44.88 -17.04
C ARG G 224 0.28 -43.73 -17.09
N ILE G 225 -0.91 -43.99 -17.62
CA ILE G 225 -1.91 -42.97 -17.88
C ILE G 225 -3.16 -43.26 -17.06
N PRO G 226 -3.60 -42.34 -16.20
CA PRO G 226 -4.94 -42.47 -15.61
C PRO G 226 -6.00 -42.43 -16.69
N PHE G 227 -7.05 -43.21 -16.52
CA PHE G 227 -8.00 -43.35 -17.60
C PHE G 227 -9.36 -43.77 -17.05
N LEU G 228 -10.42 -43.25 -17.65
CA LEU G 228 -11.78 -43.69 -17.36
C LEU G 228 -12.16 -44.76 -18.38
N SER G 229 -12.19 -46.01 -17.94
CA SER G 229 -12.57 -47.12 -18.78
C SER G 229 -14.03 -47.49 -18.54
N ARG G 230 -14.57 -48.33 -19.43
CA ARG G 230 -15.94 -48.80 -19.24
C ARG G 230 -16.08 -49.57 -17.93
N LEU G 231 -14.97 -50.15 -17.44
CA LEU G 231 -14.96 -50.85 -16.16
C LEU G 231 -14.51 -49.95 -15.02
N GLY G 232 -14.61 -48.64 -15.18
CA GLY G 232 -14.27 -47.70 -14.12
C GLY G 232 -12.89 -47.11 -14.30
N PRO G 233 -12.47 -46.29 -13.35
CA PRO G 233 -11.11 -45.74 -13.41
C PRO G 233 -10.07 -46.84 -13.38
N ALA G 234 -9.00 -46.64 -14.13
CA ALA G 234 -7.97 -47.67 -14.28
C ALA G 234 -6.67 -47.00 -14.70
N HIS G 235 -5.62 -47.81 -14.80
CA HIS G 235 -4.29 -47.36 -15.22
C HIS G 235 -3.95 -47.97 -16.57
N VAL G 236 -3.55 -47.11 -17.51
CA VAL G 236 -2.99 -47.58 -18.78
C VAL G 236 -1.49 -47.73 -18.63
N LEU G 237 -1.00 -48.96 -18.75
CA LEU G 237 0.43 -49.23 -18.76
C LEU G 237 0.85 -49.53 -20.18
N ALA G 238 1.69 -48.67 -20.75
CA ALA G 238 2.06 -48.71 -22.16
C ALA G 238 3.56 -48.90 -22.31
N PHE G 239 3.95 -49.96 -23.01
CA PHE G 239 5.34 -50.18 -23.42
C PHE G 239 5.47 -49.80 -24.89
N GLU G 240 6.21 -48.73 -25.18
CA GLU G 240 6.55 -48.37 -26.56
C GLU G 240 7.98 -48.83 -26.80
N ALA G 241 8.13 -50.00 -27.42
CA ALA G 241 9.41 -50.69 -27.52
C ALA G 241 10.09 -50.43 -28.85
N VAL G 242 11.34 -49.96 -28.80
CA VAL G 242 12.17 -49.99 -30.01
C VAL G 242 12.35 -51.44 -30.42
N PRO G 243 12.12 -51.81 -31.68
CA PRO G 243 12.15 -53.22 -32.08
C PRO G 243 13.50 -53.88 -31.79
N GLY G 244 13.44 -55.15 -31.41
CA GLY G 244 14.62 -55.90 -31.03
C GLY G 244 15.13 -55.64 -29.63
N GLY G 245 14.69 -54.56 -28.99
CA GLY G 245 15.13 -54.26 -27.65
C GLY G 245 14.43 -55.10 -26.60
N PRO G 246 14.76 -54.84 -25.34
CA PRO G 246 14.21 -55.65 -24.24
C PRO G 246 12.76 -55.34 -23.93
N LEU G 247 12.24 -54.17 -24.32
CA LEU G 247 10.85 -53.82 -24.04
C LEU G 247 9.85 -54.47 -24.99
N GLU G 248 10.29 -55.15 -26.05
CA GLU G 248 9.36 -55.75 -26.99
C GLU G 248 8.61 -56.95 -26.39
N ALA G 249 9.17 -57.58 -25.36
CA ALA G 249 8.67 -58.82 -24.78
C ALA G 249 7.15 -58.84 -24.53
N PRO G 250 6.59 -57.91 -23.75
CA PRO G 250 5.17 -58.04 -23.41
C PRO G 250 4.25 -57.96 -24.60
N ALA G 251 4.67 -57.32 -25.68
CA ALA G 251 3.84 -57.22 -26.87
C ALA G 251 3.58 -58.57 -27.53
N HIS G 252 4.34 -59.62 -27.17
CA HIS G 252 4.14 -60.90 -27.83
C HIS G 252 3.55 -61.96 -26.92
N LEU G 253 3.51 -61.75 -25.61
CA LEU G 253 3.01 -62.79 -24.74
C LEU G 253 1.49 -62.79 -24.73
N ASP G 254 0.93 -64.00 -24.80
CA ASP G 254 -0.52 -64.18 -24.74
C ASP G 254 -0.94 -64.02 -23.29
N ALA G 255 -1.39 -62.81 -22.94
CA ALA G 255 -1.78 -62.53 -21.57
C ALA G 255 -3.01 -63.34 -21.16
N ALA G 256 -3.76 -63.87 -22.11
CA ALA G 256 -4.85 -64.77 -21.78
C ALA G 256 -4.34 -66.17 -21.44
N ALA G 257 -3.39 -66.68 -22.24
CA ALA G 257 -2.88 -68.03 -22.02
C ALA G 257 -2.10 -68.13 -20.71
N ASP G 258 -1.31 -67.11 -20.38
CA ASP G 258 -0.46 -67.11 -19.20
C ASP G 258 -0.60 -65.77 -18.48
N PRO G 259 -1.70 -65.58 -17.75
CA PRO G 259 -1.86 -64.31 -17.01
C PRO G 259 -0.70 -64.02 -16.06
N ALA G 260 -0.33 -65.01 -15.22
CA ALA G 260 0.73 -64.78 -14.26
C ALA G 260 2.06 -64.50 -14.95
N GLY G 261 2.37 -65.23 -16.03
CA GLY G 261 3.62 -65.01 -16.73
C GLY G 261 3.70 -63.64 -17.38
N PHE G 262 2.62 -63.22 -18.02
CA PHE G 262 2.56 -61.87 -18.58
C PHE G 262 2.74 -60.83 -17.49
N HIS G 263 1.94 -60.93 -16.42
CA HIS G 263 2.05 -59.99 -15.31
C HIS G 263 3.45 -60.02 -14.70
N ARG G 264 4.07 -61.21 -14.63
CA ARG G 264 5.43 -61.30 -14.12
C ARG G 264 6.41 -60.57 -15.02
N GLU G 265 6.27 -60.72 -16.33
CA GLU G 265 7.19 -60.07 -17.26
C GLU G 265 7.00 -58.55 -17.27
N VAL G 266 5.75 -58.09 -17.17
CA VAL G 266 5.51 -56.65 -17.11
C VAL G 266 6.18 -56.06 -15.87
N LEU G 267 6.01 -56.73 -14.72
CA LEU G 267 6.64 -56.26 -13.49
C LEU G 267 8.16 -56.34 -13.57
N ARG G 268 8.68 -57.35 -14.26
CA ARG G 268 10.13 -57.44 -14.42
C ARG G 268 10.69 -56.22 -15.14
N LEU G 269 10.02 -55.81 -16.23
CA LEU G 269 10.50 -54.67 -16.99
C LEU G 269 10.31 -53.36 -16.23
N LEU G 270 9.23 -53.25 -15.44
CA LEU G 270 9.07 -52.05 -14.61
C LEU G 270 10.21 -51.92 -13.61
N ALA G 271 10.58 -53.03 -12.95
CA ALA G 271 11.67 -52.97 -11.99
C ALA G 271 12.98 -52.58 -12.67
N ALA G 272 13.25 -53.16 -13.85
CA ALA G 272 14.50 -52.88 -14.54
C ALA G 272 14.55 -51.47 -15.10
N TYR G 273 13.43 -50.98 -15.67
CA TYR G 273 13.46 -49.77 -16.48
C TYR G 273 12.62 -48.61 -15.95
N ALA G 274 11.63 -48.86 -15.09
CA ALA G 274 10.83 -47.79 -14.50
C ALA G 274 10.68 -48.05 -13.01
N PRO G 275 11.79 -47.97 -12.26
CA PRO G 275 11.72 -48.35 -10.84
C PRO G 275 10.83 -47.46 -10.00
N SER G 276 10.79 -46.15 -10.30
CA SER G 276 9.86 -45.26 -9.60
C SER G 276 8.42 -45.71 -9.78
N LEU G 277 8.12 -46.37 -10.89
CA LEU G 277 6.80 -46.94 -11.14
C LEU G 277 6.64 -48.28 -10.42
N ARG G 278 7.68 -49.12 -10.45
CA ARG G 278 7.61 -50.44 -9.83
C ARG G 278 7.30 -50.34 -8.34
N GLU G 279 7.78 -49.28 -7.68
CA GLU G 279 7.56 -49.09 -6.25
C GLU G 279 6.10 -48.86 -5.89
N ARG G 280 5.27 -48.46 -6.86
CA ARG G 280 3.87 -48.15 -6.62
C ARG G 280 2.95 -49.34 -6.91
N VAL G 281 3.51 -50.49 -7.22
CA VAL G 281 2.73 -51.65 -7.65
C VAL G 281 2.35 -52.46 -6.41
N ASP G 282 1.07 -52.43 -6.05
CA ASP G 282 0.53 -53.38 -5.08
C ASP G 282 0.40 -54.73 -5.78
N THR G 283 1.36 -55.62 -5.53
CA THR G 283 1.42 -56.87 -6.27
C THR G 283 0.27 -57.81 -5.92
N ALA G 284 -0.40 -57.58 -4.79
CA ALA G 284 -1.57 -58.38 -4.45
C ALA G 284 -2.72 -58.15 -5.42
N ARG G 285 -2.92 -56.89 -5.83
CA ARG G 285 -4.05 -56.51 -6.69
C ARG G 285 -3.65 -56.29 -8.14
N PHE G 286 -2.38 -56.43 -8.48
CA PHE G 286 -1.92 -56.01 -9.80
C PHE G 286 -2.38 -56.97 -10.89
N GLY G 287 -2.72 -56.40 -12.04
CA GLY G 287 -3.12 -57.19 -13.19
C GLY G 287 -4.07 -56.41 -14.07
N LEU G 288 -4.26 -56.94 -15.28
CA LEU G 288 -5.24 -56.37 -16.19
C LEU G 288 -6.63 -56.38 -15.55
N VAL G 289 -7.39 -55.30 -15.75
CA VAL G 289 -8.67 -55.13 -15.07
C VAL G 289 -9.66 -56.20 -15.45
N ALA G 290 -9.43 -56.91 -16.55
CA ALA G 290 -10.28 -57.99 -17.03
C ALA G 290 -9.56 -58.69 -18.16
N PRO G 291 -9.94 -59.93 -18.49
CA PRO G 291 -9.29 -60.59 -19.63
C PRO G 291 -9.56 -59.85 -20.93
N GLY G 292 -8.50 -59.65 -21.71
CA GLY G 292 -8.61 -59.00 -22.99
C GLY G 292 -8.35 -57.51 -23.00
N GLU G 293 -8.36 -56.86 -21.83
CA GLU G 293 -8.21 -55.41 -21.79
C GLU G 293 -6.76 -55.03 -22.08
N LEU G 294 -6.34 -55.21 -23.32
CA LEU G 294 -4.94 -55.15 -23.71
C LEU G 294 -4.84 -55.03 -25.23
N ALA G 295 -3.88 -54.24 -25.69
CA ALA G 295 -3.63 -54.05 -27.11
C ALA G 295 -2.14 -54.26 -27.38
N GLN G 296 -1.85 -55.11 -28.37
CA GLN G 296 -0.47 -55.46 -28.72
C GLN G 296 -0.27 -55.36 -30.22
N GLY G 297 0.86 -54.79 -30.62
CA GLY G 297 1.19 -54.68 -32.02
C GLY G 297 2.13 -53.52 -32.26
N GLY G 298 2.40 -53.30 -33.54
CA GLY G 298 3.23 -52.18 -33.96
C GLY G 298 2.48 -51.30 -34.92
N VAL G 299 2.94 -50.06 -35.08
CA VAL G 299 2.29 -49.08 -35.95
C VAL G 299 3.33 -48.55 -36.92
N THR G 300 3.01 -48.62 -38.22
CA THR G 300 3.90 -48.13 -39.25
C THR G 300 3.46 -46.73 -39.63
N PRO G 301 4.19 -45.69 -39.25
CA PRO G 301 3.78 -44.32 -39.60
C PRO G 301 3.67 -44.15 -41.11
N THR G 302 2.47 -43.79 -41.55
CA THR G 302 2.19 -43.68 -42.97
C THR G 302 1.32 -42.47 -43.24
N VAL G 303 1.70 -41.66 -44.23
CA VAL G 303 0.87 -40.60 -44.77
C VAL G 303 0.50 -40.99 -46.19
N ARG G 304 -0.80 -41.08 -46.46
CA ARG G 304 -1.32 -41.50 -47.75
C ARG G 304 -1.82 -40.32 -48.57
N ARG G 305 -2.16 -40.61 -49.81
CA ARG G 305 -2.76 -39.62 -50.70
C ARG G 305 -4.19 -39.32 -50.23
N GLY G 306 -4.47 -38.03 -50.03
CA GLY G 306 -5.69 -37.63 -49.34
C GLY G 306 -6.97 -37.78 -50.15
N TRP G 307 -6.87 -38.06 -51.45
CA TRP G 307 -8.04 -38.09 -52.31
C TRP G 307 -7.92 -39.23 -53.30
N ALA G 308 -9.04 -39.54 -53.94
CA ALA G 308 -9.11 -40.62 -54.92
C ALA G 308 -10.38 -40.45 -55.74
N ARG G 309 -10.27 -40.62 -57.04
CA ARG G 309 -11.41 -40.58 -57.94
C ARG G 309 -11.92 -42.00 -58.13
N LEU G 310 -13.18 -42.24 -57.78
CA LEU G 310 -13.72 -43.58 -57.82
C LEU G 310 -14.19 -43.91 -59.24
N ALA G 311 -14.75 -45.12 -59.39
CA ALA G 311 -15.13 -45.62 -60.71
C ALA G 311 -16.12 -44.69 -61.40
N ASP G 312 -17.24 -44.39 -60.75
CA ASP G 312 -18.31 -43.59 -61.33
C ASP G 312 -17.99 -42.10 -61.39
N GLY G 313 -16.78 -41.71 -61.01
CA GLY G 313 -16.37 -40.31 -61.05
C GLY G 313 -16.65 -39.55 -59.79
N THR G 314 -17.45 -40.09 -58.87
CA THR G 314 -17.61 -39.49 -57.56
C THR G 314 -16.28 -39.59 -56.82
N CYS G 315 -15.83 -38.47 -56.28
CA CYS G 315 -14.53 -38.42 -55.63
C CYS G 315 -14.61 -38.85 -54.17
N ALA G 316 -13.46 -39.17 -53.61
CA ALA G 316 -13.37 -39.68 -52.24
C ALA G 316 -12.18 -39.06 -51.52
N LEU G 317 -12.42 -38.54 -50.31
CA LEU G 317 -11.38 -38.02 -49.44
C LEU G 317 -11.19 -38.97 -48.25
N ALA G 318 -9.98 -39.00 -47.72
CA ALA G 318 -9.66 -39.80 -46.55
C ALA G 318 -9.25 -38.89 -45.39
N ILE G 319 -9.83 -39.14 -44.23
CA ILE G 319 -9.45 -38.46 -43.00
C ILE G 319 -9.26 -39.50 -41.90
N GLY G 320 -8.69 -39.05 -40.78
CA GLY G 320 -8.47 -39.94 -39.66
C GLY G 320 -7.34 -40.91 -39.95
N ASP G 321 -7.50 -42.15 -39.47
CA ASP G 321 -6.47 -43.16 -39.66
C ASP G 321 -6.43 -43.65 -41.10
N ALA G 322 -7.53 -43.53 -41.84
CA ALA G 322 -7.51 -43.90 -43.25
C ALA G 322 -6.55 -43.02 -44.06
N TRP G 323 -6.36 -41.77 -43.64
CA TRP G 323 -5.45 -40.86 -44.31
C TRP G 323 -4.04 -40.94 -43.74
N ILE G 324 -3.89 -40.67 -42.44
CA ILE G 324 -2.59 -40.57 -41.80
C ILE G 324 -2.56 -41.51 -40.61
N THR G 325 -1.45 -42.24 -40.49
CA THR G 325 -1.18 -43.11 -39.36
C THR G 325 0.08 -42.63 -38.65
N ASN G 326 -0.07 -42.31 -37.37
CA ASN G 326 1.04 -41.88 -36.54
C ASN G 326 1.28 -42.92 -35.45
N ASP G 327 2.50 -42.94 -34.94
CA ASP G 327 2.77 -43.73 -33.75
C ASP G 327 2.11 -43.05 -32.56
N PRO G 328 1.36 -43.78 -31.72
CA PRO G 328 0.55 -43.12 -30.69
C PRO G 328 1.33 -42.42 -29.59
N LEU G 329 2.67 -42.44 -29.62
CA LEU G 329 3.45 -41.93 -28.49
C LEU G 329 3.09 -40.48 -28.16
N THR G 330 3.05 -39.60 -29.17
CA THR G 330 2.74 -38.21 -28.91
C THR G 330 1.24 -37.96 -28.70
N ALA G 331 0.41 -38.98 -28.90
CA ALA G 331 -1.02 -38.92 -28.65
C ALA G 331 -1.73 -37.88 -29.52
N GLN G 332 -1.25 -37.68 -30.74
CA GLN G 332 -1.85 -36.69 -31.63
C GLN G 332 -2.87 -37.28 -32.59
N GLY G 333 -2.97 -38.60 -32.69
CA GLY G 333 -3.85 -39.23 -33.64
C GLY G 333 -5.30 -38.79 -33.57
N ALA G 334 -5.97 -39.06 -32.44
CA ALA G 334 -7.37 -38.69 -32.31
C ALA G 334 -7.58 -37.18 -32.39
N ASN G 335 -6.62 -36.39 -31.91
CA ASN G 335 -6.77 -34.94 -31.96
C ASN G 335 -6.68 -34.45 -33.40
N LEU G 336 -5.72 -34.98 -34.17
CA LEU G 336 -5.61 -34.61 -35.58
C LEU G 336 -6.86 -34.99 -36.35
N GLY G 337 -7.41 -36.18 -36.07
CA GLY G 337 -8.65 -36.57 -36.72
C GLY G 337 -9.81 -35.65 -36.42
N SER G 338 -9.84 -35.09 -35.20
CA SER G 338 -10.89 -34.15 -34.85
C SER G 338 -10.68 -32.81 -35.55
N HIS G 339 -9.43 -32.37 -35.68
CA HIS G 339 -9.14 -31.11 -36.36
C HIS G 339 -9.43 -31.21 -37.84
N THR G 340 -8.92 -32.26 -38.50
CA THR G 340 -9.14 -32.39 -39.94
C THR G 340 -10.60 -32.63 -40.26
N ALA G 341 -11.35 -33.20 -39.32
CA ALA G 341 -12.79 -33.37 -39.52
C ALA G 341 -13.50 -32.02 -39.54
N PHE G 342 -13.23 -31.17 -38.55
CA PHE G 342 -13.90 -29.87 -38.50
C PHE G 342 -13.47 -28.98 -39.66
N ALA G 343 -12.19 -29.07 -40.06
CA ALA G 343 -11.72 -28.27 -41.18
C ALA G 343 -12.37 -28.71 -42.48
N LEU G 344 -12.41 -30.02 -42.72
CA LEU G 344 -13.06 -30.53 -43.93
C LEU G 344 -14.54 -30.17 -43.95
N ALA G 345 -15.18 -30.18 -42.78
CA ALA G 345 -16.60 -29.83 -42.71
C ALA G 345 -16.85 -28.42 -43.23
N ASP G 346 -16.06 -27.45 -42.78
CA ASP G 346 -16.22 -26.08 -43.26
C ASP G 346 -15.94 -25.98 -44.75
N LEU G 347 -15.00 -26.77 -45.27
CA LEU G 347 -14.73 -26.75 -46.71
C LEU G 347 -15.92 -27.27 -47.49
N ILE G 348 -16.49 -28.39 -47.06
CA ILE G 348 -17.65 -28.95 -47.74
C ILE G 348 -18.82 -27.97 -47.68
N ALA G 349 -19.00 -27.30 -46.55
CA ALA G 349 -20.19 -26.46 -46.38
C ALA G 349 -20.09 -25.17 -47.17
N SER G 350 -18.89 -24.60 -47.31
CA SER G 350 -18.71 -23.37 -48.06
C SER G 350 -18.35 -23.62 -49.52
N ALA G 351 -18.22 -24.88 -49.93
CA ALA G 351 -17.90 -25.19 -51.32
C ALA G 351 -19.08 -24.80 -52.20
N THR G 352 -18.89 -23.75 -53.00
CA THR G 352 -19.92 -23.31 -53.93
C THR G 352 -19.85 -24.02 -55.28
N GLY G 353 -18.73 -24.67 -55.60
CA GLY G 353 -18.65 -25.41 -56.84
C GLY G 353 -19.03 -26.86 -56.63
N PRO G 354 -18.69 -27.72 -57.59
CA PRO G 354 -18.96 -29.15 -57.42
C PRO G 354 -17.89 -29.83 -56.60
N LEU G 355 -18.27 -30.95 -55.99
CA LEU G 355 -17.36 -31.73 -55.14
C LEU G 355 -16.55 -32.72 -55.97
N ASP G 356 -15.83 -32.17 -56.95
CA ASP G 356 -15.08 -32.92 -57.94
C ASP G 356 -13.61 -33.01 -57.54
N GLU G 357 -12.79 -33.50 -58.47
CA GLU G 357 -11.36 -33.67 -58.19
C GLU G 357 -10.69 -32.36 -57.78
N ALA G 358 -11.05 -31.24 -58.43
CA ALA G 358 -10.43 -29.97 -58.10
C ALA G 358 -10.68 -29.59 -56.65
N PHE G 359 -11.88 -29.86 -56.14
CA PHE G 359 -12.17 -29.62 -54.73
C PHE G 359 -11.33 -30.55 -53.84
N CYS G 360 -11.33 -31.84 -54.15
CA CYS G 360 -10.63 -32.80 -53.31
C CYS G 360 -9.13 -32.52 -53.27
N ARG G 361 -8.53 -32.22 -54.42
CA ARG G 361 -7.11 -31.89 -54.43
C ARG G 361 -6.83 -30.62 -53.62
N ASP G 362 -7.70 -29.62 -53.74
CA ASP G 362 -7.56 -28.41 -52.94
C ASP G 362 -7.77 -28.69 -51.46
N ALA G 363 -8.76 -29.53 -51.13
CA ALA G 363 -9.04 -29.85 -49.73
C ALA G 363 -7.84 -30.56 -49.08
N SER G 364 -7.37 -31.64 -49.71
CA SER G 364 -6.27 -32.41 -49.14
C SER G 364 -5.04 -31.54 -48.90
N ALA G 365 -4.75 -30.62 -49.81
CA ALA G 365 -3.64 -29.70 -49.61
C ALA G 365 -3.81 -28.88 -48.35
N ARG G 366 -5.01 -28.32 -48.14
CA ARG G 366 -5.27 -27.48 -46.98
C ARG G 366 -5.20 -28.27 -45.68
N LEU G 367 -5.82 -29.46 -45.66
CA LEU G 367 -5.78 -30.30 -44.47
C LEU G 367 -4.35 -30.71 -44.13
N TRP G 368 -3.55 -30.97 -45.16
CA TRP G 368 -2.17 -31.36 -44.95
C TRP G 368 -1.32 -30.22 -44.39
N ASP G 369 -1.65 -28.96 -44.70
CA ASP G 369 -0.83 -27.85 -44.22
C ASP G 369 -0.83 -27.79 -42.69
N HIS G 370 -1.91 -28.24 -42.05
CA HIS G 370 -1.93 -28.38 -40.61
C HIS G 370 -1.39 -29.76 -40.19
N ALA G 371 -1.86 -30.81 -40.88
CA ALA G 371 -1.44 -32.18 -40.54
C ALA G 371 0.07 -32.35 -40.67
N ARG G 372 0.71 -31.53 -41.52
CA ARG G 372 2.15 -31.62 -41.73
C ARG G 372 2.92 -31.47 -40.41
N HIS G 373 2.54 -30.48 -39.60
CA HIS G 373 3.21 -30.28 -38.32
C HIS G 373 3.04 -31.48 -37.40
N VAL G 374 1.86 -32.12 -37.43
CA VAL G 374 1.62 -33.28 -36.57
C VAL G 374 2.52 -34.45 -36.96
N VAL G 375 2.64 -34.70 -38.26
CA VAL G 375 3.39 -35.87 -38.71
C VAL G 375 4.87 -35.72 -38.39
N GLU G 376 5.43 -34.53 -38.62
CA GLU G 376 6.86 -34.34 -38.42
C GLU G 376 7.21 -34.31 -36.93
N TRP G 377 6.33 -33.75 -36.10
CA TRP G 377 6.58 -33.84 -34.65
C TRP G 377 6.49 -35.27 -34.16
N SER G 378 5.48 -36.02 -34.61
CA SER G 378 5.29 -37.38 -34.12
C SER G 378 6.47 -38.28 -34.48
N ASN G 379 7.00 -38.13 -35.69
CA ASN G 379 8.15 -38.94 -36.08
C ASN G 379 9.42 -38.49 -35.38
N ALA G 380 9.54 -37.19 -35.10
CA ALA G 380 10.72 -36.69 -34.40
C ALA G 380 10.83 -37.27 -33.00
N PHE G 381 9.71 -37.34 -32.28
CA PHE G 381 9.73 -37.88 -30.92
C PHE G 381 10.16 -39.34 -30.88
N LEU G 382 9.95 -40.08 -31.97
CA LEU G 382 10.36 -41.47 -31.99
C LEU G 382 11.87 -41.63 -32.15
N ALA G 383 12.54 -40.61 -32.67
CA ALA G 383 13.96 -40.68 -32.91
C ALA G 383 14.70 -40.14 -31.70
N PRO G 384 15.97 -40.52 -31.51
CA PRO G 384 16.74 -40.02 -30.37
C PRO G 384 16.70 -38.51 -30.30
N PRO G 385 16.59 -37.95 -29.10
CA PRO G 385 16.47 -36.49 -28.95
C PRO G 385 17.76 -35.80 -29.35
N PRO G 386 17.69 -34.81 -30.23
CA PRO G 386 18.89 -34.02 -30.54
C PRO G 386 19.36 -33.27 -29.31
N PRO G 387 20.62 -32.82 -29.29
CA PRO G 387 21.16 -32.17 -28.08
C PRO G 387 20.36 -30.97 -27.61
N HIS G 388 19.91 -30.13 -28.54
CA HIS G 388 19.15 -28.95 -28.15
C HIS G 388 17.80 -29.34 -27.55
N VAL G 389 17.27 -30.50 -27.92
CA VAL G 389 16.10 -31.03 -27.24
C VAL G 389 16.51 -31.54 -25.87
N MET G 390 17.63 -32.28 -25.79
CA MET G 390 18.17 -32.73 -24.51
C MET G 390 18.50 -31.57 -23.58
N GLU G 391 18.92 -30.43 -24.13
CA GLU G 391 19.19 -29.27 -23.28
C GLU G 391 17.91 -28.70 -22.68
N LEU G 392 16.85 -28.60 -23.49
CA LEU G 392 15.57 -28.10 -23.00
C LEU G 392 15.08 -28.88 -21.79
N PHE G 393 15.20 -30.21 -21.84
CA PHE G 393 14.78 -31.05 -20.73
C PHE G 393 15.52 -30.69 -19.44
N GLY G 394 16.83 -30.46 -19.52
CA GLY G 394 17.57 -30.00 -18.35
C GLY G 394 17.02 -28.70 -17.81
N ARG G 395 16.84 -27.71 -18.68
CA ARG G 395 16.32 -26.41 -18.26
C ARG G 395 14.93 -26.54 -17.64
N ALA G 396 14.11 -27.46 -18.16
CA ALA G 396 12.78 -27.67 -17.61
C ALA G 396 12.83 -28.46 -16.30
N ALA G 397 13.87 -29.27 -16.11
CA ALA G 397 14.04 -30.01 -14.87
C ALA G 397 14.37 -29.13 -13.69
N GLY G 398 14.78 -27.89 -13.92
CA GLY G 398 15.11 -26.99 -12.84
C GLY G 398 14.30 -25.70 -12.84
N ASP G 399 13.26 -25.64 -13.66
CA ASP G 399 12.42 -24.44 -13.74
C ASP G 399 10.99 -24.88 -14.01
N LYS G 400 10.13 -24.72 -13.01
CA LYS G 400 8.74 -25.17 -13.15
C LYS G 400 7.99 -24.39 -14.23
N GLN G 401 8.31 -23.11 -14.42
CA GLN G 401 7.65 -22.34 -15.47
C GLN G 401 7.94 -22.92 -16.86
N ILE G 402 9.16 -23.40 -17.07
CA ILE G 402 9.50 -24.00 -18.36
C ILE G 402 8.81 -25.35 -18.51
N ALA G 403 8.85 -26.17 -17.46
CA ALA G 403 8.19 -27.47 -17.50
C ALA G 403 6.69 -27.35 -17.72
N ASP G 404 6.05 -26.40 -17.02
CA ASP G 404 4.61 -26.21 -17.17
C ASP G 404 4.24 -25.81 -18.59
N ALA G 405 4.98 -24.87 -19.17
CA ALA G 405 4.69 -24.42 -20.53
C ALA G 405 4.91 -25.54 -21.53
N PHE G 406 5.98 -26.32 -21.35
CA PHE G 406 6.25 -27.45 -22.23
C PHE G 406 5.08 -28.41 -22.26
N VAL G 407 4.60 -28.82 -21.08
CA VAL G 407 3.49 -29.75 -20.98
C VAL G 407 2.24 -29.13 -21.61
N GLY G 408 2.03 -27.83 -21.40
CA GLY G 408 0.89 -27.15 -22.01
C GLY G 408 0.93 -27.10 -23.52
N ARG G 409 2.10 -27.31 -24.12
CA ARG G 409 2.23 -27.26 -25.58
C ARG G 409 1.87 -28.57 -26.25
N PHE G 410 1.49 -29.60 -25.49
CA PHE G 410 0.87 -30.78 -26.09
C PHE G 410 -0.50 -30.48 -26.65
N HIS G 411 -1.14 -29.39 -26.20
CA HIS G 411 -2.43 -28.98 -26.74
C HIS G 411 -2.32 -28.50 -28.18
N ASP G 412 -1.14 -28.07 -28.61
CA ASP G 412 -0.95 -27.45 -29.92
C ASP G 412 0.24 -28.14 -30.57
N PRO G 413 0.01 -29.11 -31.46
CA PRO G 413 1.14 -29.80 -32.10
C PRO G 413 1.98 -28.87 -32.94
N VAL G 414 1.38 -27.85 -33.53
CA VAL G 414 2.13 -26.88 -34.33
C VAL G 414 3.04 -26.05 -33.44
N ALA G 415 2.48 -25.52 -32.34
CA ALA G 415 3.28 -24.72 -31.42
C ALA G 415 4.37 -25.56 -30.75
N MET G 416 4.09 -26.84 -30.52
CA MET G 416 5.12 -27.73 -29.98
C MET G 416 6.21 -27.97 -31.01
N TRP G 417 5.81 -28.22 -32.27
CA TRP G 417 6.78 -28.42 -33.33
C TRP G 417 7.58 -27.16 -33.62
N ALA G 418 7.00 -25.98 -33.40
CA ALA G 418 7.76 -24.74 -33.51
C ALA G 418 8.90 -24.70 -32.51
N VAL G 419 8.73 -25.31 -31.35
CA VAL G 419 9.75 -25.28 -30.30
C VAL G 419 10.80 -26.35 -30.53
N LEU G 420 10.36 -27.57 -30.83
CA LEU G 420 11.24 -28.74 -30.85
C LEU G 420 12.06 -28.85 -32.14
N SER G 421 11.62 -28.21 -33.23
CA SER G 421 12.28 -28.34 -34.52
C SER G 421 13.73 -27.86 -34.46
N SER G 422 13.94 -26.55 -34.33
CA SER G 422 15.29 -26.02 -34.45
C SER G 422 15.92 -25.77 -33.08
N PRO G 423 17.25 -25.79 -33.00
CA PRO G 423 17.91 -25.41 -31.74
C PRO G 423 17.62 -23.98 -31.32
N GLU G 424 17.33 -23.09 -32.27
CA GLU G 424 16.90 -21.75 -31.91
C GLU G 424 15.48 -21.74 -31.37
N GLY G 425 14.66 -22.73 -31.74
CA GLY G 425 13.30 -22.81 -31.23
C GLY G 425 13.25 -23.10 -29.75
N VAL G 426 14.12 -23.99 -29.27
CA VAL G 426 14.27 -24.20 -27.83
C VAL G 426 14.56 -22.88 -27.13
N ASP G 427 15.42 -22.05 -27.74
CA ASP G 427 15.84 -20.79 -27.13
C ASP G 427 14.68 -19.81 -27.02
N SER G 428 13.97 -19.55 -28.12
CA SER G 428 12.87 -18.60 -28.07
C SER G 428 11.78 -19.03 -27.11
N PHE G 429 11.63 -20.34 -26.89
CA PHE G 429 10.68 -20.85 -25.90
C PHE G 429 11.23 -20.67 -24.49
N VAL G 430 12.44 -21.18 -24.25
CA VAL G 430 13.09 -21.10 -22.94
C VAL G 430 13.12 -19.68 -22.42
N ARG G 431 13.44 -18.73 -23.30
CA ARG G 431 13.52 -17.33 -22.89
C ARG G 431 12.18 -16.81 -22.43
N SER G 432 11.12 -17.06 -23.20
CA SER G 432 9.79 -16.55 -22.92
C SER G 432 9.23 -17.11 -21.62
#